data_9KQ7
#
_entry.id   9KQ7
#
_cell.length_a   69.710
_cell.length_b   134.330
_cell.length_c   235.960
_cell.angle_alpha   90.00
_cell.angle_beta   98.43
_cell.angle_gamma   90.00
#
_symmetry.space_group_name_H-M   'P 1 2 1'
#
loop_
_entity.id
_entity.type
_entity.pdbx_description
1 polymer 'Asparagine synthetase domain-containing protein'
2 non-polymer "ADENOSINE-5'-TRIPHOSPHATE"
3 water water
#
_entity_poly.entity_id   1
_entity_poly.type   'polypeptide(L)'
_entity_poly.pdbx_seq_one_letter_code
;MTNQYSVKPQLVMFTGGRDSTLAACYLMLQGIPVHLWSGNSGCSLHRGILSHRVEEMKNRFGDLVVGHTVADISGAFRSI
AIEALEQDILKYRKNLVLLGEKLAIHAHLVDFCRRNDINTINDGITHYQMEFPEQRLVAKTFLMEMMAQYDINYQSPVYE
FAQSADDVKYRLLQLGISTKSLEGISIFADSFSTPSDDVVLAYLREKAPLAHNIVNFLAGETLNPPVLNNSAAA
;
_entity_poly.pdbx_strand_id   B,E,G,I,J,L,M,A,C,D,F,H,K,N
#
loop_
_chem_comp.id
_chem_comp.type
_chem_comp.name
_chem_comp.formula
ATP non-polymer ADENOSINE-5'-TRIPHOSPHATE 'C10 H16 N5 O13 P3'
#
# COMPACT_ATOMS: atom_id res chain seq x y z
N LYS A 8 -22.05 -7.87 29.07
CA LYS A 8 -23.47 -7.43 29.05
C LYS A 8 -23.56 -6.05 28.40
N PRO A 9 -22.86 -5.01 28.88
CA PRO A 9 -23.06 -3.67 28.31
C PRO A 9 -22.63 -3.59 26.86
N GLN A 10 -23.40 -2.82 26.08
CA GLN A 10 -23.15 -2.56 24.69
C GLN A 10 -23.02 -1.05 24.49
N LEU A 11 -22.46 -0.65 23.33
CA LEU A 11 -22.27 0.75 23.04
C LEU A 11 -23.39 1.22 22.10
N VAL A 12 -23.82 2.45 22.33
CA VAL A 12 -24.74 3.07 21.40
C VAL A 12 -24.10 4.35 20.89
N MET A 13 -24.11 4.50 19.57
CA MET A 13 -23.66 5.71 18.94
C MET A 13 -24.76 6.73 19.10
N PHE A 14 -24.51 7.72 19.94
CA PHE A 14 -25.59 8.53 20.45
C PHE A 14 -25.35 10.01 20.14
N THR A 15 -26.28 10.60 19.40
CA THR A 15 -26.16 11.99 19.01
C THR A 15 -27.03 12.89 19.84
N GLY A 16 -28.08 12.33 20.44
CA GLY A 16 -29.11 13.14 21.07
C GLY A 16 -30.39 13.23 20.21
N GLY A 17 -30.34 12.75 18.97
CA GLY A 17 -31.50 12.84 18.10
C GLY A 17 -32.48 11.72 18.40
N ARG A 18 -33.64 11.77 17.78
CA ARG A 18 -34.69 10.81 18.16
C ARG A 18 -34.32 9.39 17.85
N ASP A 19 -33.56 9.16 16.79
CA ASP A 19 -33.36 7.80 16.32
C ASP A 19 -32.38 7.07 17.25
N SER A 20 -31.26 7.69 17.62
CA SER A 20 -30.25 7.04 18.45
C SER A 20 -30.74 7.00 19.90
N THR A 21 -31.54 7.97 20.31
CA THR A 21 -32.20 7.94 21.62
C THR A 21 -33.10 6.71 21.76
N LEU A 22 -33.94 6.45 20.74
CA LEU A 22 -34.87 5.32 20.80
C LEU A 22 -34.09 4.01 20.79
N ALA A 23 -32.97 3.98 20.04
CA ALA A 23 -32.19 2.77 19.98
C ALA A 23 -31.61 2.48 21.36
N ALA A 24 -31.07 3.50 22.01
CA ALA A 24 -30.52 3.31 23.34
C ALA A 24 -31.63 2.82 24.26
N CYS A 25 -32.77 3.53 24.25
CA CYS A 25 -33.88 3.26 25.16
C CYS A 25 -34.45 1.84 24.97
N TYR A 26 -34.60 1.41 23.72
CA TYR A 26 -35.13 0.08 23.48
C TYR A 26 -34.16 -0.97 24.05
N LEU A 27 -32.87 -0.72 23.96
CA LEU A 27 -31.93 -1.69 24.47
C LEU A 27 -32.06 -1.73 26.01
N MET A 28 -32.21 -0.57 26.61
CA MET A 28 -32.25 -0.53 28.06
C MET A 28 -33.57 -1.14 28.57
N LEU A 29 -34.63 -1.06 27.76
CA LEU A 29 -35.90 -1.65 28.17
C LEU A 29 -35.74 -3.16 28.29
N GLN A 30 -34.82 -3.71 27.51
CA GLN A 30 -34.55 -5.14 27.53
C GLN A 30 -33.60 -5.51 28.64
N GLY A 31 -33.14 -4.54 29.43
CA GLY A 31 -32.24 -4.86 30.53
C GLY A 31 -30.77 -4.87 30.08
N ILE A 32 -30.49 -4.37 28.88
CA ILE A 32 -29.12 -4.31 28.38
C ILE A 32 -28.54 -2.96 28.78
N PRO A 33 -27.47 -2.89 29.57
CA PRO A 33 -26.85 -1.60 29.84
C PRO A 33 -26.22 -1.01 28.59
N VAL A 34 -26.21 0.34 28.47
CA VAL A 34 -25.63 1.00 27.33
C VAL A 34 -24.59 2.03 27.78
N HIS A 35 -23.46 2.05 27.06
CA HIS A 35 -22.45 3.08 27.11
C HIS A 35 -22.72 4.01 25.93
N LEU A 36 -23.18 5.22 26.22
CA LEU A 36 -23.50 6.18 25.18
C LEU A 36 -22.18 6.75 24.65
N TRP A 37 -22.01 6.78 23.33
CA TRP A 37 -20.75 7.26 22.75
C TRP A 37 -21.08 8.32 21.71
N SER A 38 -20.53 9.53 21.91
CA SER A 38 -20.80 10.70 21.08
C SER A 38 -19.47 11.16 20.45
N GLY A 39 -19.45 11.15 19.12
CA GLY A 39 -18.30 11.57 18.37
C GLY A 39 -18.44 13.03 17.93
N ASN A 40 -17.49 13.86 18.37
CA ASN A 40 -17.42 15.24 17.98
C ASN A 40 -16.39 15.40 16.85
N SER A 41 -16.86 15.65 15.63
CA SER A 41 -16.04 15.60 14.44
C SER A 41 -15.49 17.00 14.16
N GLY A 42 -15.83 17.99 14.99
CA GLY A 42 -15.16 19.27 14.89
C GLY A 42 -16.00 20.27 14.11
N CYS A 43 -17.09 19.82 13.47
CA CYS A 43 -17.85 20.77 12.68
C CYS A 43 -19.32 20.85 13.09
N SER A 44 -19.63 20.57 14.36
CA SER A 44 -21.02 20.58 14.77
C SER A 44 -21.39 21.87 15.52
N LEU A 45 -22.53 22.46 15.20
CA LEU A 45 -22.96 23.70 15.76
C LEU A 45 -24.06 23.44 16.76
N HIS A 46 -23.99 24.18 17.90
CA HIS A 46 -25.04 24.15 18.89
C HIS A 46 -25.33 22.75 19.43
N ARG A 47 -24.26 22.09 19.93
CA ARG A 47 -24.33 20.73 20.47
C ARG A 47 -24.76 20.72 21.94
N GLY A 48 -24.88 21.87 22.60
CA GLY A 48 -25.10 21.97 24.03
C GLY A 48 -26.33 21.20 24.53
N ILE A 49 -27.37 21.09 23.67
CA ILE A 49 -28.65 20.54 24.05
C ILE A 49 -28.56 19.02 24.26
N LEU A 50 -27.47 18.41 23.85
CA LEU A 50 -27.27 16.99 24.06
C LEU A 50 -27.45 16.62 25.53
N SER A 51 -26.88 17.38 26.46
CA SER A 51 -26.85 16.94 27.84
C SER A 51 -28.24 16.95 28.48
N HIS A 52 -29.18 17.73 27.92
CA HIS A 52 -30.58 17.66 28.34
C HIS A 52 -31.14 16.28 28.03
N ARG A 53 -30.87 15.79 26.83
CA ARG A 53 -31.31 14.46 26.42
C ARG A 53 -30.69 13.39 27.33
N VAL A 54 -29.40 13.54 27.66
CA VAL A 54 -28.74 12.54 28.50
C VAL A 54 -29.42 12.49 29.87
N GLU A 55 -29.87 13.62 30.38
CA GLU A 55 -30.43 13.69 31.73
C GLU A 55 -31.76 12.93 31.72
N GLU A 56 -32.61 13.22 30.71
CA GLU A 56 -33.86 12.51 30.46
C GLU A 56 -33.67 10.98 30.55
N MET A 57 -32.52 10.48 30.08
CA MET A 57 -32.35 9.01 29.98
C MET A 57 -31.85 8.45 31.31
N LYS A 58 -30.96 9.17 31.98
CA LYS A 58 -30.57 8.74 33.31
C LYS A 58 -31.82 8.75 34.20
N ASN A 59 -32.69 9.72 33.96
CA ASN A 59 -33.91 9.84 34.81
C ASN A 59 -34.84 8.66 34.55
N ARG A 60 -34.93 8.16 33.33
CA ARG A 60 -35.91 7.10 33.02
C ARG A 60 -35.30 5.71 33.12
N PHE A 61 -33.97 5.60 33.12
CA PHE A 61 -33.43 4.24 33.09
C PHE A 61 -32.38 3.97 34.16
N GLY A 62 -31.88 5.00 34.84
CA GLY A 62 -30.97 4.84 35.96
C GLY A 62 -29.62 4.23 35.59
N ASP A 63 -29.25 3.13 36.26
CA ASP A 63 -27.94 2.53 36.15
C ASP A 63 -27.70 1.90 34.81
N LEU A 64 -28.77 1.66 34.06
CA LEU A 64 -28.64 1.04 32.75
C LEU A 64 -27.87 1.94 31.80
N VAL A 65 -27.82 3.25 32.10
CA VAL A 65 -26.93 4.17 31.41
C VAL A 65 -25.59 4.09 32.10
N VAL A 66 -24.61 3.39 31.52
CA VAL A 66 -23.42 3.08 32.28
C VAL A 66 -22.37 4.16 32.08
N GLY A 67 -22.46 4.93 30.97
CA GLY A 67 -21.42 5.85 30.61
C GLY A 67 -21.88 6.84 29.56
N HIS A 68 -21.33 8.07 29.54
CA HIS A 68 -21.38 8.90 28.34
C HIS A 68 -19.94 9.32 28.00
N THR A 69 -19.46 8.93 26.80
CA THR A 69 -18.17 9.37 26.31
C THR A 69 -18.38 10.37 25.18
N VAL A 70 -17.72 11.55 25.28
CA VAL A 70 -17.66 12.44 24.13
C VAL A 70 -16.25 12.39 23.58
N ALA A 71 -16.09 11.94 22.36
CA ALA A 71 -14.78 11.68 21.78
C ALA A 71 -14.46 12.69 20.71
N ASP A 72 -13.23 13.22 20.75
CA ASP A 72 -12.78 14.11 19.70
C ASP A 72 -12.34 13.25 18.51
N ILE A 73 -13.10 13.25 17.43
CA ILE A 73 -12.73 12.49 16.26
C ILE A 73 -12.41 13.42 15.08
N SER A 74 -12.03 14.66 15.40
CA SER A 74 -11.86 15.65 14.34
C SER A 74 -10.72 15.24 13.40
N GLY A 75 -9.68 14.61 13.98
CA GLY A 75 -8.50 14.30 13.20
C GLY A 75 -8.78 13.20 12.19
N ALA A 76 -9.43 12.11 12.61
CA ALA A 76 -9.78 11.06 11.68
C ALA A 76 -10.79 11.56 10.64
N PHE A 77 -11.77 12.33 11.09
CA PHE A 77 -12.74 12.92 10.17
C PHE A 77 -11.98 13.71 9.11
N ARG A 78 -11.08 14.60 9.53
CA ARG A 78 -10.40 15.44 8.57
C ARG A 78 -9.61 14.59 7.58
N SER A 79 -8.87 13.60 8.09
CA SER A 79 -8.04 12.70 7.30
C SER A 79 -8.82 11.97 6.21
N ILE A 80 -10.00 11.47 6.55
CA ILE A 80 -10.80 10.64 5.67
C ILE A 80 -11.65 11.50 4.73
N ALA A 81 -12.26 12.57 5.21
CA ALA A 81 -13.37 13.25 4.53
C ALA A 81 -13.02 14.63 3.98
N ILE A 82 -12.13 15.36 4.68
CA ILE A 82 -11.84 16.75 4.35
C ILE A 82 -10.51 16.93 3.62
N GLU A 83 -9.45 16.26 4.07
CA GLU A 83 -8.10 16.47 3.55
C GLU A 83 -8.04 16.47 2.05
N ALA A 84 -8.78 15.57 1.40
CA ALA A 84 -8.73 15.44 -0.05
C ALA A 84 -10.09 15.74 -0.66
N LEU A 85 -10.79 16.73 -0.11
CA LEU A 85 -12.14 17.09 -0.54
C LEU A 85 -12.18 17.47 -2.01
N GLU A 86 -11.19 18.22 -2.50
CA GLU A 86 -11.26 18.69 -3.90
C GLU A 86 -11.24 17.47 -4.83
N GLN A 87 -10.37 16.53 -4.55
CA GLN A 87 -10.27 15.31 -5.38
C GLN A 87 -11.54 14.48 -5.24
N ASP A 88 -11.94 14.17 -4.02
CA ASP A 88 -13.13 13.38 -3.70
C ASP A 88 -14.37 13.89 -4.45
N ILE A 89 -14.54 15.22 -4.55
CA ILE A 89 -15.76 15.78 -5.11
C ILE A 89 -15.63 15.78 -6.63
N LEU A 90 -14.44 16.11 -7.15
CA LEU A 90 -14.26 16.11 -8.59
C LEU A 90 -14.50 14.72 -9.14
N LYS A 91 -14.13 13.70 -8.35
CA LYS A 91 -14.22 12.32 -8.82
C LYS A 91 -15.67 11.84 -8.77
N TYR A 92 -16.33 11.96 -7.61
CA TYR A 92 -17.65 11.35 -7.49
C TYR A 92 -18.76 12.33 -7.80
N ARG A 93 -18.45 13.61 -8.08
CA ARG A 93 -19.44 14.65 -8.35
C ARG A 93 -20.51 14.73 -7.25
N LYS A 94 -20.11 14.38 -6.01
CA LYS A 94 -20.97 14.36 -4.85
C LYS A 94 -20.17 14.63 -3.58
N ASN A 95 -20.82 15.33 -2.64
CA ASN A 95 -20.22 15.75 -1.40
C ASN A 95 -20.56 14.70 -0.35
N LEU A 96 -19.61 13.81 -0.07
CA LEU A 96 -19.86 12.66 0.76
C LEU A 96 -19.15 12.77 2.10
N VAL A 97 -18.97 14.01 2.60
CA VAL A 97 -18.30 14.22 3.86
C VAL A 97 -18.99 13.44 4.99
N LEU A 98 -20.34 13.43 4.98
CA LEU A 98 -21.03 12.87 6.13
C LEU A 98 -20.97 11.34 6.12
N LEU A 99 -20.62 10.78 4.97
CA LEU A 99 -20.32 9.36 4.87
C LEU A 99 -18.93 9.07 5.42
N GLY A 100 -17.93 9.82 4.96
CA GLY A 100 -16.63 9.84 5.60
C GLY A 100 -16.72 9.89 7.13
N GLU A 101 -17.59 10.81 7.63
CA GLU A 101 -17.69 11.03 9.06
C GLU A 101 -18.04 9.71 9.75
N LYS A 102 -18.89 8.90 9.11
CA LYS A 102 -19.37 7.67 9.73
C LYS A 102 -18.24 6.64 9.72
N LEU A 103 -17.47 6.60 8.62
CA LEU A 103 -16.30 5.76 8.59
C LEU A 103 -15.38 6.14 9.75
N ALA A 104 -15.17 7.44 9.95
CA ALA A 104 -14.28 7.90 11.02
C ALA A 104 -14.76 7.43 12.36
N ILE A 105 -16.08 7.52 12.57
CA ILE A 105 -16.69 7.06 13.81
C ILE A 105 -16.33 5.60 14.04
N HIS A 106 -16.54 4.78 13.01
CA HIS A 106 -16.35 3.35 13.08
C HIS A 106 -14.88 2.97 13.39
N ALA A 107 -13.94 3.68 12.75
CA ALA A 107 -12.53 3.55 13.06
C ALA A 107 -12.30 3.80 14.55
N HIS A 108 -12.75 4.93 15.08
CA HIS A 108 -12.56 5.20 16.51
C HIS A 108 -13.23 4.13 17.39
N LEU A 109 -14.39 3.62 16.96
CA LEU A 109 -15.12 2.66 17.77
C LEU A 109 -14.37 1.33 17.84
N VAL A 110 -13.66 0.94 16.77
CA VAL A 110 -12.85 -0.26 16.84
C VAL A 110 -11.83 -0.11 17.98
N ASP A 111 -11.13 1.02 18.01
CA ASP A 111 -10.13 1.21 19.05
C ASP A 111 -10.80 1.26 20.41
N PHE A 112 -11.95 1.93 20.47
CA PHE A 112 -12.61 2.14 21.75
C PHE A 112 -13.10 0.81 22.28
N CYS A 113 -13.79 0.04 21.44
CA CYS A 113 -14.29 -1.27 21.81
C CYS A 113 -13.15 -2.18 22.31
N ARG A 114 -12.05 -2.24 21.57
CA ARG A 114 -10.91 -3.09 22.00
C ARG A 114 -10.43 -2.65 23.37
N ARG A 115 -10.27 -1.36 23.58
CA ARG A 115 -9.69 -0.86 24.82
C ARG A 115 -10.69 -0.91 25.98
N ASN A 116 -11.99 -1.08 25.77
CA ASN A 116 -12.91 -1.14 26.89
C ASN A 116 -13.75 -2.43 26.90
N ASP A 117 -13.27 -3.50 26.29
CA ASP A 117 -14.00 -4.77 26.33
C ASP A 117 -15.48 -4.60 25.98
N ILE A 118 -15.78 -4.09 24.80
CA ILE A 118 -17.13 -3.97 24.29
C ILE A 118 -17.18 -4.64 22.93
N ASN A 119 -18.19 -5.47 22.66
CA ASN A 119 -18.17 -6.15 21.36
C ASN A 119 -19.50 -6.04 20.63
N THR A 120 -20.46 -5.29 21.19
CA THR A 120 -21.62 -4.90 20.39
C THR A 120 -21.69 -3.36 20.33
N ILE A 121 -21.87 -2.84 19.10
CA ILE A 121 -22.17 -1.42 18.91
C ILE A 121 -23.50 -1.28 18.23
N ASN A 122 -24.23 -0.22 18.59
CA ASN A 122 -25.57 0.01 18.04
C ASN A 122 -25.67 1.46 17.59
N ASP A 123 -26.43 1.69 16.50
CA ASP A 123 -26.75 3.05 16.07
C ASP A 123 -28.25 3.26 15.80
N GLY A 124 -28.61 4.51 15.41
CA GLY A 124 -30.01 4.84 15.16
C GLY A 124 -30.36 5.00 13.69
N ILE A 125 -29.72 4.21 12.89
CA ILE A 125 -30.00 4.27 11.46
C ILE A 125 -31.45 3.79 11.32
N THR A 126 -32.17 4.42 10.39
CA THR A 126 -33.61 4.25 10.18
C THR A 126 -33.90 4.05 8.68
N HIS A 127 -34.81 3.12 8.34
CA HIS A 127 -35.27 2.90 6.98
C HIS A 127 -35.74 4.19 6.29
N TYR A 128 -36.41 5.09 7.00
CA TYR A 128 -37.03 6.29 6.41
C TYR A 128 -35.98 7.32 5.97
N GLN A 129 -34.71 7.14 6.38
CA GLN A 129 -33.69 8.13 6.06
C GLN A 129 -32.62 7.53 5.14
N MET A 130 -33.06 6.63 4.27
CA MET A 130 -32.16 5.96 3.32
C MET A 130 -31.69 6.96 2.27
N GLU A 131 -32.30 8.13 2.18
CA GLU A 131 -31.78 9.10 1.23
C GLU A 131 -30.31 9.44 1.53
N PHE A 132 -29.93 9.40 2.80
CA PHE A 132 -28.59 9.80 3.27
C PHE A 132 -27.64 8.61 3.07
N PRO A 133 -26.41 8.84 2.49
CA PRO A 133 -25.42 7.80 2.25
C PRO A 133 -25.16 6.85 3.41
N GLU A 134 -24.94 7.43 4.63
CA GLU A 134 -24.52 6.68 5.80
C GLU A 134 -25.62 5.73 6.28
N GLN A 135 -26.86 5.96 5.82
CA GLN A 135 -28.03 5.21 6.33
C GLN A 135 -28.60 4.26 5.29
N ARG A 136 -27.78 3.78 4.37
CA ARG A 136 -28.25 2.88 3.29
C ARG A 136 -27.76 1.46 3.59
N LEU A 137 -28.46 0.46 3.08
CA LEU A 137 -28.07 -0.95 3.34
C LEU A 137 -26.68 -1.15 2.74
N VAL A 138 -26.38 -0.46 1.66
CA VAL A 138 -25.06 -0.75 1.09
C VAL A 138 -23.96 -0.27 2.06
N ALA A 139 -24.19 0.82 2.78
CA ALA A 139 -23.19 1.30 3.76
C ALA A 139 -23.28 0.55 5.08
N LYS A 140 -24.49 0.21 5.53
CA LYS A 140 -24.65 -0.59 6.76
C LYS A 140 -23.98 -1.94 6.55
N THR A 141 -24.07 -2.49 5.34
CA THR A 141 -23.54 -3.83 5.14
C THR A 141 -22.01 -3.72 5.12
N PHE A 142 -21.51 -2.68 4.44
CA PHE A 142 -20.09 -2.42 4.37
C PHE A 142 -19.49 -2.30 5.76
N LEU A 143 -20.11 -1.48 6.61
CA LEU A 143 -19.60 -1.26 7.94
C LEU A 143 -19.81 -2.47 8.84
N MET A 144 -20.86 -3.28 8.63
CA MET A 144 -21.04 -4.49 9.44
C MET A 144 -19.86 -5.42 9.19
N GLU A 145 -19.48 -5.55 7.89
CA GLU A 145 -18.37 -6.38 7.51
C GLU A 145 -17.09 -5.83 8.13
N MET A 146 -16.89 -4.50 8.00
CA MET A 146 -15.70 -3.87 8.56
C MET A 146 -15.55 -4.18 10.06
N MET A 147 -16.63 -4.02 10.82
CA MET A 147 -16.54 -4.21 12.25
C MET A 147 -16.35 -5.69 12.58
N ALA A 148 -16.92 -6.56 11.74
CA ALA A 148 -16.83 -7.98 11.99
C ALA A 148 -15.39 -8.43 11.87
N GLN A 149 -14.63 -7.82 10.95
CA GLN A 149 -13.22 -8.12 10.80
C GLN A 149 -12.48 -7.88 12.11
N TYR A 150 -12.98 -7.06 13.04
CA TYR A 150 -12.35 -6.95 14.35
C TYR A 150 -13.21 -7.54 15.47
N ASP A 151 -14.00 -8.57 15.13
CA ASP A 151 -14.84 -9.27 16.09
C ASP A 151 -15.77 -8.31 16.79
N ILE A 152 -16.41 -7.39 16.04
CA ILE A 152 -17.35 -6.46 16.63
C ILE A 152 -18.67 -6.57 15.91
N ASN A 153 -19.74 -6.68 16.71
CA ASN A 153 -21.09 -6.82 16.21
C ASN A 153 -21.71 -5.41 16.11
N TYR A 154 -22.11 -5.06 14.89
CA TYR A 154 -22.72 -3.77 14.61
C TYR A 154 -24.19 -3.94 14.25
N GLN A 155 -25.05 -3.51 15.16
CA GLN A 155 -26.50 -3.60 15.01
C GLN A 155 -27.17 -2.22 14.88
N SER A 156 -28.36 -2.23 14.29
CA SER A 156 -29.16 -1.04 14.13
C SER A 156 -30.55 -1.33 14.62
N PRO A 157 -30.79 -1.25 15.96
CA PRO A 157 -32.01 -1.80 16.53
C PRO A 157 -33.30 -1.11 16.13
N VAL A 158 -33.24 0.09 15.53
CA VAL A 158 -34.48 0.73 15.10
C VAL A 158 -34.57 0.83 13.57
N TYR A 159 -33.63 0.26 12.83
CA TYR A 159 -33.62 0.33 11.36
C TYR A 159 -34.94 -0.18 10.77
N GLU A 160 -35.31 -1.41 11.08
CA GLU A 160 -36.49 -1.96 10.37
C GLU A 160 -37.78 -1.34 10.88
N PHE A 161 -37.85 -0.97 12.16
CA PHE A 161 -39.11 -0.52 12.66
C PHE A 161 -39.49 0.88 12.18
N ALA A 162 -38.48 1.74 11.98
CA ALA A 162 -38.73 3.15 11.72
C ALA A 162 -39.07 3.40 10.24
N GLN A 163 -40.35 3.14 9.87
CA GLN A 163 -40.81 3.43 8.52
C GLN A 163 -41.02 4.93 8.31
N SER A 164 -41.37 5.69 9.38
CA SER A 164 -41.43 7.14 9.30
C SER A 164 -40.93 7.75 10.59
N ALA A 165 -40.76 9.07 10.57
CA ALA A 165 -40.31 9.77 11.76
C ALA A 165 -41.38 9.68 12.83
N ASP A 166 -42.66 9.71 12.43
CA ASP A 166 -43.74 9.61 13.38
C ASP A 166 -43.63 8.32 14.18
N ASP A 167 -43.11 7.23 13.59
CA ASP A 167 -42.95 5.95 14.29
C ASP A 167 -42.01 6.13 15.48
N VAL A 168 -40.85 6.72 15.25
CA VAL A 168 -39.92 6.91 16.35
C VAL A 168 -40.49 7.90 17.38
N LYS A 169 -41.19 8.94 16.93
CA LYS A 169 -41.63 9.99 17.81
C LYS A 169 -42.54 9.42 18.91
N TYR A 170 -43.47 8.57 18.50
CA TYR A 170 -44.55 8.22 19.38
C TYR A 170 -44.08 7.18 20.39
N ARG A 171 -43.08 6.38 20.04
CA ARG A 171 -42.58 5.43 21.05
C ARG A 171 -41.77 6.21 22.08
N LEU A 172 -40.98 7.19 21.64
CA LEU A 172 -40.27 8.02 22.57
C LEU A 172 -41.26 8.63 23.55
N LEU A 173 -42.36 9.11 23.02
CA LEU A 173 -43.34 9.78 23.86
C LEU A 173 -43.93 8.83 24.90
N GLN A 174 -44.07 7.55 24.58
CA GLN A 174 -44.60 6.54 25.50
C GLN A 174 -43.58 6.21 26.61
N LEU A 175 -42.33 6.65 26.44
CA LEU A 175 -41.33 6.49 27.47
C LEU A 175 -41.17 7.76 28.32
N GLY A 176 -41.98 8.79 27.99
CA GLY A 176 -41.95 10.04 28.74
C GLY A 176 -40.75 10.89 28.38
N ILE A 177 -40.23 10.63 27.20
CA ILE A 177 -39.14 11.37 26.59
C ILE A 177 -39.64 12.23 25.42
N SER A 178 -38.91 13.34 25.23
CA SER A 178 -39.30 14.37 24.28
C SER A 178 -39.16 13.87 22.84
N THR A 179 -40.00 14.40 21.95
CA THR A 179 -40.00 13.90 20.57
C THR A 179 -39.01 14.66 19.72
N LYS A 180 -38.38 15.72 20.24
CA LYS A 180 -37.52 16.60 19.47
C LYS A 180 -36.15 15.96 19.22
N SER A 181 -35.45 16.37 18.14
CA SER A 181 -34.08 15.94 17.94
C SER A 181 -33.19 16.96 18.65
N LEU A 182 -32.57 16.52 19.74
CA LEU A 182 -31.85 17.44 20.61
C LEU A 182 -30.37 17.19 20.43
N GLU A 183 -29.90 17.51 19.23
CA GLU A 183 -28.54 17.25 18.80
C GLU A 183 -28.03 18.55 18.19
N GLY A 184 -26.72 18.61 17.97
CA GLY A 184 -26.17 19.68 17.16
C GLY A 184 -26.46 19.39 15.68
N ILE A 185 -26.23 20.37 14.82
CA ILE A 185 -26.27 20.13 13.38
C ILE A 185 -24.86 20.28 12.85
N SER A 186 -24.51 19.39 11.95
CA SER A 186 -23.33 19.51 11.11
C SER A 186 -23.46 20.79 10.27
N ILE A 187 -22.37 21.48 10.04
CA ILE A 187 -22.39 22.64 9.16
C ILE A 187 -22.62 22.16 7.73
N PHE A 188 -22.31 20.86 7.51
CA PHE A 188 -22.44 20.20 6.22
C PHE A 188 -23.88 19.77 5.91
N ALA A 189 -24.78 19.87 6.89
CA ALA A 189 -26.20 19.66 6.63
C ALA A 189 -26.64 20.40 5.36
N ASP A 190 -27.35 19.66 4.48
CA ASP A 190 -28.04 20.23 3.34
C ASP A 190 -27.06 20.90 2.38
N SER A 191 -25.86 20.33 2.27
CA SER A 191 -24.78 20.86 1.46
C SER A 191 -24.43 19.93 0.28
N PHE A 192 -25.41 19.05 -0.03
CA PHE A 192 -25.20 17.90 -0.88
C PHE A 192 -26.50 17.43 -1.54
N SER A 193 -26.39 16.86 -2.74
CA SER A 193 -27.45 16.10 -3.39
C SER A 193 -27.24 14.60 -3.16
N THR A 194 -28.26 13.80 -3.54
CA THR A 194 -28.30 12.36 -3.34
C THR A 194 -27.29 11.66 -4.27
N PRO A 195 -26.37 10.83 -3.73
CA PRO A 195 -25.49 9.98 -4.54
C PRO A 195 -26.10 8.60 -4.88
N SER A 196 -25.62 7.96 -5.97
CA SER A 196 -25.98 6.58 -6.25
C SER A 196 -25.39 5.64 -5.19
N ASP A 197 -26.06 4.47 -5.00
CA ASP A 197 -25.49 3.41 -4.20
C ASP A 197 -24.08 3.08 -4.65
N ASP A 198 -23.84 3.02 -5.98
CA ASP A 198 -22.54 2.57 -6.46
C ASP A 198 -21.45 3.49 -5.97
N VAL A 199 -21.76 4.80 -5.95
CA VAL A 199 -20.81 5.82 -5.56
C VAL A 199 -20.58 5.77 -4.05
N VAL A 200 -21.63 5.57 -3.25
CA VAL A 200 -21.48 5.40 -1.81
C VAL A 200 -20.47 4.31 -1.46
N LEU A 201 -20.57 3.19 -2.20
CA LEU A 201 -19.80 2.01 -1.90
C LEU A 201 -18.37 2.21 -2.42
N ALA A 202 -18.18 2.86 -3.57
CA ALA A 202 -16.82 3.08 -4.08
C ALA A 202 -16.04 4.02 -3.17
N TYR A 203 -16.72 5.01 -2.60
CA TYR A 203 -16.12 5.94 -1.66
C TYR A 203 -15.69 5.17 -0.41
N LEU A 204 -16.60 4.41 0.17
CA LEU A 204 -16.25 3.66 1.37
C LEU A 204 -15.03 2.79 1.10
N ARG A 205 -14.94 2.20 -0.08
CA ARG A 205 -13.82 1.28 -0.38
C ARG A 205 -12.55 2.07 -0.67
N GLU A 206 -12.68 3.29 -1.17
CA GLU A 206 -11.55 4.17 -1.42
C GLU A 206 -10.95 4.62 -0.10
N LYS A 207 -11.76 4.71 0.95
CA LYS A 207 -11.30 5.27 2.21
C LYS A 207 -11.02 4.19 3.25
N ALA A 208 -11.34 2.93 2.96
CA ALA A 208 -11.15 1.86 3.92
C ALA A 208 -9.68 1.75 4.31
N PRO A 209 -8.72 1.70 3.33
CA PRO A 209 -7.30 1.78 3.67
C PRO A 209 -6.98 2.85 4.71
N LEU A 210 -7.40 4.10 4.48
CA LEU A 210 -7.11 5.13 5.45
C LEU A 210 -7.68 4.78 6.83
N ALA A 211 -8.87 4.17 6.84
CA ALA A 211 -9.56 3.92 8.10
C ALA A 211 -8.90 2.79 8.87
N HIS A 212 -8.48 1.74 8.18
CA HIS A 212 -7.80 0.64 8.84
C HIS A 212 -6.45 1.12 9.36
N ASN A 213 -5.82 1.98 8.57
CA ASN A 213 -4.56 2.59 8.96
C ASN A 213 -4.70 3.34 10.29
N ILE A 214 -5.78 4.13 10.42
CA ILE A 214 -6.03 4.92 11.61
C ILE A 214 -6.34 3.98 12.78
N VAL A 215 -6.98 2.84 12.50
CA VAL A 215 -7.25 1.87 13.55
C VAL A 215 -5.93 1.35 14.13
N ASN A 216 -5.02 1.06 13.22
CA ASN A 216 -3.68 0.59 13.57
C ASN A 216 -2.91 1.64 14.32
N PHE A 217 -3.06 2.90 13.92
CA PHE A 217 -2.36 3.95 14.61
C PHE A 217 -2.84 4.03 16.05
N LEU A 218 -4.16 4.06 16.21
CA LEU A 218 -4.78 4.24 17.53
C LEU A 218 -4.41 3.07 18.45
N ALA A 219 -4.15 1.89 17.86
CA ALA A 219 -3.79 0.71 18.62
C ALA A 219 -2.31 0.68 18.92
N GLY A 220 -1.53 1.64 18.35
CA GLY A 220 -0.09 1.67 18.55
C GLY A 220 0.68 0.56 17.79
N GLU A 221 0.17 0.16 16.62
CA GLU A 221 0.72 -0.92 15.84
C GLU A 221 1.61 -0.39 14.71
N THR A 222 1.43 0.85 14.28
CA THR A 222 1.95 1.35 12.99
C THR A 222 1.92 2.88 12.93
N LEU A 223 2.81 3.45 12.03
CA LEU A 223 2.96 4.80 11.36
C LEU A 223 2.66 6.09 12.23
N SER B 6 3.41 -2.68 34.93
CA SER B 6 3.25 -3.60 33.77
C SER B 6 4.52 -3.67 32.92
N VAL B 7 4.51 -2.90 31.80
CA VAL B 7 5.69 -2.63 31.01
C VAL B 7 6.53 -1.60 31.74
N LYS B 8 7.86 -1.71 31.54
CA LYS B 8 8.85 -0.86 32.15
C LYS B 8 8.92 0.54 31.54
N PRO B 9 8.78 1.63 32.36
CA PRO B 9 8.81 3.00 31.84
C PRO B 9 10.10 3.37 31.14
N GLN B 10 9.96 4.15 30.07
CA GLN B 10 11.09 4.73 29.37
C GLN B 10 11.01 6.26 29.43
N LEU B 11 12.11 6.92 29.10
CA LEU B 11 12.20 8.36 29.18
C LEU B 11 12.04 8.94 27.77
N VAL B 12 11.33 10.06 27.69
CA VAL B 12 11.25 10.78 26.43
C VAL B 12 11.78 12.18 26.67
N MET B 13 12.70 12.57 25.80
CA MET B 13 13.23 13.92 25.81
C MET B 13 12.15 14.79 25.16
N PHE B 14 11.52 15.60 25.97
CA PHE B 14 10.27 16.20 25.59
C PHE B 14 10.35 17.73 25.69
N THR B 15 10.14 18.40 24.55
CA THR B 15 10.23 19.84 24.50
C THR B 15 8.86 20.49 24.53
N GLY B 16 7.83 19.76 24.11
CA GLY B 16 6.53 20.34 23.86
C GLY B 16 6.24 20.51 22.37
N GLY B 17 7.27 20.29 21.53
CA GLY B 17 7.10 20.44 20.10
C GLY B 17 6.40 19.21 19.50
N ARG B 18 6.00 19.30 18.25
CA ARG B 18 5.21 18.19 17.67
C ARG B 18 5.97 16.88 17.62
N ASP B 19 7.26 16.94 17.34
CA ASP B 19 7.95 15.70 17.07
C ASP B 19 8.16 14.90 18.36
N SER B 20 8.57 15.54 19.46
CA SER B 20 8.80 14.83 20.71
C SER B 20 7.47 14.43 21.37
N THR B 21 6.44 15.24 21.16
CA THR B 21 5.08 14.91 21.60
C THR B 21 4.60 13.60 20.93
N LEU B 22 4.77 13.49 19.61
CA LEU B 22 4.32 12.32 18.88
C LEU B 22 5.13 11.10 19.30
N ALA B 23 6.41 11.29 19.58
CA ALA B 23 7.24 10.18 20.02
C ALA B 23 6.73 9.66 21.34
N ALA B 24 6.44 10.57 22.28
CA ALA B 24 5.89 10.15 23.56
C ALA B 24 4.60 9.38 23.33
N CYS B 25 3.69 9.98 22.56
CA CYS B 25 2.35 9.46 22.32
C CYS B 25 2.40 8.07 21.68
N TYR B 26 3.25 7.90 20.68
CA TYR B 26 3.34 6.63 20.00
C TYR B 26 3.83 5.55 20.97
N LEU B 27 4.71 5.90 21.90
CA LEU B 27 5.17 4.91 22.86
C LEU B 27 4.01 4.54 23.77
N MET B 28 3.23 5.53 24.17
CA MET B 28 2.17 5.26 25.13
C MET B 28 1.05 4.48 24.44
N LEU B 29 0.88 4.66 23.12
CA LEU B 29 -0.14 3.91 22.39
C LEU B 29 0.19 2.41 22.46
N GLN B 30 1.48 2.10 22.56
CA GLN B 30 1.93 0.73 22.63
C GLN B 30 1.85 0.20 24.07
N GLY B 31 1.39 1.01 25.02
CA GLY B 31 1.27 0.56 26.40
C GLY B 31 2.55 0.80 27.19
N ILE B 32 3.53 1.51 26.64
CA ILE B 32 4.79 1.77 27.32
C ILE B 32 4.67 3.07 28.10
N PRO B 33 4.75 3.08 29.43
CA PRO B 33 4.70 4.32 30.18
C PRO B 33 5.89 5.20 29.89
N VAL B 34 5.69 6.54 29.93
CA VAL B 34 6.78 7.46 29.64
C VAL B 34 6.95 8.45 30.79
N HIS B 35 8.22 8.70 31.12
CA HIS B 35 8.67 9.79 31.96
C HIS B 35 9.14 10.90 31.03
N LEU B 36 8.37 11.98 30.96
CA LEU B 36 8.72 13.10 30.09
C LEU B 36 9.84 13.88 30.76
N TRP B 37 10.91 14.21 30.02
CA TRP B 37 12.03 14.92 30.59
C TRP B 37 12.35 16.12 29.75
N SER B 38 12.29 17.31 30.38
CA SER B 38 12.54 18.61 29.74
C SER B 38 13.76 19.27 30.38
N GLY B 39 14.75 19.57 29.55
CA GLY B 39 15.96 20.24 29.98
C GLY B 39 15.88 21.73 29.69
N ASN B 40 15.91 22.55 30.75
CA ASN B 40 15.94 23.99 30.64
C ASN B 40 17.38 24.48 30.75
N SER B 41 17.93 24.97 29.65
CA SER B 41 19.35 25.30 29.59
C SER B 41 19.58 26.76 29.98
N GLY B 42 18.53 27.48 30.31
CA GLY B 42 18.68 28.79 30.89
C GLY B 42 18.52 29.91 29.88
N CYS B 43 18.47 29.56 28.59
CA CYS B 43 18.33 30.58 27.58
C CYS B 43 17.15 30.28 26.67
N SER B 44 16.06 29.74 27.22
CA SER B 44 14.84 29.60 26.45
C SER B 44 13.84 30.70 26.75
N LEU B 45 13.23 31.25 25.71
CA LEU B 45 12.24 32.31 25.86
C LEU B 45 10.84 31.75 25.64
N HIS B 46 9.88 32.30 26.36
CA HIS B 46 8.46 31.92 26.16
C HIS B 46 8.33 30.40 26.18
N ARG B 47 8.41 29.82 27.37
CA ARG B 47 8.35 28.35 27.51
C ARG B 47 7.12 28.00 28.34
N GLY B 48 6.28 28.99 28.62
CA GLY B 48 5.13 28.76 29.50
C GLY B 48 4.14 27.72 28.98
N ILE B 49 4.01 27.69 27.66
CA ILE B 49 3.01 26.93 26.94
C ILE B 49 3.31 25.44 26.99
N LEU B 50 4.48 25.04 27.46
CA LEU B 50 4.82 23.64 27.61
C LEU B 50 3.74 22.90 28.44
N SER B 51 3.34 23.48 29.56
CA SER B 51 2.50 22.75 30.50
C SER B 51 1.08 22.52 29.96
N HIS B 52 0.65 23.32 28.98
CA HIS B 52 -0.60 23.07 28.25
C HIS B 52 -0.48 21.74 27.52
N ARG B 53 0.65 21.53 26.83
CA ARG B 53 0.89 20.32 26.12
C ARG B 53 0.88 19.13 27.08
N VAL B 54 1.51 19.27 28.25
CA VAL B 54 1.60 18.17 29.19
C VAL B 54 0.19 17.76 29.64
N GLU B 55 -0.71 18.75 29.78
CA GLU B 55 -2.02 18.46 30.33
C GLU B 55 -2.80 17.65 29.29
N GLU B 56 -2.75 18.07 28.01
CA GLU B 56 -3.31 17.36 26.87
C GLU B 56 -2.94 15.87 26.90
N MET B 57 -1.70 15.60 27.31
CA MET B 57 -1.21 14.20 27.23
C MET B 57 -1.70 13.41 28.44
N LYS B 58 -1.66 14.00 29.64
CA LYS B 58 -2.25 13.30 30.77
C LYS B 58 -3.72 13.03 30.48
N ASN B 59 -4.39 14.00 29.83
CA ASN B 59 -5.79 13.83 29.52
C ASN B 59 -6.01 12.66 28.57
N ARG B 60 -5.10 12.51 27.61
CA ARG B 60 -5.30 11.54 26.54
C ARG B 60 -4.80 10.16 26.94
N PHE B 61 -3.83 10.05 27.87
CA PHE B 61 -3.18 8.76 28.10
C PHE B 61 -3.24 8.34 29.56
N GLY B 62 -3.60 9.25 30.46
CA GLY B 62 -3.79 8.94 31.88
C GLY B 62 -2.44 8.62 32.52
N ASP B 63 -2.45 7.44 33.20
CA ASP B 63 -1.34 7.05 34.06
C ASP B 63 -0.13 6.67 33.23
N LEU B 64 -0.29 6.48 31.92
CA LEU B 64 0.84 6.16 31.07
C LEU B 64 1.89 7.27 31.08
N VAL B 65 1.46 8.48 31.42
CA VAL B 65 2.36 9.60 31.67
C VAL B 65 2.79 9.51 33.12
N VAL B 66 3.99 9.03 33.39
CA VAL B 66 4.33 8.70 34.77
C VAL B 66 4.93 9.90 35.46
N GLY B 67 5.47 10.86 34.71
CA GLY B 67 6.01 12.08 35.28
C GLY B 67 6.36 13.09 34.20
N HIS B 68 6.47 14.36 34.63
CA HIS B 68 7.19 15.37 33.90
C HIS B 68 8.27 15.95 34.79
N THR B 69 9.54 15.82 34.37
CA THR B 69 10.66 16.42 35.05
C THR B 69 11.18 17.57 34.19
N VAL B 70 11.31 18.75 34.84
CA VAL B 70 11.99 19.87 34.22
C VAL B 70 13.29 20.03 34.97
N ALA B 71 14.42 19.84 34.24
CA ALA B 71 15.71 19.89 34.88
C ALA B 71 16.42 21.19 34.50
N ASP B 72 17.00 21.83 35.51
CA ASP B 72 17.84 22.98 35.27
C ASP B 72 19.20 22.46 34.84
N ILE B 73 19.53 22.64 33.55
CA ILE B 73 20.83 22.19 33.06
C ILE B 73 21.67 23.39 32.68
N SER B 74 21.37 24.58 33.22
CA SER B 74 22.09 25.78 32.82
C SER B 74 23.57 25.65 33.19
N GLY B 75 23.87 24.96 34.30
CA GLY B 75 25.23 24.87 34.77
C GLY B 75 26.12 24.08 33.83
N ALA B 76 25.66 22.89 33.48
CA ALA B 76 26.40 22.06 32.54
C ALA B 76 26.44 22.69 31.15
N PHE B 77 25.33 23.28 30.72
CA PHE B 77 25.28 23.98 29.46
C PHE B 77 26.38 25.04 29.44
N ARG B 78 26.45 25.88 30.46
CA ARG B 78 27.46 26.96 30.43
C ARG B 78 28.85 26.34 30.37
N SER B 79 29.10 25.36 31.24
CA SER B 79 30.39 24.73 31.32
C SER B 79 30.90 24.25 29.96
N ILE B 80 30.01 23.59 29.21
CA ILE B 80 30.37 22.93 27.97
C ILE B 80 30.39 23.90 26.79
N ALA B 81 29.41 24.81 26.71
CA ALA B 81 29.11 25.54 25.48
C ALA B 81 29.43 27.02 25.55
N ILE B 82 29.27 27.64 26.72
CA ILE B 82 29.36 29.09 26.87
C ILE B 82 30.68 29.56 27.48
N GLU B 83 31.17 28.92 28.54
CA GLU B 83 32.36 29.45 29.25
C GLU B 83 33.46 29.83 28.29
N ALA B 84 33.72 28.97 27.31
CA ALA B 84 34.85 29.20 26.41
C ALA B 84 34.34 29.52 25.01
N LEU B 85 33.27 30.30 24.90
CA LEU B 85 32.66 30.61 23.62
C LEU B 85 33.62 31.33 22.68
N GLU B 86 34.39 32.28 23.18
CA GLU B 86 35.29 32.96 22.21
C GLU B 86 36.23 31.90 21.63
N GLN B 87 36.89 31.12 22.48
CA GLN B 87 37.89 30.20 21.98
C GLN B 87 37.25 29.24 20.98
N ASP B 88 36.12 28.65 21.39
CA ASP B 88 35.36 27.68 20.60
C ASP B 88 35.05 28.21 19.19
N ILE B 89 34.69 29.50 19.09
CA ILE B 89 34.23 30.03 17.81
C ILE B 89 35.44 30.39 16.97
N LEU B 90 36.46 30.98 17.61
CA LEU B 90 37.67 31.36 16.89
C LEU B 90 38.32 30.12 16.29
N LYS B 91 38.21 28.99 17.00
CA LYS B 91 38.85 27.76 16.59
C LYS B 91 38.08 27.11 15.45
N TYR B 92 36.78 26.86 15.64
CA TYR B 92 36.05 26.09 14.65
C TYR B 92 35.34 26.99 13.63
N ARG B 93 35.42 28.32 13.78
CA ARG B 93 34.77 29.27 12.88
C ARG B 93 33.28 28.99 12.71
N LYS B 94 32.66 28.40 13.76
CA LYS B 94 31.26 28.05 13.80
C LYS B 94 30.72 28.10 15.22
N ASN B 95 29.47 28.52 15.35
CA ASN B 95 28.84 28.73 16.64
C ASN B 95 28.05 27.47 16.96
N LEU B 96 28.65 26.62 17.81
CA LEU B 96 28.10 25.29 18.04
C LEU B 96 27.51 25.19 19.45
N VAL B 97 26.97 26.29 19.98
CA VAL B 97 26.38 26.26 21.30
C VAL B 97 25.26 25.23 21.38
N LEU B 98 24.44 25.14 20.34
CA LEU B 98 23.23 24.30 20.40
C LEU B 98 23.63 22.82 20.31
N LEU B 99 24.84 22.54 19.83
CA LEU B 99 25.39 21.20 19.87
C LEU B 99 25.86 20.87 21.28
N GLY B 100 26.70 21.74 21.85
CA GLY B 100 27.00 21.71 23.28
C GLY B 100 25.75 21.45 24.14
N GLU B 101 24.65 22.16 23.85
CA GLU B 101 23.46 22.07 24.66
C GLU B 101 23.00 20.61 24.70
N LYS B 102 23.15 19.91 23.59
CA LYS B 102 22.64 18.52 23.52
C LYS B 102 23.56 17.63 24.33
N LEU B 103 24.85 17.88 24.21
CA LEU B 103 25.79 17.15 25.05
C LEU B 103 25.42 17.31 26.52
N ALA B 104 25.10 18.55 26.92
CA ALA B 104 24.74 18.82 28.30
C ALA B 104 23.49 18.04 28.70
N ILE B 105 22.52 17.97 27.78
CA ILE B 105 21.31 17.23 28.03
C ILE B 105 21.65 15.78 28.34
N HIS B 106 22.50 15.21 27.48
CA HIS B 106 22.84 13.81 27.56
C HIS B 106 23.59 13.47 28.86
N ALA B 107 24.50 14.36 29.27
CA ALA B 107 25.14 14.28 30.57
C ALA B 107 24.11 14.17 31.67
N HIS B 108 23.17 15.11 31.73
CA HIS B 108 22.15 15.05 32.77
C HIS B 108 21.29 13.77 32.68
N LEU B 109 21.01 13.31 31.46
CA LEU B 109 20.17 12.12 31.30
C LEU B 109 20.87 10.86 31.82
N VAL B 110 22.20 10.78 31.67
CA VAL B 110 22.91 9.66 32.24
C VAL B 110 22.66 9.61 33.76
N ASP B 111 22.83 10.75 34.43
CA ASP B 111 22.66 10.78 35.87
C ASP B 111 21.21 10.48 36.21
N PHE B 112 20.28 11.03 35.41
CA PHE B 112 18.89 10.90 35.75
C PHE B 112 18.47 9.43 35.60
N CYS B 113 18.82 8.84 34.46
CA CYS B 113 18.52 7.43 34.22
C CYS B 113 19.06 6.53 35.33
N ARG B 114 20.31 6.74 35.73
CA ARG B 114 20.89 5.85 36.75
C ARG B 114 20.10 6.03 38.05
N ARG B 115 19.79 7.27 38.42
CA ARG B 115 19.14 7.50 39.69
C ARG B 115 17.66 7.12 39.68
N ASN B 116 17.02 6.92 38.52
CA ASN B 116 15.62 6.53 38.54
C ASN B 116 15.37 5.22 37.78
N ASP B 117 16.37 4.35 37.70
CA ASP B 117 16.18 3.04 37.11
C ASP B 117 15.47 3.11 35.76
N ILE B 118 16.04 3.85 34.79
CA ILE B 118 15.50 3.95 33.45
C ILE B 118 16.64 3.60 32.50
N ASN B 119 16.40 2.75 31.49
CA ASN B 119 17.51 2.39 30.63
C ASN B 119 17.19 2.55 29.14
N THR B 120 16.04 3.09 28.81
CA THR B 120 15.78 3.53 27.46
C THR B 120 15.42 5.03 27.49
N ILE B 121 16.08 5.79 26.60
CA ILE B 121 15.71 7.17 26.36
C ILE B 121 15.26 7.33 24.90
N ASN B 122 14.26 8.19 24.68
CA ASN B 122 13.73 8.38 23.35
C ASN B 122 13.62 9.88 23.05
N ASP B 123 13.84 10.23 21.77
CA ASP B 123 13.64 11.60 21.29
C ASP B 123 12.77 11.68 20.03
N GLY B 124 12.52 12.91 19.56
CA GLY B 124 11.65 13.20 18.45
C GLY B 124 12.41 13.56 17.17
N ILE B 125 13.59 12.99 17.03
CA ILE B 125 14.33 13.23 15.81
C ILE B 125 13.50 12.63 14.67
N THR B 126 13.51 13.35 13.54
CA THR B 126 12.70 13.06 12.37
C THR B 126 13.56 13.10 11.11
N HIS B 127 13.38 12.17 10.19
CA HIS B 127 14.17 12.08 8.98
C HIS B 127 14.02 13.33 8.11
N TYR B 128 12.79 13.90 8.08
CA TYR B 128 12.46 15.03 7.20
C TYR B 128 13.21 16.32 7.63
N GLN B 129 13.56 16.45 8.90
CA GLN B 129 14.12 17.75 9.34
C GLN B 129 15.64 17.75 9.15
N MET B 130 16.37 17.03 10.00
CA MET B 130 17.86 17.03 9.94
C MET B 130 18.32 18.48 9.83
N GLU B 131 19.19 18.78 8.85
CA GLU B 131 19.73 20.14 8.68
C GLU B 131 20.46 20.57 9.98
N PHE B 132 19.91 20.23 11.14
CA PHE B 132 20.48 20.74 12.40
C PHE B 132 21.51 19.76 12.96
N PRO B 133 22.72 20.21 13.42
CA PRO B 133 23.82 19.33 13.85
C PRO B 133 23.42 18.21 14.79
N GLU B 134 22.66 18.51 15.83
CA GLU B 134 22.18 17.53 16.82
C GLU B 134 21.32 16.39 16.24
N GLN B 135 20.80 16.58 15.03
CA GLN B 135 19.88 15.63 14.37
C GLN B 135 20.54 14.90 13.18
N ARG B 136 21.83 15.21 13.03
CA ARG B 136 22.77 14.65 12.02
C ARG B 136 23.27 13.27 12.48
N LEU B 137 23.48 12.35 11.54
CA LEU B 137 23.82 10.98 11.87
C LEU B 137 25.11 10.97 12.70
N VAL B 138 26.07 11.81 12.35
CA VAL B 138 27.36 11.71 12.99
C VAL B 138 27.22 12.05 14.48
N ALA B 139 26.37 13.03 14.82
CA ALA B 139 26.17 13.41 16.22
C ALA B 139 25.23 12.42 16.91
N LYS B 140 24.18 11.98 16.22
CA LYS B 140 23.30 10.99 16.79
C LYS B 140 24.07 9.73 17.18
N THR B 141 25.03 9.30 16.31
CA THR B 141 25.75 8.06 16.52
C THR B 141 26.70 8.27 17.69
N PHE B 142 27.35 9.44 17.74
CA PHE B 142 28.26 9.80 18.82
C PHE B 142 27.53 9.72 20.16
N LEU B 143 26.33 10.31 20.25
CA LEU B 143 25.59 10.28 21.50
C LEU B 143 25.00 8.89 21.80
N MET B 144 24.66 8.09 20.78
CA MET B 144 24.18 6.74 21.07
C MET B 144 25.32 5.93 21.71
N GLU B 145 26.54 6.10 21.22
CA GLU B 145 27.74 5.45 21.74
C GLU B 145 27.95 5.93 23.16
N MET B 146 27.88 7.25 23.39
CA MET B 146 28.08 7.80 24.72
C MET B 146 27.11 7.16 25.71
N MET B 147 25.84 7.05 25.33
CA MET B 147 24.86 6.55 26.32
C MET B 147 24.97 5.03 26.44
N ALA B 148 25.50 4.37 25.42
CA ALA B 148 25.68 2.93 25.48
C ALA B 148 26.77 2.61 26.51
N GLN B 149 27.79 3.47 26.60
CA GLN B 149 28.84 3.28 27.58
C GLN B 149 28.26 3.26 28.99
N TYR B 150 27.07 3.83 29.23
CA TYR B 150 26.44 3.73 30.54
C TYR B 150 25.21 2.82 30.52
N ASP B 151 25.18 1.83 29.62
CA ASP B 151 24.08 0.89 29.49
C ASP B 151 22.77 1.63 29.31
N ILE B 152 22.77 2.60 28.42
CA ILE B 152 21.53 3.31 28.15
C ILE B 152 21.28 3.22 26.65
N ASN B 153 20.03 2.83 26.37
CA ASN B 153 19.56 2.66 25.02
C ASN B 153 18.91 3.96 24.55
N TYR B 154 19.44 4.52 23.47
CA TYR B 154 18.94 5.78 22.91
C TYR B 154 18.26 5.50 21.56
N GLN B 155 16.93 5.64 21.55
CA GLN B 155 16.09 5.38 20.40
C GLN B 155 15.38 6.65 19.90
N SER B 156 14.93 6.60 18.63
CA SER B 156 14.24 7.70 18.01
C SER B 156 12.97 7.17 17.35
N PRO B 157 11.89 6.94 18.13
CA PRO B 157 10.78 6.14 17.65
C PRO B 157 9.95 6.72 16.52
N VAL B 158 10.09 8.02 16.20
CA VAL B 158 9.36 8.56 15.09
C VAL B 158 10.29 9.02 13.97
N TYR B 159 11.59 8.69 14.03
CA TYR B 159 12.53 9.04 12.96
C TYR B 159 12.06 8.60 11.58
N GLU B 160 11.72 7.33 11.40
CA GLU B 160 11.29 6.93 10.08
C GLU B 160 9.87 7.46 9.86
N PHE B 161 9.01 7.20 10.82
CA PHE B 161 7.55 7.18 10.65
C PHE B 161 6.93 8.51 10.33
N ALA B 162 7.43 9.58 10.89
CA ALA B 162 7.18 10.94 10.38
C ALA B 162 7.60 11.28 8.91
N GLN B 163 6.69 11.16 7.95
CA GLN B 163 7.03 11.30 6.55
C GLN B 163 7.30 12.76 6.13
N SER B 164 6.58 13.71 6.71
CA SER B 164 6.78 15.16 6.52
C SER B 164 6.25 15.87 7.76
N ALA B 165 6.29 17.18 7.87
CA ALA B 165 5.79 17.84 9.05
C ALA B 165 4.26 17.70 9.10
N ASP B 166 3.62 17.74 7.94
CA ASP B 166 2.16 17.55 7.88
C ASP B 166 1.81 16.15 8.41
N ASP B 167 2.68 15.17 8.25
CA ASP B 167 2.45 13.80 8.72
C ASP B 167 2.42 13.81 10.23
N VAL B 168 3.34 14.47 10.92
CA VAL B 168 3.30 14.51 12.37
C VAL B 168 2.06 15.26 12.82
N LYS B 169 1.69 16.35 12.13
CA LYS B 169 0.60 17.19 12.58
C LYS B 169 -0.68 16.38 12.67
N TYR B 170 -0.95 15.62 11.65
CA TYR B 170 -2.26 15.02 11.44
C TYR B 170 -2.35 13.77 12.30
N ARG B 171 -1.27 13.13 12.66
CA ARG B 171 -1.33 12.02 13.61
C ARG B 171 -1.68 12.56 14.99
N LEU B 172 -1.06 13.67 15.37
CA LEU B 172 -1.37 14.32 16.62
C LEU B 172 -2.86 14.66 16.64
N LEU B 173 -3.36 15.16 15.53
CA LEU B 173 -4.74 15.57 15.47
C LEU B 173 -5.67 14.38 15.66
N GLN B 174 -5.28 13.20 15.20
CA GLN B 174 -6.06 11.98 15.32
C GLN B 174 -6.12 11.49 16.78
N LEU B 175 -5.22 12.00 17.62
CA LEU B 175 -5.19 11.66 19.02
C LEU B 175 -5.92 12.74 19.85
N GLY B 176 -6.46 13.76 19.19
CA GLY B 176 -7.16 14.84 19.87
C GLY B 176 -6.22 15.80 20.57
N ILE B 177 -4.99 15.82 20.07
CA ILE B 177 -3.95 16.75 20.50
C ILE B 177 -3.68 17.80 19.43
N SER B 178 -3.23 18.97 19.86
CA SER B 178 -3.05 20.15 19.03
C SER B 178 -1.86 19.95 18.10
N THR B 179 -1.90 20.58 16.92
CA THR B 179 -0.87 20.37 15.92
C THR B 179 0.32 21.29 16.14
N LYS B 180 0.21 22.28 17.06
CA LYS B 180 1.18 23.37 17.17
C LYS B 180 2.44 22.92 17.87
N SER B 181 3.60 23.57 17.65
CA SER B 181 4.78 23.32 18.48
C SER B 181 4.71 24.25 19.67
N LEU B 182 4.44 23.66 20.84
CA LEU B 182 4.15 24.42 22.03
C LEU B 182 5.35 24.33 22.95
N GLU B 183 6.44 24.93 22.50
CA GLU B 183 7.73 24.90 23.16
C GLU B 183 8.24 26.34 23.18
N GLY B 184 9.27 26.58 23.98
CA GLY B 184 9.94 27.84 23.97
C GLY B 184 10.89 27.87 22.78
N ILE B 185 11.50 29.04 22.52
CA ILE B 185 12.53 29.15 21.51
C ILE B 185 13.84 29.47 22.23
N SER B 186 14.96 29.02 21.68
CA SER B 186 16.25 29.45 22.27
C SER B 186 16.61 30.82 21.67
N ILE B 187 17.35 31.63 22.42
CA ILE B 187 17.78 32.95 21.88
C ILE B 187 18.90 32.64 20.88
N PHE B 188 19.39 31.41 20.89
CA PHE B 188 20.53 31.03 20.02
C PHE B 188 19.99 30.50 18.71
N ALA B 189 18.67 30.57 18.54
CA ALA B 189 18.06 30.08 17.29
C ALA B 189 18.49 31.00 16.16
N ASP B 190 18.65 30.43 14.98
CA ASP B 190 18.98 31.27 13.80
C ASP B 190 20.21 32.12 14.16
N SER B 191 21.30 31.48 14.57
CA SER B 191 22.55 32.24 14.88
C SER B 191 23.77 31.41 14.51
N PHE B 192 23.67 30.61 13.46
CA PHE B 192 24.80 29.70 13.14
C PHE B 192 24.98 29.49 11.65
N SER B 193 26.23 29.23 11.23
CA SER B 193 26.51 28.90 9.82
C SER B 193 26.66 27.38 9.72
N THR B 194 26.06 26.75 8.70
CA THR B 194 26.13 25.28 8.66
C THR B 194 27.57 24.80 8.87
N PRO B 195 27.85 23.94 9.87
CA PRO B 195 29.19 23.39 10.07
C PRO B 195 29.44 22.12 9.28
N SER B 196 30.71 21.84 8.98
CA SER B 196 31.07 20.55 8.38
C SER B 196 30.82 19.42 9.39
N ASP B 197 30.59 18.21 8.87
CA ASP B 197 30.59 17.00 9.68
C ASP B 197 31.85 16.93 10.53
N ASP B 198 33.01 17.20 9.92
CA ASP B 198 34.29 17.02 10.57
C ASP B 198 34.37 17.90 11.81
N VAL B 199 33.83 19.11 11.69
CA VAL B 199 33.86 20.12 12.75
C VAL B 199 32.90 19.70 13.87
N VAL B 200 31.70 19.22 13.52
CA VAL B 200 30.77 18.72 14.51
C VAL B 200 31.40 17.66 15.39
N LEU B 201 32.16 16.76 14.77
CA LEU B 201 32.71 15.62 15.46
C LEU B 201 33.91 16.02 16.29
N ALA B 202 34.73 16.95 15.80
CA ALA B 202 35.88 17.41 16.58
C ALA B 202 35.45 18.13 17.86
N TYR B 203 34.35 18.91 17.75
CA TYR B 203 33.78 19.61 18.88
C TYR B 203 33.27 18.60 19.89
N LEU B 204 32.43 17.66 19.45
CA LEU B 204 31.90 16.67 20.36
C LEU B 204 33.03 15.98 21.13
N ARG B 205 34.13 15.69 20.41
CA ARG B 205 35.22 14.94 21.01
C ARG B 205 36.01 15.82 21.97
N GLU B 206 36.09 17.13 21.67
CA GLU B 206 36.78 18.09 22.52
C GLU B 206 36.00 18.28 23.84
N LYS B 207 34.67 18.09 23.81
CA LYS B 207 33.85 18.40 24.96
C LYS B 207 33.42 17.15 25.72
N ALA B 208 33.72 15.96 25.17
CA ALA B 208 33.27 14.74 25.82
C ALA B 208 33.88 14.63 27.22
N PRO B 209 35.21 14.82 27.40
CA PRO B 209 35.80 14.91 28.72
C PRO B 209 34.98 15.76 29.69
N LEU B 210 34.64 17.00 29.33
CA LEU B 210 33.84 17.82 30.22
C LEU B 210 32.52 17.14 30.59
N ALA B 211 31.92 16.45 29.61
CA ALA B 211 30.60 15.89 29.82
C ALA B 211 30.66 14.66 30.73
N HIS B 212 31.67 13.81 30.53
CA HIS B 212 31.84 12.65 31.38
C HIS B 212 32.16 13.10 32.80
N ASN B 213 32.97 14.16 32.88
CA ASN B 213 33.33 14.74 34.16
C ASN B 213 32.07 15.16 34.92
N ILE B 214 31.14 15.83 34.25
CA ILE B 214 29.91 16.31 34.85
C ILE B 214 29.05 15.13 35.28
N VAL B 215 29.10 14.05 34.52
CA VAL B 215 28.33 12.85 34.87
C VAL B 215 28.85 12.32 36.20
N ASN B 216 30.17 12.29 36.32
CA ASN B 216 30.83 11.84 37.52
C ASN B 216 30.53 12.76 38.70
N PHE B 217 30.48 14.06 38.45
CA PHE B 217 30.19 15.00 39.51
C PHE B 217 28.78 14.72 40.02
N LEU B 218 27.82 14.61 39.09
CA LEU B 218 26.42 14.44 39.44
C LEU B 218 26.21 13.15 40.20
N ALA B 219 27.06 12.16 39.96
CA ALA B 219 26.97 10.87 40.64
C ALA B 219 27.67 10.91 41.99
N GLY B 220 28.35 12.03 42.30
CA GLY B 220 29.05 12.21 43.56
C GLY B 220 30.36 11.44 43.64
N GLU B 221 31.04 11.26 42.51
CA GLU B 221 32.23 10.44 42.45
C GLU B 221 33.49 11.28 42.52
N THR B 222 33.41 12.57 42.12
CA THR B 222 34.57 13.46 42.10
C THR B 222 34.13 14.92 42.14
N LEU B 223 35.08 15.79 42.49
CA LEU B 223 34.88 17.22 42.37
C LEU B 223 35.79 17.78 41.28
N ASN B 224 36.83 17.02 40.86
CA ASN B 224 37.94 17.53 40.05
C ASN B 224 37.59 17.44 38.57
N PRO B 225 38.38 17.98 37.60
CA PRO B 225 38.11 17.87 36.16
C PRO B 225 39.06 17.01 35.33
N LYS C 8 24.19 6.56 57.18
CA LYS C 8 24.29 7.23 58.50
C LYS C 8 24.51 8.74 58.35
N PRO C 9 23.61 9.60 58.90
CA PRO C 9 23.75 11.05 58.74
C PRO C 9 25.03 11.60 59.35
N GLN C 10 25.58 12.60 58.67
CA GLN C 10 26.68 13.39 59.16
C GLN C 10 26.24 14.84 59.25
N LEU C 11 27.03 15.62 59.98
CA LEU C 11 26.69 17.01 60.20
C LEU C 11 27.54 17.87 59.28
N VAL C 12 26.91 18.94 58.77
CA VAL C 12 27.66 19.92 58.02
C VAL C 12 27.49 21.27 58.70
N MET C 13 28.60 21.93 58.92
CA MET C 13 28.61 23.25 59.46
C MET C 13 28.25 24.18 58.31
N PHE C 14 27.07 24.75 58.38
CA PHE C 14 26.46 25.32 57.20
C PHE C 14 26.09 26.78 57.44
N THR C 15 26.67 27.67 56.64
CA THR C 15 26.47 29.09 56.80
C THR C 15 25.52 29.64 55.76
N GLY C 16 25.37 28.94 54.64
CA GLY C 16 24.64 29.47 53.50
C GLY C 16 25.59 29.94 52.38
N GLY C 17 26.89 30.01 52.67
CA GLY C 17 27.82 30.50 51.67
C GLY C 17 28.14 29.39 50.65
N ARG C 18 28.83 29.78 49.59
CA ARG C 18 29.20 28.85 48.55
C ARG C 18 29.80 27.57 49.12
N ASP C 19 30.83 27.74 49.95
CA ASP C 19 31.76 26.68 50.25
C ASP C 19 31.08 25.60 51.09
N SER C 20 30.32 26.00 52.14
CA SER C 20 29.68 25.02 53.00
C SER C 20 28.47 24.39 52.28
N THR C 21 27.83 25.16 51.39
CA THR C 21 26.78 24.62 50.54
C THR C 21 27.31 23.47 49.66
N LEU C 22 28.45 23.68 49.02
CA LEU C 22 29.02 22.67 48.12
C LEU C 22 29.45 21.44 48.92
N ALA C 23 29.95 21.66 50.14
CA ALA C 23 30.35 20.54 50.95
C ALA C 23 29.14 19.68 51.29
N ALA C 24 28.05 20.35 51.68
CA ALA C 24 26.83 19.62 51.98
C ALA C 24 26.39 18.84 50.75
N CYS C 25 26.31 19.53 49.61
CA CYS C 25 25.80 18.99 48.37
C CYS C 25 26.63 17.80 47.90
N TYR C 26 27.95 17.91 47.98
CA TYR C 26 28.79 16.80 47.55
C TYR C 26 28.54 15.56 48.41
N LEU C 27 28.29 15.77 49.69
CA LEU C 27 28.02 14.62 50.54
C LEU C 27 26.69 13.99 50.12
N MET C 28 25.72 14.83 49.83
CA MET C 28 24.41 14.30 49.53
C MET C 28 24.42 13.61 48.15
N LEU C 29 25.29 14.06 47.24
CA LEU C 29 25.38 13.44 45.93
C LEU C 29 25.84 11.98 46.09
N GLN C 30 26.60 11.72 47.17
CA GLN C 30 27.10 10.39 47.45
C GLN C 30 26.05 9.57 48.20
N GLY C 31 24.86 10.12 48.48
CA GLY C 31 23.84 9.38 49.18
C GLY C 31 23.96 9.51 50.70
N ILE C 32 24.85 10.36 51.20
CA ILE C 32 25.06 10.53 52.62
C ILE C 32 24.14 11.61 53.14
N PRO C 33 23.19 11.32 54.06
CA PRO C 33 22.30 12.35 54.56
C PRO C 33 23.07 13.38 55.39
N VAL C 34 22.62 14.64 55.38
CA VAL C 34 23.27 15.67 56.16
C VAL C 34 22.26 16.37 57.08
N HIS C 35 22.71 16.62 58.31
CA HIS C 35 22.09 17.52 59.26
C HIS C 35 22.84 18.85 59.16
N LEU C 36 22.18 19.87 58.62
CA LEU C 36 22.80 21.17 58.48
C LEU C 36 22.81 21.85 59.85
N TRP C 37 23.96 22.39 60.27
CA TRP C 37 24.07 23.02 61.57
C TRP C 37 24.63 24.42 61.40
N SER C 38 23.86 25.42 61.85
CA SER C 38 24.17 26.85 61.72
C SER C 38 24.33 27.47 63.11
N GLY C 39 25.52 28.02 63.36
CA GLY C 39 25.84 28.68 64.62
C GLY C 39 25.59 30.17 64.55
N ASN C 40 24.72 30.67 65.41
CA ASN C 40 24.48 32.09 65.60
C ASN C 40 25.27 32.59 66.81
N SER C 41 26.34 33.34 66.59
CA SER C 41 27.24 33.75 67.65
C SER C 41 26.82 35.10 68.24
N GLY C 42 25.73 35.67 67.74
CA GLY C 42 25.15 36.85 68.35
C GLY C 42 25.52 38.10 67.57
N CYS C 43 26.48 38.02 66.66
CA CYS C 43 26.95 39.23 66.01
C CYS C 43 26.89 39.14 64.51
N SER C 44 25.88 38.46 63.96
CA SER C 44 25.73 38.41 62.51
C SER C 44 24.66 39.39 62.03
N LEU C 45 24.96 40.09 60.93
CA LEU C 45 24.01 41.01 60.34
C LEU C 45 23.43 40.37 59.09
N HIS C 46 22.14 40.58 58.86
CA HIS C 46 21.50 40.16 57.59
C HIS C 46 21.73 38.69 57.26
N ARG C 47 21.10 37.79 58.03
CA ARG C 47 21.25 36.35 57.82
C ARG C 47 19.97 35.79 57.20
N GLY C 48 18.90 36.55 57.21
CA GLY C 48 17.60 36.04 56.72
C GLY C 48 17.71 35.30 55.41
N ILE C 49 18.73 35.62 54.60
CA ILE C 49 18.85 35.03 53.28
C ILE C 49 19.29 33.56 53.36
N LEU C 50 19.73 33.10 54.53
CA LEU C 50 20.09 31.72 54.72
C LEU C 50 18.98 30.77 54.25
N SER C 51 17.73 31.04 54.65
CA SER C 51 16.68 30.06 54.47
C SER C 51 16.30 29.91 52.97
N HIS C 52 16.63 30.91 52.14
CA HIS C 52 16.52 30.77 50.68
C HIS C 52 17.43 29.65 50.20
N ARG C 53 18.69 29.68 50.69
CA ARG C 53 19.64 28.63 50.35
C ARG C 53 19.13 27.26 50.82
N VAL C 54 18.57 27.19 52.03
CA VAL C 54 18.12 25.91 52.56
C VAL C 54 17.03 25.34 51.66
N GLU C 55 16.17 26.21 51.10
CA GLU C 55 15.03 25.71 50.35
C GLU C 55 15.55 25.10 49.04
N GLU C 56 16.46 25.81 48.36
CA GLU C 56 17.17 25.32 47.17
C GLU C 56 17.70 23.90 47.39
N MET C 57 18.17 23.62 48.62
CA MET C 57 18.85 22.37 48.92
C MET C 57 17.86 21.25 49.19
N LYS C 58 16.76 21.54 49.87
CA LYS C 58 15.68 20.57 50.02
C LYS C 58 15.09 20.28 48.62
N ASN C 59 14.99 21.31 47.78
CA ASN C 59 14.45 21.14 46.45
C ASN C 59 15.33 20.19 45.64
N ARG C 60 16.64 20.32 45.79
CA ARG C 60 17.57 19.63 44.93
C ARG C 60 17.86 18.23 45.46
N PHE C 61 17.75 17.97 46.79
CA PHE C 61 18.23 16.71 47.33
C PHE C 61 17.19 15.98 48.19
N GLY C 62 16.06 16.63 48.52
CA GLY C 62 14.96 15.97 49.19
C GLY C 62 15.29 15.50 50.60
N ASP C 63 15.05 14.20 50.88
CA ASP C 63 15.16 13.64 52.21
C ASP C 63 16.58 13.61 52.72
N LEU C 64 17.53 13.74 51.81
CA LEU C 64 18.93 13.68 52.20
C LEU C 64 19.29 14.86 53.11
N VAL C 65 18.47 15.94 53.06
CA VAL C 65 18.56 17.01 54.03
C VAL C 65 17.73 16.62 55.23
N VAL C 66 18.35 16.17 56.32
CA VAL C 66 17.57 15.55 57.37
C VAL C 66 17.12 16.58 58.39
N GLY C 67 17.81 17.73 58.46
CA GLY C 67 17.49 18.73 59.45
C GLY C 67 18.25 20.03 59.19
N HIS C 68 17.70 21.12 59.76
CA HIS C 68 18.47 22.35 59.91
C HIS C 68 18.37 22.80 61.35
N THR C 69 19.50 22.86 62.06
CA THR C 69 19.56 23.38 63.43
C THR C 69 20.25 24.74 63.42
N VAL C 70 19.62 25.72 64.04
CA VAL C 70 20.24 27.04 64.20
C VAL C 70 20.50 27.20 65.69
N ALA C 71 21.75 27.23 66.10
CA ALA C 71 22.11 27.11 67.51
C ALA C 71 22.66 28.44 68.03
N ASP C 72 22.18 28.86 69.18
CA ASP C 72 22.65 30.08 69.80
C ASP C 72 23.94 29.76 70.53
N ILE C 73 25.06 30.25 70.01
CA ILE C 73 26.35 30.01 70.65
C ILE C 73 26.92 31.33 71.16
N SER C 74 26.07 32.34 71.41
CA SER C 74 26.57 33.64 71.84
C SER C 74 27.30 33.53 73.18
N GLY C 75 26.82 32.65 74.06
CA GLY C 75 27.41 32.54 75.38
C GLY C 75 28.84 31.99 75.35
N ALA C 76 29.03 30.88 74.65
CA ALA C 76 30.37 30.30 74.53
C ALA C 76 31.29 31.23 73.73
N PHE C 77 30.76 31.84 72.66
CA PHE C 77 31.52 32.79 71.89
C PHE C 77 32.01 33.89 72.82
N ARG C 78 31.14 34.47 73.63
CA ARG C 78 31.57 35.60 74.49
C ARG C 78 32.63 35.12 75.47
N SER C 79 32.40 33.96 76.07
CA SER C 79 33.33 33.41 77.05
C SER C 79 34.75 33.25 76.50
N ILE C 80 34.86 32.73 75.28
CA ILE C 80 36.15 32.40 74.67
C ILE C 80 36.81 33.61 74.01
N ALA C 81 36.03 34.44 73.30
CA ALA C 81 36.59 35.39 72.35
C ALA C 81 36.44 36.84 72.75
N ILE C 82 35.34 37.18 73.46
CA ILE C 82 35.00 38.57 73.75
C ILE C 82 35.34 39.00 75.18
N GLU C 83 35.04 38.14 76.17
CA GLU C 83 35.16 38.47 77.57
C GLU C 83 36.47 39.18 77.90
N ALA C 84 37.58 38.68 77.31
CA ALA C 84 38.91 39.18 77.63
C ALA C 84 39.55 39.78 76.38
N LEU C 85 38.76 40.51 75.58
CA LEU C 85 39.23 41.00 74.30
C LEU C 85 40.43 41.95 74.44
N GLU C 86 40.41 42.85 75.42
CA GLU C 86 41.53 43.74 75.62
C GLU C 86 42.82 42.98 75.82
N GLN C 87 42.80 41.99 76.70
CA GLN C 87 44.00 41.24 77.05
C GLN C 87 44.47 40.46 75.82
N ASP C 88 43.53 39.74 75.20
CA ASP C 88 43.79 38.92 74.02
C ASP C 88 44.51 39.70 72.91
N ILE C 89 44.11 40.97 72.70
CA ILE C 89 44.61 41.75 71.58
C ILE C 89 45.95 42.34 71.98
N LEU C 90 46.06 42.83 73.21
CA LEU C 90 47.31 43.42 73.67
C LEU C 90 48.42 42.36 73.63
N LYS C 91 48.04 41.10 73.88
CA LYS C 91 49.03 40.03 73.95
C LYS C 91 49.45 39.61 72.55
N TYR C 92 48.51 39.28 71.67
CA TYR C 92 48.87 38.71 70.38
C TYR C 92 48.95 39.79 69.28
N ARG C 93 48.67 41.06 69.60
CA ARG C 93 48.73 42.17 68.67
C ARG C 93 47.93 41.93 67.40
N LYS C 94 46.84 41.13 67.53
CA LYS C 94 45.94 40.76 66.47
C LYS C 94 44.58 40.34 67.05
N ASN C 95 43.53 40.61 66.28
CA ASN C 95 42.14 40.44 66.68
C ASN C 95 41.70 39.07 66.20
N LEU C 96 41.65 38.13 67.15
CA LEU C 96 41.41 36.74 66.79
C LEU C 96 40.01 36.27 67.19
N VAL C 97 39.04 37.18 67.20
CA VAL C 97 37.69 36.82 67.62
C VAL C 97 37.12 35.71 66.75
N LEU C 98 37.34 35.79 65.46
CA LEU C 98 36.71 34.86 64.52
C LEU C 98 37.35 33.49 64.59
N LEU C 99 38.53 33.39 65.22
CA LEU C 99 39.12 32.07 65.48
C LEU C 99 38.39 31.58 66.72
N GLY C 100 38.46 32.33 67.82
CA GLY C 100 37.64 32.00 68.98
C GLY C 100 36.25 31.46 68.58
N GLU C 101 35.59 32.16 67.63
CA GLU C 101 34.24 31.81 67.26
C GLU C 101 34.20 30.35 66.80
N LYS C 102 35.25 29.91 66.09
CA LYS C 102 35.28 28.57 65.53
C LYS C 102 35.50 27.56 66.65
N LEU C 103 36.36 27.92 67.60
CA LEU C 103 36.54 27.08 68.78
C LEU C 103 35.18 26.89 69.47
N ALA C 104 34.43 27.99 69.62
CA ALA C 104 33.14 27.93 70.28
C ALA C 104 32.20 26.99 69.54
N ILE C 105 32.23 27.08 68.21
CA ILE C 105 31.40 26.23 67.36
C ILE C 105 31.73 24.77 67.65
N HIS C 106 33.02 24.46 67.66
CA HIS C 106 33.49 23.09 67.85
C HIS C 106 33.09 22.50 69.23
N ALA C 107 33.20 23.32 70.27
CA ALA C 107 32.69 22.99 71.58
C ALA C 107 31.22 22.61 71.49
N HIS C 108 30.38 23.48 70.92
CA HIS C 108 28.96 23.16 70.80
C HIS C 108 28.71 21.87 69.98
N LEU C 109 29.53 21.65 68.94
CA LEU C 109 29.35 20.51 68.07
C LEU C 109 29.68 19.21 68.80
N VAL C 110 30.64 19.22 69.72
CA VAL C 110 30.91 18.05 70.54
C VAL C 110 29.63 17.66 71.28
N ASP C 111 29.02 18.65 71.95
CA ASP C 111 27.83 18.36 72.72
C ASP C 111 26.71 17.91 71.79
N PHE C 112 26.60 18.55 70.63
CA PHE C 112 25.50 18.28 69.74
C PHE C 112 25.64 16.87 69.18
N CYS C 113 26.85 16.54 68.68
CA CYS C 113 27.13 15.21 68.19
C CYS C 113 26.80 14.13 69.23
N ARG C 114 27.25 14.33 70.45
CA ARG C 114 27.04 13.30 71.50
C ARG C 114 25.55 13.14 71.76
N ARG C 115 24.80 14.24 71.79
CA ARG C 115 23.37 14.18 72.09
C ARG C 115 22.54 13.71 70.91
N ASN C 116 23.05 13.71 69.69
CA ASN C 116 22.23 13.25 68.56
C ASN C 116 22.90 12.12 67.77
N ASP C 117 23.79 11.34 68.42
CA ASP C 117 24.38 10.20 67.75
C ASP C 117 24.93 10.53 66.36
N ILE C 118 25.85 11.49 66.27
CA ILE C 118 26.52 11.86 65.03
C ILE C 118 28.01 11.80 65.31
N ASN C 119 28.81 11.22 64.41
CA ASN C 119 30.25 11.13 64.70
C ASN C 119 31.11 11.59 63.54
N THR C 120 30.48 12.12 62.47
CA THR C 120 31.24 12.86 61.48
C THR C 120 30.70 14.29 61.37
N ILE C 121 31.61 15.26 61.42
CA ILE C 121 31.27 16.65 61.15
C ILE C 121 32.05 17.14 59.93
N ASN C 122 31.42 17.99 59.13
CA ASN C 122 32.05 18.49 57.91
C ASN C 122 31.88 20.00 57.84
N ASP C 123 32.87 20.68 57.27
CA ASP C 123 32.78 22.12 56.98
C ASP C 123 33.20 22.45 55.55
N GLY C 124 33.10 23.75 55.20
CA GLY C 124 33.44 24.21 53.85
C GLY C 124 34.75 25.00 53.80
N ILE C 125 35.69 24.55 54.60
CA ILE C 125 37.00 25.15 54.54
C ILE C 125 37.54 24.86 53.15
N THR C 126 38.24 25.85 52.58
CA THR C 126 38.74 25.86 51.21
C THR C 126 40.21 26.31 51.21
N HIS C 127 41.04 25.66 50.37
CA HIS C 127 42.44 26.04 50.15
C HIS C 127 42.61 27.53 49.81
N TYR C 128 41.70 28.11 49.02
CA TYR C 128 41.86 29.47 48.50
C TYR C 128 41.64 30.51 49.60
N GLN C 129 41.13 30.12 50.79
CA GLN C 129 40.80 31.09 51.83
C GLN C 129 41.68 30.89 53.07
N MET C 130 42.83 30.27 52.89
CA MET C 130 43.81 30.03 53.93
C MET C 130 44.31 31.33 54.58
N GLU C 131 44.05 32.51 54.00
CA GLU C 131 44.45 33.75 54.64
C GLU C 131 43.78 33.92 56.01
N PHE C 132 42.55 33.38 56.15
CA PHE C 132 41.76 33.53 57.38
C PHE C 132 42.22 32.50 58.40
N PRO C 133 42.43 32.90 59.71
CA PRO C 133 42.84 31.99 60.78
C PRO C 133 42.08 30.66 60.85
N GLU C 134 40.73 30.73 60.79
CA GLU C 134 39.87 29.56 60.95
C GLU C 134 40.06 28.53 59.83
N GLN C 135 40.70 28.95 58.70
CA GLN C 135 40.86 28.13 57.50
C GLN C 135 42.30 27.66 57.28
N ARG C 136 43.16 27.85 58.28
CA ARG C 136 44.60 27.55 58.10
C ARG C 136 44.89 26.12 58.54
N LEU C 137 45.90 25.48 57.96
CA LEU C 137 46.27 24.10 58.26
C LEU C 137 46.50 23.93 59.77
N VAL C 138 47.16 24.91 60.36
CA VAL C 138 47.57 24.74 61.75
C VAL C 138 46.32 24.69 62.64
N ALA C 139 45.29 25.47 62.31
CA ALA C 139 44.05 25.47 63.07
C ALA C 139 43.22 24.24 62.74
N LYS C 140 43.13 23.89 61.46
CA LYS C 140 42.39 22.71 61.06
C LYS C 140 42.94 21.47 61.79
N THR C 141 44.29 21.37 61.89
CA THR C 141 44.92 20.19 62.47
C THR C 141 44.60 20.16 63.97
N PHE C 142 44.71 21.36 64.61
CA PHE C 142 44.42 21.49 66.01
C PHE C 142 42.99 21.03 66.32
N LEU C 143 42.03 21.50 65.54
CA LEU C 143 40.63 21.16 65.76
C LEU C 143 40.34 19.70 65.39
N MET C 144 41.05 19.10 64.41
CA MET C 144 40.82 17.70 64.11
C MET C 144 41.21 16.86 65.33
N GLU C 145 42.34 17.24 65.97
CA GLU C 145 42.83 16.57 67.18
C GLU C 145 41.80 16.76 68.29
N MET C 146 41.33 17.99 68.47
CA MET C 146 40.34 18.28 69.50
C MET C 146 39.11 17.38 69.34
N MET C 147 38.58 17.27 68.14
CA MET C 147 37.37 16.50 67.93
C MET C 147 37.66 15.01 68.08
N ALA C 148 38.88 14.61 67.72
CA ALA C 148 39.23 13.19 67.80
C ALA C 148 39.24 12.76 69.27
N GLN C 149 39.63 13.67 70.17
CA GLN C 149 39.59 13.39 71.60
C GLN C 149 38.19 13.01 72.04
N TYR C 150 37.14 13.39 71.31
CA TYR C 150 35.79 12.94 71.65
C TYR C 150 35.25 11.94 70.63
N ASP C 151 36.12 11.19 69.95
CA ASP C 151 35.73 10.23 68.93
C ASP C 151 34.85 10.87 67.87
N ILE C 152 35.27 12.05 67.39
CA ILE C 152 34.52 12.72 66.35
C ILE C 152 35.45 12.96 65.18
N ASN C 153 34.94 12.61 64.00
CA ASN C 153 35.68 12.76 62.78
C ASN C 153 35.31 14.10 62.16
N TYR C 154 36.33 14.95 61.97
CA TYR C 154 36.17 16.27 61.42
C TYR C 154 36.83 16.33 60.04
N GLN C 155 35.99 16.41 59.01
CA GLN C 155 36.40 16.44 57.61
C GLN C 155 36.08 17.79 56.96
N SER C 156 36.81 18.08 55.89
CA SER C 156 36.63 19.27 55.10
C SER C 156 36.53 18.86 53.64
N PRO C 157 35.36 18.37 53.17
CA PRO C 157 35.30 17.67 51.90
C PRO C 157 35.55 18.50 50.66
N VAL C 158 35.60 19.82 50.74
CA VAL C 158 35.95 20.61 49.56
C VAL C 158 37.27 21.37 49.73
N TYR C 159 37.96 21.13 50.83
CA TYR C 159 39.20 21.91 51.15
C TYR C 159 40.16 21.93 50.00
N GLU C 160 40.56 20.76 49.54
CA GLU C 160 41.59 20.69 48.48
C GLU C 160 41.05 21.18 47.13
N PHE C 161 39.96 20.60 46.66
CA PHE C 161 39.44 20.93 45.31
C PHE C 161 39.33 22.41 45.10
N ALA C 162 39.00 23.15 46.15
CA ALA C 162 38.69 24.55 45.93
C ALA C 162 39.95 25.42 45.82
N GLN C 163 40.58 25.42 44.64
CA GLN C 163 41.75 26.27 44.40
C GLN C 163 41.36 27.74 44.22
N SER C 164 40.18 28.02 43.68
CA SER C 164 39.67 29.40 43.60
C SER C 164 38.17 29.39 43.83
N ALA C 165 37.61 30.59 44.00
CA ALA C 165 36.18 30.73 44.20
C ALA C 165 35.44 30.26 42.94
N ASP C 166 36.00 30.52 41.75
CA ASP C 166 35.37 30.10 40.52
C ASP C 166 35.16 28.58 40.51
N ASP C 167 36.07 27.82 41.15
CA ASP C 167 35.93 26.36 41.20
C ASP C 167 34.63 25.97 41.90
N VAL C 168 34.38 26.55 43.08
CA VAL C 168 33.18 26.20 43.82
C VAL C 168 31.95 26.72 43.07
N LYS C 169 32.04 27.89 42.44
CA LYS C 169 30.88 28.53 41.83
C LYS C 169 30.28 27.61 40.77
N TYR C 170 31.14 27.04 39.93
CA TYR C 170 30.66 26.43 38.70
C TYR C 170 30.09 25.05 39.05
N ARG C 171 30.60 24.41 40.12
CA ARG C 171 30.04 23.14 40.54
C ARG C 171 28.63 23.33 41.10
N LEU C 172 28.47 24.40 41.89
CA LEU C 172 27.17 24.75 42.41
C LEU C 172 26.21 24.97 41.26
N LEU C 173 26.68 25.66 40.24
CA LEU C 173 25.83 25.99 39.11
C LEU C 173 25.37 24.73 38.40
N GLN C 174 26.20 23.69 38.37
CA GLN C 174 25.86 22.43 37.70
C GLN C 174 24.80 21.65 38.49
N LEU C 175 24.58 22.04 39.75
CA LEU C 175 23.55 21.42 40.57
C LEU C 175 22.28 22.24 40.54
N GLY C 176 22.27 23.34 39.77
CA GLY C 176 21.07 24.16 39.65
C GLY C 176 20.84 25.03 40.88
N ILE C 177 21.95 25.25 41.59
CA ILE C 177 22.00 26.11 42.76
C ILE C 177 22.75 27.39 42.43
N SER C 178 22.37 28.45 43.16
CA SER C 178 22.86 29.79 42.92
C SER C 178 24.32 29.91 43.31
N THR C 179 25.07 30.79 42.60
CA THR C 179 26.50 30.86 42.81
C THR C 179 26.84 31.82 43.95
N LYS C 180 25.85 32.57 44.47
CA LYS C 180 26.08 33.65 45.44
C LYS C 180 26.35 33.08 46.83
N SER C 181 27.04 33.84 47.68
CA SER C 181 27.16 33.51 49.09
C SER C 181 25.97 34.11 49.82
N LEU C 182 25.05 33.25 50.27
CA LEU C 182 23.79 33.72 50.80
C LEU C 182 23.81 33.51 52.30
N GLU C 183 24.67 34.29 52.95
CA GLU C 183 24.92 34.13 54.38
C GLU C 183 24.85 35.50 55.03
N GLY C 184 24.76 35.52 56.35
CA GLY C 184 24.93 36.76 57.08
C GLY C 184 26.41 37.10 57.17
N ILE C 185 26.75 38.35 57.50
CA ILE C 185 28.14 38.70 57.69
C ILE C 185 28.34 39.03 59.16
N SER C 186 29.48 38.57 59.67
CA SER C 186 29.97 38.93 60.97
C SER C 186 30.22 40.44 60.98
N ILE C 187 29.94 41.09 62.11
CA ILE C 187 30.24 42.50 62.21
C ILE C 187 31.76 42.64 62.28
N PHE C 188 32.43 41.54 62.67
CA PHE C 188 33.88 41.47 62.82
C PHE C 188 34.59 41.26 61.47
N ALA C 189 33.85 41.05 60.38
CA ALA C 189 34.46 41.00 59.07
C ALA C 189 35.40 42.19 58.84
N ASP C 190 36.61 41.91 58.35
CA ASP C 190 37.56 42.90 57.90
C ASP C 190 37.93 43.86 59.02
N SER C 191 38.03 43.31 60.23
CA SER C 191 38.33 44.07 61.44
C SER C 191 39.68 43.66 62.02
N PHE C 192 40.50 43.04 61.16
CA PHE C 192 41.70 42.33 61.54
C PHE C 192 42.67 42.28 60.35
N SER C 193 43.97 42.28 60.70
CA SER C 193 45.07 41.95 59.79
C SER C 193 45.49 40.50 60.04
N THR C 194 46.38 40.00 59.17
CA THR C 194 46.77 38.59 59.12
C THR C 194 47.69 38.25 60.31
N PRO C 195 47.34 37.22 61.13
CA PRO C 195 48.25 36.73 62.18
C PRO C 195 49.20 35.64 61.69
N SER C 196 50.34 35.47 62.38
CA SER C 196 51.21 34.33 62.10
C SER C 196 50.53 33.01 62.51
N ASP C 197 50.93 31.91 61.84
CA ASP C 197 50.55 30.58 62.26
C ASP C 197 50.87 30.39 63.75
N ASP C 198 52.04 30.85 64.22
CA ASP C 198 52.49 30.59 65.57
C ASP C 198 51.49 31.18 66.57
N VAL C 199 50.97 32.37 66.23
CA VAL C 199 50.04 33.10 67.08
C VAL C 199 48.68 32.40 67.05
N VAL C 200 48.24 31.94 65.89
CA VAL C 200 46.99 31.18 65.78
C VAL C 200 47.00 30.00 66.73
N LEU C 201 48.12 29.30 66.80
CA LEU C 201 48.23 28.08 67.57
C LEU C 201 48.34 28.40 69.05
N ALA C 202 49.07 29.45 69.42
CA ALA C 202 49.16 29.81 70.83
C ALA C 202 47.80 30.24 71.43
N TYR C 203 47.00 30.94 70.59
CA TYR C 203 45.67 31.37 70.98
C TYR C 203 44.79 30.14 71.19
N LEU C 204 44.74 29.26 70.19
CA LEU C 204 43.94 28.05 70.30
C LEU C 204 44.29 27.30 71.59
N ARG C 205 45.59 27.25 71.92
CA ARG C 205 46.03 26.49 73.08
C ARG C 205 45.65 27.19 74.37
N GLU C 206 45.63 28.54 74.35
CA GLU C 206 45.27 29.36 75.50
C GLU C 206 43.78 29.19 75.80
N LYS C 207 42.96 28.92 74.77
CA LYS C 207 41.52 28.91 74.91
C LYS C 207 40.95 27.48 74.98
N ALA C 208 41.79 26.51 74.68
CA ALA C 208 41.29 25.13 74.64
C ALA C 208 40.64 24.81 75.97
N PRO C 209 41.30 25.03 77.13
CA PRO C 209 40.72 24.63 78.43
C PRO C 209 39.31 25.22 78.57
N LEU C 210 39.16 26.51 78.32
CA LEU C 210 37.85 27.19 78.43
C LEU C 210 36.81 26.44 77.60
N ALA C 211 37.21 25.86 76.48
CA ALA C 211 36.26 25.18 75.58
C ALA C 211 35.98 23.77 76.10
N HIS C 212 37.02 23.05 76.49
CA HIS C 212 36.77 21.74 77.07
C HIS C 212 35.85 21.86 78.28
N ASN C 213 36.09 22.92 79.04
CA ASN C 213 35.28 23.21 80.20
C ASN C 213 33.81 23.38 79.79
N ILE C 214 33.56 24.12 78.70
CA ILE C 214 32.22 24.39 78.20
C ILE C 214 31.62 23.07 77.71
N VAL C 215 32.43 22.18 77.15
CA VAL C 215 31.92 20.90 76.67
C VAL C 215 31.37 20.11 77.85
N ASN C 216 32.13 20.14 78.93
CA ASN C 216 31.76 19.48 80.18
C ASN C 216 30.49 20.11 80.77
N PHE C 217 30.39 21.43 80.70
CA PHE C 217 29.22 22.09 81.22
C PHE C 217 28.00 21.64 80.42
N LEU C 218 28.10 21.66 79.10
CA LEU C 218 26.97 21.36 78.22
C LEU C 218 26.53 19.92 78.41
N ALA C 219 27.45 19.05 78.82
CA ALA C 219 27.12 17.65 79.08
C ALA C 219 26.55 17.47 80.49
N GLY C 220 26.54 18.53 81.29
CA GLY C 220 26.01 18.52 82.65
C GLY C 220 26.95 17.83 83.65
N GLU C 221 28.26 17.92 83.45
CA GLU C 221 29.22 17.21 84.27
C GLU C 221 29.85 18.10 85.31
N THR C 222 29.84 19.44 85.10
CA THR C 222 30.37 20.39 86.06
C THR C 222 29.73 21.76 85.90
N LEU C 223 29.87 22.59 86.92
CA LEU C 223 29.56 24.00 86.81
C LEU C 223 30.82 24.84 86.87
N ASN C 224 31.92 24.27 87.38
CA ASN C 224 33.09 25.05 87.81
C ASN C 224 34.02 25.34 86.65
N PRO C 225 34.90 26.39 86.64
CA PRO C 225 35.75 26.70 85.49
C PRO C 225 37.14 26.05 85.47
N SER D 6 -36.63 -3.45 86.34
CA SER D 6 -37.12 -2.12 85.91
C SER D 6 -38.48 -2.32 85.22
N VAL D 7 -39.44 -1.54 85.72
CA VAL D 7 -40.88 -1.79 85.66
C VAL D 7 -41.40 -1.43 84.28
N LYS D 8 -42.53 -2.04 83.91
CA LYS D 8 -43.25 -1.84 82.67
C LYS D 8 -43.94 -0.47 82.56
N PRO D 9 -43.65 0.34 81.52
CA PRO D 9 -44.24 1.67 81.36
C PRO D 9 -45.76 1.64 81.23
N GLN D 10 -46.41 2.63 81.83
CA GLN D 10 -47.85 2.82 81.75
C GLN D 10 -48.16 4.18 81.14
N LEU D 11 -49.39 4.35 80.68
CA LEU D 11 -49.79 5.57 80.02
C LEU D 11 -50.53 6.49 81.00
N VAL D 12 -50.28 7.78 80.88
CA VAL D 12 -51.03 8.75 81.62
C VAL D 12 -51.70 9.71 80.64
N MET D 13 -52.98 9.90 80.84
CA MET D 13 -53.73 10.87 80.07
C MET D 13 -53.39 12.24 80.64
N PHE D 14 -52.64 13.02 79.87
CA PHE D 14 -51.95 14.17 80.42
C PHE D 14 -52.33 15.46 79.71
N THR D 15 -52.91 16.40 80.44
CA THR D 15 -53.37 17.65 79.86
C THR D 15 -52.42 18.79 80.17
N GLY D 16 -51.62 18.65 81.23
CA GLY D 16 -50.84 19.77 81.74
C GLY D 16 -51.46 20.37 83.02
N GLY D 17 -52.68 19.97 83.36
CA GLY D 17 -53.32 20.51 84.55
C GLY D 17 -52.77 19.88 85.82
N ARG D 18 -53.22 20.35 86.96
CA ARG D 18 -52.57 19.89 88.20
C ARG D 18 -52.92 18.43 88.47
N ASP D 19 -54.09 17.99 88.06
CA ASP D 19 -54.55 16.70 88.47
C ASP D 19 -53.81 15.60 87.70
N SER D 20 -53.70 15.74 86.38
CA SER D 20 -53.03 14.71 85.57
C SER D 20 -51.52 14.76 85.78
N THR D 21 -51.00 15.96 86.07
CA THR D 21 -49.60 16.13 86.44
C THR D 21 -49.27 15.33 87.69
N LEU D 22 -50.10 15.45 88.75
CA LEU D 22 -49.82 14.77 90.00
C LEU D 22 -49.96 13.26 89.81
N ALA D 23 -50.90 12.83 88.97
CA ALA D 23 -51.05 11.41 88.73
C ALA D 23 -49.78 10.87 88.05
N ALA D 24 -49.28 11.58 87.05
CA ALA D 24 -48.06 11.16 86.40
C ALA D 24 -46.93 11.11 87.43
N CYS D 25 -46.76 12.20 88.19
CA CYS D 25 -45.68 12.33 89.13
C CYS D 25 -45.71 11.23 90.22
N TYR D 26 -46.89 10.94 90.75
CA TYR D 26 -47.00 9.92 91.76
C TYR D 26 -46.58 8.56 91.19
N LEU D 27 -46.90 8.30 89.94
CA LEU D 27 -46.50 7.04 89.36
C LEU D 27 -44.98 6.99 89.24
N MET D 28 -44.40 8.11 88.83
CA MET D 28 -42.97 8.09 88.60
C MET D 28 -42.22 8.03 89.94
N LEU D 29 -42.83 8.54 91.02
CA LEU D 29 -42.20 8.46 92.32
C LEU D 29 -42.05 7.00 92.75
N GLN D 30 -42.96 6.17 92.25
CA GLN D 30 -42.94 4.76 92.56
C GLN D 30 -41.99 4.00 91.65
N GLY D 31 -41.32 4.69 90.72
CA GLY D 31 -40.40 4.00 89.81
C GLY D 31 -41.11 3.39 88.59
N ILE D 32 -42.36 3.78 88.36
CA ILE D 32 -43.10 3.36 87.17
C ILE D 32 -42.85 4.36 86.06
N PRO D 33 -42.24 4.01 84.93
CA PRO D 33 -42.11 4.95 83.82
C PRO D 33 -43.46 5.29 83.23
N VAL D 34 -43.63 6.51 82.69
CA VAL D 34 -44.89 6.94 82.11
C VAL D 34 -44.69 7.45 80.70
N HIS D 35 -45.61 7.05 79.83
CA HIS D 35 -45.81 7.60 78.50
C HIS D 35 -46.97 8.60 78.63
N LEU D 36 -46.65 9.89 78.52
CA LEU D 36 -47.65 10.93 78.63
C LEU D 36 -48.42 10.95 77.31
N TRP D 37 -49.77 10.97 77.37
CA TRP D 37 -50.57 10.97 76.17
C TRP D 37 -51.56 12.14 76.25
N SER D 38 -51.50 13.03 75.26
CA SER D 38 -52.30 14.23 75.16
C SER D 38 -53.18 14.15 73.91
N GLY D 39 -54.50 14.22 74.13
CA GLY D 39 -55.50 14.24 73.09
C GLY D 39 -55.82 15.71 72.73
N ASN D 40 -55.62 16.06 71.47
CA ASN D 40 -56.10 17.29 70.87
C ASN D 40 -57.40 17.04 70.13
N SER D 41 -58.51 17.48 70.68
CA SER D 41 -59.83 17.16 70.14
C SER D 41 -60.27 18.25 69.15
N GLY D 42 -59.43 19.25 68.93
CA GLY D 42 -59.70 20.18 67.85
C GLY D 42 -60.28 21.47 68.35
N CYS D 43 -60.69 21.52 69.62
CA CYS D 43 -61.35 22.77 70.03
C CYS D 43 -60.67 23.43 71.23
N SER D 44 -59.36 23.33 71.32
CA SER D 44 -58.64 23.84 72.48
C SER D 44 -57.95 25.15 72.17
N LEU D 45 -58.08 26.10 73.11
CA LEU D 45 -57.48 27.41 72.97
C LEU D 45 -56.28 27.50 73.89
N HIS D 46 -55.22 28.17 73.43
CA HIS D 46 -54.09 28.54 74.25
C HIS D 46 -53.42 27.32 74.89
N ARG D 47 -52.99 26.36 74.07
CA ARG D 47 -52.45 25.10 74.61
C ARG D 47 -50.92 25.15 74.69
N GLY D 48 -50.32 26.25 74.31
CA GLY D 48 -48.88 26.34 74.24
C GLY D 48 -48.19 26.10 75.58
N ILE D 49 -48.87 26.40 76.70
CA ILE D 49 -48.25 26.35 78.02
C ILE D 49 -48.01 24.90 78.46
N LEU D 50 -48.60 23.94 77.75
CA LEU D 50 -48.39 22.53 78.05
C LEU D 50 -46.90 22.21 78.12
N SER D 51 -46.12 22.65 77.16
CA SER D 51 -44.76 22.16 77.04
C SER D 51 -43.87 22.68 78.17
N HIS D 52 -44.26 23.80 78.82
CA HIS D 52 -43.57 24.24 80.04
C HIS D 52 -43.73 23.18 81.12
N ARG D 53 -44.96 22.69 81.29
CA ARG D 53 -45.22 21.65 82.27
C ARG D 53 -44.42 20.40 81.94
N VAL D 54 -44.35 20.01 80.66
CA VAL D 54 -43.63 18.80 80.31
C VAL D 54 -42.17 18.93 80.68
N GLU D 55 -41.59 20.15 80.55
CA GLU D 55 -40.16 20.33 80.77
C GLU D 55 -39.89 20.18 82.27
N GLU D 56 -40.72 20.81 83.11
CA GLU D 56 -40.69 20.67 84.57
C GLU D 56 -40.61 19.19 84.96
N MET D 57 -41.31 18.33 84.21
CA MET D 57 -41.47 16.94 84.57
C MET D 57 -40.27 16.11 84.14
N LYS D 58 -39.72 16.39 82.95
CA LYS D 58 -38.46 15.78 82.55
C LYS D 58 -37.36 16.24 83.49
N ASN D 59 -37.40 17.49 83.92
CA ASN D 59 -36.40 18.02 84.84
C ASN D 59 -36.43 17.29 86.16
N ARG D 60 -37.65 16.98 86.62
CA ARG D 60 -37.82 16.45 87.97
C ARG D 60 -37.66 14.92 87.97
N PHE D 61 -37.93 14.22 86.86
CA PHE D 61 -38.00 12.77 86.91
C PHE D 61 -37.15 12.08 85.85
N GLY D 62 -36.58 12.82 84.89
CA GLY D 62 -35.64 12.29 83.91
C GLY D 62 -36.22 11.21 83.00
N ASP D 63 -35.55 10.06 82.96
CA ASP D 63 -35.88 8.97 82.02
C ASP D 63 -37.18 8.27 82.34
N LEU D 64 -37.76 8.54 83.51
CA LEU D 64 -39.07 7.93 83.83
C LEU D 64 -40.12 8.51 82.89
N VAL D 65 -39.91 9.73 82.38
CA VAL D 65 -40.79 10.25 81.36
C VAL D 65 -40.36 9.64 80.03
N VAL D 66 -41.09 8.64 79.52
CA VAL D 66 -40.54 7.88 78.42
C VAL D 66 -40.93 8.50 77.09
N GLY D 67 -42.01 9.28 77.08
CA GLY D 67 -42.59 9.79 75.84
C GLY D 67 -43.63 10.85 76.14
N HIS D 68 -43.81 11.78 75.20
CA HIS D 68 -45.03 12.58 75.13
C HIS D 68 -45.62 12.42 73.73
N THR D 69 -46.84 11.87 73.64
CA THR D 69 -47.59 11.78 72.40
C THR D 69 -48.73 12.78 72.43
N VAL D 70 -48.83 13.60 71.38
CA VAL D 70 -49.97 14.49 71.21
C VAL D 70 -50.74 13.96 70.02
N ALA D 71 -51.98 13.53 70.25
CA ALA D 71 -52.75 12.81 69.23
C ALA D 71 -53.87 13.71 68.75
N ASP D 72 -54.06 13.79 67.45
CA ASP D 72 -55.21 14.47 66.88
C ASP D 72 -56.39 13.52 66.96
N ILE D 73 -57.34 13.80 67.85
CA ILE D 73 -58.52 12.96 67.98
C ILE D 73 -59.77 13.74 67.56
N SER D 74 -59.59 14.78 66.71
CA SER D 74 -60.72 15.61 66.34
C SER D 74 -61.78 14.80 65.61
N GLY D 75 -61.37 13.82 64.84
CA GLY D 75 -62.31 13.05 64.03
C GLY D 75 -63.22 12.20 64.86
N ALA D 76 -62.66 11.43 65.78
CA ALA D 76 -63.50 10.63 66.66
C ALA D 76 -64.34 11.52 67.59
N PHE D 77 -63.79 12.61 68.09
CA PHE D 77 -64.58 13.56 68.89
C PHE D 77 -65.80 13.98 68.12
N ARG D 78 -65.59 14.49 66.92
CA ARG D 78 -66.73 15.00 66.15
C ARG D 78 -67.74 13.88 65.97
N SER D 79 -67.27 12.73 65.52
CA SER D 79 -68.18 11.61 65.29
C SER D 79 -69.10 11.32 66.47
N ILE D 80 -68.51 11.30 67.66
CA ILE D 80 -69.20 10.90 68.89
C ILE D 80 -70.02 12.05 69.49
N ALA D 81 -69.46 13.27 69.52
CA ALA D 81 -69.98 14.34 70.35
C ALA D 81 -70.62 15.50 69.60
N ILE D 82 -70.10 15.80 68.39
CA ILE D 82 -70.50 17.00 67.65
C ILE D 82 -71.49 16.70 66.51
N GLU D 83 -71.24 15.65 65.73
CA GLU D 83 -71.97 15.35 64.51
C GLU D 83 -73.48 15.43 64.73
N ALA D 84 -73.96 14.93 65.88
CA ALA D 84 -75.39 14.87 66.13
C ALA D 84 -75.78 15.74 67.33
N LEU D 85 -75.10 16.87 67.51
CA LEU D 85 -75.28 17.74 68.67
C LEU D 85 -76.74 18.22 68.83
N GLU D 86 -77.43 18.61 67.77
CA GLU D 86 -78.82 19.00 67.89
C GLU D 86 -79.65 17.93 68.59
N GLN D 87 -79.54 16.70 68.08
CA GLN D 87 -80.34 15.59 68.58
C GLN D 87 -79.94 15.27 70.00
N ASP D 88 -78.65 15.15 70.24
CA ASP D 88 -78.06 14.86 71.54
C ASP D 88 -78.58 15.81 72.64
N ILE D 89 -78.73 17.10 72.32
CA ILE D 89 -79.06 18.09 73.32
C ILE D 89 -80.57 18.07 73.51
N LEU D 90 -81.33 17.94 72.42
CA LEU D 90 -82.79 17.88 72.52
C LEU D 90 -83.19 16.67 73.35
N LYS D 91 -82.42 15.59 73.26
CA LYS D 91 -82.73 14.35 73.93
C LYS D 91 -82.38 14.45 75.41
N TYR D 92 -81.16 14.80 75.74
CA TYR D 92 -80.72 14.75 77.13
C TYR D 92 -80.88 16.09 77.85
N ARG D 93 -81.25 17.14 77.12
CA ARG D 93 -81.52 18.46 77.76
C ARG D 93 -80.26 18.93 78.47
N LYS D 94 -79.10 18.52 77.99
CA LYS D 94 -77.79 18.84 78.54
C LYS D 94 -76.73 18.70 77.46
N ASN D 95 -75.69 19.54 77.59
CA ASN D 95 -74.60 19.60 76.67
C ASN D 95 -73.49 18.70 77.18
N LEU D 96 -73.40 17.50 76.58
CA LEU D 96 -72.48 16.49 77.08
C LEU D 96 -71.29 16.29 76.17
N VAL D 97 -70.88 17.32 75.44
CA VAL D 97 -69.77 17.20 74.52
C VAL D 97 -68.50 16.70 75.24
N LEU D 98 -68.25 17.23 76.47
CA LEU D 98 -66.99 16.96 77.12
C LEU D 98 -66.99 15.53 77.69
N LEU D 99 -68.17 14.91 77.79
CA LEU D 99 -68.29 13.51 78.12
C LEU D 99 -67.97 12.67 76.89
N GLY D 100 -68.64 12.96 75.76
CA GLY D 100 -68.24 12.45 74.47
C GLY D 100 -66.71 12.49 74.28
N GLU D 101 -66.09 13.63 74.60
CA GLU D 101 -64.67 13.82 74.35
C GLU D 101 -63.88 12.72 75.09
N LYS D 102 -64.35 12.32 76.28
CA LYS D 102 -63.63 11.35 77.09
C LYS D 102 -63.79 9.97 76.46
N LEU D 103 -65.01 9.70 75.97
CA LEU D 103 -65.24 8.45 75.25
C LEU D 103 -64.28 8.39 74.06
N ALA D 104 -64.15 9.49 73.32
CA ALA D 104 -63.28 9.54 72.16
C ALA D 104 -61.86 9.23 72.54
N ILE D 105 -61.41 9.80 73.66
CA ILE D 105 -60.07 9.57 74.15
C ILE D 105 -59.87 8.08 74.38
N HIS D 106 -60.83 7.46 75.08
CA HIS D 106 -60.75 6.04 75.46
C HIS D 106 -60.69 5.11 74.21
N ALA D 107 -61.51 5.43 73.20
CA ALA D 107 -61.43 4.76 71.92
C ALA D 107 -60.01 4.84 71.36
N HIS D 108 -59.45 6.04 71.25
CA HIS D 108 -58.09 6.17 70.74
C HIS D 108 -57.07 5.43 71.61
N LEU D 109 -57.28 5.40 72.93
CA LEU D 109 -56.34 4.77 73.83
C LEU D 109 -56.36 3.26 73.65
N VAL D 110 -57.51 2.66 73.33
CA VAL D 110 -57.55 1.25 73.02
C VAL D 110 -56.60 0.96 71.85
N ASP D 111 -56.73 1.74 70.78
CA ASP D 111 -55.89 1.52 69.63
C ASP D 111 -54.43 1.78 69.99
N PHE D 112 -54.19 2.82 70.77
CA PHE D 112 -52.82 3.22 71.05
C PHE D 112 -52.16 2.17 71.92
N CYS D 113 -52.85 1.75 72.99
CA CYS D 113 -52.36 0.68 73.86
C CYS D 113 -52.03 -0.57 73.08
N ARG D 114 -52.95 -1.04 72.26
CA ARG D 114 -52.73 -2.25 71.43
C ARG D 114 -51.50 -2.08 70.54
N ARG D 115 -51.30 -0.91 69.92
CA ARG D 115 -50.19 -0.67 68.99
C ARG D 115 -48.88 -0.40 69.71
N ASN D 116 -48.86 -0.08 71.00
CA ASN D 116 -47.61 0.18 71.68
C ASN D 116 -47.40 -0.70 72.91
N ASP D 117 -48.04 -1.88 72.97
CA ASP D 117 -47.81 -2.79 74.10
C ASP D 117 -47.92 -2.08 75.46
N ILE D 118 -49.05 -1.45 75.74
CA ILE D 118 -49.31 -0.79 77.02
C ILE D 118 -50.62 -1.35 77.56
N ASN D 119 -50.70 -1.71 78.84
CA ASN D 119 -51.95 -2.27 79.32
C ASN D 119 -52.44 -1.62 80.61
N THR D 120 -51.74 -0.59 81.09
CA THR D 120 -52.32 0.27 82.12
C THR D 120 -52.42 1.72 81.61
N ILE D 121 -53.61 2.29 81.75
CA ILE D 121 -53.79 3.71 81.49
C ILE D 121 -54.23 4.39 82.79
N ASN D 122 -53.76 5.63 82.97
CA ASN D 122 -54.06 6.37 84.19
C ASN D 122 -54.51 7.77 83.81
N ASP D 123 -55.44 8.32 84.59
CA ASP D 123 -55.88 9.71 84.44
C ASP D 123 -55.86 10.46 85.78
N GLY D 124 -56.15 11.76 85.69
CA GLY D 124 -56.15 12.64 86.84
C GLY D 124 -57.56 13.01 87.31
N ILE D 125 -58.45 12.05 87.17
CA ILE D 125 -59.78 12.27 87.69
C ILE D 125 -59.63 12.41 89.20
N THR D 126 -60.45 13.32 89.76
CA THR D 126 -60.39 13.72 91.17
C THR D 126 -61.78 13.72 91.79
N HIS D 127 -61.96 13.22 93.03
CA HIS D 127 -63.19 13.30 93.80
C HIS D 127 -63.81 14.69 93.82
N TYR D 128 -63.02 15.75 93.93
CA TYR D 128 -63.53 17.11 94.10
C TYR D 128 -64.15 17.66 92.82
N GLN D 129 -64.00 16.98 91.68
CA GLN D 129 -64.49 17.46 90.40
C GLN D 129 -65.55 16.53 89.85
N MET D 130 -66.22 15.75 90.70
CA MET D 130 -67.29 14.84 90.33
C MET D 130 -68.52 15.63 89.84
N GLU D 131 -68.50 16.95 89.84
CA GLU D 131 -69.68 17.64 89.26
C GLU D 131 -69.64 17.48 87.75
N PHE D 132 -68.45 17.23 87.21
CA PHE D 132 -68.26 17.11 85.75
C PHE D 132 -68.61 15.70 85.37
N PRO D 133 -69.27 15.47 84.23
CA PRO D 133 -69.73 14.12 83.83
C PRO D 133 -68.59 13.14 83.69
N GLU D 134 -67.48 13.56 83.09
CA GLU D 134 -66.32 12.68 82.83
C GLU D 134 -65.73 12.11 84.12
N GLN D 135 -65.94 12.76 85.25
CA GLN D 135 -65.30 12.35 86.52
C GLN D 135 -66.30 11.75 87.51
N ARG D 136 -67.46 11.34 87.03
CA ARG D 136 -68.48 10.70 87.89
C ARG D 136 -68.21 9.20 87.94
N LEU D 137 -68.59 8.53 89.02
CA LEU D 137 -68.32 7.09 89.18
C LEU D 137 -69.09 6.33 88.10
N VAL D 138 -70.24 6.84 87.71
CA VAL D 138 -71.09 6.09 86.75
C VAL D 138 -70.32 6.05 85.43
N ALA D 139 -69.62 7.14 85.14
CA ALA D 139 -68.82 7.18 83.92
C ALA D 139 -67.51 6.44 84.08
N LYS D 140 -66.86 6.66 85.23
CA LYS D 140 -65.61 5.97 85.51
C LYS D 140 -65.81 4.46 85.42
N THR D 141 -66.95 3.95 85.97
CA THR D 141 -67.20 2.52 86.06
C THR D 141 -67.45 2.00 84.65
N PHE D 142 -68.25 2.78 83.88
CA PHE D 142 -68.57 2.42 82.51
C PHE D 142 -67.28 2.27 81.70
N LEU D 143 -66.37 3.25 81.80
CA LEU D 143 -65.14 3.21 81.05
C LEU D 143 -64.17 2.16 81.57
N MET D 144 -64.18 1.83 82.86
CA MET D 144 -63.33 0.77 83.37
C MET D 144 -63.74 -0.55 82.69
N GLU D 145 -65.07 -0.77 82.60
CA GLU D 145 -65.62 -1.94 81.95
C GLU D 145 -65.20 -1.95 80.47
N MET D 146 -65.38 -0.81 79.80
CA MET D 146 -65.05 -0.69 78.40
C MET D 146 -63.60 -1.09 78.16
N MET D 147 -62.67 -0.56 78.95
CA MET D 147 -61.26 -0.79 78.71
C MET D 147 -60.94 -2.26 79.08
N ALA D 148 -61.65 -2.81 80.07
CA ALA D 148 -61.37 -4.16 80.50
C ALA D 148 -61.69 -5.15 79.38
N GLN D 149 -62.73 -4.83 78.59
CA GLN D 149 -63.09 -5.66 77.46
C GLN D 149 -61.91 -5.81 76.50
N TYR D 150 -60.96 -4.85 76.49
CA TYR D 150 -59.79 -5.02 75.64
C TYR D 150 -58.52 -5.31 76.46
N ASP D 151 -58.67 -5.93 77.64
CA ASP D 151 -57.56 -6.21 78.54
C ASP D 151 -56.72 -4.96 78.80
N ILE D 152 -57.42 -3.87 79.14
CA ILE D 152 -56.73 -2.66 79.51
C ILE D 152 -57.20 -2.27 80.90
N ASN D 153 -56.24 -1.97 81.74
CA ASN D 153 -56.48 -1.55 83.10
C ASN D 153 -56.50 -0.03 83.12
N TYR D 154 -57.65 0.51 83.56
CA TYR D 154 -57.86 1.94 83.65
C TYR D 154 -57.95 2.32 85.13
N GLN D 155 -56.90 3.03 85.58
CA GLN D 155 -56.77 3.50 86.93
C GLN D 155 -56.82 5.01 87.03
N SER D 156 -57.19 5.49 88.23
CA SER D 156 -57.27 6.89 88.52
C SER D 156 -56.50 7.14 89.81
N PRO D 157 -55.17 7.22 89.77
CA PRO D 157 -54.38 7.14 90.99
C PRO D 157 -54.51 8.32 91.95
N VAL D 158 -55.12 9.44 91.53
CA VAL D 158 -55.32 10.51 92.49
C VAL D 158 -56.81 10.75 92.77
N TYR D 159 -57.71 9.91 92.28
CA TYR D 159 -59.15 10.06 92.49
C TYR D 159 -59.49 10.09 93.98
N GLU D 160 -59.03 9.08 94.71
CA GLU D 160 -59.42 8.94 96.09
C GLU D 160 -58.75 10.06 96.89
N PHE D 161 -57.49 10.39 96.61
CA PHE D 161 -56.74 11.29 97.48
C PHE D 161 -57.23 12.76 97.41
N ALA D 162 -57.65 13.17 96.22
CA ALA D 162 -57.89 14.59 95.95
C ALA D 162 -59.30 15.00 96.41
N GLN D 163 -59.44 15.26 97.71
CA GLN D 163 -60.70 15.73 98.27
C GLN D 163 -60.92 17.22 97.93
N SER D 164 -59.84 18.03 97.78
CA SER D 164 -59.96 19.39 97.31
C SER D 164 -58.78 19.73 96.40
N ALA D 165 -58.87 20.88 95.74
CA ALA D 165 -57.82 21.34 94.86
C ALA D 165 -56.57 21.59 95.68
N ASP D 166 -56.75 22.13 96.90
CA ASP D 166 -55.61 22.42 97.76
C ASP D 166 -54.80 21.16 98.02
N ASP D 167 -55.44 19.98 98.07
CA ASP D 167 -54.74 18.72 98.29
C ASP D 167 -53.74 18.48 97.15
N VAL D 168 -54.19 18.59 95.90
CA VAL D 168 -53.28 18.35 94.80
C VAL D 168 -52.20 19.44 94.75
N LYS D 169 -52.56 20.68 95.07
CA LYS D 169 -51.65 21.80 94.88
C LYS D 169 -50.41 21.61 95.73
N TYR D 170 -50.59 21.19 96.98
CA TYR D 170 -49.51 21.26 97.92
C TYR D 170 -48.58 20.06 97.70
N ARG D 171 -49.09 18.96 97.18
CA ARG D 171 -48.23 17.84 96.84
C ARG D 171 -47.35 18.19 95.65
N LEU D 172 -47.95 18.85 94.66
CA LEU D 172 -47.19 19.33 93.51
C LEU D 172 -46.07 20.23 93.99
N LEU D 173 -46.40 21.10 94.92
CA LEU D 173 -45.43 22.06 95.38
C LEU D 173 -44.26 21.36 96.05
N GLN D 174 -44.50 20.24 96.73
CA GLN D 174 -43.46 19.47 97.42
C GLN D 174 -42.54 18.75 96.42
N LEU D 175 -42.95 18.69 95.15
CA LEU D 175 -42.11 18.12 94.11
C LEU D 175 -41.37 19.20 93.34
N GLY D 176 -41.54 20.46 93.76
CA GLY D 176 -40.86 21.59 93.12
C GLY D 176 -41.49 21.94 91.79
N ILE D 177 -42.76 21.54 91.64
CA ILE D 177 -43.56 21.81 90.47
C ILE D 177 -44.65 22.83 90.79
N SER D 178 -45.03 23.58 89.74
CA SER D 178 -45.92 24.71 89.87
C SER D 178 -47.34 24.25 90.20
N THR D 179 -48.08 25.09 90.93
CA THR D 179 -49.39 24.67 91.40
C THR D 179 -50.47 24.96 90.36
N LYS D 180 -50.14 25.69 89.29
CA LYS D 180 -51.10 26.22 88.33
C LYS D 180 -51.56 25.11 87.38
N SER D 181 -52.78 25.27 86.79
CA SER D 181 -53.18 24.38 85.71
C SER D 181 -52.66 24.95 84.40
N LEU D 182 -51.68 24.27 83.81
CA LEU D 182 -50.97 24.81 82.67
C LEU D 182 -51.40 24.01 81.45
N GLU D 183 -52.68 24.20 81.11
CA GLU D 183 -53.32 23.45 80.06
C GLU D 183 -54.06 24.45 79.20
N GLY D 184 -54.45 24.01 78.01
CA GLY D 184 -55.35 24.79 77.20
C GLY D 184 -56.77 24.66 77.79
N ILE D 185 -57.67 25.52 77.33
CA ILE D 185 -59.06 25.42 77.73
C ILE D 185 -59.85 25.02 76.49
N SER D 186 -60.79 24.11 76.74
CA SER D 186 -61.83 23.77 75.80
C SER D 186 -62.67 25.02 75.56
N ILE D 187 -63.13 25.21 74.32
CA ILE D 187 -63.99 26.34 74.06
C ILE D 187 -65.34 26.04 74.72
N PHE D 188 -65.60 24.74 74.98
CA PHE D 188 -66.79 24.25 75.61
C PHE D 188 -66.78 24.42 77.15
N ALA D 189 -65.71 24.90 77.73
CA ALA D 189 -65.68 25.28 79.13
C ALA D 189 -66.87 26.19 79.46
N ASP D 190 -67.58 25.88 80.57
CA ASP D 190 -68.58 26.79 81.11
C ASP D 190 -69.75 26.87 80.13
N SER D 191 -70.02 25.80 79.37
CA SER D 191 -71.04 25.84 78.30
C SER D 191 -72.18 24.85 78.61
N PHE D 192 -72.22 24.43 79.89
CA PHE D 192 -73.03 23.30 80.28
C PHE D 192 -73.38 23.40 81.76
N SER D 193 -74.58 22.87 82.05
CA SER D 193 -75.08 22.68 83.41
C SER D 193 -74.86 21.23 83.84
N THR D 194 -75.12 20.95 85.12
CA THR D 194 -74.87 19.65 85.73
C THR D 194 -75.89 18.62 85.25
N PRO D 195 -75.49 17.46 84.69
CA PRO D 195 -76.43 16.43 84.30
C PRO D 195 -76.69 15.40 85.41
N SER D 196 -77.85 14.72 85.37
CA SER D 196 -78.06 13.59 86.27
C SER D 196 -77.12 12.42 85.93
N ASP D 197 -76.83 11.60 86.94
CA ASP D 197 -76.06 10.37 86.71
C ASP D 197 -76.76 9.52 85.64
N ASP D 198 -78.11 9.46 85.66
CA ASP D 198 -78.83 8.55 84.79
C ASP D 198 -78.57 8.95 83.33
N VAL D 199 -78.53 10.28 83.11
CA VAL D 199 -78.35 10.85 81.78
C VAL D 199 -76.91 10.63 81.31
N VAL D 200 -75.92 10.80 82.21
CA VAL D 200 -74.54 10.52 81.87
C VAL D 200 -74.37 9.10 81.31
N LEU D 201 -75.04 8.15 81.96
CA LEU D 201 -74.86 6.75 81.63
C LEU D 201 -75.64 6.42 80.36
N ALA D 202 -76.82 7.00 80.15
CA ALA D 202 -77.57 6.74 78.93
C ALA D 202 -76.83 7.25 77.68
N TYR D 203 -76.15 8.38 77.82
CA TYR D 203 -75.36 8.97 76.76
C TYR D 203 -74.21 8.04 76.44
N LEU D 204 -73.43 7.66 77.45
CA LEU D 204 -72.30 6.78 77.22
C LEU D 204 -72.76 5.51 76.50
N ARG D 205 -73.93 4.98 76.88
CA ARG D 205 -74.44 3.75 76.31
C ARG D 205 -74.91 3.96 74.88
N GLU D 206 -75.36 5.16 74.55
CA GLU D 206 -75.85 5.45 73.18
C GLU D 206 -74.67 5.62 72.27
N LYS D 207 -73.53 6.02 72.84
CA LYS D 207 -72.38 6.32 72.00
C LYS D 207 -71.38 5.17 71.98
N ALA D 208 -71.57 4.15 72.80
CA ALA D 208 -70.61 3.06 72.88
C ALA D 208 -70.48 2.36 71.54
N PRO D 209 -71.57 1.97 70.85
CA PRO D 209 -71.48 1.48 69.49
C PRO D 209 -70.54 2.31 68.62
N LEU D 210 -70.70 3.62 68.60
CA LEU D 210 -69.86 4.44 67.71
C LEU D 210 -68.41 4.36 68.19
N ALA D 211 -68.17 4.18 69.48
CA ALA D 211 -66.82 4.17 70.00
C ALA D 211 -66.12 2.85 69.69
N HIS D 212 -66.84 1.75 69.84
CA HIS D 212 -66.26 0.44 69.52
C HIS D 212 -66.00 0.37 68.02
N ASN D 213 -66.92 0.93 67.24
CA ASN D 213 -66.79 0.97 65.81
C ASN D 213 -65.49 1.68 65.40
N ILE D 214 -65.19 2.81 66.04
CA ILE D 214 -64.00 3.59 65.76
C ILE D 214 -62.77 2.81 66.17
N VAL D 215 -62.88 2.02 67.26
CA VAL D 215 -61.75 1.22 67.70
C VAL D 215 -61.41 0.21 66.61
N ASN D 216 -62.46 -0.39 66.05
CA ASN D 216 -62.34 -1.37 64.99
C ASN D 216 -61.76 -0.73 63.74
N PHE D 217 -62.18 0.50 63.44
CA PHE D 217 -61.65 1.15 62.25
C PHE D 217 -60.15 1.36 62.43
N LEU D 218 -59.76 1.91 63.59
CA LEU D 218 -58.37 2.26 63.83
C LEU D 218 -57.49 1.03 63.82
N ALA D 219 -58.06 -0.13 64.15
CA ALA D 219 -57.31 -1.38 64.13
C ALA D 219 -57.28 -1.98 62.74
N GLY D 220 -58.00 -1.39 61.79
CA GLY D 220 -58.06 -1.87 60.41
C GLY D 220 -58.93 -3.10 60.21
N GLU D 221 -59.99 -3.27 61.02
CA GLU D 221 -60.80 -4.47 61.00
C GLU D 221 -62.08 -4.27 60.19
N THR D 222 -62.55 -3.00 60.01
CA THR D 222 -63.74 -2.74 59.24
C THR D 222 -63.77 -1.29 58.74
N LEU D 223 -64.65 -1.04 57.77
CA LEU D 223 -64.80 0.32 57.19
C LEU D 223 -66.29 0.65 57.23
N ASN D 224 -67.10 -0.33 57.62
CA ASN D 224 -68.58 -0.16 57.65
C ASN D 224 -68.97 0.62 58.90
N PRO D 225 -70.05 1.42 58.87
CA PRO D 225 -70.43 2.30 60.00
C PRO D 225 -71.37 1.63 60.98
N PRO D 226 -71.49 2.14 62.23
CA PRO D 226 -72.27 1.47 63.26
C PRO D 226 -73.79 1.66 63.10
N VAL E 7 -44.75 -8.28 55.69
CA VAL E 7 -45.98 -8.20 54.85
C VAL E 7 -45.68 -7.52 53.51
N LYS E 8 -46.21 -8.14 52.46
CA LYS E 8 -45.83 -7.79 51.09
C LYS E 8 -46.53 -6.52 50.59
N PRO E 9 -45.77 -5.47 50.12
CA PRO E 9 -46.36 -4.23 49.68
C PRO E 9 -47.29 -4.41 48.50
N GLN E 10 -48.37 -3.60 48.53
CA GLN E 10 -49.29 -3.52 47.42
C GLN E 10 -49.29 -2.10 46.87
N LEU E 11 -49.81 -1.97 45.65
CA LEU E 11 -49.85 -0.67 45.00
C LEU E 11 -51.24 -0.07 45.17
N VAL E 12 -51.26 1.25 45.36
CA VAL E 12 -52.52 1.95 45.35
C VAL E 12 -52.46 3.01 44.27
N MET E 13 -53.45 2.97 43.41
CA MET E 13 -53.52 4.00 42.37
C MET E 13 -54.11 5.24 43.04
N PHE E 14 -53.27 6.25 43.25
CA PHE E 14 -53.47 7.32 44.20
C PHE E 14 -53.47 8.66 43.49
N THR E 15 -54.57 9.39 43.59
CA THR E 15 -54.71 10.68 42.94
C THR E 15 -54.50 11.82 43.93
N GLY E 16 -54.70 11.56 45.22
CA GLY E 16 -54.76 12.62 46.21
C GLY E 16 -56.18 12.91 46.66
N GLY E 17 -57.17 12.34 45.98
CA GLY E 17 -58.54 12.59 46.32
C GLY E 17 -58.96 11.74 47.51
N ARG E 18 -60.14 11.98 48.05
CA ARG E 18 -60.47 11.29 49.30
C ARG E 18 -60.65 9.80 49.13
N ASP E 19 -61.08 9.35 47.95
CA ASP E 19 -61.42 7.95 47.89
C ASP E 19 -60.15 7.08 47.83
N SER E 20 -59.16 7.48 47.01
CA SER E 20 -57.94 6.71 46.87
C SER E 20 -57.06 6.86 48.12
N THR E 21 -57.13 8.03 48.77
CA THR E 21 -56.48 8.26 50.06
C THR E 21 -56.99 7.27 51.11
N LEU E 22 -58.31 7.10 51.21
CA LEU E 22 -58.89 6.23 52.22
C LEU E 22 -58.55 4.79 51.90
N ALA E 23 -58.48 4.43 50.60
CA ALA E 23 -58.12 3.08 50.24
C ALA E 23 -56.70 2.80 50.70
N ALA E 24 -55.79 3.74 50.45
CA ALA E 24 -54.42 3.57 50.89
C ALA E 24 -54.39 3.41 52.41
N CYS E 25 -55.06 4.33 53.11
CA CYS E 25 -55.04 4.39 54.57
C CYS E 25 -55.63 3.11 55.18
N TYR E 26 -56.72 2.61 54.64
CA TYR E 26 -57.32 1.41 55.17
C TYR E 26 -56.35 0.22 55.01
N LEU E 27 -55.60 0.17 53.93
CA LEU E 27 -54.67 -0.91 53.77
C LEU E 27 -53.55 -0.78 54.82
N MET E 28 -53.12 0.45 55.05
CA MET E 28 -52.01 0.63 55.97
C MET E 28 -52.46 0.39 57.40
N LEU E 29 -53.76 0.60 57.71
CA LEU E 29 -54.26 0.33 59.05
C LEU E 29 -54.14 -1.16 59.34
N GLN E 30 -54.21 -1.97 58.29
CA GLN E 30 -54.10 -3.41 58.41
C GLN E 30 -52.64 -3.85 58.47
N GLY E 31 -51.68 -2.93 58.37
CA GLY E 31 -50.27 -3.29 58.41
C GLY E 31 -49.73 -3.73 57.03
N ILE E 32 -50.48 -3.46 55.96
CA ILE E 32 -50.02 -3.70 54.60
C ILE E 32 -49.30 -2.47 54.09
N PRO E 33 -48.01 -2.52 53.76
CA PRO E 33 -47.34 -1.35 53.19
C PRO E 33 -47.90 -1.02 51.81
N VAL E 34 -47.87 0.26 51.43
CA VAL E 34 -48.41 0.68 50.14
C VAL E 34 -47.35 1.50 49.39
N HIS E 35 -47.25 1.20 48.08
CA HIS E 35 -46.57 2.03 47.12
C HIS E 35 -47.65 2.86 46.43
N LEU E 36 -47.66 4.17 46.71
CA LEU E 36 -48.64 5.05 46.10
C LEU E 36 -48.20 5.31 44.65
N TRP E 37 -49.11 5.18 43.68
CA TRP E 37 -48.76 5.34 42.27
C TRP E 37 -49.71 6.33 41.64
N SER E 38 -49.14 7.42 41.09
CA SER E 38 -49.88 8.52 40.50
C SER E 38 -49.53 8.63 39.01
N GLY E 39 -50.57 8.51 38.18
CA GLY E 39 -50.40 8.63 36.73
C GLY E 39 -50.73 10.02 36.25
N ASN E 40 -49.74 10.69 35.66
CA ASN E 40 -49.86 12.02 35.10
C ASN E 40 -50.04 11.87 33.59
N SER E 41 -51.22 12.10 33.07
CA SER E 41 -51.55 11.85 31.69
C SER E 41 -51.29 13.11 30.85
N GLY E 42 -50.84 14.20 31.48
CA GLY E 42 -50.34 15.32 30.72
C GLY E 42 -51.38 16.42 30.56
N CYS E 43 -52.60 16.16 30.99
CA CYS E 43 -53.63 17.18 30.88
C CYS E 43 -54.27 17.49 32.23
N SER E 44 -53.49 17.41 33.31
CA SER E 44 -53.98 17.75 34.63
C SER E 44 -53.60 19.17 35.04
N LEU E 45 -54.56 19.90 35.61
CA LEU E 45 -54.33 21.27 36.04
C LEU E 45 -54.22 21.29 37.55
N HIS E 46 -53.28 22.10 38.05
CA HIS E 46 -53.17 22.41 39.47
C HIS E 46 -52.97 21.14 40.32
N ARG E 47 -51.91 20.40 40.07
CA ARG E 47 -51.69 19.12 40.76
C ARG E 47 -50.72 19.29 41.92
N GLY E 48 -50.26 20.50 42.17
CA GLY E 48 -49.21 20.69 43.18
C GLY E 48 -49.61 20.19 44.58
N ILE E 49 -50.91 20.24 44.86
CA ILE E 49 -51.47 19.97 46.18
C ILE E 49 -51.40 18.48 46.52
N LEU E 50 -51.10 17.64 45.55
CA LEU E 50 -50.94 16.22 45.79
C LEU E 50 -49.93 15.93 46.91
N SER E 51 -48.77 16.58 46.85
CA SER E 51 -47.68 16.19 47.75
C SER E 51 -47.99 16.61 49.20
N HIS E 52 -48.90 17.58 49.41
CA HIS E 52 -49.41 17.88 50.75
C HIS E 52 -50.12 16.67 51.31
N ARG E 53 -50.97 16.05 50.50
CA ARG E 53 -51.66 14.83 50.90
C ARG E 53 -50.66 13.73 51.24
N VAL E 54 -49.62 13.56 50.44
CA VAL E 54 -48.65 12.50 50.68
C VAL E 54 -47.98 12.70 52.03
N GLU E 55 -47.73 13.96 52.41
CA GLU E 55 -46.97 14.23 53.62
C GLU E 55 -47.86 13.86 54.84
N GLU E 56 -49.14 14.25 54.81
CA GLU E 56 -50.15 13.86 55.78
C GLU E 56 -50.12 12.35 56.04
N MET E 57 -49.86 11.58 54.97
CA MET E 57 -49.97 10.13 55.04
C MET E 57 -48.70 9.51 55.60
N LYS E 58 -47.52 10.05 55.25
CA LYS E 58 -46.28 9.64 55.88
C LYS E 58 -46.33 10.03 57.36
N ASN E 59 -46.92 11.16 57.67
CA ASN E 59 -47.07 11.60 59.05
C ASN E 59 -47.90 10.64 59.85
N ARG E 60 -48.95 10.14 59.25
CA ARG E 60 -49.91 9.32 59.97
C ARG E 60 -49.47 7.84 60.00
N PHE E 61 -48.72 7.36 59.02
CA PHE E 61 -48.48 5.92 58.90
C PHE E 61 -47.02 5.52 58.78
N GLY E 62 -46.11 6.49 58.63
CA GLY E 62 -44.67 6.26 58.68
C GLY E 62 -44.17 5.38 57.53
N ASP E 63 -43.48 4.30 57.88
CA ASP E 63 -42.79 3.41 56.98
C ASP E 63 -43.74 2.63 56.09
N LEU E 64 -44.99 2.56 56.48
CA LEU E 64 -45.96 1.80 55.73
C LEU E 64 -46.18 2.45 54.37
N VAL E 65 -45.73 3.69 54.22
CA VAL E 65 -45.76 4.36 52.88
C VAL E 65 -44.38 4.08 52.30
N VAL E 66 -44.28 3.02 51.50
CA VAL E 66 -42.96 2.60 50.97
C VAL E 66 -42.53 3.62 49.91
N GLY E 67 -43.46 4.32 49.31
CA GLY E 67 -43.05 5.39 48.40
C GLY E 67 -44.14 5.95 47.55
N HIS E 68 -43.82 6.97 46.77
CA HIS E 68 -44.77 7.59 45.84
C HIS E 68 -44.13 7.73 44.48
N THR E 69 -44.70 7.10 43.48
CA THR E 69 -44.26 7.20 42.09
C THR E 69 -45.24 8.07 41.32
N VAL E 70 -44.70 9.09 40.63
CA VAL E 70 -45.52 9.90 39.74
C VAL E 70 -45.03 9.59 38.34
N ALA E 71 -45.90 8.98 37.53
CA ALA E 71 -45.47 8.38 36.28
C ALA E 71 -46.06 9.17 35.14
N ASP E 72 -45.20 9.50 34.17
CA ASP E 72 -45.64 10.22 33.00
C ASP E 72 -46.27 9.22 32.05
N ILE E 73 -47.58 9.26 31.89
CA ILE E 73 -48.26 8.34 30.98
C ILE E 73 -48.87 9.15 29.84
N SER E 74 -48.33 10.35 29.54
CA SER E 74 -48.87 11.16 28.48
C SER E 74 -48.79 10.45 27.15
N GLY E 75 -47.71 9.69 26.94
CA GLY E 75 -47.50 9.06 25.65
C GLY E 75 -48.55 7.97 25.36
N ALA E 76 -48.75 7.07 26.32
CA ALA E 76 -49.75 6.05 26.14
C ALA E 76 -51.16 6.64 26.10
N PHE E 77 -51.42 7.62 26.94
CA PHE E 77 -52.70 8.32 26.93
C PHE E 77 -52.95 8.86 25.52
N ARG E 78 -52.00 9.57 24.94
CA ARG E 78 -52.25 10.19 23.62
C ARG E 78 -52.50 9.08 22.59
N SER E 79 -51.67 8.04 22.63
CA SER E 79 -51.81 6.94 21.69
C SER E 79 -53.21 6.32 21.68
N ILE E 80 -53.74 6.07 22.87
CA ILE E 80 -54.99 5.35 23.05
C ILE E 80 -56.22 6.27 22.90
N ALA E 81 -56.18 7.48 23.42
CA ALA E 81 -57.38 8.30 23.63
C ALA E 81 -57.45 9.56 22.76
N ILE E 82 -56.30 10.17 22.46
CA ILE E 82 -56.23 11.47 21.82
C ILE E 82 -55.90 11.40 20.33
N GLU E 83 -54.94 10.57 19.94
CA GLU E 83 -54.44 10.50 18.57
C GLU E 83 -55.57 10.39 17.55
N ALA E 84 -56.61 9.62 17.88
CA ALA E 84 -57.72 9.39 16.97
C ALA E 84 -59.03 9.92 17.57
N LEU E 85 -58.98 11.06 18.24
CA LEU E 85 -60.13 11.60 18.94
C LEU E 85 -61.30 11.90 17.98
N GLU E 86 -61.04 12.48 16.81
CA GLU E 86 -62.09 12.75 15.86
C GLU E 86 -62.87 11.48 15.53
N GLN E 87 -62.15 10.42 15.18
CA GLN E 87 -62.76 9.18 14.73
C GLN E 87 -63.55 8.57 15.88
N ASP E 88 -62.90 8.47 17.06
CA ASP E 88 -63.47 7.90 18.26
C ASP E 88 -64.83 8.52 18.61
N ILE E 89 -64.93 9.85 18.47
CA ILE E 89 -66.11 10.55 18.92
C ILE E 89 -67.21 10.42 17.87
N LEU E 90 -66.81 10.56 16.59
CA LEU E 90 -67.77 10.47 15.52
C LEU E 90 -68.41 9.09 15.51
N LYS E 91 -67.64 8.08 15.90
CA LYS E 91 -68.10 6.70 15.85
C LYS E 91 -69.04 6.42 17.01
N TYR E 92 -68.61 6.68 18.24
CA TYR E 92 -69.41 6.28 19.39
C TYR E 92 -70.32 7.40 19.90
N ARG E 93 -70.26 8.59 19.29
CA ARG E 93 -71.14 9.71 19.65
C ARG E 93 -71.03 10.07 21.15
N LYS E 94 -69.87 9.79 21.74
CA LYS E 94 -69.55 10.04 23.13
C LYS E 94 -68.04 10.24 23.30
N ASN E 95 -67.69 11.09 24.26
CA ASN E 95 -66.31 11.50 24.48
C ASN E 95 -65.75 10.61 25.57
N LEU E 96 -64.96 9.60 25.13
CA LEU E 96 -64.53 8.57 26.06
C LEU E 96 -63.04 8.69 26.42
N VAL E 97 -62.50 9.91 26.36
CA VAL E 97 -61.08 10.12 26.65
C VAL E 97 -60.74 9.60 28.05
N LEU E 98 -61.62 9.85 29.04
CA LEU E 98 -61.28 9.50 30.41
C LEU E 98 -61.34 7.99 30.65
N LEU E 99 -61.97 7.27 29.75
CA LEU E 99 -61.92 5.83 29.74
C LEU E 99 -60.60 5.35 29.15
N GLY E 100 -60.26 5.85 27.97
CA GLY E 100 -58.91 5.70 27.45
C GLY E 100 -57.82 5.94 28.51
N GLU E 101 -57.94 7.01 29.28
CA GLU E 101 -56.87 7.34 30.26
C GLU E 101 -56.74 6.22 31.28
N LYS E 102 -57.83 5.54 31.58
CA LYS E 102 -57.78 4.47 32.57
C LYS E 102 -57.07 3.26 31.94
N LEU E 103 -57.38 3.00 30.68
CA LEU E 103 -56.68 1.95 29.95
C LEU E 103 -55.19 2.23 29.96
N ALA E 104 -54.81 3.49 29.70
CA ALA E 104 -53.41 3.87 29.67
C ALA E 104 -52.75 3.60 31.02
N ILE E 105 -53.47 3.94 32.09
CA ILE E 105 -52.98 3.72 33.44
C ILE E 105 -52.68 2.23 33.62
N HIS E 106 -53.64 1.40 33.22
CA HIS E 106 -53.55 -0.04 33.41
C HIS E 106 -52.38 -0.68 32.66
N ALA E 107 -52.19 -0.23 31.42
CA ALA E 107 -51.02 -0.59 30.65
C ALA E 107 -49.75 -0.28 31.44
N HIS E 108 -49.59 0.97 31.89
CA HIS E 108 -48.39 1.31 32.65
C HIS E 108 -48.25 0.50 33.95
N LEU E 109 -49.38 0.17 34.60
CA LEU E 109 -49.31 -0.55 35.85
C LEU E 109 -48.85 -1.99 35.64
N VAL E 110 -49.21 -2.60 34.50
CA VAL E 110 -48.69 -3.92 34.20
C VAL E 110 -47.16 -3.87 34.18
N ASP E 111 -46.61 -2.89 33.44
CA ASP E 111 -45.17 -2.81 33.32
C ASP E 111 -44.57 -2.52 34.69
N PHE E 112 -45.22 -1.62 35.44
CA PHE E 112 -44.64 -1.18 36.69
C PHE E 112 -44.64 -2.33 37.70
N CYS E 113 -45.79 -3.01 37.82
CA CYS E 113 -45.89 -4.16 38.70
C CYS E 113 -44.84 -5.22 38.37
N ARG E 114 -44.70 -5.58 37.10
CA ARG E 114 -43.71 -6.60 36.68
C ARG E 114 -42.29 -6.15 37.05
N ARG E 115 -41.96 -4.88 36.85
CA ARG E 115 -40.61 -4.39 37.12
C ARG E 115 -40.36 -4.14 38.62
N ASN E 116 -41.38 -4.08 39.48
CA ASN E 116 -41.11 -3.91 40.89
C ASN E 116 -41.67 -5.03 41.77
N ASP E 117 -41.91 -6.20 41.21
CA ASP E 117 -42.40 -7.33 41.97
C ASP E 117 -43.58 -6.95 42.85
N ILE E 118 -44.67 -6.47 42.24
CA ILE E 118 -45.90 -6.14 42.96
C ILE E 118 -47.02 -6.89 42.26
N ASN E 119 -47.91 -7.55 43.03
CA ASN E 119 -48.94 -8.31 42.31
C ASN E 119 -50.35 -8.03 42.82
N THR E 120 -50.48 -7.08 43.76
CA THR E 120 -51.82 -6.57 44.05
C THR E 120 -51.86 -5.06 43.82
N ILE E 121 -52.86 -4.62 43.07
CA ILE E 121 -53.12 -3.20 42.82
C ILE E 121 -54.48 -2.84 43.42
N ASN E 122 -54.58 -1.65 43.98
CA ASN E 122 -55.82 -1.21 44.59
C ASN E 122 -56.17 0.20 44.11
N ASP E 123 -57.47 0.47 44.00
CA ASP E 123 -57.95 1.81 43.71
C ASP E 123 -59.07 2.26 44.67
N GLY E 124 -59.49 3.51 44.48
CA GLY E 124 -60.50 4.16 45.29
C GLY E 124 -61.85 4.28 44.56
N ILE E 125 -62.15 3.28 43.76
CA ILE E 125 -63.43 3.27 43.12
C ILE E 125 -64.45 3.13 44.24
N THR E 126 -65.58 3.83 44.08
CA THR E 126 -66.61 3.98 45.09
C THR E 126 -67.99 3.75 44.46
N HIS E 127 -68.89 3.08 45.17
CA HIS E 127 -70.29 2.90 44.67
C HIS E 127 -70.94 4.24 44.32
N TYR E 128 -70.72 5.27 45.12
CA TYR E 128 -71.44 6.52 44.95
C TYR E 128 -71.05 7.24 43.65
N GLN E 129 -70.01 6.81 42.95
CA GLN E 129 -69.52 7.53 41.76
C GLN E 129 -69.62 6.69 40.46
N MET E 130 -70.51 5.71 40.46
CA MET E 130 -70.60 4.80 39.30
C MET E 130 -71.12 5.52 38.05
N GLU E 131 -71.63 6.75 38.18
CA GLU E 131 -72.05 7.46 36.98
C GLU E 131 -70.91 7.58 35.96
N PHE E 132 -69.67 7.70 36.44
CA PHE E 132 -68.50 7.88 35.55
C PHE E 132 -68.04 6.52 35.02
N PRO E 133 -67.74 6.39 33.71
CA PRO E 133 -67.39 5.07 33.08
C PRO E 133 -66.31 4.30 33.85
N GLU E 134 -65.19 4.93 34.16
CA GLU E 134 -64.06 4.24 34.84
C GLU E 134 -64.50 3.59 36.15
N GLN E 135 -65.67 3.96 36.65
CA GLN E 135 -66.15 3.49 37.97
C GLN E 135 -67.34 2.52 37.84
N ARG E 136 -67.67 2.14 36.60
CA ARG E 136 -68.77 1.23 36.34
C ARG E 136 -68.23 -0.19 36.34
N LEU E 137 -69.13 -1.12 36.74
CA LEU E 137 -68.85 -2.54 36.80
C LEU E 137 -68.28 -3.00 35.47
N VAL E 138 -68.85 -2.56 34.35
CA VAL E 138 -68.47 -3.17 33.08
C VAL E 138 -67.00 -2.85 32.80
N ALA E 139 -66.55 -1.62 33.14
CA ALA E 139 -65.16 -1.26 32.90
C ALA E 139 -64.25 -1.87 33.96
N LYS E 140 -64.70 -1.83 35.21
CA LYS E 140 -63.90 -2.41 36.29
C LYS E 140 -63.65 -3.89 36.00
N THR E 141 -64.66 -4.62 35.50
CA THR E 141 -64.56 -6.07 35.27
C THR E 141 -63.62 -6.29 34.10
N PHE E 142 -63.74 -5.46 33.05
CA PHE E 142 -62.85 -5.55 31.90
C PHE E 142 -61.41 -5.37 32.34
N LEU E 143 -61.12 -4.29 33.03
CA LEU E 143 -59.73 -3.97 33.41
C LEU E 143 -59.23 -4.95 34.47
N MET E 144 -60.17 -5.65 35.11
CA MET E 144 -59.80 -6.63 36.15
C MET E 144 -59.34 -7.89 35.43
N GLU E 145 -60.02 -8.22 34.34
CA GLU E 145 -59.59 -9.39 33.55
C GLU E 145 -58.26 -9.04 32.92
N MET E 146 -58.15 -7.84 32.36
CA MET E 146 -56.91 -7.43 31.74
C MET E 146 -55.73 -7.68 32.68
N MET E 147 -55.86 -7.29 33.93
CA MET E 147 -54.70 -7.37 34.85
C MET E 147 -54.52 -8.81 35.33
N ALA E 148 -55.59 -9.59 35.26
CA ALA E 148 -55.49 -10.99 35.65
C ALA E 148 -54.67 -11.74 34.61
N GLN E 149 -54.80 -11.35 33.34
CA GLN E 149 -54.01 -11.95 32.28
C GLN E 149 -52.52 -11.80 32.56
N TYR E 150 -52.09 -10.83 33.36
CA TYR E 150 -50.68 -10.73 33.72
C TYR E 150 -50.43 -11.11 35.19
N ASP E 151 -51.30 -11.95 35.77
CA ASP E 151 -51.21 -12.37 37.15
C ASP E 151 -51.13 -11.17 38.08
N ILE E 152 -52.03 -10.20 37.85
CA ILE E 152 -52.09 -9.06 38.75
C ILE E 152 -53.50 -8.97 39.29
N ASN E 153 -53.57 -8.87 40.62
CA ASN E 153 -54.82 -8.83 41.34
C ASN E 153 -55.23 -7.37 41.53
N TYR E 154 -56.39 -7.02 41.00
CA TYR E 154 -56.92 -5.66 41.04
C TYR E 154 -58.14 -5.62 41.97
N GLN E 155 -57.96 -4.97 43.11
CA GLN E 155 -58.96 -4.86 44.18
C GLN E 155 -59.42 -3.41 44.36
N SER E 156 -60.62 -3.24 44.93
CA SER E 156 -61.18 -1.92 45.18
C SER E 156 -61.65 -1.85 46.62
N PRO E 157 -60.73 -1.64 47.59
CA PRO E 157 -61.06 -1.87 48.99
C PRO E 157 -62.07 -0.93 49.61
N VAL E 158 -62.42 0.19 48.97
CA VAL E 158 -63.47 1.03 49.55
C VAL E 158 -64.72 1.07 48.68
N TYR E 159 -64.80 0.25 47.61
CA TYR E 159 -65.97 0.25 46.72
C TYR E 159 -67.28 0.03 47.49
N GLU E 160 -67.31 -1.04 48.29
CA GLU E 160 -68.58 -1.43 48.89
C GLU E 160 -68.94 -0.40 49.95
N PHE E 161 -67.98 0.05 50.74
CA PHE E 161 -68.26 0.85 51.93
C PHE E 161 -68.75 2.27 51.60
N ALA E 162 -68.24 2.85 50.51
CA ALA E 162 -68.48 4.25 50.20
C ALA E 162 -69.85 4.47 49.53
N GLN E 163 -70.91 4.51 50.36
CA GLN E 163 -72.25 4.78 49.85
C GLN E 163 -72.42 6.27 49.52
N SER E 164 -71.73 7.17 50.25
CA SER E 164 -71.73 8.58 49.91
C SER E 164 -70.34 9.17 50.19
N ALA E 165 -70.15 10.41 49.73
CA ALA E 165 -68.89 11.10 49.94
C ALA E 165 -68.70 11.32 51.44
N ASP E 166 -69.77 11.63 52.15
CA ASP E 166 -69.68 11.90 53.59
C ASP E 166 -69.12 10.67 54.33
N ASP E 167 -69.39 9.44 53.82
CA ASP E 167 -68.85 8.24 54.44
C ASP E 167 -67.31 8.27 54.42
N VAL E 168 -66.72 8.54 53.25
CA VAL E 168 -65.29 8.58 53.13
C VAL E 168 -64.72 9.75 53.93
N LYS E 169 -65.42 10.89 53.95
CA LYS E 169 -64.87 12.10 54.53
C LYS E 169 -64.60 11.85 56.02
N TYR E 170 -65.55 11.22 56.70
CA TYR E 170 -65.53 11.23 58.15
C TYR E 170 -64.57 10.15 58.63
N ARG E 171 -64.32 9.11 57.84
CA ARG E 171 -63.32 8.13 58.20
C ARG E 171 -61.92 8.76 58.10
N LEU E 172 -61.71 9.53 57.05
CA LEU E 172 -60.47 10.26 56.90
C LEU E 172 -60.26 11.17 58.10
N LEU E 173 -61.32 11.84 58.52
CA LEU E 173 -61.22 12.77 59.61
C LEU E 173 -60.80 12.05 60.90
N GLN E 174 -61.25 10.80 61.09
CA GLN E 174 -60.92 10.00 62.27
C GLN E 174 -59.44 9.57 62.25
N LEU E 175 -58.76 9.71 61.11
CA LEU E 175 -57.36 9.41 61.00
C LEU E 175 -56.53 10.68 61.13
N GLY E 176 -57.19 11.83 61.34
CA GLY E 176 -56.50 13.11 61.49
C GLY E 176 -56.04 13.64 60.15
N ILE E 177 -56.66 13.16 59.08
CA ILE E 177 -56.38 13.58 57.73
C ILE E 177 -57.55 14.44 57.19
N SER E 178 -57.19 15.32 56.26
CA SER E 178 -58.09 16.33 55.73
C SER E 178 -59.19 15.70 54.88
N THR E 179 -60.38 16.33 54.86
CA THR E 179 -61.48 15.72 54.16
C THR E 179 -61.51 16.15 52.71
N LYS E 180 -60.64 17.09 52.30
CA LYS E 180 -60.69 17.70 50.97
C LYS E 180 -60.13 16.75 49.91
N SER E 181 -60.56 16.90 48.64
CA SER E 181 -59.91 16.17 47.54
C SER E 181 -58.75 17.01 47.04
N LEU E 182 -57.55 16.56 47.32
CA LEU E 182 -56.34 17.35 47.11
C LEU E 182 -55.62 16.77 45.89
N GLU E 183 -56.26 16.95 44.75
CA GLU E 183 -55.84 16.34 43.51
C GLU E 183 -55.90 17.42 42.46
N GLY E 184 -55.20 17.19 41.36
CA GLY E 184 -55.37 18.03 40.18
C GLY E 184 -56.63 17.59 39.46
N ILE E 185 -57.13 18.45 38.56
CA ILE E 185 -58.31 18.10 37.81
C ILE E 185 -57.90 17.92 36.35
N SER E 186 -58.49 16.89 35.74
CA SER E 186 -58.41 16.70 34.31
C SER E 186 -59.09 17.86 33.62
N ILE E 187 -58.53 18.31 32.50
CA ILE E 187 -59.19 19.39 31.78
C ILE E 187 -60.42 18.80 31.12
N PHE E 188 -60.42 17.45 30.97
CA PHE E 188 -61.52 16.72 30.33
C PHE E 188 -62.66 16.42 31.28
N ALA E 189 -62.50 16.77 32.59
CA ALA E 189 -63.58 16.57 33.53
C ALA E 189 -64.81 17.28 32.99
N ASP E 190 -65.97 16.60 33.05
CA ASP E 190 -67.28 17.17 32.83
C ASP E 190 -67.38 17.71 31.40
N SER E 191 -66.73 17.00 30.46
CA SER E 191 -66.67 17.38 29.05
C SER E 191 -67.41 16.38 28.15
N PHE E 192 -68.33 15.66 28.79
CA PHE E 192 -68.96 14.46 28.26
C PHE E 192 -70.32 14.22 28.90
N SER E 193 -71.22 13.60 28.12
CA SER E 193 -72.47 13.03 28.59
C SER E 193 -72.31 11.51 28.81
N THR E 194 -73.32 10.87 29.42
CA THR E 194 -73.24 9.50 29.89
C THR E 194 -73.30 8.52 28.71
N PRO E 195 -72.29 7.61 28.53
CA PRO E 195 -72.37 6.55 27.54
C PRO E 195 -73.06 5.28 28.03
N SER E 196 -73.65 4.52 27.10
CA SER E 196 -74.16 3.20 27.47
C SER E 196 -73.03 2.26 27.89
N ASP E 197 -73.36 1.27 28.74
CA ASP E 197 -72.44 0.20 29.06
C ASP E 197 -71.92 -0.45 27.78
N ASP E 198 -72.78 -0.68 26.78
CA ASP E 198 -72.38 -1.43 25.59
C ASP E 198 -71.27 -0.67 24.86
N VAL E 199 -71.39 0.66 24.85
CA VAL E 199 -70.44 1.54 24.18
C VAL E 199 -69.12 1.58 24.95
N VAL E 200 -69.19 1.66 26.27
CA VAL E 200 -67.99 1.60 27.11
C VAL E 200 -67.16 0.36 26.79
N LEU E 201 -67.83 -0.77 26.63
CA LEU E 201 -67.17 -2.04 26.46
C LEU E 201 -66.66 -2.17 25.04
N ALA E 202 -67.38 -1.68 24.04
CA ALA E 202 -66.88 -1.72 22.67
C ALA E 202 -65.60 -0.88 22.48
N TYR E 203 -65.57 0.28 23.16
CA TYR E 203 -64.41 1.16 23.14
C TYR E 203 -63.22 0.44 23.79
N LEU E 204 -63.42 -0.07 25.01
CA LEU E 204 -62.35 -0.77 25.70
C LEU E 204 -61.79 -1.89 24.80
N ARG E 205 -62.67 -2.59 24.10
CA ARG E 205 -62.25 -3.72 23.27
C ARG E 205 -61.52 -3.25 22.03
N GLU E 206 -61.91 -2.07 21.51
CA GLU E 206 -61.27 -1.47 20.34
C GLU E 206 -59.86 -1.03 20.70
N LYS E 207 -59.61 -0.66 21.95
CA LYS E 207 -58.34 -0.07 22.34
C LYS E 207 -57.43 -1.06 23.07
N ALA E 208 -57.95 -2.25 23.37
CA ALA E 208 -57.18 -3.23 24.12
C ALA E 208 -55.90 -3.60 23.37
N PRO E 209 -55.99 -3.95 22.06
CA PRO E 209 -54.80 -4.17 21.24
C PRO E 209 -53.74 -3.09 21.47
N LEU E 210 -54.09 -1.81 21.36
CA LEU E 210 -53.10 -0.78 21.56
C LEU E 210 -52.47 -0.89 22.95
N ALA E 211 -53.27 -1.23 23.95
CA ALA E 211 -52.79 -1.21 25.32
C ALA E 211 -51.86 -2.40 25.59
N HIS E 212 -52.21 -3.58 25.07
CA HIS E 212 -51.36 -4.75 25.23
C HIS E 212 -50.05 -4.53 24.49
N ASN E 213 -50.17 -3.89 23.33
CA ASN E 213 -49.01 -3.56 22.52
C ASN E 213 -48.04 -2.69 23.31
N ILE E 214 -48.57 -1.68 24.01
CA ILE E 214 -47.76 -0.76 24.79
C ILE E 214 -47.13 -1.50 25.95
N VAL E 215 -47.83 -2.48 26.50
CA VAL E 215 -47.27 -3.29 27.58
C VAL E 215 -46.02 -4.02 27.10
N ASN E 216 -46.16 -4.58 25.90
CA ASN E 216 -45.07 -5.28 25.25
C ASN E 216 -43.90 -4.34 24.93
N PHE E 217 -44.23 -3.11 24.49
CA PHE E 217 -43.17 -2.16 24.19
C PHE E 217 -42.41 -1.85 25.47
N LEU E 218 -43.13 -1.56 26.55
CA LEU E 218 -42.52 -1.11 27.79
C LEU E 218 -41.68 -2.22 28.38
N ALA E 219 -42.01 -3.47 28.08
CA ALA E 219 -41.22 -4.61 28.55
C ALA E 219 -40.01 -4.87 27.66
N GLY E 220 -39.91 -4.15 26.55
CA GLY E 220 -38.81 -4.27 25.61
C GLY E 220 -38.90 -5.53 24.75
N GLU E 221 -40.13 -5.96 24.42
CA GLU E 221 -40.31 -7.20 23.67
C GLU E 221 -40.54 -6.93 22.20
N THR E 222 -40.99 -5.72 21.83
CA THR E 222 -41.21 -5.34 20.44
C THR E 222 -41.14 -3.82 20.26
N LEU E 223 -40.99 -3.42 19.01
CA LEU E 223 -41.16 -2.02 18.64
C LEU E 223 -42.43 -1.82 17.79
N ASN E 224 -42.96 -2.92 17.23
CA ASN E 224 -43.95 -2.87 16.14
C ASN E 224 -45.36 -2.79 16.69
N PRO E 225 -46.41 -2.44 15.90
CA PRO E 225 -47.79 -2.44 16.44
C PRO E 225 -48.60 -3.74 16.28
N LYS F 8 -15.90 5.87 99.37
CA LYS F 8 -17.37 6.03 99.18
C LYS F 8 -17.80 7.48 99.39
N PRO F 9 -18.46 8.13 98.37
CA PRO F 9 -18.84 9.54 98.48
C PRO F 9 -19.84 9.79 99.59
N GLN F 10 -19.67 10.94 100.24
CA GLN F 10 -20.59 11.40 101.26
C GLN F 10 -21.19 12.73 100.82
N LEU F 11 -22.32 13.09 101.45
CA LEU F 11 -23.01 14.32 101.10
C LEU F 11 -22.63 15.41 102.11
N VAL F 12 -22.48 16.62 101.60
CA VAL F 12 -22.29 17.76 102.46
C VAL F 12 -23.42 18.74 102.18
N MET F 13 -24.03 19.18 103.27
CA MET F 13 -25.04 20.21 103.19
C MET F 13 -24.31 21.52 103.02
N PHE F 14 -24.41 22.09 101.83
CA PHE F 14 -23.50 23.14 101.43
C PHE F 14 -24.26 24.40 101.05
N THR F 15 -23.98 25.50 101.77
CA THR F 15 -24.66 26.75 101.53
C THR F 15 -23.79 27.72 100.73
N GLY F 16 -22.47 27.52 100.78
CA GLY F 16 -21.54 28.51 100.25
C GLY F 16 -20.85 29.30 101.36
N GLY F 17 -21.33 29.17 102.60
CA GLY F 17 -20.73 29.91 103.70
C GLY F 17 -19.44 29.28 104.16
N ARG F 18 -18.73 29.99 105.04
CA ARG F 18 -17.45 29.51 105.52
C ARG F 18 -17.56 28.07 106.02
N ASP F 19 -18.53 27.83 106.90
CA ASP F 19 -18.54 26.68 107.76
C ASP F 19 -18.75 25.40 106.95
N SER F 20 -19.72 25.39 106.04
CA SER F 20 -20.03 24.19 105.26
C SER F 20 -18.96 24.00 104.17
N THR F 21 -18.36 25.10 103.69
CA THR F 21 -17.23 25.03 102.79
C THR F 21 -16.05 24.28 103.43
N LEU F 22 -15.71 24.64 104.67
CA LEU F 22 -14.60 24.02 105.36
C LEU F 22 -14.90 22.54 105.64
N ALA F 23 -16.16 22.23 105.94
CA ALA F 23 -16.52 20.86 106.20
C ALA F 23 -16.31 20.03 104.95
N ALA F 24 -16.76 20.56 103.81
CA ALA F 24 -16.56 19.86 102.55
C ALA F 24 -15.07 19.66 102.32
N CYS F 25 -14.31 20.75 102.43
CA CYS F 25 -12.88 20.76 102.13
C CYS F 25 -12.10 19.79 103.00
N TYR F 26 -12.41 19.76 104.30
CA TYR F 26 -11.70 18.87 105.19
C TYR F 26 -11.96 17.42 104.79
N LEU F 27 -13.18 17.11 104.34
CA LEU F 27 -13.46 15.74 103.97
C LEU F 27 -12.64 15.40 102.73
N MET F 28 -12.56 16.35 101.80
CA MET F 28 -11.90 16.04 100.55
C MET F 28 -10.40 15.96 100.76
N LEU F 29 -9.85 16.67 101.77
CA LEU F 29 -8.43 16.59 102.05
C LEU F 29 -8.07 15.16 102.47
N GLN F 30 -9.04 14.46 103.07
CA GLN F 30 -8.84 13.11 103.51
C GLN F 30 -9.07 12.11 102.37
N GLY F 31 -9.40 12.58 101.17
CA GLY F 31 -9.62 11.68 100.05
C GLY F 31 -11.04 11.16 99.97
N ILE F 32 -11.96 11.75 100.74
CA ILE F 32 -13.36 11.36 100.71
C ILE F 32 -14.07 12.23 99.68
N PRO F 33 -14.64 11.67 98.59
CA PRO F 33 -15.38 12.49 97.65
C PRO F 33 -16.64 13.06 98.27
N VAL F 34 -17.07 14.26 97.84
CA VAL F 34 -18.27 14.88 98.36
C VAL F 34 -19.24 15.22 97.24
N HIS F 35 -20.52 14.95 97.51
CA HIS F 35 -21.66 15.46 96.77
C HIS F 35 -22.19 16.67 97.53
N LEU F 36 -21.99 17.86 96.97
CA LEU F 36 -22.46 19.09 97.61
C LEU F 36 -23.98 19.17 97.39
N TRP F 37 -24.74 19.44 98.45
CA TRP F 37 -26.19 19.53 98.33
C TRP F 37 -26.68 20.84 98.91
N SER F 38 -27.36 21.64 98.08
CA SER F 38 -27.87 22.96 98.43
C SER F 38 -29.39 22.97 98.34
N GLY F 39 -30.02 23.28 99.47
CA GLY F 39 -31.46 23.42 99.57
C GLY F 39 -31.88 24.89 99.36
N ASN F 40 -32.69 25.13 98.33
CA ASN F 40 -33.34 26.42 98.09
C ASN F 40 -34.76 26.38 98.64
N SER F 41 -35.01 27.07 99.75
CA SER F 41 -36.28 26.97 100.45
C SER F 41 -37.26 28.04 99.95
N GLY F 42 -36.82 28.86 99.00
CA GLY F 42 -37.75 29.76 98.35
C GLY F 42 -37.74 31.16 98.92
N CYS F 43 -37.01 31.36 100.02
CA CYS F 43 -36.94 32.70 100.55
C CYS F 43 -35.52 33.23 100.64
N SER F 44 -34.63 32.83 99.74
CA SER F 44 -33.26 33.32 99.83
C SER F 44 -32.99 34.45 98.83
N LEU F 45 -32.30 35.51 99.30
CA LEU F 45 -31.97 36.64 98.47
C LEU F 45 -30.50 36.57 98.10
N HIS F 46 -30.19 36.99 96.87
CA HIS F 46 -28.79 37.12 96.40
C HIS F 46 -28.00 35.83 96.64
N ARG F 47 -28.35 34.79 95.90
CA ARG F 47 -27.69 33.48 96.07
C ARG F 47 -26.73 33.25 94.92
N GLY F 48 -26.72 34.15 93.95
CA GLY F 48 -25.92 33.91 92.76
C GLY F 48 -24.44 33.60 93.07
N ILE F 49 -23.94 34.16 94.19
CA ILE F 49 -22.55 34.11 94.56
C ILE F 49 -22.12 32.70 94.97
N LEU F 50 -23.09 31.81 95.19
CA LEU F 50 -22.79 30.43 95.53
C LEU F 50 -21.86 29.79 94.52
N SER F 51 -22.13 29.96 93.23
CA SER F 51 -21.43 29.18 92.22
C SER F 51 -19.97 29.61 92.08
N HIS F 52 -19.62 30.84 92.53
CA HIS F 52 -18.23 31.26 92.64
C HIS F 52 -17.51 30.35 93.64
N ARG F 53 -18.13 30.14 94.79
CA ARG F 53 -17.57 29.25 95.80
C ARG F 53 -17.42 27.83 95.25
N VAL F 54 -18.39 27.32 94.51
CA VAL F 54 -18.31 25.96 94.00
C VAL F 54 -17.11 25.84 93.07
N GLU F 55 -16.82 26.86 92.28
CA GLU F 55 -15.69 26.67 91.34
C GLU F 55 -14.42 26.59 92.19
N GLU F 56 -14.24 27.54 93.09
CA GLU F 56 -13.04 27.55 93.96
C GLU F 56 -12.76 26.14 94.45
N MET F 57 -13.79 25.38 94.78
CA MET F 57 -13.61 24.03 95.38
C MET F 57 -13.25 23.01 94.29
N LYS F 58 -13.88 23.10 93.14
CA LYS F 58 -13.49 22.19 92.03
C LYS F 58 -12.05 22.53 91.64
N ASN F 59 -11.71 23.81 91.65
CA ASN F 59 -10.36 24.22 91.33
C ASN F 59 -9.38 23.61 92.31
N ARG F 60 -9.74 23.55 93.59
CA ARG F 60 -8.77 23.11 94.62
C ARG F 60 -8.81 21.61 94.88
N PHE F 61 -9.88 20.92 94.47
CA PHE F 61 -9.95 19.51 94.83
C PHE F 61 -10.25 18.59 93.66
N GLY F 62 -10.64 19.14 92.50
CA GLY F 62 -10.83 18.36 91.28
C GLY F 62 -11.99 17.37 91.38
N ASP F 63 -11.70 16.09 91.09
CA ASP F 63 -12.72 15.06 90.96
C ASP F 63 -13.36 14.73 92.29
N LEU F 64 -12.73 15.14 93.39
CA LEU F 64 -13.26 14.84 94.70
C LEU F 64 -14.61 15.54 94.91
N VAL F 65 -14.86 16.60 94.13
CA VAL F 65 -16.18 17.21 94.06
C VAL F 65 -16.99 16.43 93.05
N VAL F 66 -17.90 15.57 93.49
CA VAL F 66 -18.50 14.65 92.54
C VAL F 66 -19.77 15.26 91.96
N GLY F 67 -20.36 16.23 92.64
CA GLY F 67 -21.61 16.83 92.20
C GLY F 67 -21.95 18.06 93.02
N HIS F 68 -22.75 18.96 92.41
CA HIS F 68 -23.50 19.95 93.16
C HIS F 68 -24.97 19.81 92.77
N THR F 69 -25.82 19.51 93.75
CA THR F 69 -27.26 19.47 93.56
C THR F 69 -27.90 20.68 94.25
N VAL F 70 -28.74 21.41 93.50
CA VAL F 70 -29.53 22.47 94.09
C VAL F 70 -30.97 22.00 94.07
N ALA F 71 -31.55 21.81 95.26
CA ALA F 71 -32.87 21.22 95.38
C ALA F 71 -33.87 22.30 95.78
N ASP F 72 -35.00 22.34 95.07
CA ASP F 72 -36.09 23.21 95.43
C ASP F 72 -36.85 22.52 96.57
N ILE F 73 -36.74 23.07 97.77
CA ILE F 73 -37.46 22.49 98.90
C ILE F 73 -38.50 23.48 99.39
N SER F 74 -38.98 24.38 98.52
CA SER F 74 -39.93 25.39 98.94
C SER F 74 -41.22 24.74 99.43
N GLY F 75 -41.62 23.64 98.81
CA GLY F 75 -42.89 23.02 99.13
C GLY F 75 -42.89 22.40 100.53
N ALA F 76 -41.87 21.62 100.83
CA ALA F 76 -41.75 21.03 102.15
C ALA F 76 -41.52 22.10 103.21
N PHE F 77 -40.69 23.09 102.90
CA PHE F 77 -40.47 24.21 103.80
C PHE F 77 -41.81 24.84 104.14
N ARG F 78 -42.61 25.17 103.12
CA ARG F 78 -43.89 25.85 103.43
C ARG F 78 -44.75 24.95 104.32
N SER F 79 -44.87 23.69 103.92
CA SER F 79 -45.70 22.74 104.64
C SER F 79 -45.40 22.69 106.14
N ILE F 80 -44.10 22.63 106.45
CA ILE F 80 -43.63 22.43 107.81
C ILE F 80 -43.59 23.73 108.60
N ALA F 81 -43.14 24.84 107.99
CA ALA F 81 -42.74 26.03 108.73
C ALA F 81 -43.67 27.22 108.53
N ILE F 82 -44.29 27.35 107.36
CA ILE F 82 -45.08 28.58 107.04
C ILE F 82 -46.59 28.33 107.11
N GLU F 83 -47.11 27.41 106.30
CA GLU F 83 -48.59 27.18 106.25
C GLU F 83 -49.24 27.53 107.58
N ALA F 84 -48.65 27.12 108.70
CA ALA F 84 -49.31 27.32 109.98
C ALA F 84 -48.50 28.28 110.86
N LEU F 85 -47.95 29.33 110.24
CA LEU F 85 -47.08 30.26 110.92
C LEU F 85 -47.80 30.98 112.07
N GLU F 86 -49.05 31.42 111.86
CA GLU F 86 -49.76 32.09 112.94
C GLU F 86 -49.86 31.20 114.18
N GLN F 87 -50.26 29.95 113.98
CA GLN F 87 -50.47 29.03 115.11
C GLN F 87 -49.12 28.77 115.79
N ASP F 88 -48.11 28.44 114.99
CA ASP F 88 -46.77 28.12 115.46
C ASP F 88 -46.19 29.22 116.35
N ILE F 89 -46.43 30.49 115.99
CA ILE F 89 -45.81 31.59 116.71
C ILE F 89 -46.61 31.89 117.97
N LEU F 90 -47.93 31.84 117.84
CA LEU F 90 -48.79 32.13 119.01
C LEU F 90 -48.62 31.03 120.06
N LYS F 91 -48.21 29.83 119.65
CA LYS F 91 -48.01 28.74 120.56
C LYS F 91 -46.66 28.83 121.25
N TYR F 92 -45.57 28.97 120.49
CA TYR F 92 -44.26 28.91 121.11
C TYR F 92 -43.73 30.31 121.47
N ARG F 93 -44.44 31.38 121.08
CA ARG F 93 -43.99 32.76 121.30
C ARG F 93 -42.58 33.00 120.75
N LYS F 94 -42.23 32.25 119.69
CA LYS F 94 -40.96 32.31 119.01
C LYS F 94 -41.12 31.94 117.54
N ASN F 95 -40.29 32.59 116.72
CA ASN F 95 -40.32 32.43 115.27
C ASN F 95 -39.30 31.36 114.90
N LEU F 96 -39.79 30.14 114.67
CA LEU F 96 -38.90 29.00 114.49
C LEU F 96 -38.89 28.53 113.04
N VAL F 97 -39.11 29.43 112.09
CA VAL F 97 -39.14 29.05 110.69
C VAL F 97 -37.80 28.41 110.27
N LEU F 98 -36.70 28.94 110.74
CA LEU F 98 -35.40 28.48 110.28
C LEU F 98 -35.05 27.13 110.88
N LEU F 99 -35.75 26.74 111.94
CA LEU F 99 -35.66 25.41 112.48
C LEU F 99 -36.46 24.44 111.61
N GLY F 100 -37.72 24.78 111.35
CA GLY F 100 -38.51 24.10 110.32
C GLY F 100 -37.73 23.88 109.04
N GLU F 101 -37.00 24.91 108.57
CA GLU F 101 -36.29 24.82 107.31
C GLU F 101 -35.31 23.66 107.37
N LYS F 102 -34.70 23.42 108.54
CA LYS F 102 -33.68 22.39 108.67
C LYS F 102 -34.38 21.03 108.67
N LEU F 103 -35.53 20.94 109.32
CA LEU F 103 -36.34 19.74 109.25
C LEU F 103 -36.65 19.42 107.79
N ALA F 104 -37.04 20.43 107.02
CA ALA F 104 -37.39 20.25 105.62
C ALA F 104 -36.17 19.73 104.85
N ILE F 105 -34.99 20.29 105.15
CA ILE F 105 -33.77 19.85 104.50
C ILE F 105 -33.59 18.36 104.74
N HIS F 106 -33.72 17.96 106.02
CA HIS F 106 -33.47 16.58 106.45
C HIS F 106 -34.44 15.60 105.77
N ALA F 107 -35.71 15.97 105.69
CA ALA F 107 -36.70 15.24 104.94
C ALA F 107 -36.21 15.01 103.51
N HIS F 108 -35.86 16.08 102.80
CA HIS F 108 -35.39 15.91 101.42
C HIS F 108 -34.12 15.05 101.33
N LEU F 109 -33.25 15.17 102.33
CA LEU F 109 -32.00 14.41 102.31
C LEU F 109 -32.25 12.92 102.50
N VAL F 110 -33.26 12.54 103.27
CA VAL F 110 -33.63 11.14 103.38
C VAL F 110 -33.95 10.59 101.99
N ASP F 111 -34.81 11.29 101.27
CA ASP F 111 -35.19 10.82 99.95
C ASP F 111 -33.97 10.82 99.04
N PHE F 112 -33.16 11.86 99.14
CA PHE F 112 -32.04 12.03 98.24
C PHE F 112 -31.02 10.92 98.49
N CYS F 113 -30.66 10.72 99.75
CA CYS F 113 -29.73 9.67 100.13
C CYS F 113 -30.20 8.30 99.62
N ARG F 114 -31.44 7.96 99.88
CA ARG F 114 -31.95 6.64 99.45
C ARG F 114 -31.83 6.52 97.93
N ARG F 115 -32.17 7.56 97.19
CA ARG F 115 -32.21 7.43 95.72
C ARG F 115 -30.83 7.61 95.09
N ASN F 116 -29.81 8.02 95.84
CA ASN F 116 -28.49 8.11 95.24
C ASN F 116 -27.44 7.37 96.04
N ASP F 117 -27.84 6.33 96.79
CA ASP F 117 -26.87 5.47 97.45
C ASP F 117 -25.84 6.29 98.26
N ILE F 118 -26.32 7.08 99.21
CA ILE F 118 -25.45 7.85 100.10
C ILE F 118 -25.92 7.54 101.51
N ASN F 119 -25.02 7.24 102.44
CA ASN F 119 -25.46 6.97 103.81
C ASN F 119 -24.70 7.78 104.84
N THR F 120 -23.81 8.68 104.42
CA THR F 120 -23.29 9.68 105.33
C THR F 120 -23.64 11.09 104.83
N ILE F 121 -24.19 11.91 105.74
CA ILE F 121 -24.39 13.32 105.44
C ILE F 121 -23.60 14.15 106.43
N ASN F 122 -23.08 15.30 105.95
CA ASN F 122 -22.27 16.15 106.78
C ASN F 122 -22.76 17.59 106.65
N ASP F 123 -22.65 18.36 107.75
CA ASP F 123 -22.93 19.79 107.73
C ASP F 123 -21.82 20.60 108.40
N GLY F 124 -21.98 21.93 108.34
CA GLY F 124 -21.02 22.88 108.85
C GLY F 124 -21.48 23.54 110.15
N ILE F 125 -22.16 22.75 110.96
CA ILE F 125 -22.53 23.24 112.27
C ILE F 125 -21.22 23.49 113.00
N THR F 126 -21.20 24.59 113.78
CA THR F 126 -20.03 25.09 114.50
C THR F 126 -20.37 25.41 115.95
N HIS F 127 -19.48 25.06 116.90
CA HIS F 127 -19.63 25.38 118.31
C HIS F 127 -19.93 26.88 118.55
N TYR F 128 -19.32 27.79 117.78
CA TYR F 128 -19.43 29.23 118.03
C TYR F 128 -20.82 29.77 117.67
N GLN F 129 -21.66 28.99 116.98
CA GLN F 129 -22.96 29.48 116.53
C GLN F 129 -24.13 28.71 117.16
N MET F 130 -23.89 28.17 118.35
CA MET F 130 -24.97 27.43 119.03
C MET F 130 -26.20 28.34 119.23
N GLU F 131 -26.01 29.66 119.33
CA GLU F 131 -27.15 30.50 119.62
C GLU F 131 -28.35 30.19 118.69
N PHE F 132 -28.06 29.66 117.51
CA PHE F 132 -29.12 29.41 116.52
C PHE F 132 -29.67 28.02 116.68
N PRO F 133 -30.99 27.83 116.58
CA PRO F 133 -31.63 26.52 116.84
C PRO F 133 -31.02 25.43 115.99
N GLU F 134 -30.95 25.68 114.69
CA GLU F 134 -30.38 24.68 113.76
C GLU F 134 -29.11 24.08 114.38
N GLN F 135 -28.36 24.90 115.12
CA GLN F 135 -26.97 24.52 115.52
C GLN F 135 -26.88 24.23 117.03
N ARG F 136 -27.98 23.80 117.64
CA ARG F 136 -27.95 23.45 119.07
C ARG F 136 -27.80 21.94 119.22
N LEU F 137 -27.21 21.52 120.33
CA LEU F 137 -27.09 20.11 120.64
C LEU F 137 -28.47 19.43 120.59
N VAL F 138 -29.49 20.10 121.16
CA VAL F 138 -30.76 19.40 121.31
C VAL F 138 -31.34 19.11 119.91
N ALA F 139 -31.16 20.04 118.96
CA ALA F 139 -31.67 19.84 117.61
C ALA F 139 -30.75 18.90 116.82
N LYS F 140 -29.45 19.05 116.96
CA LYS F 140 -28.52 18.16 116.30
C LYS F 140 -28.80 16.71 116.71
N THR F 141 -29.07 16.47 118.01
CA THR F 141 -29.27 15.11 118.52
C THR F 141 -30.58 14.58 117.97
N PHE F 142 -31.61 15.44 117.96
CA PHE F 142 -32.92 15.09 117.41
C PHE F 142 -32.79 14.63 115.97
N LEU F 143 -32.08 15.42 115.15
CA LEU F 143 -31.93 15.11 113.75
C LEU F 143 -30.98 13.92 113.53
N MET F 144 -30.00 13.68 114.41
CA MET F 144 -29.15 12.50 114.26
C MET F 144 -30.01 11.26 114.42
N GLU F 145 -30.92 11.29 115.42
CA GLU F 145 -31.85 10.19 115.68
C GLU F 145 -32.75 10.02 114.46
N MET F 146 -33.31 11.12 113.97
CA MET F 146 -34.18 11.08 112.80
C MET F 146 -33.50 10.38 111.63
N MET F 147 -32.27 10.77 111.31
CA MET F 147 -31.57 10.23 110.15
C MET F 147 -31.20 8.78 110.43
N ALA F 148 -30.93 8.44 111.69
CA ALA F 148 -30.51 7.09 112.00
C ALA F 148 -31.68 6.13 111.75
N GLN F 149 -32.91 6.60 111.99
CA GLN F 149 -34.08 5.80 111.71
C GLN F 149 -34.12 5.40 110.23
N TYR F 150 -33.45 6.13 109.33
CA TYR F 150 -33.39 5.70 107.94
C TYR F 150 -31.99 5.22 107.55
N ASP F 151 -31.21 4.70 108.53
CA ASP F 151 -29.86 4.21 108.29
C ASP F 151 -29.01 5.28 107.61
N ILE F 152 -29.08 6.51 108.14
CA ILE F 152 -28.25 7.56 107.61
C ILE F 152 -27.44 8.14 108.76
N ASN F 153 -26.14 8.26 108.50
CA ASN F 153 -25.19 8.77 109.46
C ASN F 153 -25.04 10.28 109.22
N TYR F 154 -25.35 11.04 110.28
CA TYR F 154 -25.29 12.49 110.23
C TYR F 154 -24.15 12.99 111.11
N GLN F 155 -23.12 13.53 110.46
CA GLN F 155 -21.90 14.01 111.10
C GLN F 155 -21.73 15.51 110.94
N SER F 156 -20.96 16.12 111.87
CA SER F 156 -20.71 17.55 111.82
C SER F 156 -19.20 17.80 111.94
N PRO F 157 -18.43 17.61 110.85
CA PRO F 157 -16.99 17.50 110.95
C PRO F 157 -16.23 18.72 111.42
N VAL F 158 -16.85 19.92 111.44
CA VAL F 158 -16.12 21.07 111.95
C VAL F 158 -16.74 21.61 113.23
N TYR F 159 -17.75 20.92 113.81
CA TYR F 159 -18.41 21.37 115.04
C TYR F 159 -17.39 21.60 116.17
N GLU F 160 -16.56 20.59 116.43
CA GLU F 160 -15.69 20.61 117.58
C GLU F 160 -14.64 21.69 117.38
N PHE F 161 -14.06 21.78 116.18
CA PHE F 161 -12.89 22.62 115.96
C PHE F 161 -13.22 24.13 116.00
N ALA F 162 -14.40 24.50 115.52
CA ALA F 162 -14.70 25.89 115.24
C ALA F 162 -15.13 26.65 116.50
N GLN F 163 -14.14 27.05 117.32
CA GLN F 163 -14.42 27.82 118.53
C GLN F 163 -14.77 29.28 118.20
N SER F 164 -14.23 29.84 117.10
CA SER F 164 -14.63 31.15 116.62
C SER F 164 -14.64 31.17 115.11
N ALA F 165 -15.19 32.25 114.55
CA ALA F 165 -15.24 32.41 113.11
C ALA F 165 -13.82 32.51 112.56
N ASP F 166 -12.92 33.18 113.29
CA ASP F 166 -11.53 33.32 112.86
C ASP F 166 -10.89 31.94 112.65
N ASP F 167 -11.29 30.93 113.44
CA ASP F 167 -10.75 29.58 113.28
C ASP F 167 -11.07 29.04 111.88
N VAL F 168 -12.33 29.12 111.46
CA VAL F 168 -12.71 28.61 110.16
C VAL F 168 -12.07 29.45 109.06
N LYS F 169 -11.97 30.76 109.26
CA LYS F 169 -11.54 31.67 108.20
C LYS F 169 -10.14 31.27 107.76
N TYR F 170 -9.26 31.03 108.75
CA TYR F 170 -7.85 30.98 108.47
C TYR F 170 -7.51 29.61 107.90
N ARG F 171 -8.27 28.59 108.23
CA ARG F 171 -8.00 27.29 107.59
C ARG F 171 -8.40 27.39 106.11
N LEU F 172 -9.55 27.99 105.82
CA LEU F 172 -9.97 28.19 104.45
C LEU F 172 -8.85 28.91 103.68
N LEU F 173 -8.30 29.93 104.33
CA LEU F 173 -7.29 30.73 103.67
C LEU F 173 -6.06 29.89 103.36
N GLN F 174 -5.74 28.91 104.19
CA GLN F 174 -4.58 28.04 104.00
C GLN F 174 -4.79 27.08 102.81
N LEU F 175 -6.03 26.96 102.35
CA LEU F 175 -6.34 26.14 101.20
C LEU F 175 -6.43 27.00 99.94
N GLY F 176 -6.19 28.31 100.06
CA GLY F 176 -6.25 29.22 98.92
C GLY F 176 -7.68 29.54 98.51
N ILE F 177 -8.59 29.36 99.47
CA ILE F 177 -10.00 29.69 99.32
C ILE F 177 -10.34 30.93 100.15
N SER F 178 -11.36 31.66 99.66
CA SER F 178 -11.73 32.96 100.19
C SER F 178 -12.36 32.81 101.59
N THR F 179 -12.18 33.84 102.43
CA THR F 179 -12.61 33.75 103.81
C THR F 179 -14.09 34.13 103.96
N LYS F 180 -14.72 34.66 102.89
CA LYS F 180 -16.04 35.25 102.96
C LYS F 180 -17.13 34.20 103.05
N SER F 181 -18.30 34.56 103.58
CA SER F 181 -19.49 33.71 103.45
C SER F 181 -20.19 34.08 102.16
N LEU F 182 -20.11 33.19 101.17
CA LEU F 182 -20.58 33.50 99.83
C LEU F 182 -21.85 32.71 99.59
N GLU F 183 -22.88 33.10 100.33
CA GLU F 183 -24.15 32.42 100.32
C GLU F 183 -25.23 33.49 100.18
N GLY F 184 -26.43 33.06 99.86
CA GLY F 184 -27.58 33.94 99.92
C GLY F 184 -27.99 34.12 101.38
N ILE F 185 -28.83 35.13 101.66
CA ILE F 185 -29.35 35.28 102.99
C ILE F 185 -30.84 35.01 102.95
N SER F 186 -31.29 34.26 103.95
CA SER F 186 -32.68 34.08 104.23
C SER F 186 -33.29 35.44 104.55
N ILE F 187 -34.53 35.67 104.11
CA ILE F 187 -35.20 36.90 104.43
C ILE F 187 -35.54 36.87 105.91
N PHE F 188 -35.58 35.64 106.48
CA PHE F 188 -35.89 35.41 107.87
C PHE F 188 -34.70 35.65 108.81
N ALA F 189 -33.51 35.89 108.25
CA ALA F 189 -32.37 36.31 109.06
C ALA F 189 -32.77 37.42 110.03
N ASP F 190 -32.39 37.24 111.31
CA ASP F 190 -32.47 38.25 112.33
C ASP F 190 -33.92 38.71 112.54
N SER F 191 -34.84 37.75 112.43
CA SER F 191 -36.28 37.99 112.53
C SER F 191 -36.87 37.30 113.75
N PHE F 192 -35.98 36.98 114.70
CA PHE F 192 -36.27 36.07 115.80
C PHE F 192 -35.36 36.37 116.99
N SER F 193 -35.92 36.11 118.18
CA SER F 193 -35.18 36.05 119.44
C SER F 193 -34.89 34.59 119.78
N THR F 194 -34.02 34.37 120.79
CA THR F 194 -33.53 33.05 121.17
C THR F 194 -34.62 32.24 121.86
N PRO F 195 -34.96 31.02 121.37
CA PRO F 195 -35.87 30.11 122.07
C PRO F 195 -35.17 29.22 123.10
N SER F 196 -35.92 28.74 124.11
CA SER F 196 -35.38 27.73 125.01
C SER F 196 -35.14 26.41 124.27
N ASP F 197 -34.21 25.60 124.79
CA ASP F 197 -34.03 24.24 124.31
C ASP F 197 -35.36 23.50 124.36
N ASP F 198 -36.16 23.66 125.42
CA ASP F 198 -37.39 22.87 125.57
C ASP F 198 -38.33 23.15 124.40
N VAL F 199 -38.37 24.42 123.99
CA VAL F 199 -39.26 24.87 122.93
C VAL F 199 -38.75 24.37 121.58
N VAL F 200 -37.43 24.42 121.34
CA VAL F 200 -36.86 23.86 120.13
C VAL F 200 -37.28 22.41 119.92
N LEU F 201 -37.25 21.64 121.01
CA LEU F 201 -37.49 20.22 120.94
C LEU F 201 -38.97 19.94 120.80
N ALA F 202 -39.84 20.72 121.45
CA ALA F 202 -41.28 20.51 121.29
C ALA F 202 -41.75 20.80 119.86
N TYR F 203 -41.14 21.81 119.22
CA TYR F 203 -41.42 22.16 117.85
C TYR F 203 -41.01 21.01 116.95
N LEU F 204 -39.79 20.54 117.09
CA LEU F 204 -39.31 19.47 116.20
C LEU F 204 -40.23 18.25 116.33
N ARG F 205 -40.76 18.00 117.52
CA ARG F 205 -41.58 16.78 117.74
C ARG F 205 -42.98 17.03 117.23
N GLU F 206 -43.39 18.29 117.19
CA GLU F 206 -44.70 18.64 116.64
C GLU F 206 -44.66 18.51 115.12
N LYS F 207 -43.49 18.70 114.50
CA LYS F 207 -43.38 18.75 113.05
C LYS F 207 -42.82 17.46 112.45
N ALA F 208 -42.38 16.54 113.32
CA ALA F 208 -41.79 15.31 112.81
C ALA F 208 -42.79 14.55 111.95
N PRO F 209 -44.04 14.32 112.42
CA PRO F 209 -45.09 13.75 111.59
C PRO F 209 -45.10 14.32 110.18
N LEU F 210 -45.18 15.64 110.04
CA LEU F 210 -45.21 16.24 108.71
C LEU F 210 -43.99 15.82 107.90
N ALA F 211 -42.83 15.76 108.56
CA ALA F 211 -41.58 15.52 107.85
C ALA F 211 -41.47 14.07 107.40
N HIS F 212 -41.88 13.13 108.25
CA HIS F 212 -41.86 11.73 107.89
C HIS F 212 -42.86 11.49 106.76
N ASN F 213 -44.00 12.17 106.85
CA ASN F 213 -45.03 12.10 105.83
C ASN F 213 -44.45 12.52 104.46
N ILE F 214 -43.68 13.60 104.42
CA ILE F 214 -43.10 14.12 103.20
C ILE F 214 -42.06 13.14 102.68
N VAL F 215 -41.35 12.47 103.59
CA VAL F 215 -40.37 11.48 103.19
C VAL F 215 -41.08 10.36 102.43
N ASN F 216 -42.22 9.94 102.98
CA ASN F 216 -43.03 8.89 102.41
C ASN F 216 -43.61 9.34 101.06
N PHE F 217 -44.01 10.59 100.97
CA PHE F 217 -44.56 11.07 99.71
C PHE F 217 -43.46 11.00 98.66
N LEU F 218 -42.27 11.52 98.98
CA LEU F 218 -41.18 11.61 98.01
C LEU F 218 -40.74 10.23 97.57
N ALA F 219 -40.94 9.23 98.42
CA ALA F 219 -40.58 7.86 98.11
C ALA F 219 -41.70 7.17 97.31
N GLY F 220 -42.83 7.87 97.12
CA GLY F 220 -43.96 7.34 96.37
C GLY F 220 -44.78 6.29 97.14
N GLU F 221 -44.84 6.40 98.47
CA GLU F 221 -45.49 5.39 99.29
C GLU F 221 -46.91 5.80 99.67
N THR F 222 -47.23 7.11 99.66
CA THR F 222 -48.56 7.58 100.00
C THR F 222 -48.84 8.96 99.40
N LEU F 223 -50.11 9.31 99.34
CA LEU F 223 -50.53 10.64 98.97
C LEU F 223 -51.15 11.35 100.17
N ASN F 224 -51.54 10.59 101.22
CA ASN F 224 -52.40 11.12 102.27
C ASN F 224 -51.56 11.80 103.36
N PRO F 225 -52.08 12.74 104.21
CA PRO F 225 -51.36 13.16 105.42
C PRO F 225 -51.55 12.25 106.65
N SER G 6 11.84 7.44 83.24
CA SER G 6 13.18 6.97 82.80
C SER G 6 14.11 7.24 83.97
N VAL G 7 14.75 8.42 83.97
CA VAL G 7 15.19 9.08 85.18
C VAL G 7 13.98 9.75 85.83
N LYS G 8 14.01 9.69 87.18
CA LYS G 8 12.92 10.16 88.02
C LYS G 8 12.85 11.68 88.14
N PRO G 9 11.69 12.32 87.82
CA PRO G 9 11.58 13.79 87.90
C PRO G 9 11.76 14.30 89.32
N GLN G 10 12.40 15.47 89.43
CA GLN G 10 12.58 16.17 90.69
C GLN G 10 11.93 17.55 90.61
N LEU G 11 11.72 18.19 91.76
CA LEU G 11 11.08 19.49 91.82
C LEU G 11 12.15 20.57 91.97
N VAL G 12 11.93 21.69 91.31
CA VAL G 12 12.77 22.84 91.52
C VAL G 12 11.88 23.99 91.99
N MET G 13 12.32 24.62 93.07
CA MET G 13 11.67 25.81 93.56
C MET G 13 12.09 26.95 92.66
N PHE G 14 11.16 27.43 91.85
CA PHE G 14 11.52 28.23 90.70
C PHE G 14 10.81 29.58 90.75
N THR G 15 11.61 30.65 90.80
CA THR G 15 11.06 32.00 90.88
C THR G 15 11.09 32.69 89.53
N GLY G 16 11.98 32.26 88.64
CA GLY G 16 12.25 32.99 87.41
C GLY G 16 13.60 33.73 87.48
N GLY G 17 14.21 33.78 88.67
CA GLY G 17 15.47 34.52 88.79
C GLY G 17 16.64 33.69 88.26
N ARG G 18 17.82 34.28 88.25
CA ARG G 18 18.96 33.56 87.62
C ARG G 18 19.38 32.35 88.43
N ASP G 19 19.19 32.35 89.75
CA ASP G 19 19.78 31.28 90.52
C ASP G 19 18.95 29.99 90.39
N SER G 20 17.62 30.11 90.51
CA SER G 20 16.76 28.94 90.45
C SER G 20 16.64 28.47 89.00
N THR G 21 16.74 29.39 88.03
CA THR G 21 16.82 29.03 86.61
C THR G 21 18.03 28.15 86.32
N LEU G 22 19.20 28.52 86.83
CA LEU G 22 20.42 27.76 86.57
C LEU G 22 20.33 26.40 87.26
N ALA G 23 19.72 26.36 88.43
CA ALA G 23 19.59 25.09 89.13
C ALA G 23 18.72 24.16 88.32
N ALA G 24 17.60 24.66 87.80
CA ALA G 24 16.74 23.85 86.97
C ALA G 24 17.51 23.36 85.76
N CYS G 25 18.18 24.29 85.07
CA CYS G 25 18.89 24.01 83.83
C CYS G 25 20.01 22.99 84.03
N TYR G 26 20.77 23.13 85.11
CA TYR G 26 21.85 22.19 85.37
C TYR G 26 21.28 20.80 85.59
N LEU G 27 20.12 20.68 86.23
CA LEU G 27 19.56 19.37 86.44
C LEU G 27 19.14 18.80 85.09
N MET G 28 18.57 19.63 84.25
CA MET G 28 18.06 19.11 83.00
C MET G 28 19.24 18.75 82.07
N LEU G 29 20.38 19.42 82.22
CA LEU G 29 21.54 19.10 81.40
C LEU G 29 21.99 17.67 81.69
N GLN G 30 21.73 17.23 82.93
CA GLN G 30 22.10 15.90 83.36
C GLN G 30 21.05 14.87 82.94
N GLY G 31 19.98 15.29 82.28
CA GLY G 31 18.94 14.36 81.86
C GLY G 31 17.90 14.11 82.96
N ILE G 32 17.91 14.93 84.02
CA ILE G 32 16.94 14.82 85.08
C ILE G 32 15.74 15.70 84.75
N PRO G 33 14.52 15.15 84.57
CA PRO G 33 13.37 16.03 84.33
C PRO G 33 13.06 16.87 85.54
N VAL G 34 12.51 18.08 85.34
CA VAL G 34 12.15 18.95 86.46
C VAL G 34 10.70 19.39 86.36
N HIS G 35 10.03 19.36 87.51
CA HIS G 35 8.75 20.00 87.75
C HIS G 35 9.05 21.34 88.44
N LEU G 36 8.82 22.43 87.71
CA LEU G 36 9.07 23.76 88.25
C LEU G 36 7.92 24.10 89.19
N TRP G 37 8.23 24.58 90.40
CA TRP G 37 7.20 24.91 91.38
C TRP G 37 7.42 26.35 91.84
N SER G 38 6.39 27.18 91.66
CA SER G 38 6.42 28.60 91.98
C SER G 38 5.38 28.90 93.06
N GLY G 39 5.88 29.43 94.19
CA GLY G 39 5.04 29.82 95.29
C GLY G 39 4.67 31.30 95.20
N ASN G 40 3.36 31.57 95.10
CA ASN G 40 2.82 32.90 95.15
C ASN G 40 2.32 33.16 96.56
N SER G 41 3.04 33.99 97.33
CA SER G 41 2.77 34.19 98.74
C SER G 41 1.82 35.36 98.94
N GLY G 42 1.36 35.98 97.86
CA GLY G 42 0.32 36.97 97.96
C GLY G 42 0.86 38.40 98.01
N CYS G 43 2.17 38.55 98.14
CA CYS G 43 2.77 39.85 98.24
C CYS G 43 3.85 40.03 97.19
N SER G 44 3.71 39.44 96.01
CA SER G 44 4.66 39.70 94.94
C SER G 44 4.13 40.71 93.94
N LEU G 45 4.99 41.66 93.54
CA LEU G 45 4.64 42.67 92.57
C LEU G 45 5.28 42.34 91.24
N HIS G 46 4.56 42.56 90.15
CA HIS G 46 5.09 42.52 88.81
C HIS G 46 5.67 41.15 88.47
N ARG G 47 4.83 40.10 88.62
CA ARG G 47 5.21 38.71 88.44
C ARG G 47 5.11 38.25 86.99
N GLY G 48 4.56 39.08 86.07
CA GLY G 48 4.15 38.64 84.75
C GLY G 48 5.29 38.02 83.93
N ILE G 49 6.51 38.50 84.17
CA ILE G 49 7.68 38.18 83.36
C ILE G 49 8.14 36.74 83.61
N LEU G 50 7.59 36.08 84.63
CA LEU G 50 7.94 34.70 84.92
C LEU G 50 7.74 33.83 83.67
N SER G 51 6.61 33.96 82.99
CA SER G 51 6.25 32.97 81.97
C SER G 51 7.15 33.12 80.72
N HIS G 52 7.80 34.30 80.53
CA HIS G 52 8.81 34.46 79.50
C HIS G 52 9.97 33.55 79.81
N ARG G 53 10.41 33.52 81.06
CA ARG G 53 11.50 32.65 81.47
C ARG G 53 11.10 31.19 81.25
N VAL G 54 9.86 30.81 81.59
CA VAL G 54 9.46 29.42 81.43
C VAL G 54 9.54 29.01 79.96
N GLU G 55 9.23 29.94 79.04
CA GLU G 55 9.16 29.58 77.64
C GLU G 55 10.58 29.32 77.14
N GLU G 56 11.52 30.21 77.50
CA GLU G 56 12.95 30.04 77.23
C GLU G 56 13.44 28.64 77.63
N MET G 57 12.88 28.11 78.72
CA MET G 57 13.35 26.86 79.29
C MET G 57 12.77 25.67 78.57
N LYS G 58 11.48 25.73 78.19
CA LYS G 58 10.89 24.70 77.34
C LYS G 58 11.60 24.73 75.98
N ASN G 59 11.93 25.93 75.49
CA ASN G 59 12.61 26.05 74.21
C ASN G 59 13.96 25.38 74.23
N ARG G 60 14.68 25.47 75.35
CA ARG G 60 16.07 24.97 75.37
C ARG G 60 16.14 23.52 75.86
N PHE G 61 15.11 23.03 76.54
CA PHE G 61 15.26 21.69 77.13
C PHE G 61 14.12 20.73 76.79
N GLY G 62 13.03 21.23 76.19
CA GLY G 62 11.98 20.39 75.67
C GLY G 62 11.23 19.65 76.79
N ASP G 63 11.13 18.30 76.63
CA ASP G 63 10.30 17.49 77.48
C ASP G 63 10.82 17.40 78.90
N LEU G 64 12.07 17.75 79.08
CA LEU G 64 12.69 17.65 80.40
C LEU G 64 12.01 18.62 81.37
N VAL G 65 11.32 19.64 80.84
CA VAL G 65 10.46 20.49 81.65
C VAL G 65 9.11 19.81 81.72
N VAL G 66 8.80 19.17 82.85
CA VAL G 66 7.63 18.30 82.85
C VAL G 66 6.40 19.08 83.28
N GLY G 67 6.58 20.21 83.97
CA GLY G 67 5.45 21.07 84.28
C GLY G 67 5.84 22.29 85.10
N HIS G 68 4.87 23.19 85.16
CA HIS G 68 5.01 24.40 85.96
C HIS G 68 3.78 24.51 86.84
N THR G 69 3.96 24.50 88.17
CA THR G 69 2.89 24.71 89.13
C THR G 69 3.08 26.08 89.76
N VAL G 70 2.03 26.90 89.78
CA VAL G 70 2.03 28.13 90.54
C VAL G 70 1.05 27.92 91.68
N ALA G 71 1.56 27.92 92.91
CA ALA G 71 0.79 27.50 94.06
C ALA G 71 0.52 28.73 94.94
N ASP G 72 -0.74 28.82 95.36
CA ASP G 72 -1.14 29.92 96.22
C ASP G 72 -0.76 29.52 97.63
N ILE G 73 0.27 30.16 98.20
CA ILE G 73 0.68 29.83 99.55
C ILE G 73 0.44 31.03 100.46
N SER G 74 -0.49 31.93 100.07
CA SER G 74 -0.72 33.13 100.86
C SER G 74 -1.20 32.76 102.26
N GLY G 75 -1.99 31.69 102.37
CA GLY G 75 -2.61 31.36 103.63
C GLY G 75 -1.58 30.90 104.66
N ALA G 76 -0.73 29.95 104.25
CA ALA G 76 0.31 29.48 105.16
C ALA G 76 1.33 30.60 105.44
N PHE G 77 1.67 31.37 104.42
CA PHE G 77 2.56 32.50 104.61
C PHE G 77 2.01 33.42 105.69
N ARG G 78 0.73 33.78 105.60
CA ARG G 78 0.16 34.75 106.58
C ARG G 78 0.17 34.12 107.97
N SER G 79 -0.21 32.85 108.05
CA SER G 79 -0.25 32.13 109.31
C SER G 79 1.09 32.16 110.05
N ILE G 80 2.17 31.90 109.31
CA ILE G 80 3.49 31.72 109.88
C ILE G 80 4.19 33.07 110.13
N ALA G 81 4.09 33.98 109.15
CA ALA G 81 5.00 35.12 109.08
C ALA G 81 4.36 36.46 109.36
N ILE G 82 3.08 36.63 109.01
CA ILE G 82 2.39 37.90 109.08
C ILE G 82 1.46 38.01 110.30
N GLU G 83 0.70 36.96 110.60
CA GLU G 83 -0.40 37.03 111.56
C GLU G 83 0.00 37.70 112.86
N ALA G 84 1.20 37.39 113.35
CA ALA G 84 1.70 37.87 114.62
C ALA G 84 2.94 38.74 114.41
N LEU G 85 2.92 39.58 113.38
CA LEU G 85 4.08 40.38 113.02
C LEU G 85 4.50 41.35 114.13
N GLU G 86 3.57 41.99 114.79
CA GLU G 86 3.90 42.85 115.94
C GLU G 86 4.75 42.11 116.97
N GLN G 87 4.27 40.94 117.39
CA GLN G 87 4.89 40.18 118.45
C GLN G 87 6.27 39.72 117.97
N ASP G 88 6.31 39.13 116.77
CA ASP G 88 7.51 38.59 116.15
C ASP G 88 8.64 39.62 116.10
N ILE G 89 8.30 40.88 115.79
CA ILE G 89 9.34 41.89 115.56
C ILE G 89 9.77 42.43 116.91
N LEU G 90 8.81 42.65 117.82
CA LEU G 90 9.13 43.15 119.14
C LEU G 90 10.06 42.17 119.87
N LYS G 91 9.86 40.88 119.59
CA LYS G 91 10.63 39.84 120.26
C LYS G 91 12.04 39.76 119.68
N TYR G 92 12.16 39.59 118.37
CA TYR G 92 13.47 39.34 117.78
C TYR G 92 14.16 40.62 117.31
N ARG G 93 13.49 41.78 117.41
CA ARG G 93 14.03 43.07 116.99
C ARG G 93 14.53 43.06 115.55
N LYS G 94 13.92 42.19 114.71
CA LYS G 94 14.29 42.02 113.31
C LYS G 94 13.07 41.48 112.52
N ASN G 95 12.99 41.86 111.25
CA ASN G 95 11.88 41.56 110.39
C ASN G 95 12.18 40.29 109.63
N LEU G 96 11.61 39.17 110.09
CA LEU G 96 11.97 37.87 109.54
C LEU G 96 10.86 37.27 108.67
N VAL G 97 10.05 38.13 108.03
CA VAL G 97 8.95 37.63 107.23
C VAL G 97 9.47 36.74 106.11
N LEU G 98 10.59 37.12 105.47
CA LEU G 98 11.02 36.39 104.29
C LEU G 98 11.64 35.04 104.68
N LEU G 99 11.98 34.87 105.96
CA LEU G 99 12.36 33.59 106.50
C LEU G 99 11.13 32.71 106.72
N GLY G 100 10.13 33.25 107.43
CA GLY G 100 8.82 32.63 107.48
C GLY G 100 8.34 32.18 106.09
N GLU G 101 8.50 33.02 105.07
CA GLU G 101 8.01 32.70 103.73
C GLU G 101 8.61 31.39 103.27
N LYS G 102 9.88 31.15 103.62
CA LYS G 102 10.58 29.96 103.14
C LYS G 102 10.04 28.74 103.89
N LEU G 103 9.80 28.92 105.20
CA LEU G 103 9.16 27.88 105.96
C LEU G 103 7.82 27.50 105.32
N ALA G 104 7.04 28.51 104.94
CA ALA G 104 5.74 28.28 104.34
C ALA G 104 5.86 27.48 103.07
N ILE G 105 6.87 27.83 102.25
CA ILE G 105 7.10 27.14 101.00
C ILE G 105 7.36 25.66 101.31
N HIS G 106 8.23 25.40 102.28
CA HIS G 106 8.64 24.05 102.61
C HIS G 106 7.47 23.18 103.12
N ALA G 107 6.61 23.78 103.96
CA ALA G 107 5.38 23.16 104.38
C ALA G 107 4.58 22.74 103.14
N HIS G 108 4.30 23.67 102.22
CA HIS G 108 3.52 23.31 101.04
C HIS G 108 4.22 22.24 100.19
N LEU G 109 5.57 22.26 100.14
CA LEU G 109 6.29 21.32 99.32
C LEU G 109 6.19 19.91 99.89
N VAL G 110 6.15 19.76 101.22
CA VAL G 110 5.91 18.44 101.81
C VAL G 110 4.59 17.88 101.27
N ASP G 111 3.53 18.68 101.33
CA ASP G 111 2.23 18.22 100.89
C ASP G 111 2.28 17.92 99.39
N PHE G 112 2.94 18.81 98.64
CA PHE G 112 2.93 18.69 97.19
C PHE G 112 3.70 17.44 96.79
N CYS G 113 4.91 17.26 97.35
CA CYS G 113 5.69 16.08 97.09
C CYS G 113 4.93 14.80 97.40
N ARG G 114 4.29 14.71 98.58
CA ARG G 114 3.54 13.52 98.94
C ARG G 114 2.46 13.24 97.89
N ARG G 115 1.73 14.29 97.51
CA ARG G 115 0.59 14.12 96.62
C ARG G 115 1.00 13.89 95.17
N ASN G 116 2.24 14.17 94.77
CA ASN G 116 2.61 13.93 93.38
C ASN G 116 3.83 13.03 93.26
N ASP G 117 4.09 12.17 94.24
CA ASP G 117 5.21 11.25 94.13
C ASP G 117 6.49 11.94 93.66
N ILE G 118 6.98 12.89 94.44
CA ILE G 118 8.25 13.55 94.20
C ILE G 118 9.03 13.45 95.50
N ASN G 119 10.30 13.07 95.48
CA ASN G 119 11.04 12.98 96.75
C ASN G 119 12.39 13.69 96.71
N THR G 120 12.67 14.39 95.61
CA THR G 120 13.78 15.34 95.64
C THR G 120 13.25 16.75 95.31
N ILE G 121 13.65 17.72 96.14
CA ILE G 121 13.38 19.12 95.84
C ILE G 121 14.71 19.87 95.74
N ASN G 122 14.76 20.85 94.85
CA ASN G 122 15.98 21.61 94.63
C ASN G 122 15.64 23.10 94.65
N ASP G 123 16.59 23.90 95.16
CA ASP G 123 16.48 25.34 95.08
C ASP G 123 17.74 26.02 94.50
N GLY G 124 17.66 27.35 94.36
CA GLY G 124 18.73 28.16 93.80
C GLY G 124 19.46 28.97 94.88
N ILE G 125 19.58 28.40 96.05
CA ILE G 125 20.35 29.07 97.08
C ILE G 125 21.79 29.11 96.57
N THR G 126 22.46 30.22 96.86
CA THR G 126 23.78 30.55 96.37
C THR G 126 24.67 31.03 97.52
N HIS G 127 25.94 30.60 97.52
CA HIS G 127 26.94 31.05 98.49
C HIS G 127 27.02 32.59 98.58
N TYR G 128 26.92 33.30 97.44
CA TYR G 128 27.16 34.75 97.39
C TYR G 128 26.01 35.53 98.03
N GLN G 129 24.88 34.89 98.37
CA GLN G 129 23.72 35.62 98.91
C GLN G 129 23.40 35.21 100.35
N MET G 130 24.42 34.68 101.05
CA MET G 130 24.36 34.26 102.43
C MET G 130 23.98 35.40 103.37
N GLU G 131 23.94 36.65 102.89
CA GLU G 131 23.56 37.80 103.75
C GLU G 131 22.08 37.67 104.16
N PHE G 132 21.28 37.00 103.35
CA PHE G 132 19.85 36.88 103.58
C PHE G 132 19.58 35.65 104.47
N PRO G 133 18.69 35.76 105.51
CA PRO G 133 18.34 34.66 106.40
C PRO G 133 18.03 33.32 105.73
N GLU G 134 17.18 33.34 104.69
CA GLU G 134 16.73 32.12 104.00
C GLU G 134 17.89 31.37 103.30
N GLN G 135 19.03 32.03 103.11
CA GLN G 135 20.18 31.50 102.35
C GLN G 135 21.37 31.17 103.24
N ARG G 136 21.13 31.19 104.56
CA ARG G 136 22.22 30.93 105.52
C ARG G 136 22.30 29.44 105.87
N LEU G 137 23.49 28.97 106.18
CA LEU G 137 23.72 27.59 106.51
C LEU G 137 22.77 27.13 107.62
N VAL G 138 22.59 27.98 108.63
CA VAL G 138 21.82 27.52 109.78
C VAL G 138 20.37 27.26 109.36
N ALA G 139 19.82 28.08 108.44
CA ALA G 139 18.46 27.87 107.95
C ALA G 139 18.41 26.73 106.94
N LYS G 140 19.39 26.66 106.05
CA LYS G 140 19.44 25.59 105.08
C LYS G 140 19.46 24.23 105.80
N THR G 141 20.26 24.13 106.91
CA THR G 141 20.43 22.86 107.61
C THR G 141 19.11 22.53 108.32
N PHE G 142 18.50 23.56 108.93
CA PHE G 142 17.22 23.41 109.60
C PHE G 142 16.17 22.84 108.63
N LEU G 143 16.06 23.43 107.45
CA LEU G 143 15.07 22.96 106.49
C LEU G 143 15.45 21.60 105.87
N MET G 144 16.75 21.27 105.75
CA MET G 144 17.11 19.95 105.25
C MET G 144 16.61 18.89 106.22
N GLU G 145 16.79 19.16 107.52
CA GLU G 145 16.34 18.28 108.59
C GLU G 145 14.82 18.16 108.52
N MET G 146 14.13 19.30 108.41
CA MET G 146 12.68 19.30 108.33
C MET G 146 12.18 18.40 107.19
N MET G 147 12.75 18.55 106.01
CA MET G 147 12.28 17.79 104.85
C MET G 147 12.66 16.31 105.01
N ALA G 148 13.79 16.05 105.67
CA ALA G 148 14.25 14.68 105.83
C ALA G 148 13.25 13.92 106.72
N GLN G 149 12.66 14.62 107.71
CA GLN G 149 11.67 14.02 108.55
C GLN G 149 10.49 13.51 107.73
N TYR G 150 10.26 14.01 106.51
CA TYR G 150 9.21 13.46 105.67
C TYR G 150 9.78 12.71 104.46
N ASP G 151 10.99 12.14 104.60
CA ASP G 151 11.65 11.39 103.54
C ASP G 151 11.72 12.22 102.26
N ILE G 152 12.13 13.49 102.41
CA ILE G 152 12.29 14.32 101.23
C ILE G 152 13.72 14.84 101.23
N ASN G 153 14.32 14.69 100.04
CA ASN G 153 15.69 15.10 99.84
C ASN G 153 15.69 16.55 99.31
N TYR G 154 16.34 17.43 100.06
CA TYR G 154 16.39 18.84 99.74
C TYR G 154 17.84 19.20 99.39
N GLN G 155 18.05 19.48 98.10
CA GLN G 155 19.37 19.78 97.54
C GLN G 155 19.43 21.23 97.03
N SER G 156 20.66 21.75 96.94
CA SER G 156 20.88 23.09 96.44
C SER G 156 21.96 23.02 95.36
N PRO G 157 21.63 22.60 94.12
CA PRO G 157 22.64 22.24 93.16
C PRO G 157 23.55 23.37 92.65
N VAL G 158 23.24 24.64 92.94
CA VAL G 158 24.16 25.69 92.53
C VAL G 158 24.77 26.41 93.74
N TYR G 159 24.49 25.94 94.97
CA TYR G 159 25.00 26.61 96.18
C TYR G 159 26.53 26.73 96.16
N GLU G 160 27.22 25.61 95.92
CA GLU G 160 28.66 25.62 96.08
C GLU G 160 29.27 26.49 94.96
N PHE G 161 28.75 26.34 93.73
CA PHE G 161 29.41 26.90 92.56
C PHE G 161 29.32 28.42 92.50
N ALA G 162 28.21 28.98 92.96
CA ALA G 162 27.91 30.38 92.75
C ALA G 162 28.65 31.27 93.76
N GLN G 163 29.93 31.56 93.47
CA GLN G 163 30.70 32.49 94.30
C GLN G 163 30.29 33.94 94.05
N SER G 164 29.85 34.28 92.83
CA SER G 164 29.33 35.62 92.55
C SER G 164 28.18 35.53 91.57
N ALA G 165 27.48 36.64 91.40
CA ALA G 165 26.37 36.69 90.46
C ALA G 165 26.89 36.46 89.04
N ASP G 166 28.09 37.02 88.74
CA ASP G 166 28.67 36.86 87.43
C ASP G 166 28.85 35.37 87.08
N ASP G 167 29.12 34.51 88.07
CA ASP G 167 29.26 33.08 87.84
C ASP G 167 27.97 32.49 87.25
N VAL G 168 26.84 32.77 87.87
CA VAL G 168 25.58 32.24 87.40
C VAL G 168 25.24 32.85 86.04
N LYS G 169 25.54 34.14 85.84
CA LYS G 169 25.09 34.83 84.65
C LYS G 169 25.68 34.16 83.42
N TYR G 170 26.98 33.84 83.48
CA TYR G 170 27.69 33.49 82.28
C TYR G 170 27.37 32.05 81.90
N ARG G 171 27.02 31.21 82.89
CA ARG G 171 26.61 29.85 82.58
C ARG G 171 25.26 29.86 81.88
N LEU G 172 24.35 30.70 82.38
CA LEU G 172 23.06 30.86 81.76
C LEU G 172 23.26 31.28 80.31
N LEU G 173 24.16 32.23 80.12
CA LEU G 173 24.36 32.75 78.78
C LEU G 173 24.87 31.66 77.84
N GLN G 174 25.66 30.71 78.33
CA GLN G 174 26.20 29.63 77.52
C GLN G 174 25.11 28.64 77.11
N LEU G 175 23.95 28.71 77.77
CA LEU G 175 22.82 27.87 77.42
C LEU G 175 21.85 28.63 76.52
N GLY G 176 22.16 29.87 76.16
CA GLY G 176 21.32 30.68 75.29
C GLY G 176 20.07 31.19 75.99
N ILE G 177 20.19 31.26 77.32
CA ILE G 177 19.18 31.83 78.18
C ILE G 177 19.65 33.18 78.73
N SER G 178 18.66 34.06 79.01
CA SER G 178 18.92 35.43 79.37
C SER G 178 19.53 35.54 80.77
N THR G 179 20.34 36.57 80.99
CA THR G 179 21.07 36.70 82.25
C THR G 179 20.25 37.44 83.27
N LYS G 180 19.09 38.00 82.89
CA LYS G 180 18.30 38.86 83.77
C LYS G 180 17.55 38.03 84.81
N SER G 181 17.22 38.63 85.97
CA SER G 181 16.33 37.98 86.93
C SER G 181 14.91 38.35 86.55
N LEU G 182 14.16 37.37 86.04
CA LEU G 182 12.86 37.64 85.45
C LEU G 182 11.79 37.10 86.40
N GLU G 183 11.74 37.76 87.56
CA GLU G 183 10.87 37.33 88.64
C GLU G 183 10.11 38.56 89.12
N GLY G 184 9.06 38.30 89.89
CA GLY G 184 8.42 39.36 90.63
C GLY G 184 9.25 39.70 91.85
N ILE G 185 8.99 40.84 92.48
CA ILE G 185 9.70 41.21 93.68
C ILE G 185 8.71 41.20 94.84
N SER G 186 9.21 40.65 95.95
CA SER G 186 8.51 40.73 97.22
C SER G 186 8.38 42.19 97.60
N ILE G 187 7.26 42.58 98.20
CA ILE G 187 7.13 43.93 98.65
C ILE G 187 8.03 44.10 99.86
N PHE G 188 8.37 42.98 100.49
CA PHE G 188 9.22 42.93 101.68
C PHE G 188 10.71 43.02 101.36
N ALA G 189 11.08 43.01 100.08
CA ALA G 189 12.45 43.26 99.68
C ALA G 189 12.96 44.52 100.37
N ASP G 190 14.19 44.43 100.94
CA ASP G 190 14.93 45.60 101.40
C ASP G 190 14.17 46.27 102.54
N SER G 191 13.47 45.45 103.36
CA SER G 191 12.64 45.96 104.46
C SER G 191 13.18 45.51 105.81
N PHE G 192 14.46 45.11 105.79
CA PHE G 192 15.09 44.39 106.89
C PHE G 192 16.60 44.58 106.85
N SER G 193 17.20 44.61 108.04
CA SER G 193 18.64 44.50 108.25
C SER G 193 19.01 43.06 108.65
N THR G 194 20.30 42.80 108.89
CA THR G 194 20.82 41.47 109.15
C THR G 194 20.49 41.03 110.57
N PRO G 195 19.81 39.85 110.77
CA PRO G 195 19.73 39.18 112.07
C PRO G 195 20.93 38.29 112.40
N SER G 196 21.18 38.01 113.68
CA SER G 196 22.16 36.98 114.04
C SER G 196 21.68 35.59 113.62
N ASP G 197 22.63 34.67 113.40
CA ASP G 197 22.32 33.27 113.21
C ASP G 197 21.44 32.76 114.35
N ASP G 198 21.75 33.14 115.59
CA ASP G 198 21.04 32.60 116.74
C ASP G 198 19.54 32.94 116.65
N VAL G 199 19.26 34.15 116.18
CA VAL G 199 17.91 34.67 116.07
C VAL G 199 17.18 33.97 114.92
N VAL G 200 17.86 33.77 113.79
CA VAL G 200 17.28 33.02 112.68
C VAL G 200 16.78 31.65 113.13
N LEU G 201 17.57 30.98 113.96
CA LEU G 201 17.30 29.62 114.34
C LEU G 201 16.22 29.60 115.41
N ALA G 202 16.19 30.57 116.34
CA ALA G 202 15.13 30.61 117.33
C ALA G 202 13.74 30.85 116.69
N TYR G 203 13.71 31.68 115.64
CA TYR G 203 12.49 31.96 114.90
C TYR G 203 12.03 30.70 114.22
N LEU G 204 12.91 30.06 113.45
CA LEU G 204 12.53 28.85 112.75
C LEU G 204 11.95 27.83 113.74
N ARG G 205 12.55 27.74 114.92
CA ARG G 205 12.12 26.74 115.90
C ARG G 205 10.79 27.14 116.52
N GLU G 206 10.54 28.45 116.66
CA GLU G 206 9.31 28.97 117.21
C GLU G 206 8.15 28.72 116.22
N LYS G 207 8.45 28.67 114.93
CA LYS G 207 7.41 28.58 113.90
C LYS G 207 7.27 27.16 113.34
N ALA G 208 8.16 26.24 113.74
CA ALA G 208 8.10 24.89 113.21
C ALA G 208 6.76 24.24 113.57
N PRO G 209 6.32 24.28 114.85
CA PRO G 209 4.97 23.87 115.22
C PRO G 209 3.90 24.31 114.22
N LEU G 210 3.82 25.62 113.93
CA LEU G 210 2.83 26.07 112.98
C LEU G 210 2.98 25.37 111.63
N ALA G 211 4.22 25.13 111.21
CA ALA G 211 4.46 24.61 109.88
C ALA G 211 4.11 23.13 109.79
N HIS G 212 4.46 22.36 110.82
CA HIS G 212 4.12 20.95 110.84
C HIS G 212 2.61 20.80 110.92
N ASN G 213 1.99 21.68 111.69
CA ASN G 213 0.55 21.70 111.83
C ASN G 213 -0.13 21.88 110.47
N ILE G 214 0.39 22.82 109.66
CA ILE G 214 -0.16 23.10 108.34
C ILE G 214 0.07 21.90 107.43
N VAL G 215 1.19 21.20 107.61
CA VAL G 215 1.44 20.02 106.80
C VAL G 215 0.38 18.98 107.04
N ASN G 216 0.08 18.80 108.33
CA ASN G 216 -0.94 17.87 108.76
C ASN G 216 -2.33 18.28 108.26
N PHE G 217 -2.60 19.58 108.27
CA PHE G 217 -3.88 20.04 107.79
C PHE G 217 -4.01 19.70 106.30
N LEU G 218 -2.97 20.03 105.53
CA LEU G 218 -2.99 19.85 104.08
C LEU G 218 -3.11 18.35 103.74
N ALA G 219 -2.63 17.49 104.62
CA ALA G 219 -2.70 16.05 104.41
C ALA G 219 -4.06 15.50 104.87
N GLY G 220 -4.90 16.35 105.47
CA GLY G 220 -6.22 15.96 105.94
C GLY G 220 -6.21 15.14 107.23
N GLU G 221 -5.26 15.40 108.13
CA GLU G 221 -5.13 14.55 109.33
C GLU G 221 -5.63 15.26 110.60
N THR G 222 -5.65 16.58 110.63
CA THR G 222 -6.05 17.27 111.88
C THR G 222 -6.55 18.65 111.56
N LEU G 223 -7.11 19.33 112.57
CA LEU G 223 -7.70 20.68 112.35
C LEU G 223 -7.31 21.59 113.52
N LYS H 8 22.39 -46.13 -86.98
CA LYS H 8 21.09 -45.74 -87.58
C LYS H 8 21.35 -44.48 -88.40
N PRO H 9 21.78 -43.37 -87.80
CA PRO H 9 21.93 -42.10 -88.52
C PRO H 9 22.94 -42.24 -89.64
N GLN H 10 22.58 -41.79 -90.84
CA GLN H 10 23.44 -41.77 -91.99
C GLN H 10 23.76 -40.35 -92.38
N LEU H 11 24.82 -40.20 -93.18
CA LEU H 11 25.28 -38.88 -93.59
C LEU H 11 24.76 -38.59 -94.99
N VAL H 12 24.36 -37.34 -95.20
CA VAL H 12 24.02 -36.90 -96.53
C VAL H 12 24.94 -35.72 -96.89
N MET H 13 25.54 -35.84 -98.07
CA MET H 13 26.33 -34.78 -98.60
C MET H 13 25.37 -33.74 -99.13
N PHE H 14 25.31 -32.61 -98.44
CA PHE H 14 24.20 -31.71 -98.62
C PHE H 14 24.69 -30.33 -98.99
N THR H 15 24.28 -29.85 -100.16
CA THR H 15 24.73 -28.56 -100.67
C THR H 15 23.64 -27.50 -100.50
N GLY H 16 22.37 -27.95 -100.37
CA GLY H 16 21.27 -27.02 -100.42
C GLY H 16 20.55 -27.05 -101.78
N GLY H 17 21.11 -27.73 -102.77
CA GLY H 17 20.49 -27.79 -104.07
C GLY H 17 19.36 -28.83 -104.07
N ARG H 18 18.62 -28.87 -105.17
CA ARG H 18 17.40 -29.71 -105.19
C ARG H 18 17.68 -31.20 -105.11
N ASP H 19 18.85 -31.64 -105.57
CA ASP H 19 19.06 -33.05 -105.67
C ASP H 19 19.48 -33.63 -104.31
N SER H 20 20.39 -32.96 -103.58
CA SER H 20 20.86 -33.46 -102.30
C SER H 20 19.78 -33.26 -101.23
N THR H 21 18.98 -32.20 -101.38
CA THR H 21 17.83 -31.98 -100.51
C THR H 21 16.83 -33.16 -100.60
N LEU H 22 16.50 -33.58 -101.84
CA LEU H 22 15.55 -34.65 -102.03
C LEU H 22 16.12 -35.97 -101.49
N ALA H 23 17.43 -36.17 -101.65
CA ALA H 23 18.04 -37.38 -101.15
C ALA H 23 17.92 -37.43 -99.64
N ALA H 24 18.20 -36.30 -98.98
CA ALA H 24 18.07 -36.25 -97.54
C ALA H 24 16.63 -36.55 -97.15
N CYS H 25 15.68 -35.84 -97.79
CA CYS H 25 14.27 -35.95 -97.48
C CYS H 25 13.74 -37.37 -97.68
N TYR H 26 14.11 -38.02 -98.77
CA TYR H 26 13.64 -39.36 -99.03
C TYR H 26 14.14 -40.30 -97.91
N LEU H 27 15.36 -40.08 -97.42
CA LEU H 27 15.85 -40.95 -96.38
C LEU H 27 15.02 -40.72 -95.11
N MET H 28 14.71 -39.47 -94.85
CA MET H 28 14.03 -39.16 -93.61
C MET H 28 12.56 -39.65 -93.68
N LEU H 29 12.01 -39.70 -94.89
CA LEU H 29 10.65 -40.19 -95.05
C LEU H 29 10.57 -41.65 -94.61
N GLN H 30 11.70 -42.35 -94.77
CA GLN H 30 11.76 -43.75 -94.41
C GLN H 30 12.07 -43.92 -92.93
N GLY H 31 12.22 -42.84 -92.17
CA GLY H 31 12.53 -42.96 -90.75
C GLY H 31 14.03 -43.06 -90.47
N ILE H 32 14.86 -42.80 -91.47
CA ILE H 32 16.30 -42.85 -91.30
C ILE H 32 16.80 -41.47 -90.91
N PRO H 33 17.38 -41.25 -89.74
CA PRO H 33 17.91 -39.92 -89.41
C PRO H 33 19.09 -39.56 -90.29
N VAL H 34 19.29 -38.27 -90.56
CA VAL H 34 20.40 -37.81 -91.39
C VAL H 34 21.20 -36.74 -90.67
N HIS H 35 22.52 -36.85 -90.76
CA HIS H 35 23.50 -35.83 -90.45
C HIS H 35 23.87 -35.15 -91.77
N LEU H 36 23.43 -33.91 -91.95
CA LEU H 36 23.70 -33.16 -93.15
C LEU H 36 25.15 -32.70 -93.10
N TRP H 37 25.92 -32.91 -94.18
CA TRP H 37 27.33 -32.55 -94.20
C TRP H 37 27.60 -31.71 -95.43
N SER H 38 28.10 -30.49 -95.20
CA SER H 38 28.37 -29.50 -96.24
C SER H 38 29.85 -29.17 -96.28
N GLY H 39 30.47 -29.43 -97.42
CA GLY H 39 31.89 -29.18 -97.65
C GLY H 39 32.11 -27.86 -98.33
N ASN H 40 32.80 -26.95 -97.65
CA ASN H 40 33.14 -25.64 -98.17
C ASN H 40 34.59 -25.69 -98.63
N SER H 41 34.81 -25.65 -99.93
CA SER H 41 36.12 -25.86 -100.52
C SER H 41 36.86 -24.54 -100.68
N GLY H 42 36.26 -23.43 -100.28
CA GLY H 42 36.98 -22.18 -100.25
C GLY H 42 36.70 -21.30 -101.45
N CYS H 43 36.07 -21.84 -102.48
CA CYS H 43 35.78 -21.00 -103.63
C CYS H 43 34.30 -21.00 -104.00
N SER H 44 33.41 -21.02 -102.99
CA SER H 44 32.00 -20.87 -103.25
C SER H 44 31.50 -19.46 -103.01
N LEU H 45 30.68 -18.94 -103.94
CA LEU H 45 30.19 -17.58 -103.86
C LEU H 45 28.73 -17.63 -103.46
N HIS H 46 28.29 -16.71 -102.61
CA HIS H 46 26.85 -16.57 -102.28
C HIS H 46 26.29 -17.87 -101.72
N ARG H 47 26.75 -18.28 -100.55
CA ARG H 47 26.35 -19.58 -99.96
C ARG H 47 25.36 -19.44 -98.81
N GLY H 48 25.02 -18.23 -98.42
CA GLY H 48 24.18 -18.02 -97.23
C GLY H 48 22.80 -18.61 -97.37
N ILE H 49 22.31 -18.72 -98.60
CA ILE H 49 20.93 -19.19 -98.76
C ILE H 49 20.79 -20.65 -98.33
N LEU H 50 21.90 -21.34 -98.10
CA LEU H 50 21.87 -22.70 -97.61
C LEU H 50 20.99 -22.83 -96.37
N SER H 51 21.14 -21.93 -95.40
CA SER H 51 20.52 -22.12 -94.12
C SER H 51 18.99 -21.98 -94.19
N HIS H 52 18.44 -21.31 -95.24
CA HIS H 52 17.01 -21.30 -95.51
C HIS H 52 16.56 -22.73 -95.76
N ARG H 53 17.31 -23.45 -96.61
CA ARG H 53 16.96 -24.82 -96.91
C ARG H 53 16.99 -25.69 -95.66
N VAL H 54 18.02 -25.50 -94.81
CA VAL H 54 18.14 -26.33 -93.62
C VAL H 54 16.93 -26.12 -92.71
N GLU H 55 16.41 -24.90 -92.61
CA GLU H 55 15.30 -24.64 -91.65
C GLU H 55 14.05 -25.34 -92.19
N GLU H 56 13.78 -25.17 -93.47
CA GLU H 56 12.68 -25.88 -94.12
C GLU H 56 12.69 -27.35 -93.75
N MET H 57 13.88 -27.94 -93.62
CA MET H 57 14.03 -29.37 -93.43
C MET H 57 13.84 -29.75 -91.97
N LYS H 58 14.35 -28.95 -91.04
CA LYS H 58 14.04 -29.16 -89.63
C LYS H 58 12.52 -28.97 -89.41
N ASN H 59 11.94 -28.00 -90.11
CA ASN H 59 10.52 -27.74 -89.99
C ASN H 59 9.70 -28.93 -90.45
N ARG H 60 10.15 -29.57 -91.53
CA ARG H 60 9.35 -30.65 -92.13
C ARG H 60 9.64 -32.01 -91.51
N PHE H 61 10.80 -32.21 -90.89
CA PHE H 61 11.13 -33.57 -90.47
C PHE H 61 11.51 -33.68 -89.00
N GLY H 62 11.72 -32.53 -88.32
CA GLY H 62 11.99 -32.52 -86.90
C GLY H 62 13.34 -33.17 -86.55
N ASP H 63 13.31 -34.11 -85.62
CA ASP H 63 14.48 -34.70 -84.99
C ASP H 63 15.23 -35.59 -85.96
N LEU H 64 14.60 -35.96 -87.08
CA LEU H 64 15.26 -36.80 -88.05
C LEU H 64 16.46 -36.09 -88.67
N VAL H 65 16.47 -34.75 -88.59
CA VAL H 65 17.65 -33.96 -88.92
C VAL H 65 18.52 -33.93 -87.67
N VAL H 66 19.60 -34.72 -87.63
CA VAL H 66 20.30 -34.86 -86.37
C VAL H 66 21.40 -33.83 -86.27
N GLY H 67 21.85 -33.25 -87.39
CA GLY H 67 22.93 -32.28 -87.37
C GLY H 67 23.13 -31.62 -88.72
N HIS H 68 23.75 -30.45 -88.73
CA HIS H 68 24.34 -29.87 -89.92
C HIS H 68 25.78 -29.51 -89.62
N THR H 69 26.74 -30.12 -90.33
CA THR H 69 28.15 -29.80 -90.24
C THR H 69 28.57 -29.07 -91.51
N VAL H 70 29.23 -27.92 -91.35
CA VAL H 70 29.81 -27.21 -92.49
C VAL H 70 31.30 -27.29 -92.31
N ALA H 71 31.99 -27.99 -93.19
CA ALA H 71 33.38 -28.37 -92.98
C ALA H 71 34.26 -27.60 -93.96
N ASP H 72 35.34 -27.04 -93.43
CA ASP H 72 36.32 -26.36 -94.26
C ASP H 72 37.21 -27.41 -94.90
N ILE H 73 37.06 -27.60 -96.20
CA ILE H 73 37.90 -28.57 -96.90
C ILE H 73 38.82 -27.85 -97.88
N SER H 74 39.10 -26.56 -97.63
CA SER H 74 39.88 -25.80 -98.59
C SER H 74 41.28 -26.37 -98.70
N GLY H 75 41.82 -26.87 -97.62
CA GLY H 75 43.20 -27.35 -97.62
C GLY H 75 43.39 -28.59 -98.44
N ALA H 76 42.53 -29.59 -98.23
CA ALA H 76 42.61 -30.81 -99.02
C ALA H 76 42.27 -30.53 -100.48
N PHE H 77 41.27 -29.67 -100.72
CA PHE H 77 40.90 -29.29 -102.06
C PHE H 77 42.12 -28.70 -102.73
N ARG H 78 42.81 -27.79 -102.06
CA ARG H 78 43.95 -27.11 -102.73
C ARG H 78 45.01 -28.15 -103.05
N SER H 79 45.32 -28.97 -102.08
CA SER H 79 46.35 -29.99 -102.24
C SER H 79 46.13 -30.88 -103.45
N ILE H 80 44.89 -31.34 -103.63
CA ILE H 80 44.54 -32.31 -104.66
C ILE H 80 44.32 -31.63 -106.02
N ALA H 81 43.65 -30.48 -106.07
CA ALA H 81 43.09 -29.96 -107.31
C ALA H 81 43.77 -28.68 -107.80
N ILE H 82 44.24 -27.82 -106.89
CA ILE H 82 44.70 -26.47 -107.23
C ILE H 82 46.24 -26.36 -107.23
N GLU H 83 46.92 -26.94 -106.24
CA GLU H 83 48.34 -26.72 -106.03
C GLU H 83 49.13 -26.96 -107.30
N ALA H 84 48.75 -27.98 -108.08
CA ALA H 84 49.44 -28.36 -109.29
C ALA H 84 48.52 -28.22 -110.51
N LEU H 85 47.74 -27.13 -110.53
CA LEU H 85 46.75 -26.92 -111.58
C LEU H 85 47.40 -26.83 -112.96
N GLU H 86 48.53 -26.13 -113.11
CA GLU H 86 49.19 -26.06 -114.40
C GLU H 86 49.47 -27.44 -114.96
N GLN H 87 50.09 -28.30 -114.14
CA GLN H 87 50.52 -29.60 -114.59
C GLN H 87 49.27 -30.43 -114.95
N ASP H 88 48.31 -30.45 -114.02
CA ASP H 88 47.08 -31.20 -114.16
C ASP H 88 46.35 -30.89 -115.46
N ILE H 89 46.33 -29.63 -115.87
CA ILE H 89 45.52 -29.22 -117.02
C ILE H 89 46.34 -29.49 -118.29
N LEU H 90 47.66 -29.24 -118.25
CA LEU H 90 48.50 -29.51 -119.40
C LEU H 90 48.44 -31.01 -119.74
N LYS H 91 48.32 -31.84 -118.71
CA LYS H 91 48.33 -33.27 -118.89
C LYS H 91 47.00 -33.76 -119.45
N TYR H 92 45.89 -33.43 -118.79
CA TYR H 92 44.61 -34.00 -119.17
C TYR H 92 43.83 -33.11 -120.14
N ARG H 93 44.35 -31.92 -120.46
CA ARG H 93 43.71 -31.04 -121.48
C ARG H 93 42.27 -30.75 -121.06
N LYS H 94 41.97 -30.92 -119.76
CA LYS H 94 40.64 -30.61 -119.18
C LYS H 94 40.81 -30.10 -117.74
N ASN H 95 39.94 -29.19 -117.29
CA ASN H 95 39.96 -28.57 -115.98
C ASN H 95 39.10 -29.43 -115.06
N LEU H 96 39.81 -30.22 -114.24
CA LEU H 96 39.12 -31.23 -113.44
C LEU H 96 39.10 -30.85 -111.96
N VAL H 97 39.08 -29.54 -111.67
CA VAL H 97 39.05 -29.09 -110.30
C VAL H 97 37.85 -29.67 -109.56
N LEU H 98 36.68 -29.64 -110.18
CA LEU H 98 35.46 -30.04 -109.42
C LEU H 98 35.46 -31.55 -109.20
N LEU H 99 36.23 -32.30 -109.99
CA LEU H 99 36.39 -33.71 -109.72
C LEU H 99 37.30 -33.90 -108.51
N GLY H 100 38.48 -33.27 -108.53
CA GLY H 100 39.31 -33.14 -107.34
C GLY H 100 38.50 -32.77 -106.10
N GLU H 101 37.59 -31.80 -106.22
CA GLU H 101 36.85 -31.31 -105.08
C GLU H 101 36.08 -32.47 -104.45
N LYS H 102 35.57 -33.39 -105.27
CA LYS H 102 34.74 -34.49 -104.77
C LYS H 102 35.66 -35.50 -104.09
N LEU H 103 36.85 -35.74 -104.66
CA LEU H 103 37.83 -36.57 -104.00
C LEU H 103 38.12 -36.01 -102.61
N ALA H 104 38.32 -34.68 -102.53
CA ALA H 104 38.64 -34.04 -101.27
C ALA H 104 37.52 -34.25 -100.27
N ILE H 105 36.28 -34.13 -100.74
CA ILE H 105 35.10 -34.34 -99.90
C ILE H 105 35.18 -35.74 -99.31
N HIS H 106 35.42 -36.74 -100.17
CA HIS H 106 35.41 -38.13 -99.77
C HIS H 106 36.52 -38.44 -98.73
N ALA H 107 37.71 -37.87 -98.94
CA ALA H 107 38.78 -37.91 -97.95
C ALA H 107 38.29 -37.40 -96.61
N HIS H 108 37.73 -36.20 -96.57
CA HIS H 108 37.23 -35.66 -95.31
C HIS H 108 36.13 -36.54 -94.70
N LEU H 109 35.28 -37.13 -95.55
CA LEU H 109 34.17 -37.94 -95.06
C LEU H 109 34.70 -39.23 -94.42
N VAL H 110 35.79 -39.80 -94.93
CA VAL H 110 36.38 -40.96 -94.27
C VAL H 110 36.71 -40.59 -92.82
N ASP H 111 37.41 -39.47 -92.64
CA ASP H 111 37.80 -39.08 -91.29
C ASP H 111 36.56 -38.80 -90.46
N PHE H 112 35.57 -38.13 -91.08
CA PHE H 112 34.43 -37.66 -90.34
C PHE H 112 33.62 -38.88 -89.89
N CYS H 113 33.35 -39.81 -90.82
CA CYS H 113 32.61 -41.02 -90.51
C CYS H 113 33.27 -41.79 -89.37
N ARG H 114 34.57 -42.02 -89.47
CA ARG H 114 35.29 -42.75 -88.41
C ARG H 114 35.11 -42.04 -87.08
N ARG H 115 35.27 -40.73 -87.04
CA ARG H 115 35.27 -40.05 -85.77
C ARG H 115 33.85 -39.83 -85.23
N ASN H 116 32.78 -39.99 -86.03
CA ASN H 116 31.45 -39.78 -85.50
C ASN H 116 30.54 -40.98 -85.74
N ASP H 117 31.12 -42.18 -85.79
CA ASP H 117 30.31 -43.39 -85.84
C ASP H 117 29.24 -43.35 -86.91
N ILE H 118 29.63 -43.15 -88.18
CA ILE H 118 28.71 -43.18 -89.31
C ILE H 118 29.28 -44.14 -90.33
N ASN H 119 28.51 -45.04 -90.93
CA ASN H 119 29.05 -45.95 -91.92
C ASN H 119 28.21 -46.01 -93.19
N THR H 120 27.17 -45.17 -93.30
CA THR H 120 26.55 -44.95 -94.60
C THR H 120 26.62 -43.45 -94.97
N ILE H 121 27.06 -43.16 -96.20
CA ILE H 121 27.03 -41.81 -96.72
C ILE H 121 26.16 -41.79 -97.98
N ASN H 122 25.44 -40.67 -98.17
CA ASN H 122 24.55 -40.55 -99.29
C ASN H 122 24.81 -39.22 -99.97
N ASP H 123 24.63 -39.19 -101.31
CA ASP H 123 24.64 -37.94 -102.07
C ASP H 123 23.44 -37.81 -103.00
N GLY H 124 23.36 -36.66 -103.68
CA GLY H 124 22.26 -36.33 -104.58
C GLY H 124 22.65 -36.43 -106.05
N ILE H 125 23.52 -37.39 -106.34
CA ILE H 125 23.88 -37.59 -107.73
C ILE H 125 22.60 -38.03 -108.43
N THR H 126 22.44 -37.56 -109.67
CA THR H 126 21.25 -37.72 -110.48
C THR H 126 21.62 -38.17 -111.90
N HIS H 127 20.86 -39.11 -112.47
CA HIS H 127 21.02 -39.55 -113.85
C HIS H 127 21.10 -38.40 -114.86
N TYR H 128 20.29 -37.35 -114.68
CA TYR H 128 20.15 -36.27 -115.65
C TYR H 128 21.39 -35.37 -115.71
N GLN H 129 22.33 -35.50 -114.75
CA GLN H 129 23.48 -34.62 -114.70
C GLN H 129 24.78 -35.37 -114.88
N MET H 130 24.71 -36.52 -115.59
CA MET H 130 25.87 -37.34 -115.85
C MET H 130 26.90 -36.62 -116.73
N GLU H 131 26.56 -35.49 -117.33
CA GLU H 131 27.57 -34.72 -118.08
C GLU H 131 28.75 -34.29 -117.19
N PHE H 132 28.49 -34.05 -115.89
CA PHE H 132 29.49 -33.55 -114.94
C PHE H 132 30.33 -34.73 -114.44
N PRO H 133 31.69 -34.59 -114.39
CA PRO H 133 32.60 -35.65 -113.95
C PRO H 133 32.23 -36.37 -112.65
N GLU H 134 31.89 -35.60 -111.60
CA GLU H 134 31.59 -36.14 -110.28
C GLU H 134 30.32 -37.02 -110.27
N GLN H 135 29.50 -36.92 -111.35
CA GLN H 135 28.19 -37.55 -111.45
C GLN H 135 28.19 -38.71 -112.46
N ARG H 136 29.37 -39.09 -112.96
CA ARG H 136 29.50 -40.18 -113.89
C ARG H 136 29.67 -41.49 -113.16
N LEU H 137 29.17 -42.58 -113.78
CA LEU H 137 29.29 -43.91 -113.21
C LEU H 137 30.75 -44.23 -112.92
N VAL H 138 31.65 -43.84 -113.82
CA VAL H 138 33.04 -44.26 -113.66
C VAL H 138 33.63 -43.67 -112.39
N ALA H 139 33.26 -42.42 -112.07
CA ALA H 139 33.77 -41.75 -110.87
C ALA H 139 33.01 -42.26 -109.65
N LYS H 140 31.68 -42.41 -109.77
CA LYS H 140 30.90 -42.92 -108.66
C LYS H 140 31.43 -44.31 -108.25
N THR H 141 31.79 -45.16 -109.21
CA THR H 141 32.23 -46.54 -108.93
C THR H 141 33.59 -46.47 -108.25
N PHE H 142 34.46 -45.59 -108.77
CA PHE H 142 35.79 -45.37 -108.17
C PHE H 142 35.66 -44.99 -106.70
N LEU H 143 34.80 -44.01 -106.41
CA LEU H 143 34.62 -43.54 -105.06
C LEU H 143 33.87 -44.55 -104.18
N MET H 144 32.98 -45.38 -104.74
CA MET H 144 32.32 -46.41 -103.93
C MET H 144 33.38 -47.40 -103.43
N GLU H 145 34.32 -47.75 -104.31
CA GLU H 145 35.42 -48.64 -104.00
C GLU H 145 36.27 -47.98 -102.91
N MET H 146 36.62 -46.71 -103.12
CA MET H 146 37.42 -45.98 -102.16
C MET H 146 36.80 -46.02 -100.77
N MET H 147 35.51 -45.73 -100.67
CA MET H 147 34.84 -45.68 -99.37
C MET H 147 34.73 -47.07 -98.78
N ALA H 148 34.57 -48.07 -99.66
CA ALA H 148 34.42 -49.43 -99.17
C ALA H 148 35.70 -49.88 -98.49
N GLN H 149 36.86 -49.42 -98.99
CA GLN H 149 38.12 -49.74 -98.38
C GLN H 149 38.15 -49.30 -96.91
N TYR H 150 37.35 -48.31 -96.53
CA TYR H 150 37.29 -47.93 -95.12
C TYR H 150 35.95 -48.30 -94.48
N ASP H 151 35.33 -49.39 -94.98
CA ASP H 151 34.09 -49.92 -94.44
C ASP H 151 33.02 -48.85 -94.45
N ILE H 152 32.90 -48.10 -95.55
CA ILE H 152 31.88 -47.09 -95.62
C ILE H 152 31.04 -47.35 -96.86
N ASN H 153 29.72 -47.33 -96.65
CA ASN H 153 28.75 -47.57 -97.70
C ASN H 153 28.37 -46.22 -98.32
N TYR H 154 28.60 -46.10 -99.63
CA TYR H 154 28.31 -44.87 -100.36
C TYR H 154 27.18 -45.11 -101.34
N GLN H 155 26.03 -44.51 -101.04
CA GLN H 155 24.79 -44.67 -101.82
C GLN H 155 24.37 -43.35 -102.46
N SER H 156 23.56 -43.46 -103.52
CA SER H 156 23.04 -42.32 -104.23
C SER H 156 21.53 -42.49 -104.38
N PRO H 157 20.73 -42.19 -103.34
CA PRO H 157 19.35 -42.60 -103.30
C PRO H 157 18.40 -41.97 -104.32
N VAL H 158 18.81 -40.91 -105.01
CA VAL H 158 17.93 -40.35 -106.03
C VAL H 158 18.53 -40.48 -107.42
N TYR H 159 19.67 -41.20 -107.57
CA TYR H 159 20.31 -41.37 -108.88
C TYR H 159 19.32 -41.93 -109.91
N GLU H 160 18.69 -43.06 -109.55
CA GLU H 160 17.89 -43.78 -110.49
C GLU H 160 16.66 -42.95 -110.85
N PHE H 161 16.02 -42.35 -109.86
CA PHE H 161 14.72 -41.74 -110.08
C PHE H 161 14.78 -40.46 -110.92
N ALA H 162 15.84 -39.68 -110.76
CA ALA H 162 15.89 -38.34 -111.31
C ALA H 162 16.28 -38.34 -112.79
N GLN H 163 15.32 -38.64 -113.67
CA GLN H 163 15.55 -38.62 -115.12
C GLN H 163 15.60 -37.16 -115.62
N SER H 164 14.89 -36.20 -114.99
CA SER H 164 15.03 -34.79 -115.31
C SER H 164 14.93 -33.95 -114.04
N ALA H 165 15.24 -32.66 -114.17
CA ALA H 165 15.16 -31.74 -113.06
C ALA H 165 13.71 -31.64 -112.60
N ASP H 166 12.75 -31.66 -113.56
CA ASP H 166 11.35 -31.57 -113.20
C ASP H 166 10.95 -32.70 -112.26
N ASP H 167 11.57 -33.88 -112.39
CA ASP H 167 11.27 -35.01 -111.50
C ASP H 167 11.57 -34.63 -110.04
N VAL H 168 12.76 -34.11 -109.79
CA VAL H 168 13.13 -33.75 -108.42
C VAL H 168 12.28 -32.58 -107.94
N LYS H 169 11.96 -31.62 -108.82
CA LYS H 169 11.29 -30.40 -108.41
C LYS H 169 9.95 -30.73 -107.78
N TYR H 170 9.20 -31.63 -108.43
CA TYR H 170 7.80 -31.78 -108.09
C TYR H 170 7.69 -32.62 -106.82
N ARG H 171 8.67 -33.50 -106.56
CA ARG H 171 8.66 -34.27 -105.34
C ARG H 171 8.94 -33.36 -104.16
N LEU H 172 9.90 -32.47 -104.34
CA LEU H 172 10.21 -31.50 -103.32
C LEU H 172 8.97 -30.66 -103.01
N LEU H 173 8.26 -30.27 -104.04
CA LEU H 173 7.10 -29.47 -103.85
C LEU H 173 6.04 -30.20 -103.02
N GLN H 174 5.93 -31.52 -103.19
CA GLN H 174 4.96 -32.35 -102.49
C GLN H 174 5.33 -32.46 -100.99
N LEU H 175 6.56 -32.08 -100.63
CA LEU H 175 6.99 -32.10 -99.25
C LEU H 175 6.87 -30.70 -98.63
N GLY H 176 6.37 -29.72 -99.41
CA GLY H 176 6.18 -28.36 -98.91
C GLY H 176 7.51 -27.61 -98.82
N ILE H 177 8.46 -28.10 -99.62
CA ILE H 177 9.77 -27.50 -99.79
C ILE H 177 9.89 -26.86 -101.17
N SER H 178 10.73 -25.81 -101.22
CA SER H 178 10.89 -24.99 -102.41
C SER H 178 11.59 -25.78 -103.53
N THR H 179 11.31 -25.44 -104.78
CA THR H 179 11.85 -26.17 -105.91
C THR H 179 13.21 -25.62 -106.32
N LYS H 180 13.65 -24.49 -105.75
CA LYS H 180 14.85 -23.78 -106.19
C LYS H 180 16.11 -24.46 -105.70
N SER H 181 17.25 -24.27 -106.38
CA SER H 181 18.54 -24.75 -105.87
C SER H 181 19.12 -23.64 -105.01
N LEU H 182 19.13 -23.86 -103.70
CA LEU H 182 19.46 -22.80 -102.76
C LEU H 182 20.84 -23.10 -102.19
N GLU H 183 21.79 -22.89 -103.06
CA GLU H 183 23.17 -23.22 -102.68
C GLU H 183 24.09 -22.17 -103.26
N GLY H 184 25.31 -22.16 -102.79
CA GLY H 184 26.31 -21.29 -103.39
C GLY H 184 26.76 -21.84 -104.72
N ILE H 185 27.42 -21.03 -105.54
CA ILE H 185 27.97 -21.53 -106.78
C ILE H 185 29.47 -21.51 -106.67
N SER H 186 30.07 -22.59 -107.19
CA SER H 186 31.50 -22.66 -107.38
C SER H 186 31.90 -21.59 -108.38
N ILE H 187 33.05 -20.95 -108.18
CA ILE H 187 33.51 -19.98 -109.15
C ILE H 187 33.96 -20.76 -110.38
N PHE H 188 34.24 -22.07 -110.19
CA PHE H 188 34.68 -22.97 -111.22
C PHE H 188 33.54 -23.48 -112.10
N ALA H 189 32.29 -23.21 -111.72
CA ALA H 189 31.17 -23.53 -112.58
C ALA H 189 31.42 -23.02 -114.00
N ASP H 190 31.17 -23.88 -115.00
CA ASP H 190 31.13 -23.54 -116.40
C ASP H 190 32.49 -23.00 -116.86
N SER H 191 33.56 -23.56 -116.29
CA SER H 191 34.94 -23.14 -116.55
C SER H 191 35.74 -24.25 -117.24
N PHE H 192 34.98 -25.18 -117.84
CA PHE H 192 35.49 -26.46 -118.29
C PHE H 192 34.61 -26.99 -119.43
N SER H 193 35.27 -27.76 -120.33
CA SER H 193 34.57 -28.61 -121.29
C SER H 193 34.55 -30.05 -120.78
N THR H 194 33.78 -30.91 -121.46
CA THR H 194 33.50 -32.27 -121.03
C THR H 194 34.72 -33.16 -121.22
N PRO H 195 35.21 -33.85 -120.14
CA PRO H 195 36.29 -34.82 -120.26
C PRO H 195 35.82 -36.23 -120.60
N SER H 196 36.72 -37.01 -121.23
CA SER H 196 36.61 -38.43 -121.42
C SER H 196 36.37 -39.19 -120.12
N ASP H 197 35.58 -40.29 -120.10
CA ASP H 197 35.54 -41.17 -118.96
C ASP H 197 36.95 -41.62 -118.61
N ASP H 198 37.76 -41.98 -119.60
CA ASP H 198 39.07 -42.57 -119.35
C ASP H 198 39.92 -41.58 -118.58
N VAL H 199 39.80 -40.29 -118.94
CA VAL H 199 40.58 -39.21 -118.36
C VAL H 199 40.10 -38.96 -116.92
N VAL H 200 38.79 -38.97 -116.68
CA VAL H 200 38.24 -38.84 -115.34
C VAL H 200 38.85 -39.87 -114.39
N LEU H 201 38.90 -41.12 -114.84
CA LEU H 201 39.35 -42.22 -113.95
C LEU H 201 40.85 -42.15 -113.70
N ALA H 202 41.63 -41.84 -114.73
CA ALA H 202 43.07 -41.68 -114.53
C ALA H 202 43.28 -40.61 -113.47
N TYR H 203 42.71 -39.42 -113.70
CA TYR H 203 42.88 -38.33 -112.76
C TYR H 203 42.64 -38.85 -111.37
N LEU H 204 41.48 -39.47 -111.14
CA LEU H 204 41.16 -39.96 -109.82
C LEU H 204 42.28 -40.88 -109.32
N ARG H 205 42.83 -41.72 -110.22
CA ARG H 205 43.84 -42.66 -109.82
C ARG H 205 45.18 -41.96 -109.53
N GLU H 206 45.44 -40.85 -110.23
CA GLU H 206 46.65 -40.06 -110.04
C GLU H 206 46.58 -39.34 -108.69
N LYS H 207 45.39 -39.03 -108.21
CA LYS H 207 45.24 -38.21 -107.01
C LYS H 207 44.86 -39.04 -105.79
N ALA H 208 44.60 -40.35 -105.98
CA ALA H 208 44.20 -41.19 -104.87
C ALA H 208 45.28 -41.20 -103.79
N PRO H 209 46.58 -41.42 -104.14
CA PRO H 209 47.66 -41.26 -103.19
C PRO H 209 47.51 -40.02 -102.32
N LEU H 210 47.35 -38.85 -102.92
CA LEU H 210 47.21 -37.63 -102.12
C LEU H 210 46.04 -37.75 -101.15
N ALA H 211 44.94 -38.36 -101.62
CA ALA H 211 43.72 -38.39 -100.84
C ALA H 211 43.84 -39.35 -99.65
N HIS H 212 44.45 -40.51 -99.89
CA HIS H 212 44.64 -41.47 -98.80
C HIS H 212 45.61 -40.89 -97.78
N ASN H 213 46.61 -40.18 -98.29
CA ASN H 213 47.59 -39.51 -97.45
C ASN H 213 46.90 -38.54 -96.49
N ILE H 214 45.94 -37.75 -97.02
CA ILE H 214 45.24 -36.77 -96.23
C ILE H 214 44.35 -37.48 -95.21
N VAL H 215 43.82 -38.65 -95.59
CA VAL H 215 42.99 -39.40 -94.67
C VAL H 215 43.83 -39.80 -93.45
N ASN H 216 45.04 -40.26 -93.74
CA ASN H 216 45.99 -40.66 -92.72
C ASN H 216 46.39 -39.48 -91.85
N PHE H 217 46.57 -38.32 -92.47
CA PHE H 217 46.96 -37.15 -91.70
C PHE H 217 45.83 -36.82 -90.73
N LEU H 218 44.59 -36.78 -91.23
CA LEU H 218 43.45 -36.38 -90.43
C LEU H 218 43.24 -37.36 -89.28
N ALA H 219 43.65 -38.60 -89.45
CA ALA H 219 43.52 -39.63 -88.44
C ALA H 219 44.68 -39.56 -87.44
N GLY H 220 45.66 -38.70 -87.72
CA GLY H 220 46.81 -38.51 -86.85
C GLY H 220 47.83 -39.62 -86.96
N GLU H 221 47.95 -40.26 -88.14
CA GLU H 221 48.80 -41.44 -88.28
C GLU H 221 50.15 -41.09 -88.89
N THR H 222 50.25 -39.98 -89.64
CA THR H 222 51.51 -39.55 -90.23
C THR H 222 51.50 -38.04 -90.48
N LEU H 223 52.72 -37.52 -90.63
CA LEU H 223 52.91 -36.16 -91.07
C LEU H 223 53.46 -36.13 -92.51
N ASN H 224 54.00 -37.26 -92.99
CA ASN H 224 54.76 -37.29 -94.23
C ASN H 224 53.84 -37.44 -95.43
N PRO H 225 54.24 -36.96 -96.61
CA PRO H 225 53.53 -37.29 -97.86
C PRO H 225 53.66 -38.73 -98.34
N PRO H 226 53.08 -39.03 -99.51
CA PRO H 226 53.26 -40.35 -100.12
C PRO H 226 54.71 -40.86 -100.25
N SER I 6 40.85 -41.23 -71.12
CA SER I 6 41.34 -41.60 -72.48
C SER I 6 42.51 -40.72 -72.90
N VAL I 7 43.69 -41.25 -72.59
CA VAL I 7 45.02 -40.73 -72.83
C VAL I 7 45.30 -39.56 -71.89
N LYS I 8 46.52 -39.64 -71.33
CA LYS I 8 47.03 -38.66 -70.38
C LYS I 8 47.47 -37.35 -71.05
N PRO I 9 46.97 -36.16 -70.62
CA PRO I 9 47.32 -34.88 -71.23
C PRO I 9 48.79 -34.56 -71.14
N GLN I 10 49.30 -33.95 -72.21
CA GLN I 10 50.69 -33.54 -72.32
C GLN I 10 50.75 -32.05 -72.57
N LEU I 11 51.93 -31.47 -72.34
CA LEU I 11 52.07 -30.03 -72.45
C LEU I 11 52.70 -29.69 -73.80
N VAL I 12 52.23 -28.60 -74.39
CA VAL I 12 52.86 -28.09 -75.59
C VAL I 12 53.30 -26.65 -75.32
N MET I 13 54.54 -26.38 -75.64
CA MET I 13 55.08 -25.04 -75.56
C MET I 13 54.55 -24.30 -76.76
N PHE I 14 53.65 -23.37 -76.51
CA PHE I 14 52.81 -22.85 -77.56
C PHE I 14 52.94 -21.34 -77.67
N THR I 15 53.38 -20.85 -78.82
CA THR I 15 53.59 -19.43 -79.03
C THR I 15 52.46 -18.84 -79.85
N GLY I 16 51.77 -19.64 -80.63
CA GLY I 16 50.83 -19.14 -81.63
C GLY I 16 51.38 -19.21 -83.04
N GLY I 17 52.68 -19.53 -83.18
CA GLY I 17 53.31 -19.60 -84.49
C GLY I 17 52.94 -20.90 -85.19
N ARG I 18 53.27 -21.02 -86.45
CA ARG I 18 52.84 -22.20 -87.21
C ARG I 18 53.42 -23.48 -86.66
N ASP I 19 54.64 -23.44 -86.16
CA ASP I 19 55.33 -24.65 -85.81
C ASP I 19 54.73 -25.29 -84.56
N SER I 20 54.52 -24.48 -83.51
CA SER I 20 54.00 -24.98 -82.24
C SER I 20 52.53 -25.30 -82.36
N THR I 21 51.82 -24.55 -83.20
CA THR I 21 50.43 -24.85 -83.53
C THR I 21 50.30 -26.27 -84.15
N LEU I 22 51.15 -26.58 -85.14
CA LEU I 22 51.06 -27.86 -85.81
C LEU I 22 51.45 -28.99 -84.84
N ALA I 23 52.40 -28.73 -83.96
CA ALA I 23 52.78 -29.75 -83.02
C ALA I 23 51.59 -30.06 -82.10
N ALA I 24 50.91 -29.01 -81.60
CA ALA I 24 49.77 -29.22 -80.76
C ALA I 24 48.71 -30.02 -81.52
N CYS I 25 48.40 -29.55 -82.75
CA CYS I 25 47.36 -30.13 -83.55
C CYS I 25 47.62 -31.61 -83.87
N TYR I 26 48.85 -31.94 -84.23
CA TYR I 26 49.16 -33.31 -84.56
C TYR I 26 48.95 -34.19 -83.32
N LEU I 27 49.26 -33.69 -82.14
CA LEU I 27 49.06 -34.50 -80.95
C LEU I 27 47.55 -34.71 -80.75
N MET I 28 46.78 -33.67 -80.97
CA MET I 28 45.35 -33.78 -80.71
C MET I 28 44.69 -34.67 -81.77
N LEU I 29 45.25 -34.72 -82.98
CA LEU I 29 44.70 -35.58 -84.02
C LEU I 29 44.82 -37.05 -83.58
N GLN I 30 45.83 -37.33 -82.75
CA GLN I 30 46.05 -38.66 -82.24
C GLN I 30 45.18 -38.92 -81.02
N GLY I 31 44.39 -37.97 -80.56
CA GLY I 31 43.55 -38.15 -79.39
C GLY I 31 44.27 -37.87 -78.07
N ILE I 32 45.42 -37.23 -78.13
CA ILE I 32 46.18 -36.83 -76.95
C ILE I 32 45.74 -35.44 -76.54
N PRO I 33 45.16 -35.23 -75.36
CA PRO I 33 44.82 -33.88 -74.95
C PRO I 33 46.06 -33.04 -74.72
N VAL I 34 45.98 -31.72 -74.92
CA VAL I 34 47.11 -30.84 -74.75
C VAL I 34 46.75 -29.69 -73.84
N HIS I 35 47.66 -29.41 -72.91
CA HIS I 35 47.71 -28.20 -72.12
C HIS I 35 48.71 -27.28 -72.82
N LEU I 36 48.19 -26.20 -73.42
CA LEU I 36 49.01 -25.24 -74.12
C LEU I 36 49.70 -24.39 -73.06
N TRP I 37 51.02 -24.17 -73.19
CA TRP I 37 51.76 -23.37 -72.22
C TRP I 37 52.53 -22.30 -72.96
N SER I 38 52.27 -21.03 -72.61
CA SER I 38 52.85 -19.85 -73.23
C SER I 38 53.64 -19.08 -72.18
N GLY I 39 54.94 -18.93 -72.45
CA GLY I 39 55.86 -18.18 -71.62
C GLY I 39 55.97 -16.74 -72.11
N ASN I 40 55.59 -15.79 -71.23
CA ASN I 40 55.81 -14.38 -71.42
C ASN I 40 57.07 -13.94 -70.72
N SER I 41 58.12 -13.65 -71.51
CA SER I 41 59.44 -13.41 -70.96
C SER I 41 59.64 -11.92 -70.70
N GLY I 42 58.62 -11.11 -71.02
CA GLY I 42 58.69 -9.72 -70.62
C GLY I 42 59.11 -8.81 -71.73
N CYS I 43 59.59 -9.38 -72.84
CA CYS I 43 60.03 -8.55 -73.95
C CYS I 43 59.32 -8.91 -75.23
N SER I 44 58.03 -9.25 -75.18
CA SER I 44 57.28 -9.53 -76.40
C SER I 44 56.41 -8.35 -76.80
N LEU I 45 56.40 -8.04 -78.10
CA LEU I 45 55.57 -6.97 -78.64
C LEU I 45 54.42 -7.58 -79.41
N HIS I 46 53.24 -6.98 -79.33
CA HIS I 46 52.11 -7.39 -80.19
C HIS I 46 51.75 -8.85 -79.96
N ARG I 47 51.42 -9.20 -78.73
CA ARG I 47 51.14 -10.60 -78.38
C ARG I 47 49.65 -10.88 -78.39
N GLY I 48 48.81 -9.88 -78.67
CA GLY I 48 47.37 -10.03 -78.56
C GLY I 48 46.78 -11.07 -79.51
N ILE I 49 47.43 -11.27 -80.68
CA ILE I 49 46.89 -12.09 -81.76
C ILE I 49 46.96 -13.57 -81.40
N LEU I 50 47.67 -13.90 -80.33
CA LEU I 50 47.73 -15.27 -79.84
C LEU I 50 46.33 -15.86 -79.67
N SER I 51 45.42 -15.11 -79.04
CA SER I 51 44.15 -15.68 -78.64
C SER I 51 43.26 -16.02 -79.84
N HIS I 52 43.50 -15.39 -81.00
CA HIS I 52 42.82 -15.79 -82.25
C HIS I 52 43.22 -17.21 -82.59
N ARG I 53 44.52 -17.50 -82.52
CA ARG I 53 45.01 -18.85 -82.79
C ARG I 53 44.41 -19.84 -81.80
N VAL I 54 44.32 -19.50 -80.52
CA VAL I 54 43.80 -20.43 -79.53
C VAL I 54 42.35 -20.76 -79.87
N GLU I 55 41.59 -19.78 -80.38
CA GLU I 55 40.16 -19.99 -80.60
C GLU I 55 40.01 -20.95 -81.77
N GLU I 56 40.78 -20.75 -82.85
CA GLU I 56 40.85 -21.66 -84.01
C GLU I 56 41.04 -23.10 -83.54
N MET I 57 41.80 -23.30 -82.48
CA MET I 57 42.13 -24.68 -82.08
C MET I 57 41.02 -25.25 -81.21
N LYS I 58 40.47 -24.46 -80.30
CA LYS I 58 39.30 -24.93 -79.57
C LYS I 58 38.19 -25.26 -80.57
N ASN I 59 38.08 -24.45 -81.61
CA ASN I 59 37.06 -24.66 -82.64
C ASN I 59 37.29 -25.99 -83.34
N ARG I 60 38.56 -26.30 -83.60
CA ARG I 60 38.89 -27.44 -84.44
C ARG I 60 38.97 -28.71 -83.61
N PHE I 61 39.29 -28.65 -82.31
CA PHE I 61 39.62 -29.87 -81.57
C PHE I 61 38.83 -30.01 -80.27
N GLY I 62 38.11 -28.97 -79.83
CA GLY I 62 37.20 -29.06 -78.70
C GLY I 62 37.88 -29.38 -77.37
N ASP I 63 37.47 -30.45 -76.70
CA ASP I 63 37.88 -30.76 -75.34
C ASP I 63 39.34 -31.16 -75.27
N LEU I 64 39.90 -31.53 -76.42
CA LEU I 64 41.29 -31.99 -76.47
C LEU I 64 42.22 -30.83 -76.11
N VAL I 65 41.75 -29.59 -76.23
CA VAL I 65 42.46 -28.44 -75.69
C VAL I 65 42.06 -28.30 -74.22
N VAL I 66 42.92 -28.71 -73.30
CA VAL I 66 42.48 -28.84 -71.94
C VAL I 66 42.71 -27.55 -71.17
N GLY I 67 43.62 -26.71 -71.66
CA GLY I 67 43.82 -25.39 -71.08
C GLY I 67 44.93 -24.64 -71.82
N HIS I 68 44.94 -23.35 -71.54
CA HIS I 68 45.98 -22.45 -71.96
C HIS I 68 46.51 -21.72 -70.71
N THR I 69 47.80 -21.91 -70.41
CA THR I 69 48.49 -21.18 -69.35
C THR I 69 49.42 -20.16 -69.99
N VAL I 70 49.29 -18.90 -69.54
CA VAL I 70 50.22 -17.86 -69.92
C VAL I 70 51.03 -17.53 -68.69
N ALA I 71 52.32 -17.81 -68.69
CA ALA I 71 53.14 -17.77 -67.48
C ALA I 71 54.13 -16.61 -67.57
N ASP I 72 54.26 -15.88 -66.49
CA ASP I 72 55.23 -14.79 -66.44
C ASP I 72 56.58 -15.40 -66.11
N ILE I 73 57.50 -15.45 -67.07
CA ILE I 73 58.83 -15.97 -66.80
C ILE I 73 59.88 -14.87 -66.88
N SER I 74 59.47 -13.60 -66.70
CA SER I 74 60.39 -12.50 -66.92
C SER I 74 61.55 -12.57 -65.93
N GLY I 75 61.27 -13.01 -64.70
CA GLY I 75 62.27 -13.02 -63.66
C GLY I 75 63.39 -14.01 -63.94
N ALA I 76 63.02 -15.24 -64.26
CA ALA I 76 64.02 -16.26 -64.60
C ALA I 76 64.73 -15.91 -65.90
N PHE I 77 64.00 -15.40 -66.89
CA PHE I 77 64.59 -14.94 -68.12
C PHE I 77 65.67 -13.94 -67.80
N ARG I 78 65.37 -12.92 -67.01
CA ARG I 78 66.36 -11.84 -66.75
C ARG I 78 67.56 -12.42 -66.02
N SER I 79 67.32 -13.29 -65.05
CA SER I 79 68.40 -13.95 -64.30
C SER I 79 69.41 -14.68 -65.17
N ILE I 80 68.89 -15.44 -66.12
CA ILE I 80 69.69 -16.35 -66.96
C ILE I 80 70.30 -15.61 -68.15
N ALA I 81 69.55 -14.70 -68.80
CA ALA I 81 69.91 -14.19 -70.12
C ALA I 81 70.30 -12.72 -70.14
N ILE I 82 69.71 -11.90 -69.26
CA ILE I 82 69.91 -10.47 -69.30
C ILE I 82 70.85 -9.95 -68.22
N GLU I 83 70.73 -10.42 -67.00
CA GLU I 83 71.44 -9.86 -65.83
C GLU I 83 72.92 -9.71 -66.13
N ALA I 84 73.53 -10.68 -66.84
CA ALA I 84 74.96 -10.60 -67.10
C ALA I 84 75.22 -10.47 -68.62
N LEU I 85 74.39 -9.71 -69.32
CA LEU I 85 74.45 -9.64 -70.78
C LEU I 85 75.78 -9.05 -71.24
N GLU I 86 76.33 -8.03 -70.57
CA GLU I 86 77.63 -7.50 -70.93
C GLU I 86 78.69 -8.62 -71.02
N GLN I 87 78.77 -9.40 -69.93
CA GLN I 87 79.79 -10.42 -69.81
C GLN I 87 79.54 -11.49 -70.83
N ASP I 88 78.31 -11.97 -70.91
CA ASP I 88 77.87 -13.02 -71.83
C ASP I 88 78.26 -12.71 -73.27
N ILE I 89 78.14 -11.45 -73.69
CA ILE I 89 78.35 -11.11 -75.09
C ILE I 89 79.85 -10.93 -75.31
N LEU I 90 80.54 -10.29 -74.36
CA LEU I 90 81.98 -10.08 -74.47
C LEU I 90 82.68 -11.44 -74.54
N LYS I 91 82.13 -12.43 -73.86
CA LYS I 91 82.75 -13.74 -73.75
C LYS I 91 82.50 -14.53 -75.02
N TYR I 92 81.24 -14.69 -75.42
CA TYR I 92 80.94 -15.58 -76.54
C TYR I 92 80.85 -14.82 -77.86
N ARG I 93 80.89 -13.50 -77.80
CA ARG I 93 80.92 -12.65 -79.03
C ARG I 93 79.66 -12.89 -79.83
N LYS I 94 78.59 -13.27 -79.17
CA LYS I 94 77.28 -13.56 -79.76
C LYS I 94 76.18 -13.30 -78.74
N ASN I 95 75.04 -12.86 -79.27
CA ASN I 95 73.87 -12.52 -78.47
C ASN I 95 72.98 -13.74 -78.39
N LEU I 96 73.04 -14.45 -77.26
CA LEU I 96 72.32 -15.70 -77.13
C LEU I 96 71.14 -15.57 -76.16
N VAL I 97 70.49 -14.43 -76.14
CA VAL I 97 69.42 -14.20 -75.16
C VAL I 97 68.28 -15.19 -75.43
N LEU I 98 67.98 -15.45 -76.69
CA LEU I 98 66.83 -16.25 -77.03
C LEU I 98 67.10 -17.72 -76.74
N LEU I 99 68.36 -18.10 -76.54
CA LEU I 99 68.71 -19.42 -76.07
C LEU I 99 68.50 -19.48 -74.57
N GLY I 100 69.06 -18.51 -73.83
CA GLY I 100 68.71 -18.32 -72.43
C GLY I 100 67.20 -18.42 -72.21
N GLU I 101 66.39 -17.74 -73.05
CA GLU I 101 64.96 -17.70 -72.87
C GLU I 101 64.42 -19.11 -72.84
N LYS I 102 64.97 -20.02 -73.65
CA LYS I 102 64.47 -21.37 -73.74
C LYS I 102 64.87 -22.13 -72.47
N LEU I 103 66.08 -21.90 -71.99
CA LEU I 103 66.49 -22.48 -70.72
C LEU I 103 65.51 -22.04 -69.63
N ALA I 104 65.15 -20.75 -69.62
CA ALA I 104 64.25 -20.23 -68.61
C ALA I 104 62.89 -20.91 -68.69
N ILE I 105 62.43 -21.13 -69.93
CA ILE I 105 61.17 -21.84 -70.15
C ILE I 105 61.25 -23.21 -69.51
N HIS I 106 62.33 -23.94 -69.79
CA HIS I 106 62.52 -25.32 -69.32
C HIS I 106 62.56 -25.40 -67.79
N ALA I 107 63.23 -24.44 -67.15
CA ALA I 107 63.20 -24.28 -65.71
C ALA I 107 61.78 -24.17 -65.23
N HIS I 108 61.00 -23.23 -65.78
CA HIS I 108 59.61 -23.09 -65.36
C HIS I 108 58.81 -24.35 -65.62
N LEU I 109 59.08 -25.05 -66.72
CA LEU I 109 58.30 -26.23 -67.09
C LEU I 109 58.58 -27.37 -66.11
N VAL I 110 59.79 -27.48 -65.57
CA VAL I 110 60.05 -28.49 -64.56
C VAL I 110 59.12 -28.24 -63.36
N ASP I 111 59.07 -26.98 -62.89
CA ASP I 111 58.22 -26.67 -61.76
C ASP I 111 56.76 -26.90 -62.13
N PHE I 112 56.39 -26.52 -63.35
CA PHE I 112 54.99 -26.58 -63.75
C PHE I 112 54.56 -28.02 -63.86
N CYS I 113 55.37 -28.82 -64.55
CA CYS I 113 55.10 -30.25 -64.67
C CYS I 113 54.95 -30.92 -63.32
N ARG I 114 55.87 -30.68 -62.40
CA ARG I 114 55.80 -31.28 -61.05
C ARG I 114 54.46 -30.92 -60.40
N ARG I 115 54.13 -29.64 -60.46
CA ARG I 115 52.97 -29.15 -59.72
C ARG I 115 51.65 -29.50 -60.42
N ASN I 116 51.65 -29.91 -61.69
CA ASN I 116 50.40 -30.26 -62.33
C ASN I 116 50.42 -31.65 -62.94
N ASP I 117 51.23 -32.57 -62.37
CA ASP I 117 51.21 -33.96 -62.81
C ASP I 117 51.26 -34.10 -64.34
N ILE I 118 52.31 -33.54 -64.98
CA ILE I 118 52.50 -33.66 -66.40
C ILE I 118 53.90 -34.22 -66.62
N ASN I 119 54.07 -35.22 -67.49
CA ASN I 119 55.42 -35.75 -67.63
C ASN I 119 55.86 -35.87 -69.10
N THR I 120 55.04 -35.36 -70.03
CA THR I 120 55.51 -35.15 -71.38
C THR I 120 55.37 -33.68 -71.77
N ILE I 121 56.44 -33.07 -72.29
CA ILE I 121 56.39 -31.75 -72.86
C ILE I 121 56.76 -31.81 -74.34
N ASN I 122 56.12 -30.94 -75.14
CA ASN I 122 56.37 -30.92 -76.57
C ASN I 122 56.58 -29.48 -77.03
N ASP I 123 57.46 -29.33 -78.05
CA ASP I 123 57.65 -28.06 -78.72
C ASP I 123 57.54 -28.16 -80.23
N GLY I 124 57.61 -26.99 -80.88
CA GLY I 124 57.50 -26.85 -82.32
C GLY I 124 58.87 -26.55 -82.97
N ILE I 125 59.91 -27.09 -82.39
CA ILE I 125 61.17 -26.99 -83.04
C ILE I 125 61.07 -27.75 -84.35
N THR I 126 61.72 -27.19 -85.38
CA THR I 126 61.68 -27.63 -86.76
C THR I 126 63.09 -27.74 -87.34
N HIS I 127 63.38 -28.77 -88.15
CA HIS I 127 64.64 -28.93 -88.87
C HIS I 127 65.03 -27.71 -89.68
N TYR I 128 64.08 -27.01 -90.30
CA TYR I 128 64.34 -25.90 -91.22
C TYR I 128 64.79 -24.65 -90.47
N GLN I 129 64.71 -24.63 -89.14
CA GLN I 129 65.07 -23.43 -88.35
C GLN I 129 66.25 -23.71 -87.45
N MET I 130 67.09 -24.66 -87.82
CA MET I 130 68.22 -25.04 -86.95
C MET I 130 69.28 -23.94 -86.96
N GLU I 131 69.15 -22.90 -87.78
CA GLU I 131 70.09 -21.78 -87.64
C GLU I 131 70.01 -21.15 -86.23
N PHE I 132 68.83 -21.21 -85.62
CA PHE I 132 68.53 -20.60 -84.33
C PHE I 132 69.03 -21.55 -83.22
N PRO I 133 69.75 -21.00 -82.18
CA PRO I 133 70.35 -21.79 -81.12
C PRO I 133 69.44 -22.80 -80.45
N GLU I 134 68.19 -22.40 -80.11
CA GLU I 134 67.27 -23.24 -79.36
C GLU I 134 66.84 -24.47 -80.17
N GLN I 135 67.12 -24.43 -81.47
CA GLN I 135 66.61 -25.51 -82.35
C GLN I 135 67.76 -26.37 -82.88
N ARG I 136 68.97 -26.14 -82.40
CA ARG I 136 70.12 -26.98 -82.79
C ARG I 136 70.12 -28.24 -81.96
N LEU I 137 70.50 -29.37 -82.54
CA LEU I 137 70.43 -30.67 -81.83
C LEU I 137 71.29 -30.59 -80.58
N VAL I 138 72.38 -29.85 -80.63
CA VAL I 138 73.21 -29.86 -79.45
C VAL I 138 72.42 -29.25 -78.27
N ALA I 139 71.60 -28.23 -78.53
CA ALA I 139 70.76 -27.64 -77.49
C ALA I 139 69.57 -28.52 -77.16
N LYS I 140 68.93 -29.06 -78.19
CA LYS I 140 67.80 -29.96 -77.98
C LYS I 140 68.23 -31.14 -77.10
N THR I 141 69.44 -31.70 -77.34
CA THR I 141 69.92 -32.89 -76.65
C THR I 141 70.22 -32.49 -75.20
N PHE I 142 70.85 -31.32 -75.02
CA PHE I 142 71.16 -30.79 -73.70
C PHE I 142 69.87 -30.66 -72.87
N LEU I 143 68.82 -30.07 -73.45
CA LEU I 143 67.58 -29.90 -72.74
C LEU I 143 66.82 -31.21 -72.55
N MET I 144 66.95 -32.19 -73.45
CA MET I 144 66.31 -33.48 -73.25
C MET I 144 66.90 -34.12 -71.99
N GLU I 145 68.21 -33.99 -71.82
CA GLU I 145 68.89 -34.59 -70.65
C GLU I 145 68.52 -33.82 -69.41
N MET I 146 68.43 -32.50 -69.51
CA MET I 146 68.01 -31.70 -68.37
C MET I 146 66.62 -32.15 -67.87
N MET I 147 65.67 -32.32 -68.78
CA MET I 147 64.33 -32.64 -68.40
C MET I 147 64.26 -34.08 -67.90
N ALA I 148 65.10 -34.93 -68.46
CA ALA I 148 65.09 -36.34 -68.08
C ALA I 148 65.52 -36.47 -66.62
N GLN I 149 66.44 -35.60 -66.18
CA GLN I 149 66.88 -35.63 -64.80
C GLN I 149 65.71 -35.41 -63.86
N TYR I 150 64.60 -34.79 -64.32
CA TYR I 150 63.42 -34.65 -63.47
C TYR I 150 62.27 -35.55 -63.96
N ASP I 151 62.59 -36.68 -64.61
CA ASP I 151 61.61 -37.62 -65.12
C ASP I 151 60.61 -36.94 -66.02
N ILE I 152 61.11 -36.10 -66.93
CA ILE I 152 60.22 -35.44 -67.86
C ILE I 152 60.69 -35.76 -69.27
N ASN I 153 59.71 -36.14 -70.09
CA ASN I 153 59.96 -36.49 -71.46
C ASN I 153 59.74 -35.27 -72.33
N TYR I 154 60.83 -34.87 -73.03
CA TYR I 154 60.77 -33.70 -73.91
C TYR I 154 60.87 -34.16 -75.36
N GLN I 155 59.77 -33.99 -76.07
CA GLN I 155 59.65 -34.38 -77.46
C GLN I 155 59.44 -33.16 -78.37
N SER I 156 59.76 -33.37 -79.66
CA SER I 156 59.63 -32.37 -80.68
C SER I 156 58.89 -32.99 -81.85
N PRO I 157 57.55 -33.09 -81.80
CA PRO I 157 56.83 -33.91 -82.75
C PRO I 157 56.84 -33.45 -84.19
N VAL I 158 57.26 -32.21 -84.49
CA VAL I 158 57.32 -31.82 -85.89
C VAL I 158 58.76 -31.51 -86.31
N TYR I 159 59.75 -31.78 -85.45
CA TYR I 159 61.16 -31.55 -85.79
C TYR I 159 61.58 -32.30 -87.07
N GLU I 160 61.32 -33.57 -87.14
CA GLU I 160 61.81 -34.38 -88.26
C GLU I 160 61.06 -33.96 -89.52
N PHE I 161 59.75 -33.75 -89.43
CA PHE I 161 58.92 -33.61 -90.62
C PHE I 161 59.15 -32.28 -91.35
N ALA I 162 59.43 -31.22 -90.59
CA ALA I 162 59.40 -29.88 -91.15
C ALA I 162 60.70 -29.54 -91.86
N GLN I 163 60.85 -29.99 -93.10
CA GLN I 163 62.02 -29.69 -93.92
C GLN I 163 61.96 -28.24 -94.43
N SER I 164 60.76 -27.69 -94.67
CA SER I 164 60.61 -26.27 -95.00
C SER I 164 59.36 -25.73 -94.33
N ALA I 165 59.21 -24.40 -94.39
CA ALA I 165 58.04 -23.74 -93.85
C ALA I 165 56.82 -24.19 -94.63
N ASP I 166 56.93 -24.35 -95.95
CA ASP I 166 55.82 -24.81 -96.77
C ASP I 166 55.27 -26.15 -96.26
N ASP I 167 56.12 -27.02 -95.69
CA ASP I 167 55.66 -28.30 -95.14
C ASP I 167 54.65 -28.06 -94.01
N VAL I 168 55.02 -27.19 -93.05
CA VAL I 168 54.12 -26.93 -91.95
C VAL I 168 52.86 -26.20 -92.45
N LYS I 169 53.01 -25.31 -93.42
CA LYS I 169 51.90 -24.46 -93.85
C LYS I 169 50.77 -25.30 -94.36
N TYR I 170 51.09 -26.29 -95.18
CA TYR I 170 50.05 -26.94 -95.94
C TYR I 170 49.29 -27.93 -95.04
N ARG I 171 49.98 -28.46 -94.02
CA ARG I 171 49.31 -29.35 -93.09
C ARG I 171 48.31 -28.56 -92.23
N LEU I 172 48.73 -27.38 -91.79
CA LEU I 172 47.87 -26.50 -91.05
C LEU I 172 46.65 -26.17 -91.89
N LEU I 173 46.87 -25.90 -93.17
CA LEU I 173 45.77 -25.52 -94.03
C LEU I 173 44.76 -26.66 -94.14
N GLN I 174 45.22 -27.90 -94.11
CA GLN I 174 44.35 -29.08 -94.22
C GLN I 174 43.49 -29.28 -92.96
N LEU I 175 43.86 -28.57 -91.89
CA LEU I 175 43.08 -28.61 -90.66
C LEU I 175 42.11 -27.45 -90.58
N GLY I 176 42.10 -26.59 -91.61
CA GLY I 176 41.21 -25.44 -91.64
C GLY I 176 41.77 -24.32 -90.74
N ILE I 177 43.09 -24.40 -90.47
CA ILE I 177 43.78 -23.40 -89.67
C ILE I 177 44.68 -22.53 -90.55
N SER I 178 44.85 -21.29 -90.09
CA SER I 178 45.51 -20.25 -90.85
C SER I 178 47.00 -20.54 -90.95
N THR I 179 47.62 -20.09 -92.06
CA THR I 179 49.02 -20.45 -92.29
C THR I 179 49.95 -19.44 -91.65
N LYS I 180 49.44 -18.34 -91.12
CA LYS I 180 50.24 -17.22 -90.61
C LYS I 180 50.83 -17.56 -89.24
N SER I 181 51.95 -16.90 -88.86
CA SER I 181 52.47 -17.04 -87.51
C SER I 181 51.82 -15.93 -86.68
N LEU I 182 50.93 -16.36 -85.78
CA LEU I 182 50.08 -15.42 -85.05
C LEU I 182 50.56 -15.37 -83.62
N GLU I 183 51.77 -14.84 -83.48
CA GLU I 183 52.46 -14.77 -82.21
C GLU I 183 52.96 -13.34 -82.06
N GLY I 184 53.39 -13.00 -80.84
CA GLY I 184 54.10 -11.76 -80.67
C GLY I 184 55.52 -11.92 -81.21
N ILE I 185 56.25 -10.82 -81.35
CA ILE I 185 57.64 -10.89 -81.72
C ILE I 185 58.45 -10.43 -80.51
N SER I 186 59.55 -11.15 -80.32
CA SER I 186 60.59 -10.75 -79.41
C SER I 186 61.17 -9.42 -79.87
N ILE I 187 61.51 -8.52 -78.96
CA ILE I 187 62.20 -7.31 -79.36
C ILE I 187 63.60 -7.69 -79.80
N PHE I 188 64.06 -8.87 -79.35
CA PHE I 188 65.35 -9.45 -79.66
C PHE I 188 65.39 -10.10 -81.05
N ALA I 189 64.28 -10.19 -81.74
CA ALA I 189 64.25 -10.60 -83.15
C ALA I 189 65.29 -9.84 -83.94
N ASP I 190 66.11 -10.56 -84.74
CA ASP I 190 66.98 -9.94 -85.74
C ASP I 190 68.04 -9.11 -85.04
N SER I 191 68.46 -9.52 -83.84
CA SER I 191 69.39 -8.73 -83.02
C SER I 191 70.69 -9.51 -82.81
N PHE I 192 70.91 -10.51 -83.68
CA PHE I 192 71.94 -11.51 -83.43
C PHE I 192 72.40 -12.14 -84.75
N SER I 193 73.68 -12.51 -84.75
CA SER I 193 74.30 -13.32 -85.78
C SER I 193 74.39 -14.78 -85.30
N THR I 194 74.73 -15.66 -86.23
CA THR I 194 74.68 -17.11 -86.04
C THR I 194 75.85 -17.55 -85.16
N PRO I 195 75.61 -18.27 -84.04
CA PRO I 195 76.68 -18.82 -83.21
C PRO I 195 77.13 -20.22 -83.63
N SER I 196 78.38 -20.60 -83.31
CA SER I 196 78.79 -22.00 -83.45
C SER I 196 78.03 -22.90 -82.48
N ASP I 197 77.89 -24.17 -82.85
CA ASP I 197 77.35 -25.18 -81.94
C ASP I 197 78.15 -25.18 -80.64
N ASP I 198 79.48 -25.04 -80.70
CA ASP I 198 80.32 -25.17 -79.51
C ASP I 198 79.91 -24.09 -78.50
N VAL I 199 79.62 -22.89 -79.02
CA VAL I 199 79.27 -21.74 -78.21
C VAL I 199 77.87 -21.91 -77.62
N VAL I 200 76.92 -22.42 -78.41
CA VAL I 200 75.59 -22.72 -77.92
C VAL I 200 75.64 -23.62 -76.68
N LEU I 201 76.52 -24.64 -76.75
CA LEU I 201 76.57 -25.65 -75.72
C LEU I 201 77.32 -25.10 -74.52
N ALA I 202 78.36 -24.32 -74.70
CA ALA I 202 79.10 -23.77 -73.56
C ALA I 202 78.24 -22.79 -72.76
N TYR I 203 77.39 -22.01 -73.46
CA TYR I 203 76.47 -21.11 -72.81
C TYR I 203 75.47 -21.92 -71.98
N LEU I 204 74.81 -22.90 -72.59
CA LEU I 204 73.82 -23.67 -71.86
C LEU I 204 74.47 -24.28 -70.60
N ARG I 205 75.74 -24.71 -70.70
CA ARG I 205 76.39 -25.34 -69.58
C ARG I 205 76.76 -24.30 -68.52
N GLU I 206 77.06 -23.06 -68.94
CA GLU I 206 77.39 -21.96 -68.04
C GLU I 206 76.14 -21.55 -67.26
N LYS I 207 74.96 -21.74 -67.84
CA LYS I 207 73.73 -21.24 -67.25
C LYS I 207 72.94 -22.35 -66.56
N ALA I 208 73.36 -23.61 -66.69
CA ALA I 208 72.61 -24.70 -66.12
C ALA I 208 72.52 -24.55 -64.60
N PRO I 209 73.63 -24.30 -63.88
CA PRO I 209 73.55 -23.98 -62.45
C PRO I 209 72.44 -22.99 -62.14
N LEU I 210 72.39 -21.88 -62.85
CA LEU I 210 71.37 -20.85 -62.54
C LEU I 210 69.98 -21.43 -62.77
N ALA I 211 69.82 -22.34 -63.74
CA ALA I 211 68.51 -22.85 -64.08
C ALA I 211 68.04 -23.90 -63.07
N HIS I 212 68.96 -24.78 -62.65
CA HIS I 212 68.62 -25.77 -61.65
C HIS I 212 68.29 -25.08 -60.33
N ASN I 213 69.05 -24.04 -60.05
CA ASN I 213 68.84 -23.24 -58.86
C ASN I 213 67.42 -22.67 -58.83
N ILE I 214 66.97 -22.12 -59.96
CA ILE I 214 65.64 -21.52 -60.07
C ILE I 214 64.59 -22.62 -59.94
N VAL I 215 64.88 -23.84 -60.43
CA VAL I 215 63.96 -24.94 -60.31
C VAL I 215 63.72 -25.25 -58.82
N ASN I 216 64.83 -25.26 -58.09
CA ASN I 216 64.81 -25.49 -56.66
C ASN I 216 64.08 -24.37 -55.93
N PHE I 217 64.28 -23.13 -56.37
CA PHE I 217 63.60 -22.02 -55.73
C PHE I 217 62.10 -22.19 -55.92
N LEU I 218 61.67 -22.44 -57.15
CA LEU I 218 60.27 -22.52 -57.49
C LEU I 218 59.60 -23.68 -56.73
N ALA I 219 60.39 -24.71 -56.40
CA ALA I 219 59.87 -25.85 -55.67
C ALA I 219 59.87 -25.60 -54.16
N GLY I 220 60.43 -24.45 -53.74
CA GLY I 220 60.49 -24.06 -52.33
C GLY I 220 61.53 -24.84 -51.53
N GLU I 221 62.64 -25.21 -52.17
CA GLU I 221 63.64 -26.06 -51.52
C GLU I 221 64.81 -25.23 -50.99
N THR I 222 65.05 -24.02 -51.58
CA THR I 222 66.17 -23.19 -51.15
C THR I 222 65.95 -21.74 -51.57
N LEU I 223 66.69 -20.84 -50.95
CA LEU I 223 66.76 -19.46 -51.39
C LEU I 223 68.15 -19.13 -51.90
N ASN I 224 69.17 -19.98 -51.61
CA ASN I 224 70.57 -19.61 -51.87
C ASN I 224 70.98 -19.91 -53.30
N PRO I 225 72.12 -19.38 -53.82
CA PRO I 225 72.63 -19.71 -55.17
C PRO I 225 73.80 -20.73 -55.40
N VAL J 7 48.11 -28.94 -44.49
CA VAL J 7 49.21 -28.40 -43.65
C VAL J 7 48.71 -27.19 -42.87
N LYS J 8 49.22 -27.05 -41.64
CA LYS J 8 48.73 -26.07 -40.67
C LYS J 8 49.23 -24.64 -40.96
N PRO J 9 48.31 -23.64 -41.10
CA PRO J 9 48.71 -22.28 -41.45
C PRO J 9 49.60 -21.66 -40.39
N GLN J 10 50.57 -20.87 -40.89
CA GLN J 10 51.40 -20.03 -40.05
C GLN J 10 51.15 -18.57 -40.37
N LEU J 11 51.60 -17.69 -39.47
CA LEU J 11 51.37 -16.27 -39.63
C LEU J 11 52.64 -15.62 -40.18
N VAL J 12 52.45 -14.66 -41.07
CA VAL J 12 53.56 -13.83 -41.50
C VAL J 12 53.25 -12.39 -41.17
N MET J 13 54.21 -11.76 -40.51
CA MET J 13 54.12 -10.35 -40.21
C MET J 13 54.44 -9.62 -41.50
N PHE J 14 53.42 -9.02 -42.10
CA PHE J 14 53.50 -8.63 -43.48
C PHE J 14 53.22 -7.15 -43.62
N THR J 15 54.22 -6.44 -44.16
CA THR J 15 54.13 -5.00 -44.31
C THR J 15 53.79 -4.62 -45.74
N GLY J 16 54.09 -5.50 -46.70
CA GLY J 16 54.02 -5.15 -48.10
C GLY J 16 55.39 -4.92 -48.72
N GLY J 17 56.42 -4.85 -47.90
CA GLY J 17 57.75 -4.63 -48.42
C GLY J 17 58.35 -5.89 -49.03
N ARG J 18 59.47 -5.72 -49.74
CA ARG J 18 60.14 -6.84 -50.36
C ARG J 18 60.29 -8.01 -49.38
N ASP J 19 60.86 -7.75 -48.23
CA ASP J 19 61.44 -8.79 -47.40
C ASP J 19 60.33 -9.66 -46.78
N SER J 20 59.24 -9.07 -46.28
CA SER J 20 58.18 -9.86 -45.66
C SER J 20 57.35 -10.52 -46.75
N THR J 21 57.26 -9.90 -47.93
CA THR J 21 56.64 -10.54 -49.11
C THR J 21 57.36 -11.83 -49.49
N LEU J 22 58.70 -11.79 -49.54
CA LEU J 22 59.47 -12.95 -49.91
C LEU J 22 59.35 -14.03 -48.85
N ALA J 23 59.28 -13.63 -47.59
CA ALA J 23 59.15 -14.60 -46.52
C ALA J 23 57.82 -15.32 -46.65
N ALA J 24 56.75 -14.57 -46.91
CA ALA J 24 55.46 -15.20 -47.11
C ALA J 24 55.53 -16.17 -48.28
N CYS J 25 56.05 -15.67 -49.42
CA CYS J 25 56.10 -16.43 -50.66
C CYS J 25 56.93 -17.70 -50.51
N TYR J 26 58.08 -17.62 -49.85
CA TYR J 26 58.93 -18.78 -49.65
C TYR J 26 58.19 -19.83 -48.84
N LEU J 27 57.40 -19.41 -47.86
CA LEU J 27 56.67 -20.41 -47.08
C LEU J 27 55.62 -21.04 -47.97
N MET J 28 54.97 -20.27 -48.79
CA MET J 28 53.88 -20.81 -49.59
C MET J 28 54.46 -21.72 -50.69
N LEU J 29 55.69 -21.46 -51.13
CA LEU J 29 56.31 -22.33 -52.13
C LEU J 29 56.50 -23.74 -51.55
N GLN J 30 56.66 -23.80 -50.24
CA GLN J 30 56.82 -25.05 -49.52
C GLN J 30 55.48 -25.72 -49.26
N GLY J 31 54.36 -25.10 -49.65
CA GLY J 31 53.04 -25.66 -49.36
C GLY J 31 52.54 -25.34 -47.94
N ILE J 32 53.17 -24.38 -47.25
CA ILE J 32 52.69 -23.91 -45.97
C ILE J 32 51.72 -22.75 -46.18
N PRO J 33 50.43 -22.85 -45.82
CA PRO J 33 49.54 -21.72 -45.95
C PRO J 33 49.93 -20.59 -45.01
N VAL J 34 49.67 -19.33 -45.38
CA VAL J 34 50.04 -18.18 -44.56
C VAL J 34 48.83 -17.29 -44.34
N HIS J 35 48.67 -16.85 -43.08
CA HIS J 35 47.80 -15.77 -42.67
C HIS J 35 48.65 -14.52 -42.57
N LEU J 36 48.43 -13.58 -43.49
CA LEU J 36 49.19 -12.35 -43.51
C LEU J 36 48.66 -11.45 -42.40
N TRP J 37 49.55 -10.87 -41.59
CA TRP J 37 49.13 -10.02 -40.50
C TRP J 37 49.85 -8.69 -40.59
N SER J 38 49.05 -7.60 -40.70
CA SER J 38 49.55 -6.24 -40.85
C SER J 38 49.08 -5.40 -39.65
N GLY J 39 50.05 -4.83 -38.94
CA GLY J 39 49.84 -3.95 -37.81
C GLY J 39 49.84 -2.49 -38.27
N ASN J 40 48.70 -1.80 -38.11
CA ASN J 40 48.62 -0.36 -38.29
C ASN J 40 48.76 0.36 -36.97
N SER J 41 49.86 1.03 -36.71
CA SER J 41 50.17 1.63 -35.44
C SER J 41 49.68 3.08 -35.39
N GLY J 42 49.08 3.55 -36.46
CA GLY J 42 48.39 4.82 -36.41
C GLY J 42 49.20 5.96 -36.98
N CYS J 43 50.49 5.71 -37.27
CA CYS J 43 51.31 6.78 -37.77
C CYS J 43 51.94 6.44 -39.10
N SER J 44 51.26 5.66 -39.96
CA SER J 44 51.75 5.38 -41.27
C SER J 44 51.16 6.27 -42.36
N LEU J 45 51.98 6.74 -43.27
CA LEU J 45 51.56 7.60 -44.36
C LEU J 45 51.56 6.77 -45.64
N HIS J 46 50.53 6.95 -46.46
CA HIS J 46 50.43 6.39 -47.78
C HIS J 46 50.52 4.85 -47.77
N ARG J 47 49.63 4.22 -46.96
CA ARG J 47 49.60 2.77 -46.79
C ARG J 47 48.75 2.06 -47.85
N GLY J 48 48.03 2.79 -48.70
CA GLY J 48 47.01 2.20 -49.56
C GLY J 48 47.58 1.16 -50.53
N ILE J 49 48.87 1.28 -50.87
CA ILE J 49 49.51 0.45 -51.88
C ILE J 49 49.70 -0.99 -51.38
N LEU J 50 49.50 -1.22 -50.09
CA LEU J 50 49.59 -2.56 -49.54
C LEU J 50 48.72 -3.56 -50.30
N SER J 51 47.48 -3.20 -50.58
CA SER J 51 46.53 -4.17 -51.09
C SER J 51 46.85 -4.57 -52.53
N HIS J 52 47.62 -3.75 -53.26
CA HIS J 52 48.15 -4.16 -54.58
C HIS J 52 49.07 -5.35 -54.38
N ARG J 53 49.96 -5.28 -53.37
CA ARG J 53 50.83 -6.39 -53.07
C ARG J 53 50.03 -7.64 -52.71
N VAL J 54 48.99 -7.49 -51.90
CA VAL J 54 48.22 -8.65 -51.47
C VAL J 54 47.59 -9.34 -52.68
N GLU J 55 47.18 -8.56 -53.71
CA GLU J 55 46.46 -9.15 -54.82
C GLU J 55 47.46 -10.00 -55.64
N GLU J 56 48.66 -9.45 -55.89
CA GLU J 56 49.73 -10.15 -56.55
C GLU J 56 49.99 -11.52 -55.89
N MET J 57 49.85 -11.58 -54.57
CA MET J 57 50.18 -12.82 -53.82
C MET J 57 49.03 -13.83 -53.92
N LYS J 58 47.78 -13.39 -53.84
CA LYS J 58 46.67 -14.30 -54.09
C LYS J 58 46.76 -14.80 -55.55
N ASN J 59 47.15 -13.93 -56.46
CA ASN J 59 47.28 -14.28 -57.86
C ASN J 59 48.31 -15.37 -58.05
N ARG J 60 49.39 -15.28 -57.31
CA ARG J 60 50.51 -16.19 -57.53
C ARG J 60 50.33 -17.49 -56.75
N PHE J 61 49.62 -17.49 -55.61
CA PHE J 61 49.65 -18.65 -54.72
C PHE J 61 48.26 -19.18 -54.35
N GLY J 62 47.19 -18.43 -54.69
CA GLY J 62 45.82 -18.90 -54.51
C GLY J 62 45.42 -19.12 -53.04
N ASP J 63 44.89 -20.30 -52.75
CA ASP J 63 44.36 -20.61 -51.40
C ASP J 63 45.42 -20.62 -50.32
N LEU J 64 46.68 -20.74 -50.70
CA LEU J 64 47.71 -20.80 -49.69
C LEU J 64 47.75 -19.47 -48.92
N VAL J 65 47.20 -18.39 -49.50
CA VAL J 65 46.97 -17.14 -48.77
C VAL J 65 45.64 -17.27 -48.03
N VAL J 66 45.66 -17.53 -46.74
CA VAL J 66 44.44 -17.94 -46.09
C VAL J 66 43.70 -16.73 -45.54
N GLY J 67 44.39 -15.61 -45.35
CA GLY J 67 43.74 -14.31 -45.22
C GLY J 67 44.75 -13.21 -44.95
N HIS J 68 44.19 -12.01 -44.91
CA HIS J 68 44.91 -10.80 -44.54
C HIS J 68 44.17 -10.13 -43.39
N THR J 69 44.83 -9.98 -42.24
CA THR J 69 44.31 -9.22 -41.11
C THR J 69 45.10 -7.92 -41.02
N VAL J 70 44.37 -6.78 -40.98
CA VAL J 70 44.97 -5.50 -40.68
C VAL J 70 44.46 -5.13 -39.30
N ALA J 71 45.36 -5.03 -38.33
CA ALA J 71 44.98 -4.82 -36.96
C ALA J 71 45.37 -3.40 -36.57
N ASP J 72 44.45 -2.72 -35.91
CA ASP J 72 44.70 -1.41 -35.34
C ASP J 72 45.44 -1.64 -34.04
N ILE J 73 46.72 -1.30 -34.00
CA ILE J 73 47.51 -1.44 -32.79
C ILE J 73 47.90 -0.07 -32.26
N SER J 74 47.15 0.99 -32.63
CA SER J 74 47.51 2.34 -32.23
C SER J 74 47.48 2.47 -30.70
N GLY J 75 46.55 1.79 -30.06
CA GLY J 75 46.40 1.94 -28.62
C GLY J 75 47.57 1.37 -27.85
N ALA J 76 47.93 0.13 -28.16
CA ALA J 76 49.09 -0.47 -27.49
C ALA J 76 50.39 0.26 -27.85
N PHE J 77 50.52 0.67 -29.13
CA PHE J 77 51.66 1.45 -29.55
C PHE J 77 51.78 2.67 -28.69
N ARG J 78 50.70 3.41 -28.52
CA ARG J 78 50.79 4.69 -27.77
C ARG J 78 51.16 4.41 -26.33
N SER J 79 50.51 3.41 -25.76
CA SER J 79 50.78 3.05 -24.36
C SER J 79 52.24 2.76 -24.09
N ILE J 80 52.88 1.99 -24.97
CA ILE J 80 54.26 1.56 -24.79
C ILE J 80 55.29 2.62 -25.21
N ALA J 81 55.06 3.30 -26.34
CA ALA J 81 56.11 4.02 -27.05
C ALA J 81 55.95 5.53 -27.06
N ILE J 82 54.69 6.02 -27.07
CA ILE J 82 54.40 7.43 -27.22
C ILE J 82 54.05 8.13 -25.90
N GLU J 83 53.22 7.47 -25.06
CA GLU J 83 52.66 8.12 -23.88
C GLU J 83 53.73 8.81 -23.04
N ALA J 84 54.90 8.20 -22.90
CA ALA J 84 55.97 8.71 -22.07
C ALA J 84 57.21 9.07 -22.91
N LEU J 85 56.98 9.62 -24.10
CA LEU J 85 58.08 9.85 -25.05
C LEU J 85 59.13 10.84 -24.48
N GLU J 86 58.68 11.93 -23.81
CA GLU J 86 59.63 12.84 -23.23
C GLU J 86 60.60 12.12 -22.29
N GLN J 87 60.06 11.32 -21.38
CA GLN J 87 60.85 10.68 -20.35
C GLN J 87 61.78 9.67 -21.02
N ASP J 88 61.22 8.83 -21.91
CA ASP J 88 61.93 7.80 -22.63
C ASP J 88 63.17 8.34 -23.33
N ILE J 89 63.05 9.53 -23.93
CA ILE J 89 64.13 10.06 -24.76
C ILE J 89 65.17 10.71 -23.85
N LEU J 90 64.68 11.44 -22.85
CA LEU J 90 65.58 12.11 -21.93
C LEU J 90 66.45 11.09 -21.20
N LYS J 91 65.87 9.90 -20.95
CA LYS J 91 66.56 8.87 -20.20
C LYS J 91 67.59 8.17 -21.07
N TYR J 92 67.20 7.66 -22.23
CA TYR J 92 68.11 6.85 -23.00
C TYR J 92 68.85 7.66 -24.08
N ARG J 93 68.57 8.96 -24.21
CA ARG J 93 69.19 9.83 -25.20
C ARG J 93 69.14 9.27 -26.63
N LYS J 94 68.06 8.53 -26.91
CA LYS J 94 67.77 7.95 -28.20
C LYS J 94 66.25 7.74 -28.36
N ASN J 95 65.79 7.83 -29.61
CA ASN J 95 64.39 7.80 -29.94
C ASN J 95 64.06 6.38 -30.34
N LEU J 96 63.44 5.64 -29.39
CA LEU J 96 63.26 4.22 -29.61
C LEU J 96 61.77 3.87 -29.88
N VAL J 97 61.02 4.79 -30.50
CA VAL J 97 59.61 4.54 -30.73
C VAL J 97 59.45 3.31 -31.63
N LEU J 98 60.30 3.16 -32.66
CA LEU J 98 60.11 2.07 -33.61
C LEU J 98 60.45 0.72 -33.00
N LEU J 99 61.18 0.73 -31.89
CA LEU J 99 61.40 -0.47 -31.11
C LEU J 99 60.17 -0.80 -30.28
N GLY J 100 59.67 0.16 -29.52
CA GLY J 100 58.35 0.07 -28.90
C GLY J 100 57.31 -0.49 -29.85
N GLU J 101 57.29 0.02 -31.10
CA GLU J 101 56.26 -0.39 -32.06
C GLU J 101 56.31 -1.90 -32.24
N LYS J 102 57.52 -2.47 -32.22
CA LYS J 102 57.71 -3.89 -32.47
C LYS J 102 57.20 -4.68 -31.27
N LEU J 103 57.50 -4.17 -30.08
CA LEU J 103 56.97 -4.77 -28.87
C LEU J 103 55.45 -4.78 -28.94
N ALA J 104 54.84 -3.68 -29.37
CA ALA J 104 53.39 -3.59 -29.45
C ALA J 104 52.84 -4.64 -30.43
N ILE J 105 53.54 -4.81 -31.56
CA ILE J 105 53.16 -5.79 -32.55
C ILE J 105 53.13 -7.17 -31.89
N HIS J 106 54.20 -7.50 -31.16
CA HIS J 106 54.36 -8.79 -30.54
C HIS J 106 53.28 -9.11 -29.51
N ALA J 107 52.95 -8.09 -28.71
CA ALA J 107 51.81 -8.17 -27.79
C ALA J 107 50.57 -8.54 -28.56
N HIS J 108 50.22 -7.81 -29.62
CA HIS J 108 49.02 -8.14 -30.37
C HIS J 108 49.07 -9.55 -30.98
N LEU J 109 50.26 -9.98 -31.41
CA LEU J 109 50.37 -11.29 -32.06
C LEU J 109 50.13 -12.42 -31.04
N VAL J 110 50.57 -12.23 -29.79
CA VAL J 110 50.27 -13.22 -28.78
C VAL J 110 48.75 -13.41 -28.70
N ASP J 111 48.00 -12.31 -28.58
CA ASP J 111 46.57 -12.41 -28.46
C ASP J 111 45.98 -13.04 -29.71
N PHE J 112 46.52 -12.61 -30.87
CA PHE J 112 45.93 -13.05 -32.13
C PHE J 112 46.17 -14.53 -32.32
N CYS J 113 47.41 -14.97 -32.11
CA CYS J 113 47.75 -16.38 -32.18
C CYS J 113 46.89 -17.24 -31.27
N ARG J 114 46.74 -16.85 -30.02
CA ARG J 114 45.87 -17.59 -29.07
C ARG J 114 44.46 -17.72 -29.64
N ARG J 115 43.91 -16.61 -30.12
CA ARG J 115 42.52 -16.58 -30.53
C ARG J 115 42.31 -17.26 -31.89
N ASN J 116 43.35 -17.49 -32.69
CA ASN J 116 43.13 -18.14 -33.99
C ASN J 116 43.97 -19.42 -34.14
N ASP J 117 44.35 -20.07 -33.04
CA ASP J 117 45.06 -21.33 -33.13
C ASP J 117 46.23 -21.27 -34.10
N ILE J 118 47.19 -20.35 -33.89
CA ILE J 118 48.38 -20.24 -34.71
C ILE J 118 49.58 -20.28 -33.78
N ASN J 119 50.62 -21.08 -34.08
CA ASN J 119 51.71 -21.18 -33.14
C ASN J 119 53.07 -20.99 -33.80
N THR J 120 53.08 -20.67 -35.09
CA THR J 120 54.31 -20.24 -35.75
C THR J 120 54.07 -18.87 -36.38
N ILE J 121 54.98 -17.93 -36.08
CA ILE J 121 54.96 -16.57 -36.59
C ILE J 121 56.26 -16.38 -37.38
N ASN J 122 56.17 -15.67 -38.50
CA ASN J 122 57.35 -15.46 -39.32
C ASN J 122 57.40 -13.96 -39.66
N ASP J 123 58.64 -13.45 -39.80
CA ASP J 123 58.86 -12.11 -40.33
C ASP J 123 59.91 -12.07 -41.44
N GLY J 124 60.13 -10.87 -42.00
CA GLY J 124 61.06 -10.67 -43.10
C GLY J 124 62.35 -10.00 -42.67
N ILE J 125 62.78 -10.29 -41.47
CA ILE J 125 64.01 -9.71 -41.00
C ILE J 125 65.10 -10.25 -41.90
N THR J 126 66.07 -9.37 -42.21
CA THR J 126 67.12 -9.63 -43.19
C THR J 126 68.47 -9.23 -42.59
N HIS J 127 69.51 -10.05 -42.84
CA HIS J 127 70.88 -9.73 -42.48
C HIS J 127 71.32 -8.30 -42.89
N TYR J 128 70.93 -7.85 -44.09
CA TYR J 128 71.42 -6.59 -44.67
C TYR J 128 70.82 -5.37 -43.94
N GLN J 129 69.82 -5.54 -43.07
CA GLN J 129 69.16 -4.39 -42.43
C GLN J 129 69.32 -4.34 -40.90
N MET J 130 70.40 -5.04 -40.44
CA MET J 130 70.65 -5.15 -39.01
C MET J 130 70.93 -3.77 -38.36
N GLU J 131 71.15 -2.70 -39.13
CA GLU J 131 71.41 -1.40 -38.52
C GLU J 131 70.21 -0.91 -37.72
N PHE J 132 68.98 -1.34 -38.11
CA PHE J 132 67.76 -0.89 -37.45
C PHE J 132 67.51 -1.69 -36.16
N PRO J 133 67.17 -1.05 -35.01
CA PRO J 133 66.96 -1.75 -33.74
C PRO J 133 66.07 -2.99 -33.79
N GLU J 134 64.94 -2.89 -34.44
CA GLU J 134 63.96 -3.99 -34.60
C GLU J 134 64.52 -5.23 -35.35
N GLN J 135 65.62 -5.06 -36.07
CA GLN J 135 66.24 -6.11 -36.91
C GLN J 135 67.57 -6.63 -36.31
N ARG J 136 67.85 -6.19 -35.08
CA ARG J 136 69.12 -6.56 -34.43
C ARG J 136 68.97 -7.85 -33.66
N LEU J 137 70.07 -8.57 -33.56
CA LEU J 137 70.03 -9.86 -32.90
C LEU J 137 69.52 -9.73 -31.48
N VAL J 138 69.96 -8.67 -30.78
CA VAL J 138 69.62 -8.57 -29.37
C VAL J 138 68.10 -8.41 -29.22
N ALA J 139 67.46 -7.68 -30.11
CA ALA J 139 66.01 -7.47 -30.03
C ALA J 139 65.27 -8.68 -30.55
N LYS J 140 65.75 -9.25 -31.67
CA LYS J 140 65.10 -10.43 -32.21
C LYS J 140 65.12 -11.55 -31.17
N THR J 141 66.23 -11.70 -30.42
CA THR J 141 66.39 -12.78 -29.45
C THR J 141 65.46 -12.50 -28.28
N PHE J 142 65.37 -11.24 -27.85
CA PHE J 142 64.48 -10.82 -26.77
C PHE J 142 63.05 -11.18 -27.13
N LEU J 143 62.62 -10.86 -28.32
CA LEU J 143 61.26 -11.15 -28.75
C LEU J 143 61.04 -12.62 -29.03
N MET J 144 62.04 -13.39 -29.43
CA MET J 144 61.87 -14.83 -29.59
C MET J 144 61.58 -15.44 -28.22
N GLU J 145 62.30 -14.98 -27.19
CA GLU J 145 62.10 -15.42 -25.81
C GLU J 145 60.70 -15.02 -25.38
N MET J 146 60.30 -13.77 -25.62
CA MET J 146 58.98 -13.30 -25.26
C MET J 146 57.90 -14.20 -25.84
N MET J 147 57.98 -14.50 -27.11
CA MET J 147 56.95 -15.30 -27.78
C MET J 147 57.02 -16.74 -27.30
N ALA J 148 58.21 -17.21 -26.97
CA ALA J 148 58.37 -18.58 -26.53
C ALA J 148 57.66 -18.77 -25.19
N GLN J 149 57.67 -17.73 -24.35
CA GLN J 149 56.96 -17.79 -23.08
C GLN J 149 55.47 -18.03 -23.32
N TYR J 150 54.92 -17.72 -24.49
CA TYR J 150 53.54 -18.03 -24.79
C TYR J 150 53.41 -19.16 -25.82
N ASP J 151 54.42 -20.05 -25.89
CA ASP J 151 54.42 -21.22 -26.75
C ASP J 151 54.17 -20.79 -28.17
N ILE J 152 54.90 -19.74 -28.60
CA ILE J 152 54.79 -19.32 -29.96
C ILE J 152 56.20 -19.32 -30.53
N ASN J 153 56.28 -19.94 -31.71
CA ASN J 153 57.53 -20.09 -32.41
C ASN J 153 57.69 -18.92 -33.37
N TYR J 154 58.78 -18.17 -33.19
CA TYR J 154 59.06 -16.98 -34.00
C TYR J 154 60.28 -17.22 -34.87
N GLN J 155 60.05 -17.34 -36.18
CA GLN J 155 61.09 -17.62 -37.18
C GLN J 155 61.27 -16.46 -38.16
N SER J 156 62.45 -16.44 -38.80
CA SER J 156 62.79 -15.40 -39.76
C SER J 156 63.28 -16.05 -41.04
N PRO J 157 62.39 -16.57 -41.89
CA PRO J 157 62.79 -17.46 -42.97
C PRO J 157 63.69 -16.90 -44.06
N VAL J 158 63.83 -15.56 -44.16
CA VAL J 158 64.75 -15.04 -45.17
C VAL J 158 65.94 -14.31 -44.54
N TYR J 159 66.11 -14.39 -43.21
CA TYR J 159 67.20 -13.69 -42.52
C TYR J 159 68.57 -14.07 -43.10
N GLU J 160 68.81 -15.40 -43.19
CA GLU J 160 70.10 -15.89 -43.57
C GLU J 160 70.37 -15.51 -45.01
N PHE J 161 69.40 -15.69 -45.89
CA PHE J 161 69.62 -15.60 -47.32
C PHE J 161 69.88 -14.16 -47.79
N ALA J 162 69.21 -13.19 -47.15
CA ALA J 162 69.18 -11.84 -47.66
C ALA J 162 70.43 -11.04 -47.31
N GLN J 163 71.51 -11.25 -48.06
CA GLN J 163 72.76 -10.51 -47.84
C GLN J 163 72.66 -9.09 -48.39
N SER J 164 71.89 -8.86 -49.46
CA SER J 164 71.63 -7.51 -49.95
C SER J 164 70.20 -7.42 -50.45
N ALA J 165 69.78 -6.19 -50.72
CA ALA J 165 68.43 -5.95 -51.22
C ALA J 165 68.29 -6.61 -52.60
N ASP J 166 69.35 -6.55 -53.42
CA ASP J 166 69.29 -7.17 -54.73
C ASP J 166 68.93 -8.67 -54.65
N ASP J 167 69.37 -9.35 -53.56
CA ASP J 167 69.06 -10.77 -53.38
C ASP J 167 67.54 -10.97 -53.31
N VAL J 168 66.87 -10.20 -52.46
CA VAL J 168 65.44 -10.34 -52.31
C VAL J 168 64.72 -9.92 -53.59
N LYS J 169 65.21 -8.87 -54.26
CA LYS J 169 64.49 -8.28 -55.38
C LYS J 169 64.32 -9.34 -56.46
N TYR J 170 65.42 -10.07 -56.75
CA TYR J 170 65.45 -10.84 -57.98
C TYR J 170 64.72 -12.15 -57.73
N ARG J 171 64.66 -12.64 -56.50
CA ARG J 171 63.85 -13.85 -56.21
C ARG J 171 62.36 -13.49 -56.34
N LEU J 172 61.94 -12.31 -55.89
CA LEU J 172 60.57 -11.85 -56.07
C LEU J 172 60.25 -11.78 -57.56
N LEU J 173 61.20 -11.26 -58.34
CA LEU J 173 60.96 -11.13 -59.76
C LEU J 173 60.77 -12.48 -60.42
N GLN J 174 61.43 -13.51 -59.93
CA GLN J 174 61.33 -14.87 -60.47
C GLN J 174 59.98 -15.50 -60.13
N LEU J 175 59.25 -14.90 -59.19
CA LEU J 175 57.91 -15.36 -58.85
C LEU J 175 56.85 -14.55 -59.59
N GLY J 176 57.28 -13.60 -60.42
CA GLY J 176 56.33 -12.77 -61.18
C GLY J 176 55.66 -11.72 -60.29
N ILE J 177 56.35 -11.40 -59.19
CA ILE J 177 55.98 -10.34 -58.29
C ILE J 177 56.93 -9.14 -58.43
N SER J 178 56.43 -7.96 -58.10
CA SER J 178 57.10 -6.69 -58.30
C SER J 178 58.25 -6.53 -57.32
N THR J 179 59.30 -5.80 -57.72
CA THR J 179 60.47 -5.70 -56.87
C THR J 179 60.35 -4.58 -55.85
N LYS J 180 59.30 -3.74 -55.94
CA LYS J 180 59.20 -2.52 -55.16
C LYS J 180 58.77 -2.84 -53.71
N SER J 181 59.09 -1.95 -52.75
CA SER J 181 58.53 -2.05 -51.40
C SER J 181 57.21 -1.29 -51.38
N LEU J 182 56.12 -2.04 -51.31
CA LEU J 182 54.80 -1.48 -51.48
C LEU J 182 54.12 -1.45 -50.12
N GLU J 183 54.66 -0.62 -49.24
CA GLU J 183 54.24 -0.45 -47.88
C GLU J 183 54.09 1.05 -47.63
N GLY J 184 53.47 1.41 -46.52
CA GLY J 184 53.45 2.81 -46.11
C GLY J 184 54.75 3.13 -45.42
N ILE J 185 55.00 4.42 -45.13
CA ILE J 185 56.15 4.76 -44.35
C ILE J 185 55.66 5.35 -43.04
N SER J 186 56.34 4.95 -41.97
CA SER J 186 56.22 5.53 -40.66
C SER J 186 56.63 6.99 -40.75
N ILE J 187 55.94 7.85 -40.01
CA ILE J 187 56.33 9.25 -39.97
C ILE J 187 57.61 9.33 -39.18
N PHE J 188 57.87 8.30 -38.34
CA PHE J 188 59.05 8.24 -37.49
C PHE J 188 60.28 7.71 -38.21
N ALA J 189 60.12 7.30 -39.46
CA ALA J 189 61.30 6.87 -40.22
C ALA J 189 62.33 7.99 -40.19
N ASP J 190 63.57 7.68 -39.79
CA ASP J 190 64.66 8.68 -39.86
C ASP J 190 64.51 9.74 -38.77
N SER J 191 63.80 9.42 -37.69
CA SER J 191 63.59 10.35 -36.56
C SER J 191 64.56 9.98 -35.45
N PHE J 192 65.59 9.19 -35.76
CA PHE J 192 66.47 8.70 -34.68
C PHE J 192 67.89 8.43 -35.14
N SER J 193 68.79 8.19 -34.18
CA SER J 193 70.18 7.82 -34.50
C SER J 193 70.40 6.38 -34.05
N THR J 194 71.62 5.85 -34.18
CA THR J 194 71.81 4.44 -33.84
C THR J 194 72.01 4.25 -32.35
N PRO J 195 71.20 3.42 -31.64
CA PRO J 195 71.42 3.12 -30.23
C PRO J 195 72.35 1.92 -30.03
N SER J 196 73.07 1.89 -28.88
CA SER J 196 73.79 0.68 -28.48
C SER J 196 72.85 -0.48 -28.23
N ASP J 197 73.37 -1.70 -28.39
CA ASP J 197 72.65 -2.91 -28.01
C ASP J 197 72.20 -2.79 -26.54
N ASP J 198 73.04 -2.29 -25.63
CA ASP J 198 72.72 -2.32 -24.21
C ASP J 198 71.46 -1.46 -23.98
N VAL J 199 71.35 -0.33 -24.72
CA VAL J 199 70.23 0.58 -24.59
C VAL J 199 68.97 -0.04 -25.18
N VAL J 200 69.08 -0.69 -26.33
CA VAL J 200 67.95 -1.41 -26.93
C VAL J 200 67.33 -2.37 -25.95
N LEU J 201 68.18 -3.10 -25.23
CA LEU J 201 67.74 -4.16 -24.36
C LEU J 201 67.19 -3.59 -23.07
N ALA J 202 67.75 -2.52 -22.54
CA ALA J 202 67.21 -1.89 -21.32
C ALA J 202 65.81 -1.32 -21.57
N TYR J 203 65.60 -0.74 -22.76
CA TYR J 203 64.31 -0.23 -23.14
C TYR J 203 63.31 -1.37 -23.23
N LEU J 204 63.64 -2.42 -23.98
CA LEU J 204 62.73 -3.56 -24.13
C LEU J 204 62.34 -4.10 -22.74
N ARG J 205 63.29 -4.15 -21.83
CA ARG J 205 63.05 -4.70 -20.50
C ARG J 205 62.18 -3.75 -19.67
N GLU J 206 62.34 -2.44 -19.88
CA GLU J 206 61.57 -1.42 -19.18
C GLU J 206 60.11 -1.45 -19.65
N LYS J 207 59.88 -1.88 -20.89
CA LYS J 207 58.53 -1.83 -21.48
C LYS J 207 57.85 -3.20 -21.50
N ALA J 208 58.58 -4.26 -21.13
CA ALA J 208 58.02 -5.60 -21.20
C ALA J 208 56.80 -5.71 -20.31
N PRO J 209 56.88 -5.28 -19.01
CA PRO J 209 55.70 -5.20 -18.15
C PRO J 209 54.50 -4.62 -18.87
N LEU J 210 54.62 -3.43 -19.51
CA LEU J 210 53.47 -2.88 -20.21
C LEU J 210 52.93 -3.84 -21.25
N ALA J 211 53.82 -4.53 -21.93
CA ALA J 211 53.41 -5.37 -23.05
C ALA J 211 52.71 -6.64 -22.57
N HIS J 212 53.24 -7.24 -21.49
CA HIS J 212 52.60 -8.41 -20.92
C HIS J 212 51.22 -8.06 -20.38
N ASN J 213 51.17 -6.86 -19.78
CA ASN J 213 49.93 -6.32 -19.25
C ASN J 213 48.88 -6.25 -20.35
N ILE J 214 49.26 -5.73 -21.51
CA ILE J 214 48.37 -5.53 -22.64
C ILE J 214 47.91 -6.89 -23.16
N VAL J 215 48.80 -7.87 -23.10
CA VAL J 215 48.45 -9.23 -23.55
C VAL J 215 47.32 -9.77 -22.68
N ASN J 216 47.48 -9.55 -21.38
CA ASN J 216 46.52 -9.97 -20.40
C ASN J 216 45.19 -9.23 -20.58
N PHE J 217 45.28 -7.93 -20.90
CA PHE J 217 44.06 -7.17 -21.10
C PHE J 217 43.31 -7.76 -22.29
N LEU J 218 44.02 -7.97 -23.40
CA LEU J 218 43.40 -8.39 -24.64
C LEU J 218 42.78 -9.78 -24.48
N ALA J 219 43.33 -10.58 -23.56
CA ALA J 219 42.81 -11.92 -23.29
C ALA J 219 41.64 -11.86 -22.31
N GLY J 220 41.36 -10.68 -21.75
CA GLY J 220 40.26 -10.46 -20.83
C GLY J 220 40.54 -11.01 -19.44
N GLU J 221 41.77 -10.97 -19.00
CA GLU J 221 42.17 -11.56 -17.73
C GLU J 221 42.30 -10.51 -16.66
N THR J 222 42.48 -9.23 -17.01
CA THR J 222 42.59 -8.12 -16.06
C THR J 222 42.18 -6.81 -16.75
N LEU J 223 41.86 -5.83 -15.89
CA LEU J 223 41.75 -4.46 -16.35
C LEU J 223 42.90 -3.61 -15.85
N ASN J 224 43.58 -4.08 -14.75
CA ASN J 224 44.48 -3.22 -14.00
C ASN J 224 45.86 -3.12 -14.63
N PRO J 225 46.70 -2.11 -14.30
CA PRO J 225 48.09 -2.11 -14.78
C PRO J 225 49.07 -3.02 -14.00
N SER K 6 -17.46 -29.00 -45.38
CA SER K 6 -17.69 -28.92 -46.85
C SER K 6 -18.90 -29.76 -47.22
N VAL K 7 -20.06 -29.10 -47.14
CA VAL K 7 -21.30 -29.45 -47.83
C VAL K 7 -21.10 -29.37 -49.34
N LYS K 8 -21.91 -30.11 -50.07
CA LYS K 8 -21.97 -30.15 -51.53
C LYS K 8 -22.51 -28.84 -52.15
N PRO K 9 -21.73 -28.20 -53.07
CA PRO K 9 -22.11 -26.91 -53.65
C PRO K 9 -23.40 -26.99 -54.44
N GLN K 10 -24.15 -25.89 -54.36
CA GLN K 10 -25.35 -25.71 -55.15
C GLN K 10 -25.19 -24.50 -56.06
N LEU K 11 -26.04 -24.42 -57.08
CA LEU K 11 -25.96 -23.35 -58.05
C LEU K 11 -26.99 -22.29 -57.70
N VAL K 12 -26.62 -21.03 -57.91
CA VAL K 12 -27.55 -19.94 -57.77
C VAL K 12 -27.60 -19.18 -59.08
N MET K 13 -28.79 -18.96 -59.56
CA MET K 13 -29.02 -18.13 -60.72
C MET K 13 -28.88 -16.69 -60.27
N PHE K 14 -27.79 -16.06 -60.68
CA PHE K 14 -27.37 -14.84 -60.05
C PHE K 14 -27.25 -13.73 -61.07
N THR K 15 -28.03 -12.66 -60.88
CA THR K 15 -28.06 -11.54 -61.79
C THR K 15 -27.25 -10.38 -61.24
N GLY K 16 -27.07 -10.32 -59.92
CA GLY K 16 -26.53 -9.12 -59.29
C GLY K 16 -27.61 -8.30 -58.58
N GLY K 17 -28.89 -8.63 -58.79
CA GLY K 17 -29.95 -7.88 -58.17
C GLY K 17 -30.09 -8.23 -56.69
N ARG K 18 -30.98 -7.55 -56.00
CA ARG K 18 -31.07 -7.80 -54.55
C ARG K 18 -31.68 -9.16 -54.25
N ASP K 19 -32.51 -9.71 -55.13
CA ASP K 19 -33.22 -10.93 -54.75
C ASP K 19 -32.31 -12.15 -54.87
N SER K 20 -31.57 -12.25 -55.98
CA SER K 20 -30.72 -13.43 -56.21
C SER K 20 -29.48 -13.30 -55.34
N THR K 21 -29.04 -12.07 -55.05
CA THR K 21 -27.94 -11.84 -54.10
C THR K 21 -28.31 -12.39 -52.71
N LEU K 22 -29.50 -12.09 -52.22
CA LEU K 22 -29.90 -12.53 -50.89
C LEU K 22 -30.06 -14.04 -50.88
N ALA K 23 -30.54 -14.61 -51.98
CA ALA K 23 -30.68 -16.06 -52.02
C ALA K 23 -29.31 -16.71 -51.92
N ALA K 24 -28.33 -16.18 -52.67
CA ALA K 24 -26.98 -16.70 -52.58
C ALA K 24 -26.47 -16.59 -51.16
N CYS K 25 -26.60 -15.40 -50.60
CA CYS K 25 -26.09 -15.06 -49.27
C CYS K 25 -26.70 -15.93 -48.18
N TYR K 26 -28.01 -16.13 -48.24
CA TYR K 26 -28.67 -16.95 -47.25
C TYR K 26 -28.15 -18.39 -47.32
N LEU K 27 -27.87 -18.87 -48.51
CA LEU K 27 -27.34 -20.23 -48.59
C LEU K 27 -25.96 -20.26 -47.96
N MET K 28 -25.17 -19.24 -48.22
CA MET K 28 -23.79 -19.29 -47.75
C MET K 28 -23.77 -19.08 -46.22
N LEU K 29 -24.78 -18.39 -45.67
CA LEU K 29 -24.84 -18.20 -44.23
C LEU K 29 -25.02 -19.55 -43.54
N GLN K 30 -25.66 -20.47 -44.25
CA GLN K 30 -25.89 -21.81 -43.71
C GLN K 30 -24.68 -22.71 -43.94
N GLY K 31 -23.61 -22.20 -44.55
CA GLY K 31 -22.43 -23.02 -44.80
C GLY K 31 -22.50 -23.77 -46.13
N ILE K 32 -23.46 -23.45 -46.98
CA ILE K 32 -23.60 -24.13 -48.27
C ILE K 32 -22.81 -23.37 -49.31
N PRO K 33 -21.79 -23.95 -49.95
CA PRO K 33 -21.07 -23.26 -51.01
C PRO K 33 -21.97 -23.02 -52.21
N VAL K 34 -21.73 -21.92 -52.94
CA VAL K 34 -22.55 -21.60 -54.10
C VAL K 34 -21.65 -21.36 -55.33
N HIS K 35 -22.08 -21.93 -56.47
CA HIS K 35 -21.60 -21.61 -57.78
C HIS K 35 -22.58 -20.61 -58.38
N LEU K 36 -22.15 -19.36 -58.53
CA LEU K 36 -22.99 -18.32 -59.08
C LEU K 36 -23.03 -18.51 -60.58
N TRP K 37 -24.24 -18.47 -61.17
CA TRP K 37 -24.39 -18.71 -62.60
C TRP K 37 -25.21 -17.56 -63.17
N SER K 38 -24.60 -16.86 -64.14
CA SER K 38 -25.16 -15.69 -64.80
C SER K 38 -25.34 -15.98 -66.27
N GLY K 39 -26.61 -15.87 -66.72
CA GLY K 39 -27.00 -16.05 -68.10
C GLY K 39 -26.99 -14.71 -68.83
N ASN K 40 -26.19 -14.62 -69.89
CA ASN K 40 -26.20 -13.50 -70.82
C ASN K 40 -27.01 -13.89 -72.05
N SER K 41 -28.23 -13.35 -72.19
CA SER K 41 -29.13 -13.77 -73.24
C SER K 41 -28.94 -12.93 -74.49
N GLY K 42 -28.03 -11.97 -74.44
CA GLY K 42 -27.67 -11.26 -75.64
C GLY K 42 -28.32 -9.90 -75.74
N CYS K 43 -29.32 -9.65 -74.88
CA CYS K 43 -29.99 -8.37 -74.98
C CYS K 43 -30.01 -7.66 -73.64
N SER K 44 -28.91 -7.73 -72.88
CA SER K 44 -28.80 -6.96 -71.65
C SER K 44 -27.98 -5.69 -71.86
N LEU K 45 -28.48 -4.58 -71.28
CA LEU K 45 -27.75 -3.33 -71.35
C LEU K 45 -27.08 -3.05 -70.02
N HIS K 46 -25.84 -2.52 -70.06
CA HIS K 46 -25.19 -1.98 -68.88
C HIS K 46 -25.03 -3.03 -67.77
N ARG K 47 -24.37 -4.15 -68.07
CA ARG K 47 -24.26 -5.24 -67.07
C ARG K 47 -22.94 -5.15 -66.30
N GLY K 48 -22.11 -4.17 -66.58
CA GLY K 48 -20.80 -4.11 -65.97
C GLY K 48 -20.82 -4.07 -64.45
N ILE K 49 -21.90 -3.54 -63.85
CA ILE K 49 -21.97 -3.33 -62.40
C ILE K 49 -22.11 -4.65 -61.66
N LEU K 50 -22.37 -5.76 -62.39
CA LEU K 50 -22.44 -7.07 -61.79
C LEU K 50 -21.19 -7.35 -60.94
N SER K 51 -20.00 -7.08 -61.47
CA SER K 51 -18.80 -7.56 -60.84
C SER K 51 -18.51 -6.82 -59.51
N HIS K 52 -19.07 -5.63 -59.32
CA HIS K 52 -19.03 -4.95 -58.02
C HIS K 52 -19.77 -5.78 -56.99
N ARG K 53 -20.96 -6.27 -57.36
CA ARG K 53 -21.71 -7.12 -56.46
C ARG K 53 -20.94 -8.41 -56.16
N VAL K 54 -20.30 -9.02 -57.17
CA VAL K 54 -19.60 -10.27 -56.94
C VAL K 54 -18.48 -10.04 -55.94
N GLU K 55 -17.84 -8.86 -55.96
CA GLU K 55 -16.67 -8.63 -55.13
C GLU K 55 -17.14 -8.55 -53.68
N GLU K 56 -18.22 -7.79 -53.43
CA GLU K 56 -18.88 -7.70 -52.14
C GLU K 56 -19.10 -9.08 -51.54
N MET K 57 -19.44 -10.06 -52.38
CA MET K 57 -19.85 -11.37 -51.94
C MET K 57 -18.66 -12.26 -51.62
N LYS K 58 -17.60 -12.18 -52.44
CA LYS K 58 -16.34 -12.85 -52.11
C LYS K 58 -15.77 -12.25 -50.83
N ASN K 59 -15.92 -10.94 -50.68
CA ASN K 59 -15.41 -10.23 -49.50
C ASN K 59 -16.11 -10.72 -48.26
N ARG K 60 -17.41 -10.95 -48.34
CA ARG K 60 -18.16 -11.29 -47.11
C ARG K 60 -18.19 -12.78 -46.84
N PHE K 61 -18.00 -13.62 -47.86
CA PHE K 61 -18.21 -15.04 -47.60
C PHE K 61 -17.02 -15.92 -47.98
N GLY K 62 -16.01 -15.35 -48.69
CA GLY K 62 -14.78 -16.07 -48.96
C GLY K 62 -14.94 -17.27 -49.87
N ASP K 63 -14.47 -18.40 -49.44
CA ASP K 63 -14.34 -19.61 -50.27
C ASP K 63 -15.71 -20.21 -50.57
N LEU K 64 -16.72 -19.81 -49.80
CA LEU K 64 -18.06 -20.34 -50.01
C LEU K 64 -18.58 -19.93 -51.39
N VAL K 65 -18.00 -18.87 -51.98
CA VAL K 65 -18.25 -18.53 -53.36
C VAL K 65 -17.31 -19.37 -54.22
N VAL K 66 -17.80 -20.45 -54.83
CA VAL K 66 -16.87 -21.41 -55.39
C VAL K 66 -16.58 -21.07 -56.84
N GLY K 67 -17.47 -20.31 -57.49
CA GLY K 67 -17.26 -19.94 -58.88
C GLY K 67 -18.28 -18.87 -59.30
N HIS K 68 -17.90 -18.14 -60.35
CA HIS K 68 -18.86 -17.35 -61.10
C HIS K 68 -18.75 -17.75 -62.56
N THR K 69 -19.84 -18.28 -63.13
CA THR K 69 -19.91 -18.60 -64.56
C THR K 69 -20.84 -17.60 -65.21
N VAL K 70 -20.37 -17.00 -66.31
CA VAL K 70 -21.23 -16.17 -67.15
C VAL K 70 -21.39 -16.95 -68.45
N ALA K 71 -22.62 -17.38 -68.74
CA ALA K 71 -22.88 -18.25 -69.88
C ALA K 71 -23.59 -17.46 -70.98
N ASP K 72 -23.10 -17.64 -72.22
CA ASP K 72 -23.75 -17.08 -73.36
C ASP K 72 -24.93 -17.96 -73.72
N ILE K 73 -26.15 -17.50 -73.50
CA ILE K 73 -27.33 -18.26 -73.81
C ILE K 73 -28.12 -17.58 -74.92
N SER K 74 -27.45 -16.75 -75.73
CA SER K 74 -28.17 -16.00 -76.75
C SER K 74 -28.82 -16.92 -77.76
N GLY K 75 -28.14 -18.03 -78.07
CA GLY K 75 -28.64 -18.92 -79.11
C GLY K 75 -29.94 -19.62 -78.71
N ALA K 76 -29.95 -20.20 -77.52
CA ALA K 76 -31.16 -20.84 -77.04
C ALA K 76 -32.28 -19.82 -76.81
N PHE K 77 -31.92 -18.67 -76.24
CA PHE K 77 -32.89 -17.60 -76.06
C PHE K 77 -33.54 -17.28 -77.40
N ARG K 78 -32.75 -17.04 -78.43
CA ARG K 78 -33.36 -16.62 -79.73
C ARG K 78 -34.24 -17.74 -80.24
N SER K 79 -33.75 -18.96 -80.20
CA SER K 79 -34.52 -20.11 -80.69
C SER K 79 -35.91 -20.22 -80.07
N ILE K 80 -35.99 -20.06 -78.75
CA ILE K 80 -37.21 -20.27 -77.99
C ILE K 80 -38.14 -19.04 -78.03
N ALA K 81 -37.57 -17.83 -77.91
CA ALA K 81 -38.36 -16.65 -77.58
C ALA K 81 -38.46 -15.63 -78.69
N ILE K 82 -37.40 -15.50 -79.51
CA ILE K 82 -37.30 -14.45 -80.51
C ILE K 82 -37.62 -14.92 -81.93
N GLU K 83 -37.11 -16.08 -82.34
CA GLU K 83 -37.19 -16.57 -83.70
C GLU K 83 -38.60 -16.45 -84.26
N ALA K 84 -39.61 -16.78 -83.43
CA ALA K 84 -40.99 -16.78 -83.89
C ALA K 84 -41.81 -15.76 -83.09
N LEU K 85 -41.22 -14.58 -82.86
CA LEU K 85 -41.85 -13.55 -82.07
C LEU K 85 -43.20 -13.10 -82.68
N GLU K 86 -43.26 -12.99 -84.00
CA GLU K 86 -44.52 -12.49 -84.59
C GLU K 86 -45.64 -13.49 -84.28
N GLN K 87 -45.39 -14.77 -84.46
CA GLN K 87 -46.42 -15.79 -84.28
C GLN K 87 -46.81 -15.83 -82.82
N ASP K 88 -45.79 -15.90 -81.94
CA ASP K 88 -45.96 -15.98 -80.50
C ASP K 88 -46.86 -14.85 -79.97
N ILE K 89 -46.71 -13.63 -80.50
CA ILE K 89 -47.40 -12.48 -79.96
C ILE K 89 -48.80 -12.45 -80.54
N LEU K 90 -48.94 -12.75 -81.83
CA LEU K 90 -50.26 -12.77 -82.46
C LEU K 90 -51.14 -13.80 -81.79
N LYS K 91 -50.53 -14.90 -81.33
CA LYS K 91 -51.28 -15.99 -80.73
C LYS K 91 -51.70 -15.63 -79.32
N TYR K 92 -50.75 -15.26 -78.46
CA TYR K 92 -51.06 -15.10 -77.06
C TYR K 92 -51.38 -13.64 -76.72
N ARG K 93 -51.31 -12.72 -77.69
CA ARG K 93 -51.61 -11.30 -77.48
C ARG K 93 -50.80 -10.68 -76.35
N LYS K 94 -49.61 -11.25 -76.09
CA LYS K 94 -48.71 -10.84 -75.03
C LYS K 94 -47.28 -11.19 -75.41
N ASN K 95 -46.36 -10.33 -74.96
CA ASN K 95 -44.95 -10.44 -75.21
C ASN K 95 -44.32 -11.21 -74.07
N LEU K 96 -44.05 -12.47 -74.33
CA LEU K 96 -43.59 -13.41 -73.32
C LEU K 96 -42.11 -13.78 -73.57
N VAL K 97 -41.33 -12.86 -74.13
CA VAL K 97 -39.92 -13.14 -74.36
C VAL K 97 -39.22 -13.47 -73.05
N LEU K 98 -39.51 -12.74 -72.00
CA LEU K 98 -38.81 -12.88 -70.74
C LEU K 98 -39.17 -14.18 -70.03
N LEU K 99 -40.30 -14.77 -70.41
CA LEU K 99 -40.67 -16.10 -69.96
C LEU K 99 -39.85 -17.15 -70.71
N GLY K 100 -39.87 -17.07 -72.04
CA GLY K 100 -38.94 -17.82 -72.87
C GLY K 100 -37.51 -17.78 -72.33
N GLU K 101 -37.03 -16.59 -71.94
CA GLU K 101 -35.66 -16.43 -71.50
C GLU K 101 -35.41 -17.37 -70.32
N LYS K 102 -36.40 -17.55 -69.45
CA LYS K 102 -36.23 -18.36 -68.26
C LYS K 102 -36.19 -19.84 -68.65
N LEU K 103 -37.04 -20.20 -69.60
CA LEU K 103 -36.99 -21.55 -70.14
C LEU K 103 -35.59 -21.82 -70.70
N ALA K 104 -35.04 -20.86 -71.44
CA ALA K 104 -33.72 -21.03 -72.04
C ALA K 104 -32.68 -21.22 -70.97
N ILE K 105 -32.79 -20.45 -69.88
CA ILE K 105 -31.87 -20.56 -68.76
C ILE K 105 -31.90 -21.98 -68.23
N HIS K 106 -33.11 -22.49 -68.00
CA HIS K 106 -33.32 -23.81 -67.41
C HIS K 106 -32.74 -24.93 -68.28
N ALA K 107 -32.96 -24.83 -69.59
CA ALA K 107 -32.31 -25.70 -70.56
C ALA K 107 -30.80 -25.70 -70.36
N HIS K 108 -30.17 -24.53 -70.39
CA HIS K 108 -28.72 -24.48 -70.18
C HIS K 108 -28.30 -25.04 -68.81
N LEU K 109 -29.12 -24.83 -67.77
CA LEU K 109 -28.76 -25.28 -66.44
C LEU K 109 -28.79 -26.81 -66.36
N VAL K 110 -29.70 -27.46 -67.09
CA VAL K 110 -29.68 -28.93 -67.14
C VAL K 110 -28.32 -29.39 -67.64
N ASP K 111 -27.87 -28.82 -68.75
CA ASP K 111 -26.61 -29.23 -69.33
C ASP K 111 -25.47 -28.91 -68.36
N PHE K 112 -25.55 -27.73 -67.74
CA PHE K 112 -24.45 -27.28 -66.91
C PHE K 112 -24.36 -28.15 -65.67
N CYS K 113 -25.51 -28.38 -65.01
CA CYS K 113 -25.57 -29.25 -63.84
C CYS K 113 -25.00 -30.63 -64.15
N ARG K 114 -25.45 -31.27 -65.21
CA ARG K 114 -24.98 -32.62 -65.56
C ARG K 114 -23.46 -32.59 -65.76
N ARG K 115 -22.92 -31.55 -66.37
CA ARG K 115 -21.48 -31.55 -66.72
C ARG K 115 -20.61 -31.04 -65.57
N ASN K 116 -21.20 -30.50 -64.50
CA ASN K 116 -20.37 -30.11 -63.37
C ASN K 116 -20.87 -30.71 -62.06
N ASP K 117 -21.53 -31.86 -62.11
CA ASP K 117 -21.92 -32.55 -60.88
C ASP K 117 -22.63 -31.63 -59.87
N ILE K 118 -23.73 -30.99 -60.27
CA ILE K 118 -24.53 -30.14 -59.42
C ILE K 118 -25.98 -30.62 -59.52
N ASN K 119 -26.71 -30.77 -58.41
CA ASN K 119 -28.07 -31.25 -58.52
C ASN K 119 -29.07 -30.42 -57.73
N THR K 120 -28.60 -29.30 -57.15
CA THR K 120 -29.54 -28.30 -56.65
C THR K 120 -29.29 -26.96 -57.36
N ILE K 121 -30.36 -26.34 -57.84
CA ILE K 121 -30.29 -24.98 -58.37
C ILE K 121 -31.20 -24.06 -57.57
N ASN K 122 -30.81 -22.80 -57.41
CA ASN K 122 -31.57 -21.84 -56.63
C ASN K 122 -31.70 -20.54 -57.43
N ASP K 123 -32.82 -19.85 -57.28
CA ASP K 123 -33.02 -18.50 -57.80
C ASP K 123 -33.58 -17.52 -56.73
N GLY K 124 -33.76 -16.27 -57.13
CA GLY K 124 -34.25 -15.22 -56.24
C GLY K 124 -35.70 -14.82 -56.52
N ILE K 125 -36.49 -15.81 -56.88
CA ILE K 125 -37.90 -15.54 -57.09
C ILE K 125 -38.45 -15.07 -55.74
N THR K 126 -39.36 -14.09 -55.82
CA THR K 126 -39.90 -13.40 -54.65
C THR K 126 -41.42 -13.27 -54.80
N HIS K 127 -42.16 -13.49 -53.68
CA HIS K 127 -43.60 -13.31 -53.64
C HIS K 127 -44.04 -11.94 -54.19
N TYR K 128 -43.29 -10.86 -53.89
CA TYR K 128 -43.71 -9.50 -54.20
C TYR K 128 -43.65 -9.21 -55.70
N GLN K 129 -43.01 -10.08 -56.51
CA GLN K 129 -42.83 -9.79 -57.94
C GLN K 129 -43.57 -10.81 -58.82
N MET K 130 -44.62 -11.42 -58.25
CA MET K 130 -45.46 -12.37 -58.94
C MET K 130 -46.16 -11.75 -60.15
N GLU K 131 -46.15 -10.43 -60.34
CA GLU K 131 -46.73 -9.83 -61.54
C GLU K 131 -46.05 -10.38 -62.81
N PHE K 132 -44.72 -10.67 -62.71
CA PHE K 132 -43.92 -11.07 -63.86
C PHE K 132 -44.13 -12.56 -64.11
N PRO K 133 -44.35 -12.99 -65.39
CA PRO K 133 -44.53 -14.40 -65.75
C PRO K 133 -43.54 -15.39 -65.13
N GLU K 134 -42.23 -15.07 -65.19
CA GLU K 134 -41.16 -15.94 -64.73
C GLU K 134 -41.23 -16.22 -63.22
N GLN K 135 -41.99 -15.37 -62.47
CA GLN K 135 -42.04 -15.38 -61.02
C GLN K 135 -43.38 -15.88 -60.50
N ARG K 136 -44.22 -16.42 -61.39
CA ARG K 136 -45.53 -16.92 -61.00
C ARG K 136 -45.48 -18.35 -60.53
N LEU K 137 -46.38 -18.74 -59.62
CA LEU K 137 -46.40 -20.11 -59.11
C LEU K 137 -46.59 -21.10 -60.26
N VAL K 138 -47.43 -20.74 -61.23
CA VAL K 138 -47.73 -21.69 -62.28
C VAL K 138 -46.48 -21.96 -63.11
N ALA K 139 -45.64 -20.96 -63.33
CA ALA K 139 -44.39 -21.13 -64.07
C ALA K 139 -43.33 -21.79 -63.19
N LYS K 140 -43.25 -21.38 -61.94
CA LYS K 140 -42.29 -21.97 -61.00
C LYS K 140 -42.55 -23.48 -60.91
N THR K 141 -43.83 -23.89 -60.86
CA THR K 141 -44.20 -25.29 -60.67
C THR K 141 -43.85 -26.04 -61.95
N PHE K 142 -44.14 -25.42 -63.11
CA PHE K 142 -43.81 -26.01 -64.40
C PHE K 142 -42.32 -26.31 -64.47
N LEU K 143 -41.49 -25.32 -64.13
CA LEU K 143 -40.05 -25.50 -64.21
C LEU K 143 -39.52 -26.43 -63.13
N MET K 144 -40.16 -26.52 -61.95
CA MET K 144 -39.71 -27.48 -60.93
C MET K 144 -39.88 -28.89 -61.50
N GLU K 145 -41.01 -29.14 -62.17
CA GLU K 145 -41.31 -30.43 -62.79
C GLU K 145 -40.27 -30.67 -63.88
N MET K 146 -40.02 -29.68 -64.74
CA MET K 146 -39.05 -29.82 -65.82
C MET K 146 -37.68 -30.25 -65.26
N MET K 147 -37.20 -29.59 -64.22
CA MET K 147 -35.89 -29.88 -63.69
C MET K 147 -35.90 -31.23 -62.99
N ALA K 148 -37.05 -31.60 -62.40
CA ALA K 148 -37.13 -32.85 -61.68
C ALA K 148 -36.98 -34.01 -62.66
N GLN K 149 -37.48 -33.84 -63.88
CA GLN K 149 -37.33 -34.86 -64.92
C GLN K 149 -35.85 -35.13 -65.18
N TYR K 150 -34.93 -34.23 -64.84
CA TYR K 150 -33.51 -34.54 -64.95
C TYR K 150 -32.84 -34.70 -63.57
N ASP K 151 -33.60 -35.07 -62.55
CA ASP K 151 -33.10 -35.23 -61.19
C ASP K 151 -32.38 -33.97 -60.72
N ILE K 152 -33.03 -32.83 -60.94
CA ILE K 152 -32.48 -31.58 -60.49
C ILE K 152 -33.51 -30.92 -59.58
N ASN K 153 -33.00 -30.50 -58.42
CA ASN K 153 -33.82 -29.85 -57.41
C ASN K 153 -33.76 -28.34 -57.63
N TYR K 154 -34.91 -27.75 -57.88
CA TYR K 154 -35.00 -26.31 -58.14
C TYR K 154 -35.72 -25.62 -56.99
N GLN K 155 -34.98 -24.84 -56.22
CA GLN K 155 -35.47 -24.14 -55.03
C GLN K 155 -35.45 -22.62 -55.22
N SER K 156 -36.28 -21.95 -54.44
CA SER K 156 -36.35 -20.50 -54.42
C SER K 156 -36.26 -20.03 -52.98
N PRO K 157 -35.05 -19.97 -52.40
CA PRO K 157 -34.91 -19.89 -50.95
C PRO K 157 -35.40 -18.60 -50.30
N VAL K 158 -35.68 -17.54 -51.08
CA VAL K 158 -36.20 -16.33 -50.49
C VAL K 158 -37.62 -16.01 -50.97
N TYR K 159 -38.26 -16.95 -51.70
CA TYR K 159 -39.61 -16.72 -52.24
C TYR K 159 -40.59 -16.33 -51.14
N GLU K 160 -40.66 -17.17 -50.08
CA GLU K 160 -41.74 -16.98 -49.14
C GLU K 160 -41.48 -15.72 -48.34
N PHE K 161 -40.23 -15.47 -47.97
CA PHE K 161 -39.92 -14.41 -47.02
C PHE K 161 -40.12 -13.00 -47.61
N ALA K 162 -39.87 -12.84 -48.91
CA ALA K 162 -39.83 -11.53 -49.52
C ALA K 162 -41.25 -11.02 -49.84
N GLN K 163 -41.96 -10.49 -48.81
CA GLN K 163 -43.26 -9.88 -49.03
C GLN K 163 -43.13 -8.49 -49.71
N SER K 164 -42.03 -7.75 -49.47
CA SER K 164 -41.79 -6.50 -50.19
C SER K 164 -40.30 -6.35 -50.46
N ALA K 165 -39.97 -5.37 -51.29
CA ALA K 165 -38.58 -5.11 -51.63
C ALA K 165 -37.82 -4.72 -50.37
N ASP K 166 -38.46 -3.93 -49.50
CA ASP K 166 -37.82 -3.49 -48.28
C ASP K 166 -37.39 -4.68 -47.43
N ASP K 167 -38.10 -5.80 -47.48
CA ASP K 167 -37.71 -7.01 -46.74
C ASP K 167 -36.32 -7.49 -47.19
N VAL K 168 -36.13 -7.63 -48.50
CA VAL K 168 -34.83 -8.08 -49.00
C VAL K 168 -33.76 -7.02 -48.72
N LYS K 169 -34.09 -5.74 -48.83
CA LYS K 169 -33.11 -4.67 -48.73
C LYS K 169 -32.42 -4.75 -47.38
N TYR K 170 -33.22 -4.91 -46.32
CA TYR K 170 -32.70 -4.66 -45.00
C TYR K 170 -31.87 -5.87 -44.56
N ARG K 171 -32.19 -7.07 -45.07
CA ARG K 171 -31.39 -8.23 -44.74
C ARG K 171 -30.02 -8.12 -45.41
N LEU K 172 -30.01 -7.67 -46.65
CA LEU K 172 -28.76 -7.45 -47.35
C LEU K 172 -27.92 -6.44 -46.58
N LEU K 173 -28.56 -5.40 -46.09
CA LEU K 173 -27.85 -4.38 -45.38
C LEU K 173 -27.21 -4.94 -44.11
N GLN K 174 -27.85 -5.91 -43.46
CA GLN K 174 -27.34 -6.53 -42.23
C GLN K 174 -26.12 -7.40 -42.51
N LEU K 175 -25.89 -7.72 -43.79
CA LEU K 175 -24.71 -8.48 -44.19
C LEU K 175 -23.61 -7.55 -44.68
N GLY K 176 -23.83 -6.25 -44.64
CA GLY K 176 -22.81 -5.29 -45.03
C GLY K 176 -22.67 -5.19 -46.56
N ILE K 177 -23.75 -5.61 -47.23
CA ILE K 177 -23.90 -5.49 -48.66
C ILE K 177 -24.91 -4.44 -49.03
N SER K 178 -24.75 -3.89 -50.22
CA SER K 178 -25.51 -2.77 -50.73
C SER K 178 -26.95 -3.16 -51.02
N THR K 179 -27.89 -2.23 -50.89
CA THR K 179 -29.30 -2.55 -51.04
C THR K 179 -29.72 -2.48 -52.50
N LYS K 180 -28.86 -1.98 -53.41
CA LYS K 180 -29.25 -1.64 -54.77
C LYS K 180 -29.35 -2.89 -55.64
N SER K 181 -30.12 -2.83 -56.74
CA SER K 181 -30.07 -3.89 -57.74
C SER K 181 -28.97 -3.59 -58.73
N LEU K 182 -27.87 -4.35 -58.66
CA LEU K 182 -26.68 -4.01 -59.41
C LEU K 182 -26.56 -5.02 -60.56
N GLU K 183 -27.50 -4.95 -61.47
CA GLU K 183 -27.62 -5.89 -62.57
C GLU K 183 -27.78 -5.12 -63.86
N GLY K 184 -27.60 -5.81 -64.98
CA GLY K 184 -27.94 -5.23 -66.27
C GLY K 184 -29.44 -5.29 -66.45
N ILE K 185 -30.00 -4.49 -67.38
CA ILE K 185 -31.42 -4.49 -67.59
C ILE K 185 -31.67 -5.05 -68.98
N SER K 186 -32.73 -5.85 -69.04
CA SER K 186 -33.21 -6.37 -70.30
C SER K 186 -33.69 -5.21 -71.14
N ILE K 187 -33.48 -5.26 -72.46
CA ILE K 187 -34.01 -4.21 -73.28
C ILE K 187 -35.52 -4.38 -73.35
N PHE K 188 -35.97 -5.61 -73.05
CA PHE K 188 -37.37 -6.00 -73.07
C PHE K 188 -38.10 -5.57 -71.77
N ALA K 189 -37.38 -5.02 -70.77
CA ALA K 189 -38.03 -4.45 -69.62
C ALA K 189 -39.15 -3.48 -70.06
N ASP K 190 -40.32 -3.62 -69.41
CA ASP K 190 -41.41 -2.66 -69.51
C ASP K 190 -41.92 -2.62 -70.93
N SER K 191 -41.89 -3.78 -71.61
CA SER K 191 -42.28 -3.88 -73.02
C SER K 191 -43.50 -4.78 -73.18
N PHE K 192 -44.20 -4.98 -72.05
CA PHE K 192 -45.21 -6.02 -71.93
C PHE K 192 -46.23 -5.66 -70.85
N SER K 193 -47.46 -6.12 -71.07
CA SER K 193 -48.54 -6.11 -70.09
C SER K 193 -48.68 -7.49 -69.47
N THR K 194 -49.53 -7.59 -68.44
CA THR K 194 -49.69 -8.80 -67.63
C THR K 194 -50.43 -9.87 -68.40
N PRO K 195 -49.88 -11.10 -68.55
CA PRO K 195 -50.61 -12.23 -69.15
C PRO K 195 -51.42 -13.03 -68.13
N SER K 196 -52.46 -13.74 -68.58
CA SER K 196 -53.13 -14.69 -67.68
C SER K 196 -52.20 -15.85 -67.33
N ASP K 197 -52.43 -16.48 -66.16
CA ASP K 197 -51.77 -17.72 -65.80
C ASP K 197 -51.98 -18.74 -66.91
N ASP K 198 -53.17 -18.84 -67.50
CA ASP K 198 -53.48 -19.89 -68.47
C ASP K 198 -52.55 -19.75 -69.67
N VAL K 199 -52.30 -18.48 -70.06
CA VAL K 199 -51.47 -18.17 -71.21
C VAL K 199 -50.00 -18.46 -70.89
N VAL K 200 -49.54 -18.11 -69.68
CA VAL K 200 -48.18 -18.43 -69.25
C VAL K 200 -47.89 -19.92 -69.40
N LEU K 201 -48.86 -20.74 -69.01
CA LEU K 201 -48.66 -22.18 -68.95
C LEU K 201 -48.76 -22.76 -70.35
N ALA K 202 -49.66 -22.25 -71.21
CA ALA K 202 -49.74 -22.75 -72.58
C ALA K 202 -48.46 -22.46 -73.38
N TYR K 203 -47.86 -21.29 -73.12
CA TYR K 203 -46.61 -20.90 -73.75
C TYR K 203 -45.51 -21.85 -73.33
N LEU K 204 -45.34 -22.03 -72.02
CA LEU K 204 -44.29 -22.88 -71.53
C LEU K 204 -44.43 -24.28 -72.16
N ARG K 205 -45.66 -24.73 -72.35
CA ARG K 205 -45.84 -26.11 -72.84
C ARG K 205 -45.62 -26.14 -74.35
N GLU K 206 -45.86 -25.04 -75.02
CA GLU K 206 -45.63 -24.94 -76.45
C GLU K 206 -44.12 -24.93 -76.72
N LYS K 207 -43.32 -24.45 -75.77
CA LYS K 207 -41.90 -24.26 -75.99
C LYS K 207 -41.04 -25.36 -75.33
N ALA K 208 -41.69 -26.23 -74.55
CA ALA K 208 -40.93 -27.25 -73.84
C ALA K 208 -40.20 -28.15 -74.81
N PRO K 209 -40.87 -28.68 -75.87
CA PRO K 209 -40.19 -29.39 -76.95
C PRO K 209 -38.87 -28.73 -77.37
N LEU K 210 -38.87 -27.44 -77.69
CA LEU K 210 -37.61 -26.84 -78.18
C LEU K 210 -36.58 -26.79 -77.04
N ALA K 211 -37.03 -26.73 -75.79
CA ALA K 211 -36.07 -26.64 -74.71
C ALA K 211 -35.44 -28.01 -74.42
N HIS K 212 -36.24 -29.07 -74.45
CA HIS K 212 -35.72 -30.40 -74.24
C HIS K 212 -34.77 -30.77 -75.39
N ASN K 213 -35.17 -30.34 -76.58
CA ASN K 213 -34.36 -30.54 -77.77
C ASN K 213 -32.96 -29.92 -77.59
N ILE K 214 -32.91 -28.69 -77.07
CA ILE K 214 -31.67 -27.97 -76.86
C ILE K 214 -30.84 -28.67 -75.80
N VAL K 215 -31.51 -29.26 -74.81
CA VAL K 215 -30.81 -29.98 -73.76
C VAL K 215 -30.06 -31.15 -74.39
N ASN K 216 -30.77 -31.85 -75.26
CA ASN K 216 -30.24 -32.99 -75.97
C ASN K 216 -29.10 -32.58 -76.90
N PHE K 217 -29.24 -31.42 -77.54
CA PHE K 217 -28.16 -30.96 -78.41
C PHE K 217 -26.92 -30.72 -77.57
N LEU K 218 -27.07 -30.00 -76.45
CA LEU K 218 -25.93 -29.60 -75.64
C LEU K 218 -25.26 -30.83 -75.04
N ALA K 219 -26.01 -31.90 -74.87
CA ALA K 219 -25.47 -33.16 -74.33
C ALA K 219 -24.83 -33.99 -75.42
N GLY K 220 -24.92 -33.54 -76.69
CA GLY K 220 -24.35 -34.23 -77.83
C GLY K 220 -25.12 -35.48 -78.24
N GLU K 221 -26.43 -35.50 -78.07
CA GLU K 221 -27.24 -36.69 -78.31
C GLU K 221 -27.91 -36.64 -79.67
N THR K 222 -28.12 -35.42 -80.23
CA THR K 222 -28.81 -35.26 -81.50
C THR K 222 -28.44 -33.91 -82.10
N LEU K 223 -28.69 -33.81 -83.40
CA LEU K 223 -28.59 -32.53 -84.10
C LEU K 223 -29.98 -32.08 -84.54
N ASN K 224 -30.97 -33.02 -84.59
CA ASN K 224 -32.24 -32.76 -85.25
C ASN K 224 -33.22 -32.04 -84.33
N PRO K 225 -34.22 -31.33 -84.90
CA PRO K 225 -35.36 -30.83 -84.14
C PRO K 225 -36.29 -31.91 -83.61
N PRO K 226 -37.19 -31.54 -82.67
CA PRO K 226 -38.12 -32.47 -82.02
C PRO K 226 -38.45 -33.78 -82.73
N VAL L 7 -11.17 -41.20 -74.13
CA VAL L 7 -11.76 -41.41 -75.49
C VAL L 7 -10.74 -40.98 -76.54
N LYS L 8 -10.67 -41.78 -77.62
CA LYS L 8 -9.57 -41.68 -78.60
C LYS L 8 -9.78 -40.53 -79.57
N PRO L 9 -8.82 -39.57 -79.72
CA PRO L 9 -9.02 -38.42 -80.61
C PRO L 9 -9.22 -38.82 -82.06
N GLN L 10 -10.09 -38.06 -82.73
CA GLN L 10 -10.32 -38.19 -84.15
C GLN L 10 -9.94 -36.89 -84.84
N LEU L 11 -9.84 -36.94 -86.17
CA LEU L 11 -9.47 -35.79 -86.95
C LEU L 11 -10.72 -35.16 -87.56
N VAL L 12 -10.73 -33.83 -87.61
CA VAL L 12 -11.75 -33.14 -88.35
C VAL L 12 -11.08 -32.28 -89.41
N MET L 13 -11.57 -32.40 -90.63
CA MET L 13 -11.13 -31.55 -91.72
C MET L 13 -11.80 -30.22 -91.52
N PHE L 14 -11.00 -29.23 -91.16
CA PHE L 14 -11.53 -28.01 -90.60
C PHE L 14 -11.08 -26.81 -91.40
N THR L 15 -12.03 -26.09 -91.97
CA THR L 15 -11.73 -24.93 -92.82
C THR L 15 -11.96 -23.63 -92.06
N GLY L 16 -12.79 -23.67 -91.01
CA GLY L 16 -13.25 -22.44 -90.38
C GLY L 16 -14.70 -22.12 -90.74
N GLY L 17 -15.26 -22.81 -91.74
CA GLY L 17 -16.62 -22.51 -92.18
C GLY L 17 -17.64 -23.12 -91.21
N ARG L 18 -18.91 -22.80 -91.41
CA ARG L 18 -19.91 -23.27 -90.45
C ARG L 18 -20.02 -24.77 -90.42
N ASP L 19 -19.87 -25.42 -91.55
CA ASP L 19 -20.21 -26.83 -91.61
C ASP L 19 -19.18 -27.67 -90.86
N SER L 20 -17.87 -27.42 -91.08
CA SER L 20 -16.82 -28.20 -90.45
C SER L 20 -16.69 -27.81 -88.99
N THR L 21 -17.01 -26.55 -88.66
CA THR L 21 -17.08 -26.10 -87.28
C THR L 21 -18.13 -26.89 -86.48
N LEU L 22 -19.32 -27.04 -87.05
CA LEU L 22 -20.40 -27.75 -86.37
C LEU L 22 -20.05 -29.23 -86.22
N ALA L 23 -19.38 -29.78 -87.22
CA ALA L 23 -19.00 -31.17 -87.15
C ALA L 23 -18.01 -31.37 -86.00
N ALA L 24 -17.04 -30.47 -85.90
CA ALA L 24 -16.07 -30.55 -84.82
C ALA L 24 -16.80 -30.46 -83.49
N CYS L 25 -17.65 -29.45 -83.37
CA CYS L 25 -18.36 -29.14 -82.12
C CYS L 25 -19.24 -30.30 -81.69
N TYR L 26 -19.98 -30.89 -82.64
CA TYR L 26 -20.86 -31.98 -82.29
C TYR L 26 -20.05 -33.16 -81.77
N LEU L 27 -18.85 -33.38 -82.33
CA LEU L 27 -18.06 -34.51 -81.85
C LEU L 27 -17.60 -34.21 -80.44
N MET L 28 -17.22 -32.97 -80.18
CA MET L 28 -16.69 -32.64 -78.87
C MET L 28 -17.81 -32.66 -77.82
N LEU L 29 -19.05 -32.39 -78.24
CA LEU L 29 -20.17 -32.43 -77.33
C LEU L 29 -20.35 -33.86 -76.81
N GLN L 30 -19.97 -34.82 -77.64
CA GLN L 30 -20.10 -36.22 -77.30
C GLN L 30 -18.89 -36.69 -76.48
N GLY L 31 -17.94 -35.81 -76.17
CA GLY L 31 -16.79 -36.20 -75.36
C GLY L 31 -15.63 -36.72 -76.20
N ILE L 32 -15.72 -36.62 -77.54
CA ILE L 32 -14.69 -37.12 -78.41
C ILE L 32 -13.71 -36.00 -78.67
N PRO L 33 -12.43 -36.10 -78.32
CA PRO L 33 -11.46 -35.06 -78.66
C PRO L 33 -11.26 -34.96 -80.15
N VAL L 34 -10.94 -33.76 -80.66
CA VAL L 34 -10.68 -33.57 -82.09
C VAL L 34 -9.34 -32.89 -82.31
N HIS L 35 -8.60 -33.40 -83.29
CA HIS L 35 -7.44 -32.76 -83.91
C HIS L 35 -7.95 -32.08 -85.18
N LEU L 36 -7.98 -30.75 -85.16
CA LEU L 36 -8.45 -29.97 -86.29
C LEU L 36 -7.32 -30.00 -87.35
N TRP L 37 -7.66 -30.30 -88.62
CA TRP L 37 -6.67 -30.36 -89.68
C TRP L 37 -7.11 -29.46 -90.82
N SER L 38 -6.26 -28.48 -91.15
CA SER L 38 -6.53 -27.48 -92.17
C SER L 38 -5.50 -27.59 -93.31
N GLY L 39 -6.03 -27.84 -94.52
CA GLY L 39 -5.21 -27.96 -95.71
C GLY L 39 -5.09 -26.66 -96.46
N ASN L 40 -3.88 -26.14 -96.59
CA ASN L 40 -3.59 -24.98 -97.42
C ASN L 40 -3.06 -25.42 -98.78
N SER L 41 -3.89 -25.27 -99.81
CA SER L 41 -3.59 -25.80 -101.13
C SER L 41 -2.85 -24.76 -101.97
N GLY L 42 -2.61 -23.59 -101.42
CA GLY L 42 -1.74 -22.63 -102.08
C GLY L 42 -2.52 -21.56 -102.81
N CYS L 43 -3.84 -21.76 -102.97
CA CYS L 43 -4.62 -20.80 -103.72
C CYS L 43 -5.78 -20.27 -102.89
N SER L 44 -5.63 -20.09 -101.58
CA SER L 44 -6.67 -19.47 -100.79
C SER L 44 -6.41 -17.97 -100.54
N LEU L 45 -7.47 -17.19 -100.63
CA LEU L 45 -7.40 -15.75 -100.34
C LEU L 45 -8.00 -15.47 -98.97
N HIS L 46 -7.35 -14.62 -98.19
CA HIS L 46 -7.90 -14.08 -96.97
C HIS L 46 -8.26 -15.17 -95.96
N ARG L 47 -7.27 -15.97 -95.58
CA ARG L 47 -7.52 -17.10 -94.67
C ARG L 47 -7.17 -16.74 -93.23
N GLY L 48 -6.81 -15.49 -92.97
CA GLY L 48 -6.35 -15.13 -91.62
C GLY L 48 -7.43 -15.32 -90.56
N ILE L 49 -8.70 -15.21 -90.95
CA ILE L 49 -9.86 -15.22 -90.09
C ILE L 49 -10.08 -16.59 -89.46
N LEU L 50 -9.40 -17.62 -89.99
CA LEU L 50 -9.50 -18.96 -89.44
C LEU L 50 -9.19 -18.96 -87.95
N SER L 51 -8.15 -18.26 -87.51
CA SER L 51 -7.69 -18.41 -86.15
C SER L 51 -8.67 -17.84 -85.12
N HIS L 52 -9.55 -16.90 -85.57
CA HIS L 52 -10.63 -16.41 -84.71
C HIS L 52 -11.58 -17.57 -84.41
N ARG L 53 -11.93 -18.33 -85.45
CA ARG L 53 -12.79 -19.49 -85.27
C ARG L 53 -12.14 -20.51 -84.33
N VAL L 54 -10.85 -20.76 -84.48
CA VAL L 54 -10.18 -21.75 -83.64
C VAL L 54 -10.28 -21.34 -82.18
N GLU L 55 -10.19 -20.01 -81.91
CA GLU L 55 -10.13 -19.56 -80.53
C GLU L 55 -11.50 -19.77 -79.90
N GLU L 56 -12.58 -19.40 -80.63
CA GLU L 56 -13.97 -19.65 -80.24
C GLU L 56 -14.16 -21.10 -79.76
N MET L 57 -13.47 -22.02 -80.43
CA MET L 57 -13.69 -23.44 -80.20
C MET L 57 -12.92 -23.93 -78.99
N LYS L 58 -11.68 -23.44 -78.79
CA LYS L 58 -10.94 -23.71 -77.58
C LYS L 58 -11.68 -23.09 -76.39
N ASN L 59 -12.27 -21.92 -76.60
CA ASN L 59 -13.00 -21.24 -75.56
C ASN L 59 -14.19 -22.05 -75.11
N ARG L 60 -14.91 -22.66 -76.04
CA ARG L 60 -16.17 -23.36 -75.66
C ARG L 60 -15.94 -24.83 -75.33
N PHE L 61 -14.81 -25.42 -75.71
CA PHE L 61 -14.69 -26.84 -75.46
C PHE L 61 -13.39 -27.25 -74.77
N GLY L 62 -12.42 -26.34 -74.63
CA GLY L 62 -11.22 -26.55 -73.83
C GLY L 62 -10.32 -27.63 -74.39
N ASP L 63 -9.97 -28.63 -73.55
CA ASP L 63 -8.91 -29.56 -73.93
C ASP L 63 -9.39 -30.56 -74.98
N LEU L 64 -10.69 -30.59 -75.24
CA LEU L 64 -11.23 -31.48 -76.24
C LEU L 64 -10.70 -31.10 -77.62
N VAL L 65 -10.24 -29.84 -77.78
CA VAL L 65 -9.50 -29.42 -78.96
C VAL L 65 -8.06 -29.78 -78.74
N VAL L 66 -7.60 -30.87 -79.36
CA VAL L 66 -6.29 -31.40 -78.95
C VAL L 66 -5.20 -30.78 -79.80
N GLY L 67 -5.53 -30.27 -80.99
CA GLY L 67 -4.53 -29.75 -81.90
C GLY L 67 -5.15 -28.94 -83.04
N HIS L 68 -4.37 -28.04 -83.62
CA HIS L 68 -4.65 -27.52 -84.94
C HIS L 68 -3.42 -27.70 -85.81
N THR L 69 -3.52 -28.46 -86.90
CA THR L 69 -2.46 -28.62 -87.88
C THR L 69 -2.86 -27.89 -89.15
N VAL L 70 -1.95 -27.04 -89.65
CA VAL L 70 -2.16 -26.38 -90.92
C VAL L 70 -1.13 -26.95 -91.86
N ALA L 71 -1.59 -27.66 -92.89
CA ALA L 71 -0.68 -28.47 -93.71
C ALA L 71 -0.58 -27.84 -95.11
N ASP L 72 0.64 -27.70 -95.61
CA ASP L 72 0.89 -27.26 -96.96
C ASP L 72 0.65 -28.45 -97.89
N ILE L 73 -0.43 -28.40 -98.66
CA ILE L 73 -0.71 -29.46 -99.61
C ILE L 73 -0.58 -28.92 -101.04
N SER L 74 0.15 -27.82 -101.24
CA SER L 74 0.16 -27.18 -102.55
C SER L 74 0.79 -28.11 -103.59
N GLY L 75 1.78 -28.90 -103.17
CA GLY L 75 2.49 -29.74 -104.10
C GLY L 75 1.61 -30.86 -104.64
N ALA L 76 0.95 -31.59 -103.76
CA ALA L 76 0.06 -32.66 -104.20
C ALA L 76 -1.15 -32.08 -104.96
N PHE L 77 -1.64 -30.92 -104.58
CA PHE L 77 -2.76 -30.29 -105.33
C PHE L 77 -2.35 -30.00 -106.75
N ARG L 78 -1.16 -29.45 -106.93
CA ARG L 78 -0.72 -29.05 -108.28
C ARG L 78 -0.52 -30.31 -109.10
N SER L 79 0.09 -31.31 -108.48
CA SER L 79 0.31 -32.57 -109.18
C SER L 79 -0.99 -33.19 -109.72
N ILE L 80 -2.04 -33.21 -108.88
CA ILE L 80 -3.27 -33.89 -109.19
C ILE L 80 -4.20 -33.02 -110.05
N ALA L 81 -4.31 -31.73 -109.73
CA ALA L 81 -5.41 -30.90 -110.24
C ALA L 81 -4.98 -29.82 -111.22
N ILE L 82 -3.76 -29.26 -111.06
CA ILE L 82 -3.30 -28.12 -111.80
C ILE L 82 -2.33 -28.46 -112.95
N GLU L 83 -1.38 -29.31 -112.70
CA GLU L 83 -0.28 -29.60 -113.61
C GLU L 83 -0.77 -29.85 -115.03
N ALA L 84 -1.88 -30.60 -115.14
CA ALA L 84 -2.44 -31.00 -116.42
C ALA L 84 -3.83 -30.38 -116.60
N LEU L 85 -4.00 -29.12 -116.20
CA LEU L 85 -5.28 -28.45 -116.24
C LEU L 85 -5.82 -28.34 -117.66
N GLU L 86 -4.96 -27.98 -118.65
CA GLU L 86 -5.42 -27.89 -120.03
C GLU L 86 -6.06 -29.20 -120.46
N GLN L 87 -5.35 -30.32 -120.23
CA GLN L 87 -5.79 -31.60 -120.72
C GLN L 87 -7.07 -31.99 -119.99
N ASP L 88 -7.07 -31.87 -118.66
CA ASP L 88 -8.20 -32.21 -117.80
C ASP L 88 -9.49 -31.53 -118.24
N ILE L 89 -9.40 -30.26 -118.65
CA ILE L 89 -10.60 -29.50 -118.96
C ILE L 89 -11.04 -29.82 -120.37
N LEU L 90 -10.09 -29.96 -121.29
CA LEU L 90 -10.40 -30.30 -122.68
C LEU L 90 -11.08 -31.67 -122.72
N LYS L 91 -10.70 -32.55 -121.82
CA LYS L 91 -11.22 -33.91 -121.78
C LYS L 91 -12.63 -33.93 -121.20
N TYR L 92 -12.81 -33.38 -119.99
CA TYR L 92 -14.08 -33.53 -119.31
C TYR L 92 -15.02 -32.35 -119.57
N ARG L 93 -14.54 -31.33 -120.28
CA ARG L 93 -15.35 -30.13 -120.61
C ARG L 93 -15.88 -29.49 -119.32
N LYS L 94 -15.17 -29.63 -118.21
CA LYS L 94 -15.52 -29.11 -116.91
C LYS L 94 -14.25 -28.95 -116.04
N ASN L 95 -14.27 -27.93 -115.19
CA ASN L 95 -13.15 -27.53 -114.36
C ASN L 95 -13.32 -28.19 -113.01
N LEU L 96 -12.59 -29.26 -112.79
CA LEU L 96 -12.75 -30.12 -111.62
C LEU L 96 -11.55 -29.96 -110.67
N VAL L 97 -10.92 -28.78 -110.65
CA VAL L 97 -9.83 -28.53 -109.74
C VAL L 97 -10.25 -28.79 -108.29
N LEU L 98 -11.46 -28.35 -107.89
CA LEU L 98 -11.82 -28.43 -106.49
C LEU L 98 -12.15 -29.85 -106.08
N LEU L 99 -12.38 -30.73 -107.06
CA LEU L 99 -12.48 -32.14 -106.81
C LEU L 99 -11.10 -32.75 -106.60
N GLY L 100 -10.19 -32.50 -107.53
CA GLY L 100 -8.79 -32.80 -107.32
C GLY L 100 -8.29 -32.35 -105.93
N GLU L 101 -8.67 -31.12 -105.52
CA GLU L 101 -8.18 -30.59 -104.25
C GLU L 101 -8.55 -31.55 -103.11
N LYS L 102 -9.74 -32.15 -103.23
CA LYS L 102 -10.25 -33.00 -102.16
C LYS L 102 -9.46 -34.30 -102.16
N LEU L 103 -9.19 -34.82 -103.36
CA LEU L 103 -8.34 -35.99 -103.48
C LEU L 103 -6.99 -35.72 -102.81
N ALA L 104 -6.41 -34.54 -103.07
CA ALA L 104 -5.12 -34.21 -102.51
C ALA L 104 -5.17 -34.18 -100.99
N ILE L 105 -6.27 -33.64 -100.45
CA ILE L 105 -6.46 -33.59 -99.01
C ILE L 105 -6.44 -35.02 -98.46
N HIS L 106 -7.20 -35.91 -99.10
CA HIS L 106 -7.34 -37.28 -98.66
C HIS L 106 -6.00 -38.05 -98.68
N ALA L 107 -5.22 -37.84 -99.74
CA ALA L 107 -3.88 -38.34 -99.82
C ALA L 107 -3.08 -37.89 -98.62
N HIS L 108 -3.02 -36.59 -98.34
CA HIS L 108 -2.27 -36.12 -97.18
C HIS L 108 -2.79 -36.71 -95.87
N LEU L 109 -4.12 -36.88 -95.75
CA LEU L 109 -4.69 -37.37 -94.52
C LEU L 109 -4.29 -38.84 -94.28
N VAL L 110 -4.16 -39.65 -95.34
CA VAL L 110 -3.67 -41.00 -95.17
C VAL L 110 -2.30 -40.96 -94.48
N ASP L 111 -1.39 -40.14 -95.00
CA ASP L 111 -0.06 -40.07 -94.43
C ASP L 111 -0.13 -39.53 -93.02
N PHE L 112 -0.98 -38.53 -92.81
CA PHE L 112 -1.03 -37.86 -91.52
C PHE L 112 -1.61 -38.81 -90.48
N CYS L 113 -2.71 -39.47 -90.80
CA CYS L 113 -3.31 -40.46 -89.93
C CYS L 113 -2.33 -41.55 -89.54
N ARG L 114 -1.63 -42.13 -90.52
CA ARG L 114 -0.65 -43.19 -90.23
C ARG L 114 0.40 -42.66 -89.25
N ARG L 115 0.91 -41.46 -89.51
CA ARG L 115 2.00 -40.93 -88.74
C ARG L 115 1.58 -40.44 -87.37
N ASN L 116 0.30 -40.21 -87.11
CA ASN L 116 -0.11 -39.73 -85.80
C ASN L 116 -1.17 -40.61 -85.17
N ASP L 117 -1.21 -41.90 -85.54
CA ASP L 117 -2.11 -42.85 -84.89
C ASP L 117 -3.54 -42.29 -84.77
N ILE L 118 -4.15 -41.95 -85.91
CA ILE L 118 -5.53 -41.53 -85.97
C ILE L 118 -6.23 -42.41 -86.98
N ASN L 119 -7.43 -42.93 -86.69
CA ASN L 119 -8.06 -43.80 -87.68
C ASN L 119 -9.50 -43.43 -87.99
N THR L 120 -9.98 -42.32 -87.40
CA THR L 120 -11.24 -41.74 -87.83
C THR L 120 -11.00 -40.30 -88.30
N ILE L 121 -11.52 -40.01 -89.51
CA ILE L 121 -11.47 -38.65 -90.01
C ILE L 121 -12.91 -38.20 -90.25
N ASN L 122 -13.18 -36.90 -90.00
CA ASN L 122 -14.50 -36.37 -90.17
C ASN L 122 -14.42 -35.09 -90.99
N ASP L 123 -15.45 -34.83 -91.79
CA ASP L 123 -15.62 -33.56 -92.47
C ASP L 123 -17.01 -32.93 -92.26
N GLY L 124 -17.21 -31.74 -92.85
CA GLY L 124 -18.45 -31.00 -92.73
C GLY L 124 -19.26 -31.01 -94.03
N ILE L 125 -19.22 -32.12 -94.71
CA ILE L 125 -20.02 -32.24 -95.92
C ILE L 125 -21.46 -32.18 -95.44
N THR L 126 -22.31 -31.51 -96.24
CA THR L 126 -23.70 -31.22 -95.91
C THR L 126 -24.62 -31.58 -97.08
N HIS L 127 -25.79 -32.18 -96.80
CA HIS L 127 -26.76 -32.55 -97.81
C HIS L 127 -27.15 -31.36 -98.72
N TYR L 128 -27.27 -30.15 -98.14
CA TYR L 128 -27.76 -28.97 -98.86
C TYR L 128 -26.73 -28.47 -99.89
N GLN L 129 -25.48 -28.96 -99.88
CA GLN L 129 -24.46 -28.44 -100.80
C GLN L 129 -24.00 -29.51 -101.79
N MET L 130 -24.86 -30.49 -102.05
CA MET L 130 -24.67 -31.54 -103.03
C MET L 130 -24.47 -30.99 -104.43
N GLU L 131 -24.75 -29.70 -104.71
CA GLU L 131 -24.51 -29.19 -106.05
C GLU L 131 -23.00 -29.25 -106.40
N PHE L 132 -22.13 -29.12 -105.38
CA PHE L 132 -20.70 -29.04 -105.61
C PHE L 132 -20.13 -30.48 -105.72
N PRO L 133 -19.24 -30.76 -106.72
CA PRO L 133 -18.66 -32.08 -106.94
C PRO L 133 -18.10 -32.79 -105.70
N GLU L 134 -17.33 -32.09 -104.89
CA GLU L 134 -16.67 -32.65 -103.70
C GLU L 134 -17.67 -33.12 -102.64
N GLN L 135 -18.94 -32.66 -102.74
CA GLN L 135 -19.98 -32.91 -101.73
C GLN L 135 -21.05 -33.88 -102.25
N ARG L 136 -20.80 -34.52 -103.40
CA ARG L 136 -21.74 -35.45 -103.99
C ARG L 136 -21.56 -36.85 -103.43
N LEU L 137 -22.63 -37.64 -103.43
CA LEU L 137 -22.58 -39.00 -102.94
C LEU L 137 -21.55 -39.81 -103.72
N VAL L 138 -21.48 -39.61 -105.03
CA VAL L 138 -20.59 -40.46 -105.81
C VAL L 138 -19.14 -40.21 -105.40
N ALA L 139 -18.79 -38.95 -105.09
CA ALA L 139 -17.43 -38.62 -104.65
C ALA L 139 -17.21 -39.03 -103.19
N LYS L 140 -18.21 -38.83 -102.34
CA LYS L 140 -18.07 -39.23 -100.93
C LYS L 140 -17.85 -40.73 -100.87
N THR L 141 -18.57 -41.49 -101.68
CA THR L 141 -18.50 -42.95 -101.61
C THR L 141 -17.12 -43.38 -102.11
N PHE L 142 -16.65 -42.74 -103.19
CA PHE L 142 -15.34 -43.01 -103.74
C PHE L 142 -14.26 -42.79 -102.69
N LEU L 143 -14.31 -41.65 -102.01
CA LEU L 143 -13.32 -41.34 -100.99
C LEU L 143 -13.49 -42.19 -99.71
N MET L 144 -14.71 -42.61 -99.42
CA MET L 144 -14.87 -43.49 -98.24
C MET L 144 -14.12 -44.80 -98.50
N GLU L 145 -14.29 -45.36 -99.69
CA GLU L 145 -13.57 -46.59 -100.05
C GLU L 145 -12.08 -46.28 -100.02
N MET L 146 -11.66 -45.24 -100.72
CA MET L 146 -10.24 -44.94 -100.75
C MET L 146 -9.64 -44.99 -99.34
N MET L 147 -10.29 -44.34 -98.37
CA MET L 147 -9.74 -44.28 -97.02
C MET L 147 -9.83 -45.66 -96.36
N ALA L 148 -10.86 -46.42 -96.72
CA ALA L 148 -11.05 -47.73 -96.10
C ALA L 148 -9.90 -48.65 -96.53
N GLN L 149 -9.43 -48.50 -97.77
CA GLN L 149 -8.30 -49.28 -98.23
C GLN L 149 -7.06 -49.03 -97.34
N TYR L 150 -6.98 -47.94 -96.57
CA TYR L 150 -5.89 -47.78 -95.60
C TYR L 150 -6.39 -47.88 -94.16
N ASP L 151 -7.47 -48.64 -93.92
CA ASP L 151 -8.08 -48.79 -92.60
C ASP L 151 -8.37 -47.44 -91.96
N ILE L 152 -8.98 -46.55 -92.72
CA ILE L 152 -9.34 -45.26 -92.18
C ILE L 152 -10.84 -45.07 -92.35
N ASN L 153 -11.47 -44.69 -91.23
CA ASN L 153 -12.88 -44.48 -91.18
C ASN L 153 -13.18 -43.01 -91.48
N TYR L 154 -13.94 -42.78 -92.54
CA TYR L 154 -14.21 -41.43 -93.03
C TYR L 154 -15.70 -41.17 -92.86
N GLN L 155 -16.03 -40.30 -91.90
CA GLN L 155 -17.39 -39.97 -91.54
C GLN L 155 -17.72 -38.50 -91.87
N SER L 156 -19.02 -38.23 -92.03
CA SER L 156 -19.50 -36.89 -92.25
C SER L 156 -20.61 -36.60 -91.25
N PRO L 157 -20.28 -36.24 -90.00
CA PRO L 157 -21.26 -36.24 -88.93
C PRO L 157 -22.38 -35.19 -89.03
N VAL L 158 -22.28 -34.20 -89.93
CA VAL L 158 -23.38 -33.29 -90.10
C VAL L 158 -24.06 -33.41 -91.46
N TYR L 159 -23.65 -34.41 -92.29
CA TYR L 159 -24.22 -34.59 -93.63
C TYR L 159 -25.74 -34.72 -93.58
N GLU L 160 -26.22 -35.66 -92.74
CA GLU L 160 -27.62 -36.03 -92.76
C GLU L 160 -28.41 -34.86 -92.23
N PHE L 161 -27.95 -34.22 -91.15
CA PHE L 161 -28.78 -33.25 -90.44
C PHE L 161 -28.98 -31.95 -91.23
N ALA L 162 -27.97 -31.53 -91.96
CA ALA L 162 -27.94 -30.20 -92.55
C ALA L 162 -28.77 -30.13 -93.85
N GLN L 163 -30.09 -29.98 -93.69
CA GLN L 163 -30.98 -29.82 -94.85
C GLN L 163 -30.86 -28.40 -95.43
N SER L 164 -30.53 -27.38 -94.61
CA SER L 164 -30.24 -26.05 -95.11
C SER L 164 -29.13 -25.41 -94.30
N ALA L 165 -28.63 -24.27 -94.80
CA ALA L 165 -27.60 -23.53 -94.12
C ALA L 165 -28.16 -23.01 -92.78
N ASP L 166 -29.43 -22.60 -92.75
CA ASP L 166 -30.03 -22.14 -91.52
C ASP L 166 -29.99 -23.21 -90.44
N ASP L 167 -30.05 -24.50 -90.80
CA ASP L 167 -29.96 -25.58 -89.81
C ASP L 167 -28.61 -25.53 -89.09
N VAL L 168 -27.52 -25.44 -89.84
CA VAL L 168 -26.21 -25.40 -89.21
C VAL L 168 -26.04 -24.11 -88.42
N LYS L 169 -26.58 -22.98 -88.93
CA LYS L 169 -26.31 -21.69 -88.34
C LYS L 169 -26.82 -21.67 -86.92
N TYR L 170 -28.04 -22.20 -86.72
CA TYR L 170 -28.75 -21.93 -85.48
C TYR L 170 -28.23 -22.87 -84.41
N ARG L 171 -27.70 -24.02 -84.79
CA ARG L 171 -27.06 -24.90 -83.81
C ARG L 171 -25.77 -24.27 -83.33
N LEU L 172 -25.01 -23.71 -84.25
CA LEU L 172 -23.79 -23.01 -83.89
C LEU L 172 -24.12 -21.89 -82.92
N LEU L 173 -25.19 -21.17 -83.20
CA LEU L 173 -25.55 -20.06 -82.36
C LEU L 173 -25.87 -20.53 -80.93
N GLN L 174 -26.46 -21.72 -80.79
CA GLN L 174 -26.82 -22.29 -79.50
C GLN L 174 -25.56 -22.71 -78.70
N LEU L 175 -24.43 -22.79 -79.38
CA LEU L 175 -23.17 -23.10 -78.71
C LEU L 175 -22.39 -21.83 -78.42
N GLY L 176 -22.95 -20.68 -78.73
CA GLY L 176 -22.32 -19.40 -78.44
C GLY L 176 -21.22 -19.10 -79.43
N ILE L 177 -21.30 -19.76 -80.59
CA ILE L 177 -20.39 -19.56 -81.69
C ILE L 177 -21.07 -18.81 -82.84
N SER L 178 -20.24 -18.09 -83.60
CA SER L 178 -20.69 -17.20 -84.64
C SER L 178 -21.26 -17.99 -85.83
N THR L 179 -22.24 -17.41 -86.52
CA THR L 179 -22.91 -18.13 -87.59
C THR L 179 -22.19 -17.92 -88.91
N LYS L 180 -21.16 -17.07 -88.97
CA LYS L 180 -20.49 -16.70 -90.21
C LYS L 180 -19.53 -17.82 -90.64
N SER L 181 -19.24 -17.94 -91.96
CA SER L 181 -18.20 -18.82 -92.44
C SER L 181 -16.89 -18.06 -92.42
N LEU L 182 -16.01 -18.45 -91.51
CA LEU L 182 -14.80 -17.68 -91.25
C LEU L 182 -13.63 -18.46 -91.80
N GLU L 183 -13.63 -18.56 -93.13
CA GLU L 183 -12.63 -19.33 -93.84
C GLU L 183 -12.09 -18.45 -94.96
N GLY L 184 -10.99 -18.88 -95.53
CA GLY L 184 -10.53 -18.25 -96.76
C GLY L 184 -11.34 -18.78 -97.93
N ILE L 185 -11.25 -18.11 -99.07
CA ILE L 185 -11.94 -18.58 -100.25
C ILE L 185 -10.91 -19.00 -101.27
N SER L 186 -11.22 -20.10 -101.93
CA SER L 186 -10.49 -20.57 -103.08
C SER L 186 -10.58 -19.54 -104.17
N ILE L 187 -9.50 -19.37 -104.93
CA ILE L 187 -9.55 -18.44 -106.04
C ILE L 187 -10.38 -19.08 -107.13
N PHE L 188 -10.54 -20.41 -107.04
CA PHE L 188 -11.34 -21.21 -107.99
C PHE L 188 -12.85 -21.13 -107.69
N ALA L 189 -13.25 -20.50 -106.59
CA ALA L 189 -14.65 -20.21 -106.33
C ALA L 189 -15.31 -19.60 -107.56
N ASP L 190 -16.50 -20.08 -107.88
CA ASP L 190 -17.39 -19.53 -108.89
C ASP L 190 -16.71 -19.57 -110.25
N SER L 191 -15.90 -20.62 -110.50
CA SER L 191 -15.15 -20.77 -111.73
C SER L 191 -15.63 -22.01 -112.52
N PHE L 192 -16.87 -22.43 -112.20
CA PHE L 192 -17.34 -23.75 -112.60
C PHE L 192 -18.86 -23.83 -112.67
N SER L 193 -19.36 -24.64 -113.60
CA SER L 193 -20.72 -25.15 -113.71
C SER L 193 -20.78 -26.58 -113.17
N THR L 194 -21.97 -27.19 -113.17
CA THR L 194 -22.19 -28.55 -112.71
C THR L 194 -21.64 -29.56 -113.72
N PRO L 195 -20.77 -30.52 -113.32
CA PRO L 195 -20.49 -31.74 -114.09
C PRO L 195 -21.46 -32.90 -113.82
N SER L 196 -21.59 -33.87 -114.72
CA SER L 196 -22.35 -35.08 -114.41
C SER L 196 -21.64 -35.92 -113.34
N ASP L 197 -22.41 -36.71 -112.58
CA ASP L 197 -21.88 -37.73 -111.68
C ASP L 197 -20.88 -38.61 -112.43
N ASP L 198 -21.18 -39.01 -113.67
CA ASP L 198 -20.33 -39.97 -114.39
C ASP L 198 -18.95 -39.37 -114.58
N VAL L 199 -18.91 -38.06 -114.86
CA VAL L 199 -17.68 -37.33 -115.12
C VAL L 199 -16.91 -37.16 -113.82
N VAL L 200 -17.59 -36.84 -112.72
CA VAL L 200 -16.94 -36.77 -111.41
C VAL L 200 -16.19 -38.06 -111.08
N LEU L 201 -16.81 -39.19 -111.37
CA LEU L 201 -16.25 -40.48 -111.01
C LEU L 201 -15.14 -40.85 -111.97
N ALA L 202 -15.21 -40.43 -113.22
CA ALA L 202 -14.09 -40.69 -114.15
C ALA L 202 -12.82 -39.93 -113.74
N TYR L 203 -12.94 -38.64 -113.45
CA TYR L 203 -11.77 -37.82 -113.05
C TYR L 203 -11.15 -38.45 -111.86
N LEU L 204 -11.97 -38.75 -110.88
CA LEU L 204 -11.45 -39.32 -109.63
C LEU L 204 -10.70 -40.62 -109.93
N ARG L 205 -11.07 -41.34 -110.98
CA ARG L 205 -10.46 -42.65 -111.25
C ARG L 205 -9.26 -42.45 -112.18
N GLU L 206 -9.16 -41.29 -112.78
CA GLU L 206 -7.97 -41.00 -113.61
C GLU L 206 -6.93 -40.46 -112.65
N LYS L 207 -7.37 -39.96 -111.49
CA LYS L 207 -6.38 -39.31 -110.64
C LYS L 207 -5.98 -40.18 -109.43
N ALA L 208 -6.70 -41.29 -109.22
CA ALA L 208 -6.44 -42.10 -108.06
C ALA L 208 -5.01 -42.64 -108.08
N PRO L 209 -4.52 -43.23 -109.18
CA PRO L 209 -3.11 -43.60 -109.29
C PRO L 209 -2.17 -42.50 -108.79
N LEU L 210 -2.36 -41.27 -109.22
CA LEU L 210 -1.43 -40.19 -108.79
C LEU L 210 -1.57 -39.99 -107.29
N ALA L 211 -2.75 -40.19 -106.74
CA ALA L 211 -2.97 -39.94 -105.32
C ALA L 211 -2.38 -41.05 -104.46
N HIS L 212 -2.55 -42.31 -104.89
CA HIS L 212 -1.95 -43.43 -104.18
C HIS L 212 -0.44 -43.32 -104.20
N ASN L 213 0.06 -42.90 -105.36
CA ASN L 213 1.47 -42.69 -105.56
C ASN L 213 2.02 -41.69 -104.55
N ILE L 214 1.30 -40.59 -104.35
CA ILE L 214 1.72 -39.53 -103.42
C ILE L 214 1.67 -40.07 -101.99
N VAL L 215 0.71 -40.93 -101.71
CA VAL L 215 0.61 -41.52 -100.37
C VAL L 215 1.87 -42.34 -100.09
N ASN L 216 2.27 -43.10 -101.10
CA ASN L 216 3.46 -43.93 -101.03
C ASN L 216 4.71 -43.08 -100.92
N PHE L 217 4.75 -41.95 -101.63
CA PHE L 217 5.91 -41.08 -101.55
C PHE L 217 6.03 -40.58 -100.13
N LEU L 218 4.92 -40.06 -99.58
CA LEU L 218 4.94 -39.43 -98.27
C LEU L 218 5.32 -40.45 -97.20
N ALA L 219 5.03 -41.72 -97.45
CA ALA L 219 5.36 -42.80 -96.51
C ALA L 219 6.80 -43.27 -96.71
N GLY L 220 7.48 -42.74 -97.73
CA GLY L 220 8.87 -43.10 -98.02
C GLY L 220 9.05 -44.49 -98.65
N GLU L 221 8.08 -44.92 -99.45
CA GLU L 221 8.07 -46.24 -100.03
C GLU L 221 8.55 -46.23 -101.48
N THR L 222 8.47 -45.07 -102.18
CA THR L 222 8.91 -44.98 -103.57
C THR L 222 9.21 -43.54 -103.96
N LEU L 223 9.96 -43.38 -105.05
CA LEU L 223 10.14 -42.09 -105.67
C LEU L 223 9.45 -42.06 -107.03
N ASN L 224 9.14 -43.24 -107.61
CA ASN L 224 8.75 -43.32 -109.02
C ASN L 224 7.27 -43.07 -109.22
N PRO L 225 6.70 -42.80 -110.43
CA PRO L 225 5.22 -42.83 -110.61
C PRO L 225 4.63 -44.18 -111.06
N LYS M 8 -5.10 -19.53 -25.27
CA LYS M 8 -6.33 -19.44 -26.11
C LYS M 8 -6.80 -17.99 -26.30
N PRO M 9 -6.90 -17.48 -27.56
CA PRO M 9 -7.25 -16.09 -27.80
C PRO M 9 -8.60 -15.69 -27.28
N GLN M 10 -8.66 -14.43 -26.77
CA GLN M 10 -9.91 -13.80 -26.43
C GLN M 10 -10.12 -12.57 -27.30
N LEU M 11 -11.36 -12.10 -27.35
CA LEU M 11 -11.69 -10.94 -28.17
C LEU M 11 -11.74 -9.70 -27.29
N VAL M 12 -11.26 -8.59 -27.84
CA VAL M 12 -11.41 -7.31 -27.18
C VAL M 12 -12.18 -6.38 -28.11
N MET M 13 -13.20 -5.77 -27.54
CA MET M 13 -13.97 -4.76 -28.25
C MET M 13 -13.12 -3.51 -28.24
N PHE M 14 -12.61 -3.16 -29.41
CA PHE M 14 -11.51 -2.22 -29.47
C PHE M 14 -11.86 -1.05 -30.37
N THR M 15 -11.83 0.15 -29.80
CA THR M 15 -12.18 1.35 -30.55
C THR M 15 -10.95 2.11 -30.99
N GLY M 16 -9.84 1.92 -30.28
CA GLY M 16 -8.68 2.78 -30.46
C GLY M 16 -8.53 3.79 -29.32
N GLY M 17 -9.52 3.88 -28.45
CA GLY M 17 -9.44 4.80 -27.33
C GLY M 17 -8.59 4.25 -26.22
N ARG M 18 -8.28 5.11 -25.26
CA ARG M 18 -7.42 4.72 -24.15
C ARG M 18 -7.89 3.42 -23.54
N ASP M 19 -9.17 3.36 -23.18
CA ASP M 19 -9.65 2.37 -22.25
C ASP M 19 -9.62 0.97 -22.84
N SER M 20 -10.06 0.81 -24.09
CA SER M 20 -10.09 -0.50 -24.74
C SER M 20 -8.67 -0.90 -25.14
N THR M 21 -7.81 0.07 -25.45
CA THR M 21 -6.40 -0.17 -25.70
C THR M 21 -5.74 -0.80 -24.47
N LEU M 22 -5.97 -0.22 -23.28
CA LEU M 22 -5.35 -0.70 -22.05
C LEU M 22 -5.90 -2.08 -21.72
N ALA M 23 -7.18 -2.31 -22.00
CA ALA M 23 -7.76 -3.62 -21.74
C ALA M 23 -7.07 -4.67 -22.60
N ALA M 24 -6.87 -4.37 -23.88
CA ALA M 24 -6.18 -5.28 -24.75
C ALA M 24 -4.78 -5.54 -24.21
N CYS M 25 -4.06 -4.46 -23.95
CA CYS M 25 -2.65 -4.51 -23.53
C CYS M 25 -2.48 -5.30 -22.23
N TYR M 26 -3.37 -5.07 -21.25
CA TYR M 26 -3.25 -5.77 -19.98
C TYR M 26 -3.47 -7.27 -20.21
N LEU M 27 -4.33 -7.64 -21.14
CA LEU M 27 -4.54 -9.06 -21.39
C LEU M 27 -3.27 -9.64 -21.98
N MET M 28 -2.67 -8.90 -22.89
CA MET M 28 -1.52 -9.43 -23.59
C MET M 28 -0.32 -9.50 -22.63
N LEU M 29 -0.26 -8.61 -21.64
CA LEU M 29 0.82 -8.64 -20.66
C LEU M 29 0.77 -9.95 -19.87
N GLN M 30 -0.43 -10.51 -19.75
CA GLN M 30 -0.63 -11.75 -19.04
C GLN M 30 -0.36 -12.96 -19.95
N GLY M 31 0.01 -12.73 -21.21
CA GLY M 31 0.25 -13.84 -22.11
C GLY M 31 -1.00 -14.30 -22.86
N ILE M 32 -2.10 -13.57 -22.76
CA ILE M 32 -3.36 -13.95 -23.39
C ILE M 32 -3.41 -13.30 -24.76
N PRO M 33 -3.43 -14.03 -25.88
CA PRO M 33 -3.55 -13.39 -27.17
C PRO M 33 -4.90 -12.71 -27.34
N VAL M 34 -4.95 -11.61 -28.12
CA VAL M 34 -6.19 -10.88 -28.33
C VAL M 34 -6.47 -10.71 -29.81
N HIS M 35 -7.74 -10.94 -30.16
CA HIS M 35 -8.33 -10.60 -31.44
C HIS M 35 -9.06 -9.27 -31.23
N LEU M 36 -8.53 -8.21 -31.82
CA LEU M 36 -9.14 -6.90 -31.69
C LEU M 36 -10.35 -6.84 -32.61
N TRP M 37 -11.50 -6.37 -32.09
CA TRP M 37 -12.72 -6.32 -32.89
C TRP M 37 -13.30 -4.93 -32.82
N SER M 38 -13.43 -4.29 -34.00
CA SER M 38 -13.90 -2.92 -34.14
C SER M 38 -15.18 -2.91 -34.97
N GLY M 39 -16.26 -2.38 -34.37
CA GLY M 39 -17.56 -2.26 -35.02
C GLY M 39 -17.74 -0.88 -35.63
N ASN M 40 -17.91 -0.83 -36.95
CA ASN M 40 -18.20 0.40 -37.66
C ASN M 40 -19.70 0.48 -37.93
N SER M 41 -20.38 1.38 -37.25
CA SER M 41 -21.85 1.40 -37.31
C SER M 41 -22.34 2.32 -38.41
N GLY M 42 -21.42 2.96 -39.12
CA GLY M 42 -21.82 3.72 -40.29
C GLY M 42 -21.96 5.21 -40.01
N CYS M 43 -21.91 5.60 -38.72
CA CYS M 43 -21.98 7.03 -38.46
C CYS M 43 -20.80 7.59 -37.70
N SER M 44 -19.61 7.02 -37.91
CA SER M 44 -18.41 7.49 -37.22
C SER M 44 -17.56 8.41 -38.09
N LEU M 45 -17.09 9.51 -37.50
CA LEU M 45 -16.33 10.51 -38.25
C LEU M 45 -14.88 10.39 -37.85
N HIS M 46 -14.00 10.48 -38.83
CA HIS M 46 -12.56 10.58 -38.63
C HIS M 46 -12.03 9.37 -37.89
N ARG M 47 -12.26 8.19 -38.44
CA ARG M 47 -11.84 6.94 -37.76
C ARG M 47 -10.55 6.40 -38.38
N GLY M 48 -9.87 7.19 -39.20
CA GLY M 48 -8.68 6.67 -39.88
C GLY M 48 -7.52 6.37 -38.93
N ILE M 49 -7.47 7.14 -37.84
CA ILE M 49 -6.38 7.14 -36.88
C ILE M 49 -6.36 5.84 -36.06
N LEU M 50 -7.40 5.03 -36.15
CA LEU M 50 -7.43 3.74 -35.49
C LEU M 50 -6.17 2.91 -35.81
N SER M 51 -5.80 2.85 -37.08
CA SER M 51 -4.79 1.91 -37.51
C SER M 51 -3.40 2.30 -37.00
N HIS M 52 -3.20 3.58 -36.65
CA HIS M 52 -1.96 4.01 -35.97
C HIS M 52 -1.87 3.32 -34.64
N ARG M 53 -2.99 3.31 -33.88
CA ARG M 53 -3.03 2.65 -32.60
C ARG M 53 -2.72 1.17 -32.76
N VAL M 54 -3.32 0.52 -33.77
CA VAL M 54 -3.13 -0.91 -33.92
C VAL M 54 -1.64 -1.22 -34.16
N GLU M 55 -0.94 -0.34 -34.88
CA GLU M 55 0.43 -0.63 -35.27
C GLU M 55 1.31 -0.57 -34.01
N GLU M 56 1.11 0.48 -33.18
CA GLU M 56 1.74 0.62 -31.87
C GLU M 56 1.62 -0.69 -31.06
N MET M 57 0.49 -1.38 -31.19
CA MET M 57 0.20 -2.53 -30.37
C MET M 57 0.85 -3.80 -30.92
N LYS M 58 0.88 -3.95 -32.26
CA LYS M 58 1.65 -5.02 -32.87
C LYS M 58 3.14 -4.81 -32.57
N ASN M 59 3.58 -3.54 -32.57
CA ASN M 59 4.96 -3.21 -32.29
C ASN M 59 5.33 -3.65 -30.88
N ARG M 60 4.41 -3.44 -29.94
CA ARG M 60 4.72 -3.61 -28.54
C ARG M 60 4.51 -5.06 -28.11
N PHE M 61 3.63 -5.82 -28.77
CA PHE M 61 3.25 -7.13 -28.23
C PHE M 61 3.40 -8.28 -29.22
N GLY M 62 3.64 -7.95 -30.51
CA GLY M 62 3.97 -8.97 -31.50
C GLY M 62 2.81 -9.90 -31.80
N ASP M 63 3.04 -11.18 -31.69
CA ASP M 63 2.16 -12.25 -32.11
C ASP M 63 0.91 -12.30 -31.24
N LEU M 64 1.00 -11.70 -30.04
CA LEU M 64 -0.11 -11.75 -29.13
C LEU M 64 -1.30 -10.98 -29.69
N VAL M 65 -1.06 -10.09 -30.65
CA VAL M 65 -2.11 -9.46 -31.44
C VAL M 65 -2.44 -10.42 -32.58
N VAL M 66 -3.54 -11.16 -32.46
CA VAL M 66 -3.73 -12.25 -33.39
C VAL M 66 -4.53 -11.78 -34.59
N GLY M 67 -5.27 -10.68 -34.47
CA GLY M 67 -6.01 -10.12 -35.58
C GLY M 67 -6.60 -8.77 -35.26
N HIS M 68 -6.93 -8.03 -36.31
CA HIS M 68 -7.84 -6.89 -36.18
C HIS M 68 -8.96 -7.07 -37.19
N THR M 69 -10.21 -7.17 -36.70
CA THR M 69 -11.39 -7.22 -37.55
C THR M 69 -12.13 -5.87 -37.42
N VAL M 70 -12.43 -5.26 -38.56
CA VAL M 70 -13.36 -4.15 -38.60
C VAL M 70 -14.62 -4.66 -39.24
N ALA M 71 -15.73 -4.67 -38.48
CA ALA M 71 -16.97 -5.25 -38.95
C ALA M 71 -17.96 -4.14 -39.27
N ASP M 72 -18.60 -4.27 -40.45
CA ASP M 72 -19.62 -3.32 -40.84
C ASP M 72 -20.90 -3.73 -40.13
N ILE M 73 -21.33 -2.94 -39.14
CA ILE M 73 -22.55 -3.27 -38.41
C ILE M 73 -23.64 -2.25 -38.71
N SER M 74 -23.53 -1.54 -39.84
CA SER M 74 -24.47 -0.48 -40.13
C SER M 74 -25.88 -1.04 -40.27
N GLY M 75 -26.01 -2.23 -40.81
CA GLY M 75 -27.32 -2.77 -41.08
C GLY M 75 -28.09 -3.11 -39.80
N ALA M 76 -27.43 -3.82 -38.89
CA ALA M 76 -28.03 -4.13 -37.62
C ALA M 76 -28.29 -2.88 -36.80
N PHE M 77 -27.33 -1.96 -36.80
CA PHE M 77 -27.47 -0.69 -36.11
C PHE M 77 -28.73 -0.01 -36.63
N ARG M 78 -28.88 0.11 -37.93
CA ARG M 78 -30.06 0.85 -38.43
C ARG M 78 -31.31 0.13 -37.95
N SER M 79 -31.38 -1.17 -38.18
CA SER M 79 -32.56 -1.97 -37.82
C SER M 79 -33.02 -1.72 -36.38
N ILE M 80 -32.08 -1.71 -35.45
CA ILE M 80 -32.36 -1.65 -34.02
C ILE M 80 -32.58 -0.21 -33.55
N ALA M 81 -31.79 0.75 -34.03
CA ALA M 81 -31.67 2.07 -33.40
C ALA M 81 -32.21 3.20 -34.23
N ILE M 82 -32.13 3.11 -35.58
CA ILE M 82 -32.45 4.20 -36.48
C ILE M 82 -33.82 4.03 -37.15
N GLU M 83 -34.14 2.82 -37.62
CA GLU M 83 -35.32 2.59 -38.45
C GLU M 83 -36.58 3.25 -37.90
N ALA M 84 -36.74 3.14 -36.57
CA ALA M 84 -37.93 3.62 -35.89
C ALA M 84 -37.56 4.72 -34.90
N LEU M 85 -36.67 5.62 -35.30
CA LEU M 85 -36.17 6.67 -34.43
C LEU M 85 -37.29 7.60 -33.93
N GLU M 86 -38.21 7.99 -34.80
CA GLU M 86 -39.31 8.85 -34.40
C GLU M 86 -40.08 8.22 -33.25
N GLN M 87 -40.46 6.94 -33.41
CA GLN M 87 -41.29 6.27 -32.45
C GLN M 87 -40.51 6.11 -31.14
N ASP M 88 -39.27 5.62 -31.25
CA ASP M 88 -38.39 5.37 -30.12
C ASP M 88 -38.23 6.62 -29.24
N ILE M 89 -38.13 7.80 -29.85
CA ILE M 89 -37.82 9.00 -29.09
C ILE M 89 -39.12 9.54 -28.49
N LEU M 90 -40.21 9.49 -29.26
CA LEU M 90 -41.48 9.98 -28.78
C LEU M 90 -41.91 9.14 -27.56
N LYS M 91 -41.54 7.87 -27.57
CA LYS M 91 -41.96 6.96 -26.51
C LYS M 91 -41.12 7.19 -25.26
N TYR M 92 -39.80 7.12 -25.38
CA TYR M 92 -38.95 7.15 -24.19
C TYR M 92 -38.45 8.56 -23.89
N ARG M 93 -38.79 9.54 -24.73
CA ARG M 93 -38.43 10.97 -24.49
C ARG M 93 -36.91 11.11 -24.30
N LYS M 94 -36.14 10.25 -24.93
CA LYS M 94 -34.68 10.22 -24.86
C LYS M 94 -34.10 9.59 -26.13
N ASN M 95 -32.92 10.05 -26.52
CA ASN M 95 -32.27 9.63 -27.73
C ASN M 95 -31.31 8.52 -27.37
N LEU M 96 -31.74 7.26 -27.61
CA LEU M 96 -31.01 6.11 -27.13
C LEU M 96 -30.31 5.35 -28.25
N VAL M 97 -29.95 6.06 -29.33
CA VAL M 97 -29.31 5.44 -30.46
C VAL M 97 -28.02 4.72 -30.03
N LEU M 98 -27.23 5.33 -29.18
CA LEU M 98 -25.94 4.80 -28.80
C LEU M 98 -26.06 3.58 -27.91
N LEU M 99 -27.22 3.39 -27.31
CA LEU M 99 -27.52 2.17 -26.59
C LEU M 99 -27.88 1.07 -27.58
N GLY M 100 -28.82 1.34 -28.48
CA GLY M 100 -29.05 0.49 -29.63
C GLY M 100 -27.75 0.02 -30.31
N GLU M 101 -26.81 0.97 -30.50
CA GLU M 101 -25.56 0.66 -31.20
C GLU M 101 -24.86 -0.48 -30.47
N LYS M 102 -24.93 -0.48 -29.15
CA LYS M 102 -24.20 -1.46 -28.34
C LYS M 102 -24.90 -2.80 -28.47
N LEU M 103 -26.22 -2.79 -28.49
CA LEU M 103 -26.98 -4.00 -28.74
C LEU M 103 -26.56 -4.60 -30.08
N ALA M 104 -26.45 -3.75 -31.11
CA ALA M 104 -26.06 -4.21 -32.43
C ALA M 104 -24.67 -4.85 -32.40
N ILE M 105 -23.75 -4.23 -31.66
CA ILE M 105 -22.41 -4.74 -31.51
C ILE M 105 -22.48 -6.16 -30.95
N HIS M 106 -23.27 -6.32 -29.87
CA HIS M 106 -23.37 -7.58 -29.16
C HIS M 106 -23.93 -8.70 -30.02
N ALA M 107 -24.98 -8.36 -30.79
CA ALA M 107 -25.51 -9.26 -31.82
C ALA M 107 -24.38 -9.74 -32.74
N HIS M 108 -23.65 -8.82 -33.34
CA HIS M 108 -22.58 -9.23 -34.24
C HIS M 108 -21.49 -10.07 -33.54
N LEU M 109 -21.21 -9.75 -32.27
CA LEU M 109 -20.15 -10.47 -31.56
C LEU M 109 -20.57 -11.93 -31.29
N VAL M 110 -21.88 -12.17 -31.04
CA VAL M 110 -22.34 -13.53 -30.89
C VAL M 110 -21.99 -14.32 -32.17
N ASP M 111 -22.35 -13.76 -33.33
CA ASP M 111 -22.11 -14.48 -34.57
C ASP M 111 -20.61 -14.66 -34.77
N PHE M 112 -19.85 -13.61 -34.45
CA PHE M 112 -18.43 -13.64 -34.73
C PHE M 112 -17.75 -14.67 -33.84
N CYS M 113 -18.05 -14.62 -32.54
CA CYS M 113 -17.52 -15.59 -31.58
C CYS M 113 -17.83 -17.02 -32.02
N ARG M 114 -19.06 -17.29 -32.41
CA ARG M 114 -19.40 -18.67 -32.77
C ARG M 114 -18.55 -19.06 -33.98
N ARG M 115 -18.48 -18.20 -34.99
CA ARG M 115 -17.79 -18.54 -36.22
C ARG M 115 -16.26 -18.60 -36.05
N ASN M 116 -15.69 -18.04 -34.98
CA ASN M 116 -14.26 -18.12 -34.82
C ASN M 116 -13.83 -18.78 -33.52
N ASP M 117 -14.66 -19.61 -32.93
CA ASP M 117 -14.32 -20.33 -31.71
C ASP M 117 -13.70 -19.41 -30.66
N ILE M 118 -14.45 -18.38 -30.24
CA ILE M 118 -14.03 -17.47 -29.20
C ILE M 118 -15.14 -17.46 -28.17
N ASN M 119 -14.78 -17.58 -26.89
CA ASN M 119 -15.82 -17.64 -25.87
C ASN M 119 -15.57 -16.66 -24.73
N THR M 120 -14.51 -15.85 -24.81
CA THR M 120 -14.39 -14.72 -23.90
C THR M 120 -14.31 -13.41 -24.75
N ILE M 121 -15.15 -12.43 -24.37
CA ILE M 121 -15.05 -11.11 -24.95
C ILE M 121 -14.75 -10.11 -23.82
N ASN M 122 -13.97 -9.07 -24.16
CA ASN M 122 -13.58 -8.09 -23.18
C ASN M 122 -13.78 -6.69 -23.75
N ASP M 123 -14.13 -5.73 -22.88
CA ASP M 123 -14.24 -4.33 -23.24
C ASP M 123 -13.48 -3.42 -22.28
N GLY M 124 -13.50 -2.11 -22.61
CA GLY M 124 -12.76 -1.10 -21.84
C GLY M 124 -13.66 -0.27 -20.95
N ILE M 125 -14.71 -0.87 -20.44
CA ILE M 125 -15.56 -0.17 -19.51
C ILE M 125 -14.69 0.14 -18.29
N THR M 126 -14.91 1.35 -17.75
CA THR M 126 -14.12 1.95 -16.68
C THR M 126 -15.06 2.54 -15.62
N HIS M 127 -14.71 2.34 -14.34
CA HIS M 127 -15.42 2.94 -13.23
C HIS M 127 -15.06 4.40 -13.04
N TYR M 128 -14.73 5.18 -14.09
CA TYR M 128 -14.78 6.64 -14.11
C TYR M 128 -15.82 7.14 -15.14
N GLN M 129 -16.34 6.27 -16.00
CA GLN M 129 -17.27 6.79 -17.05
C GLN M 129 -18.69 6.19 -16.96
N MET M 130 -19.17 5.85 -15.76
CA MET M 130 -20.54 5.32 -15.63
C MET M 130 -21.47 6.13 -16.52
N GLU M 131 -21.27 7.43 -16.54
CA GLU M 131 -22.18 8.32 -17.28
C GLU M 131 -22.82 7.56 -18.44
N PHE M 132 -22.05 7.26 -19.46
CA PHE M 132 -22.60 6.63 -20.69
C PHE M 132 -23.40 5.39 -20.34
N PRO M 133 -24.67 5.29 -20.78
CA PRO M 133 -25.54 4.11 -20.51
C PRO M 133 -24.82 2.81 -20.87
N GLU M 134 -24.19 2.75 -22.03
CA GLU M 134 -23.40 1.54 -22.34
C GLU M 134 -22.45 1.11 -21.21
N GLN M 135 -22.16 2.01 -20.27
CA GLN M 135 -21.18 1.84 -19.18
C GLN M 135 -21.89 1.70 -17.80
N ARG M 136 -23.22 1.66 -17.81
CA ARG M 136 -24.01 1.58 -16.60
C ARG M 136 -24.27 0.13 -16.29
N LEU M 137 -24.35 -0.16 -14.98
CA LEU M 137 -24.49 -1.53 -14.54
C LEU M 137 -25.76 -2.13 -15.10
N VAL M 138 -26.84 -1.37 -15.22
CA VAL M 138 -28.09 -1.97 -15.66
C VAL M 138 -27.92 -2.51 -17.10
N ALA M 139 -27.19 -1.77 -17.97
CA ALA M 139 -26.98 -2.22 -19.33
C ALA M 139 -25.89 -3.29 -19.39
N LYS M 140 -24.83 -3.11 -18.62
CA LYS M 140 -23.76 -4.09 -18.57
C LYS M 140 -24.33 -5.45 -18.14
N THR M 141 -25.25 -5.46 -17.15
CA THR M 141 -25.78 -6.71 -16.61
C THR M 141 -26.67 -7.34 -17.68
N PHE M 142 -27.49 -6.51 -18.34
CA PHE M 142 -28.36 -6.96 -19.41
C PHE M 142 -27.55 -7.67 -20.50
N LEU M 143 -26.48 -7.02 -20.96
CA LEU M 143 -25.67 -7.57 -22.02
C LEU M 143 -24.84 -8.78 -21.54
N MET M 144 -24.45 -8.84 -20.27
CA MET M 144 -23.71 -10.05 -19.84
C MET M 144 -24.67 -11.24 -19.89
N GLU M 145 -25.92 -11.03 -19.47
CA GLU M 145 -26.94 -12.07 -19.53
C GLU M 145 -27.12 -12.48 -20.97
N MET M 146 -27.28 -11.50 -21.87
CA MET M 146 -27.47 -11.80 -23.28
C MET M 146 -26.34 -12.70 -23.82
N MET M 147 -25.09 -12.35 -23.53
CA MET M 147 -23.97 -13.10 -24.06
C MET M 147 -23.88 -14.48 -23.40
N ALA M 148 -24.29 -14.54 -22.13
CA ALA M 148 -24.20 -15.79 -21.41
C ALA M 148 -25.18 -16.80 -22.02
N GLN M 149 -26.30 -16.33 -22.53
CA GLN M 149 -27.26 -17.19 -23.20
C GLN M 149 -26.61 -17.90 -24.37
N TYR M 150 -25.52 -17.36 -24.95
CA TYR M 150 -24.82 -18.10 -26.01
C TYR M 150 -23.46 -18.63 -25.52
N ASP M 151 -23.32 -18.89 -24.22
CA ASP M 151 -22.08 -19.36 -23.62
C ASP M 151 -20.91 -18.45 -23.98
N ILE M 152 -21.14 -17.16 -23.81
CA ILE M 152 -20.05 -16.22 -24.06
C ILE M 152 -19.84 -15.42 -22.79
N ASN M 153 -18.55 -15.42 -22.39
CA ASN M 153 -18.14 -14.78 -21.17
C ASN M 153 -17.73 -13.34 -21.51
N TYR M 154 -18.39 -12.38 -20.85
CA TYR M 154 -18.17 -10.97 -21.12
C TYR M 154 -17.53 -10.33 -19.87
N GLN M 155 -16.26 -9.97 -20.02
CA GLN M 155 -15.46 -9.34 -18.99
C GLN M 155 -15.06 -7.91 -19.26
N SER M 156 -14.72 -7.17 -18.19
CA SER M 156 -14.29 -5.80 -18.29
C SER M 156 -12.99 -5.64 -17.50
N PRO M 157 -11.83 -6.03 -18.08
CA PRO M 157 -10.63 -6.22 -17.29
C PRO M 157 -10.00 -4.96 -16.70
N VAL M 158 -10.40 -3.77 -17.13
CA VAL M 158 -9.85 -2.57 -16.55
C VAL M 158 -10.93 -1.75 -15.81
N TYR M 159 -12.14 -2.31 -15.63
CA TYR M 159 -13.20 -1.62 -14.92
C TYR M 159 -12.76 -1.17 -13.51
N GLU M 160 -12.29 -2.09 -12.69
CA GLU M 160 -11.97 -1.59 -11.33
C GLU M 160 -10.82 -0.60 -11.48
N PHE M 161 -9.73 -1.00 -12.10
CA PHE M 161 -8.51 -0.22 -11.93
C PHE M 161 -8.71 1.27 -12.28
N ALA M 162 -9.51 1.54 -13.30
CA ALA M 162 -9.56 2.86 -13.91
C ALA M 162 -10.45 3.82 -13.14
N GLN M 163 -9.89 4.40 -12.06
CA GLN M 163 -10.63 5.36 -11.25
C GLN M 163 -10.66 6.72 -11.94
N SER M 164 -9.65 7.09 -12.72
CA SER M 164 -9.69 8.32 -13.52
C SER M 164 -8.99 8.08 -14.85
N ALA M 165 -9.06 9.05 -15.76
CA ALA M 165 -8.46 8.87 -17.10
C ALA M 165 -6.95 8.92 -17.01
N ASP M 166 -6.42 9.70 -16.09
CA ASP M 166 -4.95 9.87 -15.95
C ASP M 166 -4.36 8.52 -15.56
N ASP M 167 -5.13 7.73 -14.84
CA ASP M 167 -4.68 6.37 -14.47
C ASP M 167 -4.42 5.59 -15.75
N VAL M 168 -5.41 5.50 -16.64
CA VAL M 168 -5.23 4.76 -17.87
C VAL M 168 -4.13 5.41 -18.69
N LYS M 169 -4.02 6.73 -18.69
CA LYS M 169 -3.08 7.42 -19.57
C LYS M 169 -1.66 6.97 -19.25
N TYR M 170 -1.35 6.93 -17.97
CA TYR M 170 0.04 6.83 -17.55
C TYR M 170 0.45 5.36 -17.61
N ARG M 171 -0.47 4.41 -17.53
CA ARG M 171 -0.15 3.02 -17.73
C ARG M 171 0.21 2.79 -19.19
N LEU M 172 -0.57 3.39 -20.08
CA LEU M 172 -0.32 3.30 -21.50
C LEU M 172 1.09 3.84 -21.76
N LEU M 173 1.41 4.95 -21.13
CA LEU M 173 2.69 5.58 -21.37
C LEU M 173 3.82 4.66 -20.93
N GLN M 174 3.62 3.87 -19.87
CA GLN M 174 4.62 2.96 -19.35
C GLN M 174 4.85 1.78 -20.29
N LEU M 175 3.95 1.58 -21.25
CA LEU M 175 4.09 0.52 -22.24
C LEU M 175 4.67 1.09 -23.54
N GLY M 176 4.97 2.40 -23.57
CA GLY M 176 5.50 3.05 -24.75
C GLY M 176 4.44 3.27 -25.83
N ILE M 177 3.19 3.31 -25.38
CA ILE M 177 2.04 3.66 -26.19
C ILE M 177 1.50 5.06 -25.86
N SER M 178 0.87 5.68 -26.82
CA SER M 178 0.43 7.07 -26.76
C SER M 178 -0.75 7.22 -25.81
N THR M 179 -0.87 8.39 -25.18
CA THR M 179 -1.91 8.60 -24.18
C THR M 179 -3.22 9.04 -24.80
N LYS M 180 -3.25 9.34 -26.12
CA LYS M 180 -4.40 9.94 -26.76
C LYS M 180 -5.49 8.92 -27.02
N SER M 181 -6.77 9.32 -27.13
CA SER M 181 -7.82 8.45 -27.64
C SER M 181 -7.83 8.59 -29.15
N LEU M 182 -7.41 7.53 -29.83
CA LEU M 182 -7.21 7.56 -31.27
C LEU M 182 -8.32 6.76 -31.91
N GLU M 183 -9.53 7.28 -31.79
CA GLU M 183 -10.73 6.65 -32.27
C GLU M 183 -11.51 7.72 -33.02
N GLY M 184 -12.51 7.29 -33.77
CA GLY M 184 -13.42 8.22 -34.40
C GLY M 184 -14.42 8.71 -33.36
N ILE M 185 -15.20 9.74 -33.71
CA ILE M 185 -16.31 10.14 -32.87
C ILE M 185 -17.60 9.82 -33.60
N SER M 186 -18.56 9.31 -32.84
CA SER M 186 -19.93 9.14 -33.30
C SER M 186 -20.49 10.51 -33.57
N ILE M 187 -21.31 10.64 -34.61
CA ILE M 187 -21.91 11.92 -34.88
C ILE M 187 -22.96 12.16 -33.80
N PHE M 188 -23.39 11.07 -33.14
CA PHE M 188 -24.40 11.09 -32.10
C PHE M 188 -23.82 11.50 -30.74
N ALA M 189 -22.49 11.64 -30.62
CA ALA M 189 -21.90 12.17 -29.41
C ALA M 189 -22.61 13.47 -28.99
N ASP M 190 -22.95 13.58 -27.70
CA ASP M 190 -23.42 14.80 -27.07
C ASP M 190 -24.74 15.24 -27.71
N SER M 191 -25.57 14.28 -28.13
CA SER M 191 -26.82 14.53 -28.83
C SER M 191 -28.02 14.08 -27.99
N PHE M 192 -27.78 13.94 -26.68
CA PHE M 192 -28.66 13.23 -25.78
C PHE M 192 -28.47 13.73 -24.35
N SER M 193 -29.59 13.70 -23.61
CA SER M 193 -29.61 13.86 -22.16
C SER M 193 -29.69 12.47 -21.51
N THR M 194 -29.47 12.46 -20.17
CA THR M 194 -29.35 11.25 -19.39
C THR M 194 -30.72 10.58 -19.23
N PRO M 195 -30.87 9.28 -19.59
CA PRO M 195 -32.10 8.53 -19.34
C PRO M 195 -32.15 7.86 -17.97
N SER M 196 -33.36 7.60 -17.46
CA SER M 196 -33.47 6.82 -16.23
C SER M 196 -33.04 5.38 -16.47
N ASP M 197 -32.60 4.69 -15.41
CA ASP M 197 -32.37 3.26 -15.44
C ASP M 197 -33.59 2.54 -16.02
N ASP M 198 -34.80 2.91 -15.60
CA ASP M 198 -35.99 2.17 -15.98
C ASP M 198 -36.13 2.19 -17.51
N VAL M 199 -35.82 3.37 -18.10
CA VAL M 199 -35.98 3.62 -19.52
C VAL M 199 -34.89 2.85 -20.29
N VAL M 200 -33.65 2.86 -19.79
CA VAL M 200 -32.59 2.10 -20.41
C VAL M 200 -32.96 0.64 -20.57
N LEU M 201 -33.57 0.07 -19.52
CA LEU M 201 -33.83 -1.36 -19.47
C LEU M 201 -35.06 -1.65 -20.31
N ALA M 202 -36.07 -0.78 -20.36
CA ALA M 202 -37.24 -1.05 -21.20
C ALA M 202 -36.89 -1.02 -22.67
N TYR M 203 -35.97 -0.12 -23.05
CA TYR M 203 -35.48 -0.03 -24.42
C TYR M 203 -34.74 -1.30 -24.76
N LEU M 204 -33.76 -1.69 -23.93
CA LEU M 204 -33.01 -2.90 -24.21
C LEU M 204 -33.95 -4.09 -24.39
N ARG M 205 -35.02 -4.15 -23.61
CA ARG M 205 -35.91 -5.34 -23.69
C ARG M 205 -36.80 -5.23 -24.91
N GLU M 206 -37.13 -4.01 -25.31
CA GLU M 206 -37.95 -3.80 -26.51
C GLU M 206 -37.17 -4.20 -27.74
N LYS M 207 -35.82 -4.09 -27.70
CA LYS M 207 -34.99 -4.31 -28.88
C LYS M 207 -34.33 -5.69 -28.86
N ALA M 208 -34.42 -6.41 -27.75
CA ALA M 208 -33.74 -7.70 -27.64
C ALA M 208 -34.25 -8.66 -28.71
N PRO M 209 -35.58 -8.84 -28.89
CA PRO M 209 -36.12 -9.58 -30.01
C PRO M 209 -35.41 -9.28 -31.32
N LEU M 210 -35.30 -8.02 -31.71
CA LEU M 210 -34.66 -7.68 -32.96
C LEU M 210 -33.22 -8.20 -32.97
N ALA M 211 -32.54 -8.13 -31.84
CA ALA M 211 -31.14 -8.46 -31.78
C ALA M 211 -30.94 -9.97 -31.85
N HIS M 212 -31.77 -10.75 -31.16
CA HIS M 212 -31.69 -12.20 -31.22
C HIS M 212 -32.02 -12.66 -32.62
N ASN M 213 -33.00 -11.99 -33.23
CA ASN M 213 -33.40 -12.26 -34.59
C ASN M 213 -32.21 -12.11 -35.54
N ILE M 214 -31.44 -11.03 -35.38
CA ILE M 214 -30.30 -10.75 -36.25
C ILE M 214 -29.23 -11.78 -36.00
N VAL M 215 -29.11 -12.27 -34.77
CA VAL M 215 -28.12 -13.29 -34.47
C VAL M 215 -28.44 -14.54 -35.27
N ASN M 216 -29.73 -14.88 -35.27
CA ASN M 216 -30.23 -16.02 -36.00
C ASN M 216 -30.06 -15.84 -37.50
N PHE M 217 -30.28 -14.63 -38.00
CA PHE M 217 -30.12 -14.40 -39.42
C PHE M 217 -28.64 -14.65 -39.78
N LEU M 218 -27.72 -14.07 -39.01
CA LEU M 218 -26.31 -14.13 -39.33
C LEU M 218 -25.81 -15.57 -39.26
N ALA M 219 -26.47 -16.39 -38.45
CA ALA M 219 -26.12 -17.80 -38.32
C ALA M 219 -26.76 -18.64 -39.42
N GLY M 220 -27.61 -18.02 -40.25
CA GLY M 220 -28.30 -18.69 -41.34
C GLY M 220 -29.44 -19.60 -40.89
N GLU M 221 -30.13 -19.24 -39.81
CA GLU M 221 -31.17 -20.06 -39.23
C GLU M 221 -32.55 -19.59 -39.66
N THR M 222 -32.70 -18.31 -40.07
CA THR M 222 -33.98 -17.78 -40.50
C THR M 222 -33.81 -16.54 -41.37
N LEU M 223 -34.86 -16.17 -42.09
CA LEU M 223 -34.93 -14.90 -42.77
C LEU M 223 -36.02 -14.03 -42.14
N ASN M 224 -36.97 -14.65 -41.38
CA ASN M 224 -38.17 -13.96 -40.95
C ASN M 224 -37.94 -13.13 -39.70
N PRO M 225 -38.79 -12.15 -39.30
CA PRO M 225 -38.64 -11.47 -37.99
C PRO M 225 -39.36 -12.12 -36.80
N SER N 6 29.53 -22.87 -25.17
CA SER N 6 29.19 -21.47 -25.54
C SER N 6 28.57 -20.78 -24.33
N VAL N 7 29.22 -19.75 -23.74
CA VAL N 7 28.82 -19.12 -22.49
C VAL N 7 27.48 -18.40 -22.62
N LYS N 8 26.74 -18.33 -21.49
CA LYS N 8 25.41 -17.71 -21.41
C LYS N 8 25.46 -16.18 -21.50
N PRO N 9 24.73 -15.54 -22.46
CA PRO N 9 24.72 -14.08 -22.61
C PRO N 9 24.26 -13.35 -21.38
N GLN N 10 24.91 -12.20 -21.14
CA GLN N 10 24.51 -11.26 -20.12
C GLN N 10 24.12 -9.93 -20.75
N LEU N 11 23.43 -9.10 -19.96
CA LEU N 11 22.96 -7.81 -20.45
C LEU N 11 23.90 -6.71 -19.99
N VAL N 12 24.13 -5.75 -20.89
CA VAL N 12 24.90 -4.59 -20.49
C VAL N 12 24.04 -3.36 -20.75
N MET N 13 23.97 -2.52 -19.74
CA MET N 13 23.30 -1.25 -19.87
C MET N 13 24.25 -0.34 -20.64
N PHE N 14 23.87 -0.03 -21.85
CA PHE N 14 24.81 0.55 -22.78
C PHE N 14 24.29 1.87 -23.33
N THR N 15 25.06 2.94 -23.08
CA THR N 15 24.67 4.27 -23.51
C THR N 15 25.43 4.70 -24.73
N GLY N 16 26.59 4.10 -24.99
CA GLY N 16 27.50 4.59 -26.01
C GLY N 16 28.69 5.35 -25.42
N GLY N 17 28.66 5.60 -24.13
CA GLY N 17 29.77 6.33 -23.53
C GLY N 17 30.94 5.42 -23.32
N ARG N 18 32.00 5.96 -22.75
CA ARG N 18 33.26 5.18 -22.64
C ARG N 18 33.13 4.08 -21.62
N ASP N 19 32.48 4.36 -20.51
CA ASP N 19 32.44 3.40 -19.38
C ASP N 19 31.52 2.22 -19.65
N SER N 20 30.37 2.42 -20.29
CA SER N 20 29.51 1.29 -20.59
C SER N 20 30.07 0.51 -21.78
N THR N 21 30.72 1.22 -22.71
CA THR N 21 31.43 0.58 -23.81
C THR N 21 32.53 -0.36 -23.31
N LEU N 22 33.35 0.12 -22.37
CA LEU N 22 34.44 -0.66 -21.83
C LEU N 22 33.90 -1.87 -21.06
N ALA N 23 32.78 -1.69 -20.37
CA ALA N 23 32.21 -2.77 -19.60
C ALA N 23 31.76 -3.86 -20.56
N ALA N 24 31.08 -3.47 -21.64
CA ALA N 24 30.64 -4.45 -22.62
C ALA N 24 31.86 -5.17 -23.19
N CYS N 25 32.86 -4.39 -23.61
CA CYS N 25 34.05 -4.92 -24.26
C CYS N 25 34.85 -5.87 -23.37
N TYR N 26 35.01 -5.51 -22.11
CA TYR N 26 35.74 -6.37 -21.19
C TYR N 26 35.00 -7.71 -21.04
N LEU N 27 33.67 -7.69 -21.04
CA LEU N 27 32.95 -8.94 -20.90
C LEU N 27 33.18 -9.77 -22.14
N MET N 28 33.17 -9.14 -23.29
CA MET N 28 33.28 -9.90 -24.53
C MET N 28 34.71 -10.43 -24.69
N LEU N 29 35.69 -9.74 -24.11
CA LEU N 29 37.06 -10.22 -24.18
C LEU N 29 37.18 -11.56 -23.44
N GLN N 30 36.32 -11.74 -22.43
CA GLN N 30 36.32 -12.95 -21.65
C GLN N 30 35.48 -14.04 -22.33
N GLY N 31 34.91 -13.78 -23.49
CA GLY N 31 34.12 -14.80 -24.16
C GLY N 31 32.66 -14.81 -23.73
N ILE N 32 32.24 -13.80 -22.96
CA ILE N 32 30.85 -13.69 -22.52
C ILE N 32 30.09 -12.90 -23.56
N PRO N 33 29.06 -13.45 -24.21
CA PRO N 33 28.25 -12.63 -25.12
C PRO N 33 27.50 -11.56 -24.38
N VAL N 34 27.23 -10.42 -25.04
CA VAL N 34 26.46 -9.34 -24.42
C VAL N 34 25.26 -8.96 -25.29
N HIS N 35 24.12 -8.77 -24.64
CA HIS N 35 22.95 -8.11 -25.19
C HIS N 35 23.00 -6.67 -24.71
N LEU N 36 23.25 -5.75 -25.64
CA LEU N 36 23.35 -4.34 -25.32
C LEU N 36 21.95 -3.81 -25.12
N TRP N 37 21.71 -3.08 -24.01
CA TRP N 37 20.36 -2.58 -23.72
C TRP N 37 20.46 -1.09 -23.47
N SER N 38 19.73 -0.31 -24.27
CA SER N 38 19.75 1.15 -24.24
C SER N 38 18.34 1.65 -23.89
N GLY N 39 18.26 2.38 -22.79
CA GLY N 39 17.02 2.96 -22.34
C GLY N 39 16.88 4.40 -22.80
N ASN N 40 15.84 4.69 -23.56
CA ASN N 40 15.47 6.03 -23.96
C ASN N 40 14.38 6.57 -23.05
N SER N 41 14.73 7.52 -22.17
CA SER N 41 13.84 7.99 -21.13
C SER N 41 13.03 9.19 -21.62
N GLY N 42 13.19 9.60 -22.86
CA GLY N 42 12.32 10.58 -23.46
C GLY N 42 12.97 11.98 -23.46
N CYS N 43 14.08 12.14 -22.75
CA CYS N 43 14.66 13.46 -22.62
C CYS N 43 16.13 13.47 -23.04
N SER N 44 16.51 12.67 -24.01
CA SER N 44 17.89 12.71 -24.48
C SER N 44 18.03 13.49 -25.78
N LEU N 45 19.07 14.31 -25.87
CA LEU N 45 19.32 15.11 -27.08
C LEU N 45 20.50 14.51 -27.81
N HIS N 46 20.41 14.49 -29.14
CA HIS N 46 21.52 14.14 -30.02
C HIS N 46 22.05 12.74 -29.73
N ARG N 47 21.21 11.73 -29.83
CA ARG N 47 21.61 10.36 -29.46
C ARG N 47 22.02 9.51 -30.66
N GLY N 48 22.11 10.09 -31.85
CA GLY N 48 22.37 9.29 -33.06
C GLY N 48 23.80 8.82 -33.19
N ILE N 49 24.70 9.31 -32.33
CA ILE N 49 26.13 8.98 -32.48
C ILE N 49 26.41 7.63 -31.81
N LEU N 50 25.36 6.90 -31.50
CA LEU N 50 25.50 5.59 -30.81
C LEU N 50 25.58 4.52 -31.89
N SER N 51 24.74 4.64 -32.91
CA SER N 51 24.78 3.68 -34.03
C SER N 51 26.24 3.45 -34.42
N HIS N 52 27.04 4.51 -34.40
CA HIS N 52 28.48 4.39 -34.67
C HIS N 52 29.10 3.47 -33.64
N ARG N 53 29.02 3.86 -32.37
CA ARG N 53 29.67 3.08 -31.34
C ARG N 53 29.28 1.61 -31.45
N VAL N 54 28.02 1.30 -31.72
CA VAL N 54 27.60 -0.08 -31.81
C VAL N 54 28.33 -0.77 -32.94
N GLU N 55 28.59 -0.04 -34.05
CA GLU N 55 29.17 -0.68 -35.23
C GLU N 55 30.63 -1.02 -34.91
N GLU N 56 31.36 -0.08 -34.29
CA GLU N 56 32.70 -0.29 -33.79
C GLU N 56 32.81 -1.62 -32.99
N MET N 57 31.75 -1.93 -32.23
CA MET N 57 31.77 -3.05 -31.31
C MET N 57 31.46 -4.37 -32.03
N LYS N 58 30.54 -4.35 -32.98
CA LYS N 58 30.28 -5.50 -33.85
C LYS N 58 31.56 -5.79 -34.66
N ASN N 59 32.23 -4.71 -35.09
CA ASN N 59 33.43 -4.86 -35.87
C ASN N 59 34.50 -5.56 -35.08
N ARG N 60 34.61 -5.20 -33.80
CA ARG N 60 35.73 -5.63 -32.99
C ARG N 60 35.46 -7.00 -32.37
N PHE N 61 34.18 -7.41 -32.16
CA PHE N 61 33.90 -8.61 -31.38
C PHE N 61 33.01 -9.64 -32.12
N GLY N 62 32.35 -9.21 -33.21
CA GLY N 62 31.51 -10.09 -33.99
C GLY N 62 30.28 -10.59 -33.26
N ASP N 63 30.10 -11.90 -33.22
CA ASP N 63 28.89 -12.60 -32.77
C ASP N 63 28.69 -12.43 -31.27
N LEU N 64 29.75 -12.04 -30.57
CA LEU N 64 29.66 -11.88 -29.13
C LEU N 64 28.70 -10.74 -28.79
N VAL N 65 28.44 -9.84 -29.76
CA VAL N 65 27.38 -8.85 -29.64
C VAL N 65 26.10 -9.52 -30.08
N VAL N 66 25.23 -9.92 -29.16
CA VAL N 66 24.14 -10.79 -29.56
C VAL N 66 22.92 -9.98 -29.94
N GLY N 67 22.83 -8.73 -29.45
CA GLY N 67 21.66 -7.90 -29.69
C GLY N 67 21.91 -6.46 -29.29
N HIS N 68 21.17 -5.53 -29.91
CA HIS N 68 20.96 -4.22 -29.34
C HIS N 68 19.47 -3.96 -29.19
N THR N 69 18.99 -3.71 -27.96
CA THR N 69 17.62 -3.31 -27.70
C THR N 69 17.59 -1.83 -27.29
N VAL N 70 16.73 -1.05 -27.94
CA VAL N 70 16.49 0.31 -27.52
C VAL N 70 15.09 0.35 -26.96
N ALA N 71 14.95 0.64 -25.67
CA ALA N 71 13.68 0.51 -24.97
C ALA N 71 13.16 1.88 -24.61
N ASP N 72 11.87 2.10 -24.88
CA ASP N 72 11.22 3.35 -24.51
C ASP N 72 10.85 3.21 -23.03
N ILE N 73 11.53 3.93 -22.16
CA ILE N 73 11.23 3.88 -20.75
C ILE N 73 10.67 5.22 -20.27
N SER N 74 10.11 6.02 -21.21
CA SER N 74 9.70 7.35 -20.82
C SER N 74 8.56 7.28 -19.77
N GLY N 75 7.71 6.28 -19.87
CA GLY N 75 6.57 6.21 -19.00
C GLY N 75 6.95 5.94 -17.53
N ALA N 76 7.82 4.93 -17.32
CA ALA N 76 8.26 4.65 -15.98
C ALA N 76 9.12 5.81 -15.44
N PHE N 77 9.98 6.35 -16.30
CA PHE N 77 10.80 7.49 -15.91
C PHE N 77 9.87 8.61 -15.42
N ARG N 78 8.84 8.97 -16.18
CA ARG N 78 7.99 10.11 -15.75
C ARG N 78 7.29 9.78 -14.44
N SER N 79 6.78 8.56 -14.33
CA SER N 79 6.10 8.14 -13.13
C SER N 79 6.94 8.30 -11.86
N ILE N 80 8.19 7.88 -11.93
CA ILE N 80 9.08 7.81 -10.77
C ILE N 80 9.73 9.17 -10.50
N ALA N 81 10.17 9.88 -11.55
CA ALA N 81 11.11 10.98 -11.41
C ALA N 81 10.51 12.35 -11.68
N ILE N 82 9.55 12.43 -12.62
CA ILE N 82 9.01 13.70 -13.09
C ILE N 82 7.63 14.03 -12.53
N GLU N 83 6.70 13.08 -12.51
CA GLU N 83 5.30 13.38 -12.10
C GLU N 83 5.24 14.16 -10.80
N ALA N 84 6.07 13.80 -9.84
CA ALA N 84 6.01 14.43 -8.54
C ALA N 84 7.27 15.27 -8.27
N LEU N 85 7.81 15.89 -9.31
CA LEU N 85 9.02 16.67 -9.22
C LEU N 85 8.93 17.82 -8.22
N GLU N 86 7.83 18.55 -8.17
CA GLU N 86 7.66 19.62 -7.19
C GLU N 86 7.88 19.10 -5.77
N GLN N 87 7.20 18.01 -5.43
CA GLN N 87 7.25 17.49 -4.08
C GLN N 87 8.64 16.99 -3.78
N ASP N 88 9.18 16.18 -4.70
CA ASP N 88 10.50 15.57 -4.60
C ASP N 88 11.58 16.61 -4.31
N ILE N 89 11.51 17.77 -4.95
CA ILE N 89 12.60 18.75 -4.86
C ILE N 89 12.40 19.55 -3.58
N LEU N 90 11.13 19.92 -3.28
CA LEU N 90 10.87 20.66 -2.06
C LEU N 90 11.29 19.85 -0.84
N LYS N 91 11.15 18.53 -0.93
CA LYS N 91 11.45 17.65 0.19
C LYS N 91 12.96 17.48 0.35
N TYR N 92 13.66 17.07 -0.71
CA TYR N 92 15.06 16.71 -0.56
C TYR N 92 15.98 17.89 -0.91
N ARG N 93 15.42 19.01 -1.36
CA ARG N 93 16.22 20.21 -1.68
C ARG N 93 17.30 19.89 -2.71
N LYS N 94 17.05 18.89 -3.57
CA LYS N 94 18.03 18.49 -4.61
C LYS N 94 17.30 17.87 -5.81
N ASN N 95 17.80 18.09 -7.03
CA ASN N 95 17.23 17.44 -8.23
C ASN N 95 17.81 16.05 -8.35
N LEU N 96 16.98 15.03 -8.22
CA LEU N 96 17.46 13.63 -8.28
C LEU N 96 16.72 12.90 -9.41
N VAL N 97 16.39 13.62 -10.46
CA VAL N 97 15.74 12.99 -11.62
C VAL N 97 16.62 11.87 -12.18
N LEU N 98 17.93 12.09 -12.24
CA LEU N 98 18.81 11.14 -12.90
C LEU N 98 19.02 9.91 -12.03
N LEU N 99 18.69 9.99 -10.76
CA LEU N 99 18.64 8.84 -9.88
C LEU N 99 17.35 8.05 -10.15
N GLY N 100 16.21 8.73 -10.13
CA GLY N 100 14.97 8.15 -10.61
C GLY N 100 15.14 7.41 -11.93
N GLU N 101 15.87 8.05 -12.89
CA GLU N 101 15.99 7.47 -14.21
C GLU N 101 16.60 6.07 -14.11
N LYS N 102 17.55 5.90 -13.16
CA LYS N 102 18.26 4.63 -13.03
C LYS N 102 17.31 3.61 -12.41
N LEU N 103 16.52 4.04 -11.43
CA LEU N 103 15.51 3.17 -10.88
C LEU N 103 14.58 2.69 -11.98
N ALA N 104 14.16 3.59 -12.86
CA ALA N 104 13.25 3.23 -13.94
C ALA N 104 13.88 2.19 -14.83
N ILE N 105 15.18 2.38 -15.13
CA ILE N 105 15.91 1.43 -15.96
C ILE N 105 15.85 0.05 -15.31
N HIS N 106 16.14 -0.01 -14.01
CA HIS N 106 16.18 -1.25 -13.26
C HIS N 106 14.82 -1.99 -13.23
N ALA N 107 13.75 -1.23 -13.04
CA ALA N 107 12.39 -1.73 -13.18
C ALA N 107 12.22 -2.40 -14.55
N HIS N 108 12.51 -1.66 -15.64
CA HIS N 108 12.35 -2.25 -16.95
C HIS N 108 13.26 -3.48 -17.15
N LEU N 109 14.46 -3.48 -16.55
CA LEU N 109 15.38 -4.58 -16.75
C LEU N 109 14.89 -5.83 -16.06
N VAL N 110 14.20 -5.70 -14.91
CA VAL N 110 13.61 -6.86 -14.28
C VAL N 110 12.67 -7.53 -15.28
N ASP N 111 11.79 -6.76 -15.88
CA ASP N 111 10.83 -7.31 -16.82
C ASP N 111 11.54 -7.88 -18.01
N PHE N 112 12.56 -7.17 -18.49
CA PHE N 112 13.24 -7.58 -19.72
C PHE N 112 13.98 -8.89 -19.46
N CYS N 113 14.75 -8.94 -18.37
CA CYS N 113 15.46 -10.14 -17.99
C CYS N 113 14.50 -11.35 -17.87
N ARG N 114 13.38 -11.20 -17.17
CA ARG N 114 12.44 -12.30 -17.00
C ARG N 114 11.97 -12.78 -18.36
N ARG N 115 11.62 -11.83 -19.22
CA ARG N 115 11.00 -12.22 -20.51
C ARG N 115 12.04 -12.76 -21.51
N ASN N 116 13.32 -12.50 -21.30
CA ASN N 116 14.30 -13.01 -22.27
C ASN N 116 15.37 -13.85 -21.60
N ASP N 117 15.05 -14.55 -20.51
CA ASP N 117 16.00 -15.50 -19.92
C ASP N 117 17.41 -14.92 -19.75
N ILE N 118 17.54 -13.80 -19.02
CA ILE N 118 18.82 -13.21 -18.70
C ILE N 118 18.87 -13.03 -17.20
N ASN N 119 19.95 -13.39 -16.51
CA ASN N 119 20.01 -13.26 -15.08
C ASN N 119 21.28 -12.59 -14.60
N THR N 120 22.12 -12.10 -15.52
CA THR N 120 23.16 -11.16 -15.12
C THR N 120 23.01 -9.86 -15.89
N ILE N 121 23.04 -8.72 -15.16
CA ILE N 121 23.03 -7.41 -15.80
C ILE N 121 24.26 -6.64 -15.40
N ASN N 122 24.80 -5.84 -16.33
CA ASN N 122 26.04 -5.12 -16.07
C ASN N 122 25.86 -3.66 -16.48
N ASP N 123 26.54 -2.75 -15.78
CA ASP N 123 26.62 -1.35 -16.19
C ASP N 123 28.06 -0.79 -16.18
N GLY N 124 28.21 0.49 -16.55
CA GLY N 124 29.50 1.15 -16.62
C GLY N 124 29.73 2.17 -15.51
N ILE N 125 29.22 1.83 -14.34
CA ILE N 125 29.44 2.70 -13.21
C ILE N 125 30.92 2.64 -12.94
N THR N 126 31.49 3.78 -12.54
CA THR N 126 32.91 4.01 -12.36
C THR N 126 33.17 4.72 -11.01
N HIS N 127 34.21 4.31 -10.27
CA HIS N 127 34.61 4.93 -9.01
C HIS N 127 34.81 6.45 -9.16
N TYR N 128 35.35 6.93 -10.26
CA TYR N 128 35.72 8.32 -10.45
C TYR N 128 34.48 9.21 -10.62
N GLN N 129 33.29 8.64 -10.79
CA GLN N 129 32.10 9.45 -11.02
C GLN N 129 31.09 9.30 -9.87
N MET N 130 31.58 8.97 -8.68
CA MET N 130 30.84 8.91 -7.44
C MET N 130 30.16 10.22 -7.08
N GLU N 131 30.49 11.35 -7.71
CA GLU N 131 29.77 12.59 -7.45
C GLU N 131 28.26 12.44 -7.78
N PHE N 132 27.95 11.62 -8.80
CA PHE N 132 26.59 11.51 -9.33
C PHE N 132 25.86 10.47 -8.47
N PRO N 133 24.57 10.75 -8.03
CA PRO N 133 23.81 9.84 -7.20
C PRO N 133 23.74 8.40 -7.69
N GLU N 134 23.50 8.21 -9.02
CA GLU N 134 23.33 6.90 -9.61
C GLU N 134 24.59 6.02 -9.49
N GLN N 135 25.76 6.65 -9.20
CA GLN N 135 27.04 6.00 -9.23
C GLN N 135 27.68 5.87 -7.87
N ARG N 136 26.87 6.13 -6.81
CA ARG N 136 27.38 6.01 -5.44
C ARG N 136 27.26 4.61 -4.92
N LEU N 137 28.14 4.19 -4.01
CA LEU N 137 28.08 2.88 -3.37
C LEU N 137 26.69 2.68 -2.71
N VAL N 138 26.13 3.73 -2.10
CA VAL N 138 24.88 3.53 -1.39
C VAL N 138 23.77 3.17 -2.38
N ALA N 139 23.78 3.77 -3.56
CA ALA N 139 22.79 3.46 -4.60
C ALA N 139 23.11 2.13 -5.28
N LYS N 140 24.38 1.88 -5.57
CA LYS N 140 24.79 0.61 -6.17
C LYS N 140 24.32 -0.55 -5.27
N THR N 141 24.48 -0.42 -3.93
CA THR N 141 24.15 -1.50 -3.00
C THR N 141 22.63 -1.66 -2.97
N PHE N 142 21.92 -0.52 -2.95
CA PHE N 142 20.47 -0.52 -2.97
C PHE N 142 19.94 -1.28 -4.17
N LEU N 143 20.46 -0.95 -5.37
CA LEU N 143 20.01 -1.60 -6.58
C LEU N 143 20.47 -3.05 -6.66
N MET N 144 21.62 -3.42 -6.07
CA MET N 144 22.03 -4.81 -6.09
C MET N 144 21.01 -5.64 -5.31
N GLU N 145 20.58 -5.10 -4.16
CA GLU N 145 19.58 -5.73 -3.31
C GLU N 145 18.27 -5.85 -4.10
N MET N 146 17.86 -4.74 -4.74
CA MET N 146 16.63 -4.74 -5.51
C MET N 146 16.62 -5.85 -6.56
N MET N 147 17.72 -5.96 -7.33
CA MET N 147 17.77 -6.91 -8.42
C MET N 147 17.84 -8.32 -7.87
N ALA N 148 18.49 -8.47 -6.71
CA ALA N 148 18.64 -9.80 -6.13
C ALA N 148 17.28 -10.34 -5.74
N GLN N 149 16.37 -9.47 -5.30
CA GLN N 149 15.02 -9.89 -4.96
C GLN N 149 14.35 -10.55 -6.15
N TYR N 150 14.78 -10.28 -7.39
CA TYR N 150 14.23 -11.02 -8.53
C TYR N 150 15.24 -11.98 -9.16
N ASP N 151 16.17 -12.49 -8.35
CA ASP N 151 17.18 -13.43 -8.79
C ASP N 151 17.95 -12.87 -9.98
N ILE N 152 18.36 -11.60 -9.86
CA ILE N 152 19.14 -11.02 -10.92
C ILE N 152 20.41 -10.50 -10.32
N ASN N 153 21.52 -10.87 -11.00
CA ASN N 153 22.84 -10.50 -10.57
C ASN N 153 23.21 -9.19 -11.26
N TYR N 154 23.48 -8.14 -10.45
CA TYR N 154 23.81 -6.84 -10.99
C TYR N 154 25.26 -6.52 -10.68
N GLN N 155 26.08 -6.51 -11.74
CA GLN N 155 27.50 -6.24 -11.66
C GLN N 155 27.91 -4.95 -12.34
N SER N 156 29.06 -4.44 -11.93
CA SER N 156 29.63 -3.23 -12.47
C SER N 156 31.08 -3.51 -12.83
N PRO N 157 31.35 -4.14 -14.00
CA PRO N 157 32.66 -4.69 -14.26
C PRO N 157 33.82 -3.71 -14.41
N VAL N 158 33.55 -2.41 -14.54
CA VAL N 158 34.65 -1.46 -14.58
C VAL N 158 34.64 -0.52 -13.37
N TYR N 159 33.77 -0.72 -12.39
CA TYR N 159 33.66 0.17 -11.22
C TYR N 159 35.00 0.29 -10.50
N GLU N 160 35.63 -0.85 -10.16
CA GLU N 160 36.78 -0.78 -9.28
C GLU N 160 37.93 -0.26 -10.10
N PHE N 161 38.07 -0.63 -11.37
CA PHE N 161 39.27 -0.30 -12.14
C PHE N 161 39.37 1.19 -12.49
N ALA N 162 38.23 1.83 -12.73
CA ALA N 162 38.23 3.16 -13.30
C ALA N 162 38.45 4.23 -12.21
N GLN N 163 39.72 4.44 -11.83
CA GLN N 163 40.07 5.49 -10.88
C GLN N 163 40.00 6.88 -11.53
N SER N 164 40.25 7.00 -12.84
CA SER N 164 40.06 8.24 -13.57
C SER N 164 39.51 7.96 -14.96
N ALA N 165 39.10 9.01 -15.65
CA ALA N 165 38.59 8.88 -17.00
C ALA N 165 39.72 8.39 -17.90
N ASP N 166 40.95 8.87 -17.66
CA ASP N 166 42.08 8.49 -18.47
C ASP N 166 42.28 6.96 -18.41
N ASP N 167 41.92 6.29 -17.29
CA ASP N 167 42.02 4.84 -17.18
C ASP N 167 41.15 4.17 -18.24
N VAL N 168 39.88 4.56 -18.31
CA VAL N 168 38.98 3.96 -19.28
C VAL N 168 39.43 4.31 -20.70
N LYS N 169 39.92 5.52 -20.93
CA LYS N 169 40.19 6.00 -22.27
C LYS N 169 41.23 5.11 -22.94
N TYR N 170 42.27 4.78 -22.18
CA TYR N 170 43.43 4.18 -22.80
C TYR N 170 43.17 2.70 -23.06
N ARG N 171 42.31 2.07 -22.26
CA ARG N 171 41.95 0.69 -22.50
C ARG N 171 41.11 0.60 -23.77
N LEU N 172 40.18 1.53 -23.91
CA LEU N 172 39.37 1.59 -25.10
C LEU N 172 40.29 1.73 -26.32
N LEU N 173 41.27 2.59 -26.20
CA LEU N 173 42.14 2.85 -27.32
C LEU N 173 42.91 1.58 -27.72
N GLN N 174 43.25 0.73 -26.75
CA GLN N 174 43.97 -0.51 -27.01
C GLN N 174 43.08 -1.54 -27.72
N LEU N 175 41.77 -1.31 -27.72
CA LEU N 175 40.83 -2.18 -28.42
C LEU N 175 40.51 -1.63 -29.81
N GLY N 176 41.12 -0.48 -30.17
CA GLY N 176 40.90 0.12 -31.47
C GLY N 176 39.56 0.80 -31.57
N ILE N 177 39.05 1.15 -30.39
CA ILE N 177 37.82 1.91 -30.22
C ILE N 177 38.12 3.34 -29.78
N SER N 178 37.22 4.23 -30.16
CA SER N 178 37.38 5.67 -29.94
C SER N 178 37.27 6.02 -28.44
N THR N 179 37.99 7.07 -28.02
CA THR N 179 38.02 7.40 -26.61
C THR N 179 36.89 8.32 -26.22
N LYS N 180 36.13 8.84 -27.21
CA LYS N 180 35.10 9.85 -26.98
C LYS N 180 33.83 9.19 -26.41
N SER N 181 33.01 9.97 -25.68
CA SER N 181 31.72 9.48 -25.20
C SER N 181 30.70 9.76 -26.29
N LEU N 182 30.23 8.70 -26.93
CA LEU N 182 29.42 8.84 -28.13
C LEU N 182 27.98 8.46 -27.76
N GLU N 183 27.41 9.30 -26.90
CA GLU N 183 26.10 9.09 -26.34
C GLU N 183 25.34 10.40 -26.52
N GLY N 184 24.02 10.33 -26.30
CA GLY N 184 23.25 11.54 -26.20
C GLY N 184 23.49 12.19 -24.84
N ILE N 185 23.05 13.43 -24.68
CA ILE N 185 23.08 14.05 -23.36
C ILE N 185 21.66 14.21 -22.87
N SER N 186 21.50 13.92 -21.59
CA SER N 186 20.27 14.22 -20.87
C SER N 186 20.07 15.72 -20.87
N ILE N 187 18.84 16.20 -20.99
CA ILE N 187 18.62 17.63 -20.91
C ILE N 187 18.82 18.04 -19.45
N PHE N 188 18.76 17.05 -18.55
CA PHE N 188 18.97 17.22 -17.12
C PHE N 188 20.44 17.31 -16.73
N ALA N 189 21.35 17.08 -17.66
CA ALA N 189 22.77 17.32 -17.42
C ALA N 189 22.99 18.68 -16.76
N ASP N 190 23.79 18.69 -15.69
CA ASP N 190 24.29 19.93 -15.09
C ASP N 190 23.13 20.80 -14.58
N SER N 191 22.07 20.14 -14.08
CA SER N 191 20.85 20.79 -13.63
C SER N 191 20.64 20.61 -12.13
N PHE N 192 21.76 20.26 -11.44
CA PHE N 192 21.67 19.73 -10.08
C PHE N 192 22.96 20.00 -9.30
N SER N 193 22.78 20.18 -7.99
CA SER N 193 23.88 20.19 -7.02
C SER N 193 23.99 18.81 -6.35
N THR N 194 25.12 18.62 -5.65
CA THR N 194 25.51 17.32 -5.09
C THR N 194 24.63 16.98 -3.87
N PRO N 195 23.94 15.81 -3.84
CA PRO N 195 23.16 15.40 -2.67
C PRO N 195 23.96 14.56 -1.67
N SER N 196 23.55 14.52 -0.39
CA SER N 196 24.15 13.60 0.57
C SER N 196 23.79 12.15 0.20
N ASP N 197 24.67 11.21 0.63
CA ASP N 197 24.33 9.80 0.56
C ASP N 197 22.99 9.52 1.19
N ASP N 198 22.69 10.11 2.33
CA ASP N 198 21.44 9.76 3.06
C ASP N 198 20.24 10.12 2.21
N VAL N 199 20.34 11.22 1.50
CA VAL N 199 19.24 11.69 0.67
C VAL N 199 19.11 10.77 -0.54
N VAL N 200 20.20 10.36 -1.15
CA VAL N 200 20.16 9.39 -2.25
C VAL N 200 19.39 8.11 -1.87
N LEU N 201 19.66 7.64 -0.65
CA LEU N 201 19.09 6.39 -0.19
C LEU N 201 17.64 6.58 0.20
N ALA N 202 17.29 7.73 0.81
CA ALA N 202 15.90 7.96 1.19
C ALA N 202 15.00 8.10 -0.03
N TYR N 203 15.53 8.72 -1.11
CA TYR N 203 14.81 8.87 -2.35
C TYR N 203 14.55 7.49 -2.93
N LEU N 204 15.60 6.70 -3.07
CA LEU N 204 15.43 5.38 -3.67
C LEU N 204 14.38 4.60 -2.89
N ARG N 205 14.38 4.73 -1.57
CA ARG N 205 13.46 3.97 -0.74
C ARG N 205 12.03 4.50 -0.87
N GLU N 206 11.89 5.82 -1.10
CA GLU N 206 10.61 6.47 -1.27
C GLU N 206 9.99 6.03 -2.60
N LYS N 207 10.83 5.70 -3.59
CA LYS N 207 10.35 5.39 -4.94
C LYS N 207 10.32 3.90 -5.23
N ALA N 208 10.82 3.08 -4.31
CA ALA N 208 10.87 1.65 -4.52
C ALA N 208 9.48 1.08 -4.74
N PRO N 209 8.49 1.40 -3.85
CA PRO N 209 7.11 1.00 -4.10
C PRO N 209 6.67 1.26 -5.54
N LEU N 210 6.85 2.46 -6.06
CA LEU N 210 6.41 2.73 -7.45
C LEU N 210 7.17 1.84 -8.42
N ALA N 211 8.42 1.50 -8.13
CA ALA N 211 9.22 0.74 -9.07
C ALA N 211 8.80 -0.73 -9.08
N HIS N 212 8.53 -1.29 -7.91
CA HIS N 212 8.07 -2.67 -7.82
C HIS N 212 6.70 -2.79 -8.44
N ASN N 213 5.89 -1.77 -8.23
CA ASN N 213 4.55 -1.70 -8.81
C ASN N 213 4.63 -1.76 -10.34
N ILE N 214 5.56 -1.01 -10.93
CA ILE N 214 5.74 -0.97 -12.37
C ILE N 214 6.25 -2.31 -12.85
N VAL N 215 7.05 -2.98 -12.04
CA VAL N 215 7.56 -4.31 -12.42
C VAL N 215 6.39 -5.26 -12.55
N ASN N 216 5.49 -5.18 -11.59
CA ASN N 216 4.30 -6.00 -11.55
C ASN N 216 3.38 -5.66 -12.72
N PHE N 217 3.27 -4.38 -13.05
CA PHE N 217 2.44 -4.01 -14.19
C PHE N 217 3.00 -4.64 -15.45
N LEU N 218 4.31 -4.48 -15.66
CA LEU N 218 4.95 -4.92 -16.89
C LEU N 218 4.84 -6.43 -17.02
N ALA N 219 4.77 -7.12 -15.89
CA ALA N 219 4.66 -8.58 -15.90
C ALA N 219 3.23 -9.03 -16.10
N GLY N 220 2.27 -8.06 -16.10
CA GLY N 220 0.87 -8.36 -16.24
C GLY N 220 0.24 -8.98 -15.00
N GLU N 221 0.75 -8.64 -13.81
CA GLU N 221 0.34 -9.25 -12.56
C GLU N 221 -0.67 -8.37 -11.84
N THR N 222 -0.69 -7.04 -12.09
CA THR N 222 -1.66 -6.11 -11.55
C THR N 222 -1.69 -4.78 -12.32
N LEU N 223 -2.59 -3.86 -11.90
CA LEU N 223 -2.71 -2.52 -12.53
C LEU N 223 -2.63 -1.46 -11.41
PG ATP O . -30.10 10.72 15.28
O1G ATP O . -31.55 11.06 15.27
O2G ATP O . -29.22 11.90 15.54
O3G ATP O . -29.78 9.57 16.18
PB ATP O . -30.09 10.88 12.37
O1B ATP O . -30.51 9.79 11.48
O2B ATP O . -30.97 12.07 12.55
O3B ATP O . -29.77 10.24 13.80
PA ATP O . -27.40 10.59 11.34
O1A ATP O . -27.71 10.17 9.95
O2A ATP O . -26.17 11.36 11.62
O3A ATP O . -28.65 11.40 11.91
O5' ATP O . -27.47 9.31 12.30
C5' ATP O . -26.83 8.09 11.94
C4' ATP O . -26.58 7.31 13.21
O4' ATP O . -25.15 7.22 13.43
C3' ATP O . -27.13 7.96 14.47
O3' ATP O . -28.46 7.51 14.73
C2' ATP O . -26.14 7.51 15.54
O2' ATP O . -26.46 6.22 16.02
C1' ATP O . -24.83 7.51 14.76
N9 ATP O . -24.13 8.78 14.80
C8 ATP O . -24.23 9.82 13.91
N7 ATP O . -23.46 10.83 14.23
C5 ATP O . -22.82 10.43 15.40
C6 ATP O . -21.89 11.06 16.24
N6 ATP O . -21.40 12.28 16.02
N1 ATP O . -21.47 10.38 17.33
C2 ATP O . -21.96 9.16 17.54
N3 ATP O . -22.85 8.47 16.82
C4 ATP O . -23.24 9.17 15.75
PG ATP P . 10.66 19.22 19.03
O1G ATP P . 10.63 17.72 19.11
O2G ATP P . 10.57 19.87 20.38
O3G ATP P . 9.68 19.78 18.05
PB ATP P . 12.68 19.58 16.97
O1B ATP P . 12.76 18.14 16.58
O2B ATP P . 11.94 20.54 16.10
O3B ATP P . 12.09 19.65 18.45
PA ATP P . 15.17 19.80 18.38
O1A ATP P . 14.52 20.14 19.68
O2A ATP P . 16.49 20.44 18.07
O3A ATP P . 14.15 20.14 17.20
O5' ATP P . 15.29 18.21 18.22
C5' ATP P . 16.03 17.46 19.21
C4' ATP P . 15.11 16.51 19.91
O4' ATP P . 15.73 16.07 21.14
C3' ATP P . 13.74 17.08 20.31
O3' ATP P . 12.78 16.81 19.32
C2' ATP P . 13.46 16.36 21.63
O2' ATP P . 12.96 15.06 21.43
C1' ATP P . 14.86 16.32 22.22
N9 ATP P . 15.29 17.55 22.88
C8 ATP P . 15.95 18.61 22.32
N7 ATP P . 16.20 19.56 23.18
C5 ATP P . 15.65 19.11 24.38
C6 ATP P . 15.57 19.65 25.67
N6 ATP P . 16.06 20.85 25.99
N1 ATP P . 14.96 18.93 26.63
C2 ATP P . 14.46 17.73 26.29
N3 ATP P . 14.47 17.11 25.11
C4 ATP P . 15.09 17.86 24.19
PG ATP Q . 30.91 29.78 53.65
O1G ATP Q . 31.14 28.30 53.60
O2G ATP Q . 29.65 30.14 54.38
O3G ATP Q . 31.00 30.43 52.30
PB ATP Q . 33.60 30.77 54.03
O1B ATP Q . 33.52 31.94 53.12
O2B ATP Q . 34.29 29.54 53.56
O3B ATP Q . 32.12 30.40 54.50
PA ATP Q . 34.30 30.61 56.87
O1A ATP Q . 32.96 30.81 57.49
O2A ATP Q . 35.50 31.13 57.59
O3A ATP Q . 34.27 31.23 55.40
O5' ATP Q . 34.52 29.06 56.55
C5' ATP Q . 34.67 28.16 57.66
C4' ATP Q . 33.59 27.12 57.61
O4' ATP Q . 33.23 26.72 58.96
C3' ATP Q . 32.27 27.53 56.96
O3' ATP Q . 32.29 27.33 55.55
C2' ATP Q . 31.28 26.60 57.66
O2' ATP Q . 31.36 25.28 57.15
C1' ATP Q . 31.82 26.65 59.08
N9 ATP Q . 31.36 27.80 59.83
C8 ATP Q . 32.01 28.98 60.07
N7 ATP Q . 31.29 29.82 60.77
C5 ATP Q . 30.08 29.17 60.96
C6 ATP Q . 28.89 29.55 61.63
N6 ATP Q . 28.72 30.71 62.24
N1 ATP Q . 27.88 28.65 61.64
C2 ATP Q . 28.06 27.47 61.02
N3 ATP Q . 29.13 27.02 60.38
C4 ATP Q . 30.11 27.93 60.38
PG ATP R . -56.42 18.20 84.80
O1G ATP R . -55.63 18.74 83.65
O2G ATP R . -56.14 16.76 85.06
O3G ATP R . -56.29 19.06 86.02
PB ATP R . -59.29 18.71 85.06
O1B ATP R . -59.55 17.71 86.13
O2B ATP R . -59.25 20.16 85.40
O3B ATP R . -57.93 18.33 84.31
PA ATP R . -61.05 17.18 83.27
O1A ATP R . -61.20 17.38 81.80
O2A ATP R . -62.28 16.88 84.06
O3A ATP R . -60.35 18.47 83.89
O5' ATP R . -59.97 16.02 83.53
C5' ATP R . -60.26 14.70 83.00
C4' ATP R . -59.03 13.84 83.07
O4' ATP R . -58.97 13.00 81.89
C3' ATP R . -57.69 14.60 83.09
O3' ATP R . -57.26 14.77 84.42
C2' ATP R . -56.77 13.68 82.30
O2' ATP R . -56.22 12.66 83.10
C1' ATP R . -57.72 13.12 81.25
N9 ATP R . -57.88 13.95 80.06
C8 ATP R . -58.87 14.88 79.82
N7 ATP R . -58.72 15.47 78.66
C5 ATP R . -57.58 14.91 78.12
C6 ATP R . -56.90 15.12 76.90
N6 ATP R . -57.30 15.98 75.98
N1 ATP R . -55.79 14.38 76.68
C2 ATP R . -55.41 13.51 77.61
N3 ATP R . -55.96 13.24 78.79
C4 ATP R . -57.06 13.97 78.98
PG ATP S . -60.08 9.85 43.78
O1G ATP S . -59.48 11.05 43.15
O2G ATP S . -61.03 10.19 44.89
O3G ATP S . -59.07 8.82 44.18
PB ATP S . -62.17 9.89 41.86
O1B ATP S . -63.28 10.04 42.83
O2B ATP S . -61.62 11.09 41.17
O3B ATP S . -60.97 9.18 42.63
PA ATP S . -62.00 8.38 39.35
O1A ATP S . -63.01 7.57 38.61
O2A ATP S . -61.42 9.58 38.67
O3A ATP S . -62.60 8.79 40.77
O5' ATP S . -60.80 7.42 39.79
C5' ATP S . -61.09 6.10 40.32
C4' ATP S . -59.82 5.57 40.91
O4' ATP S . -58.88 5.26 39.86
C3' ATP S . -59.07 6.57 41.80
O3' ATP S . -59.61 6.60 43.12
C2' ATP S . -57.65 6.00 41.73
O2' ATP S . -57.48 4.88 42.56
C1' ATP S . -57.58 5.59 40.27
N9 ATP S . -57.06 6.64 39.41
C8 ATP S . -57.77 7.47 38.60
N7 ATP S . -57.01 8.34 37.95
C5 ATP S . -55.72 8.06 38.40
C6 ATP S . -54.47 8.62 38.10
N6 ATP S . -54.29 9.62 37.26
N1 ATP S . -53.40 8.10 38.73
C2 ATP S . -53.58 7.08 39.58
N3 ATP S . -54.71 6.48 39.93
C4 ATP S . -55.75 7.02 39.29
PG ATP T . -22.66 28.28 106.38
O1G ATP T . -21.46 29.06 106.82
O2G ATP T . -22.32 26.93 105.84
O3G ATP T . -23.55 29.04 105.47
PB ATP T . -24.09 29.06 108.79
O1B ATP T . -24.97 30.04 108.11
O2B ATP T . -22.93 29.55 109.59
O3B ATP T . -23.54 28.03 107.71
PA ATP T . -26.53 27.69 109.69
O1A ATP T . -26.98 27.30 111.05
O2A ATP T . -27.31 28.73 108.97
O3A ATP T . -24.99 28.14 109.74
O5' ATP T . -26.45 26.37 108.78
C5' ATP T . -25.95 25.16 109.39
C4' ATP T . -25.58 24.21 108.29
O4' ATP T . -26.76 23.61 107.72
C3' ATP T . -24.86 24.82 107.09
O3' ATP T . -23.47 25.00 107.34
C2' ATP T . -25.12 23.75 106.04
O2' ATP T . -24.27 22.65 106.23
C1' ATP T . -26.56 23.38 106.34
N9 ATP T . -27.54 24.17 105.61
C8 ATP T . -28.24 25.26 106.03
N7 ATP T . -29.03 25.75 105.11
C5 ATP T . -28.84 24.93 104.00
C6 ATP T . -29.38 24.93 102.71
N6 ATP T . -30.29 25.81 102.29
N1 ATP T . -28.96 23.97 101.86
C2 ATP T . -28.05 23.08 102.29
N3 ATP T . -27.47 22.99 103.48
C4 ATP T . -27.91 23.95 104.31
PG ATP U . 16.25 33.73 92.43
O1G ATP U . 17.50 33.59 91.62
O2G ATP U . 15.23 32.68 92.11
O3G ATP U . 15.70 35.11 92.38
PB ATP U . 17.72 34.34 94.85
O1B ATP U . 18.82 33.43 95.28
O2B ATP U . 18.04 35.62 94.16
O3B ATP U . 16.68 33.52 93.96
PA ATP U . 15.86 33.86 97.06
O1A ATP U . 14.51 33.84 96.41
O2A ATP U . 15.97 34.35 98.46
O3A ATP U . 16.85 34.70 96.14
O5' ATP U . 16.49 32.39 96.97
C5' ATP U . 15.78 31.33 97.65
C4' ATP U . 15.46 30.23 96.66
O4' ATP U . 14.35 29.44 97.15
C3' ATP U . 15.05 30.68 95.25
O3' ATP U . 16.17 30.88 94.41
C2' ATP U . 14.19 29.49 94.81
O2' ATP U . 14.98 28.39 94.46
C1' ATP U . 13.43 29.23 96.11
N9 ATP U . 12.29 30.11 96.31
C8 ATP U . 12.22 31.25 97.07
N7 ATP U . 11.05 31.83 97.00
C5 ATP U . 10.31 31.04 96.12
C6 ATP U . 9.00 31.14 95.65
N6 ATP U . 8.14 32.10 95.99
N1 ATP U . 8.58 30.18 94.78
C2 ATP U . 9.44 29.22 94.44
N3 ATP U . 10.69 29.03 94.84
C4 ATP U . 11.07 29.99 95.69
PG ATP V . 22.72 -30.36 -105.76
O1G ATP V . 21.34 -30.33 -106.36
O2G ATP V . 22.92 -29.33 -104.71
O3G ATP V . 23.12 -31.72 -105.30
PB ATP V . 24.35 -30.74 -108.17
O1B ATP V . 24.62 -29.75 -109.26
O2B ATP V . 23.53 -31.94 -108.44
O3B ATP V . 23.73 -29.94 -106.94
PA ATP V . 27.19 -31.59 -108.13
O1A ATP V . 28.06 -30.38 -108.09
O2A ATP V . 27.03 -32.28 -109.44
O3A ATP V . 25.75 -31.20 -107.55
O5' ATP V . 27.68 -32.64 -107.02
C5' ATP V . 26.99 -33.91 -106.90
C4' ATP V . 26.75 -34.21 -105.44
O4' ATP V . 27.99 -34.04 -104.71
C3' ATP V . 25.77 -33.31 -104.70
O3' ATP V . 24.43 -33.73 -104.91
C2' ATP V . 26.21 -33.49 -103.25
O2' ATP V . 25.63 -34.63 -102.64
C1' ATP V . 27.72 -33.65 -103.39
N9 ATP V . 28.42 -32.41 -103.12
C8 ATP V . 28.88 -31.51 -104.04
N7 ATP V . 29.46 -30.47 -103.47
C5 ATP V . 29.33 -30.72 -102.10
C6 ATP V . 29.73 -29.98 -100.98
N6 ATP V . 30.36 -28.82 -101.04
N1 ATP V . 29.45 -30.50 -99.76
C2 ATP V . 28.81 -31.68 -99.71
N3 ATP V . 28.39 -32.45 -100.71
C4 ATP V . 28.68 -31.90 -101.89
PG ATP W . 56.66 -21.09 -83.56
O1G ATP W . 56.14 -22.37 -83.01
O2G ATP W . 56.47 -20.96 -85.03
O3G ATP W . 56.19 -19.89 -82.80
PB ATP W . 59.41 -20.46 -84.15
O1B ATP W . 59.49 -21.16 -85.45
O2B ATP W . 59.24 -18.98 -84.13
O3B ATP W . 58.24 -21.13 -83.32
PA ATP W . 61.19 -20.40 -81.83
O1A ATP W . 62.63 -20.72 -81.74
O2A ATP W . 60.73 -19.01 -81.55
O3A ATP W . 60.68 -20.84 -83.28
O5' ATP W . 60.39 -21.41 -80.88
C5' ATP W . 60.70 -22.81 -80.95
C4' ATP W . 59.64 -23.55 -80.19
O4' ATP W . 59.87 -23.40 -78.77
C3' ATP W . 58.23 -23.01 -80.39
O3' ATP W . 57.63 -23.57 -81.56
C2' ATP W . 57.56 -23.48 -79.11
O2' ATP W . 57.26 -24.86 -79.14
C1' ATP W . 58.66 -23.17 -78.10
N9 ATP W . 58.65 -21.81 -77.59
C8 ATP W . 59.48 -20.78 -77.96
N7 ATP W . 59.21 -19.66 -77.32
C5 ATP W . 58.14 -19.98 -76.50
C6 ATP W . 57.39 -19.22 -75.58
N6 ATP W . 57.62 -17.94 -75.32
N1 ATP W . 56.38 -19.85 -74.94
C2 ATP W . 56.16 -21.14 -75.20
N3 ATP W . 56.80 -21.95 -76.04
C4 ATP W . 57.79 -21.30 -76.67
PG ATP X . 59.80 -4.72 -45.06
O1G ATP X . 60.71 -4.47 -46.22
O2G ATP X . 59.70 -6.18 -44.71
O3G ATP X . 58.47 -4.09 -45.23
PB ATP X . 62.02 -3.77 -43.57
O1B ATP X . 62.43 -2.71 -44.52
O2B ATP X . 62.70 -5.10 -43.61
O3B ATP X . 60.47 -4.01 -43.81
PA ATP X . 61.33 -3.36 -40.70
O1A ATP X . 62.27 -3.03 -39.59
O2A ATP X . 60.04 -2.63 -40.79
O3A ATP X . 62.12 -3.19 -42.08
O5' ATP X . 61.05 -4.93 -40.68
C5' ATP X . 60.64 -5.57 -39.45
C4' ATP X . 59.88 -6.82 -39.79
O4' ATP X . 58.88 -7.08 -38.77
C3' ATP X . 59.11 -6.76 -41.12
O3' ATP X . 59.88 -7.32 -42.18
C2' ATP X . 57.85 -7.58 -40.82
O2' ATP X . 58.07 -8.96 -40.96
C1' ATP X . 57.60 -7.19 -39.37
N9 ATP X . 56.88 -5.93 -39.20
C8 ATP X . 57.39 -4.69 -38.91
N7 ATP X . 56.46 -3.76 -38.85
C5 ATP X . 55.28 -4.43 -39.13
C6 ATP X . 53.94 -4.00 -39.22
N6 ATP X . 53.55 -2.75 -39.02
N1 ATP X . 53.02 -4.94 -39.51
C2 ATP X . 53.41 -6.20 -39.70
N3 ATP X . 54.64 -6.72 -39.64
C4 ATP X . 55.53 -5.76 -39.34
PG ATP Y . -32.72 -10.22 -59.12
O1G ATP Y . -31.88 -9.37 -60.02
O2G ATP Y . -32.08 -11.53 -58.82
O3G ATP Y . -33.17 -9.49 -57.90
PB ATP Y . -35.31 -9.65 -60.22
O1B ATP Y . -35.84 -9.28 -58.90
O2B ATP Y . -34.95 -8.59 -61.20
O3B ATP Y . -34.03 -10.57 -59.95
PA ATP Y . -36.27 -11.42 -62.33
O1A ATP Y . -35.54 -10.54 -63.30
O2A ATP Y . -37.65 -11.85 -62.67
O3A ATP Y . -36.31 -10.68 -60.91
O5' ATP Y . -35.37 -12.70 -62.00
C5' ATP Y . -35.94 -13.76 -61.21
C4' ATP Y . -34.81 -14.68 -60.83
O4' ATP Y . -34.44 -15.50 -61.96
C3' ATP Y . -33.52 -13.97 -60.43
O3' ATP Y . -33.53 -13.63 -59.05
C2' ATP Y . -32.46 -15.01 -60.78
O2' ATP Y . -32.35 -15.97 -59.75
C1' ATP Y . -33.03 -15.62 -62.05
N9 ATP Y . -32.61 -14.97 -63.29
C8 ATP Y . -33.32 -14.12 -64.09
N7 ATP Y . -32.64 -13.71 -65.13
C5 ATP Y . -31.40 -14.31 -65.00
C6 ATP Y . -30.23 -14.28 -65.78
N6 ATP Y . -30.12 -13.57 -66.90
N1 ATP Y . -29.17 -15.01 -65.37
C2 ATP Y . -29.30 -15.72 -64.24
N3 ATP Y . -30.34 -15.83 -63.42
C4 ATP Y . -31.37 -15.09 -63.87
PG ATP Z . -17.07 -25.39 -94.70
O1G ATP Z . -16.92 -26.66 -93.94
O2G ATP Z . -18.39 -24.72 -94.45
O3G ATP Z . -15.92 -24.48 -94.53
PB ATP Z . -18.33 -25.87 -97.27
O1B ATP Z . -19.18 -27.00 -96.83
O2B ATP Z . -18.92 -24.51 -97.42
O3B ATP Z . -17.10 -25.74 -96.26
PA ATP Z . -16.42 -27.26 -99.07
O1A ATP Z . -15.12 -26.60 -98.81
O2A ATP Z . -16.71 -27.74 -100.45
O3A ATP Z . -17.60 -26.26 -98.64
O5' ATP Z . -16.62 -28.46 -98.03
C5' ATP Z . -15.72 -29.60 -98.15
C4' ATP Z . -15.43 -30.15 -96.78
O4' ATP Z . -14.16 -30.84 -96.80
C3' ATP Z . -15.31 -29.09 -95.67
O3' ATP Z . -16.54 -28.97 -94.95
C2' ATP Z . -14.19 -29.65 -94.78
O2' ATP Z . -14.68 -30.57 -93.83
C1' ATP Z . -13.30 -30.32 -95.81
N9 ATP Z . -12.36 -29.42 -96.47
C8 ATP Z . -12.50 -28.79 -97.67
N7 ATP Z . -11.47 -28.04 -97.97
C5 ATP Z . -10.60 -28.18 -96.89
C6 ATP Z . -9.34 -27.64 -96.61
N6 ATP Z . -8.70 -26.80 -97.42
N1 ATP Z . -8.76 -27.99 -95.44
C2 ATP Z . -9.41 -28.83 -94.63
N3 ATP Z . -10.60 -29.40 -94.80
C4 ATP Z . -11.14 -29.03 -95.96
PG ATP AA . -12.57 3.57 -25.27
O1G ATP AA . -12.74 3.85 -26.73
O2G ATP AA . -11.90 4.70 -24.55
O3G ATP AA . -11.92 2.25 -25.00
PB ATP AA . -15.21 4.55 -24.80
O1B ATP AA . -14.80 5.76 -24.04
O2B ATP AA . -15.55 4.66 -26.25
O3B ATP AA . -14.06 3.47 -24.67
PA ATP AA . -17.92 3.51 -24.57
O1A ATP AA . -18.25 4.37 -25.74
O2A ATP AA . -18.85 3.51 -23.41
O3A ATP AA . -16.44 3.86 -24.04
O5' ATP AA . -17.72 2.00 -25.07
C5' ATP AA . -17.57 0.97 -24.06
C4' ATP AA . -16.60 -0.06 -24.56
O4' ATP AA . -17.25 -0.92 -25.53
C3' ATP AA . -15.38 0.50 -25.32
O3' ATP AA . -14.38 0.94 -24.42
C2' ATP AA . -14.98 -0.72 -26.13
O2' ATP AA . -14.32 -1.68 -25.34
C1' ATP AA . -16.35 -1.22 -26.57
N9 ATP AA . -16.85 -0.60 -27.79
C8 ATP AA . -17.68 0.48 -27.89
N7 ATP AA . -17.94 0.79 -29.14
C5 ATP AA . -17.23 -0.14 -29.89
C6 ATP AA . -17.09 -0.33 -31.28
N6 ATP AA . -17.69 0.43 -32.19
N1 ATP AA . -16.30 -1.35 -31.68
C2 ATP AA . -15.71 -2.10 -30.76
N3 ATP AA . -15.76 -2.01 -29.43
C4 ATP AA . -16.55 -0.99 -29.06
PG ATP BA . 28.72 6.18 -19.86
O1G ATP BA . 30.20 6.39 -20.00
O2G ATP BA . 28.38 4.96 -19.06
O3G ATP BA . 27.99 6.25 -21.15
PB ATP BA . 28.45 7.80 -17.48
O1B ATP BA . 29.74 7.20 -17.08
O2B ATP BA . 28.23 9.26 -17.33
O3B ATP BA . 28.19 7.43 -19.02
PA ATP BA . 25.78 7.34 -16.35
O1A ATP BA . 25.11 8.06 -17.46
O2A ATP BA . 25.80 7.97 -15.00
O3A ATP BA . 27.27 6.98 -16.78
O5' ATP BA . 25.14 5.88 -16.24
C5' ATP BA . 25.83 4.85 -15.49
C4' ATP BA . 25.59 3.54 -16.19
O4' ATP BA . 24.18 3.22 -16.16
C3' ATP BA . 25.96 3.52 -17.67
O3' ATP BA . 27.32 3.20 -17.87
C2' ATP BA . 25.04 2.42 -18.20
O2' ATP BA . 25.63 1.15 -17.96
C1' ATP BA . 23.78 2.64 -17.38
N9 ATP BA . 22.84 3.55 -18.03
C8 ATP BA . 22.62 4.87 -17.74
N7 ATP BA . 21.72 5.41 -18.53
C5 ATP BA . 21.35 4.39 -19.40
C6 ATP BA . 20.45 4.33 -20.47
N6 ATP BA . 19.71 5.36 -20.87
N1 ATP BA . 20.33 3.15 -21.12
C2 ATP BA . 21.07 2.12 -20.71
N3 ATP BA . 21.95 2.05 -19.72
C4 ATP BA . 22.04 3.24 -19.10
#